data_8VJ6
#
_entry.id   8VJ6
#
_cell.length_a   1.00
_cell.length_b   1.00
_cell.length_c   1.00
_cell.angle_alpha   90.00
_cell.angle_beta   90.00
_cell.angle_gamma   90.00
#
_symmetry.space_group_name_H-M   'P 1'
#
loop_
_entity.id
_entity.type
_entity.pdbx_description
1 polymer 'Isoform Flip of Glutamate receptor 2'
2 non-polymer 4-[(5S,8R)-8-methyl-6,7,8,9-tetrahydro-2H,5H-[1,3]dioxolo[4,5-h][2,3]benzodiazepin-5-yl]aniline
#
_entity_poly.entity_id   1
_entity_poly.type   'polypeptide(L)'
_entity_poly.pdbx_seq_one_letter_code
;NSIQIGGLFPRGADQEYSAFRVGMVQFSTSEFRLTPHIDNLEVANSFAVTNAFCSQFSRGVYAIFGFYDKKSVNTITSFC
GTLHVSFITPSFPTDGTHPFVIQMRPDLKGALLSLIEYYQWDKFAYLYDSDRGLSTLQAVLDSAAEKKWQVTAINVGNIN
NDKKDETYRSLFQDLELKKERRVILDCERDKVNDIVDQVITIGKHVKGYHYIIANLGFTDGDLLKIQFGGAEVSGFQIVD
YDDSLVSKFIERWSTLEEKEYPGAHTATIKYTSALTYDAVQVMTEAFRNLRKQRIEISRRGNAGDCLANPAVPWGQGVEI
ERALKQVQVEGLSGNIKFDQNGKRINYTINIMELKTNGPRKIGYWSEVDKMVLTEDDTSGLEQKTVVVTTILESPYVMMK
KNHEMLEGNERYEGYCVDLAAEIAKHCGFKYKLTIVGDGKYGARDADTKIWNGMVGELVYGKADIAIAPLTITLVREEVI
DFSKPFMSLGISIMIKKPQKSKPGVFSFLDPLAYEIWMCIVFAYIGVSVVLFLVSRFSPYSESTNEFGIFNSLWFSLGAF
MQQGCDISPRSLSGRIVGGVWWFFTLIIISSYTANLAAFLTVERMVSPIESAEDLSKQTEIAYGTLDSGSTKEFFRRSKI
AVFDKMWTYMRSAEPSVFVRTTAEGVARVRKSKGKYAYLLESTMNEYIEQRKPCDTMKVGGNLDSKGYGIATPKGSSLGT
PVNLAVLKLSEQGVLDKLKNKWWYDKGECGAKDSGSKEKTSALSLSNVAGVFYILVGGLGLAMLVALIEFCYKSRAE
;
_entity_poly.pdbx_strand_id   A,B,C,D
#
loop_
_chem_comp.id
_chem_comp.type
_chem_comp.name
_chem_comp.formula
A1AB5 non-polymer 4-[(5S,8R)-8-methyl-6,7,8,9-tetrahydro-2H,5H-[1,3]dioxolo[4,5-h][2,3]benzodiazepin-5-yl]aniline 'C17 H15 N3 O2'
#
# COMPACT_ATOMS: atom_id res chain seq x y z
N ASN A 1 -46.23 60.49 -48.54
CA ASN A 1 -45.35 59.36 -48.76
C ASN A 1 -45.82 58.14 -47.97
N SER A 2 -45.53 56.95 -48.48
CA SER A 2 -45.92 55.71 -47.85
C SER A 2 -44.79 54.70 -47.95
N ILE A 3 -44.76 53.78 -46.99
CA ILE A 3 -43.75 52.73 -46.91
C ILE A 3 -44.45 51.40 -46.74
N GLN A 4 -44.06 50.41 -47.56
CA GLN A 4 -44.68 49.10 -47.52
C GLN A 4 -43.77 48.13 -46.74
N ILE A 5 -44.37 47.39 -45.82
CA ILE A 5 -43.67 46.37 -45.06
C ILE A 5 -44.47 45.07 -45.12
N GLY A 6 -43.77 43.96 -44.92
CA GLY A 6 -44.37 42.63 -44.99
C GLY A 6 -44.45 42.02 -43.60
N GLY A 7 -45.58 41.39 -43.32
CA GLY A 7 -45.82 40.76 -42.03
C GLY A 7 -45.90 39.24 -42.19
N LEU A 8 -45.23 38.54 -41.28
CA LEU A 8 -45.24 37.07 -41.24
C LEU A 8 -45.65 36.66 -39.84
N PHE A 9 -46.93 36.42 -39.64
CA PHE A 9 -47.37 36.12 -38.29
C PHE A 9 -47.80 34.67 -38.17
N PRO A 10 -47.47 34.00 -37.07
CA PRO A 10 -47.92 32.62 -36.88
C PRO A 10 -49.43 32.55 -36.68
N ARG A 11 -49.97 31.37 -36.94
CA ARG A 11 -51.38 31.13 -36.64
C ARG A 11 -51.59 31.13 -35.13
N GLY A 12 -52.65 31.79 -34.69
CA GLY A 12 -52.89 31.93 -33.27
C GLY A 12 -52.04 32.98 -32.59
N ALA A 13 -51.48 33.92 -33.36
CA ALA A 13 -50.67 35.01 -32.82
C ALA A 13 -51.50 36.27 -32.64
N ASP A 14 -52.77 36.11 -32.26
CA ASP A 14 -53.69 37.25 -32.17
C ASP A 14 -53.14 38.35 -31.29
N GLN A 15 -52.53 37.99 -30.16
CA GLN A 15 -51.96 38.99 -29.27
C GLN A 15 -50.82 39.74 -29.94
N GLU A 16 -49.95 39.01 -30.67
CA GLU A 16 -48.83 39.65 -31.34
C GLU A 16 -49.31 40.64 -32.40
N TYR A 17 -50.33 40.24 -33.18
CA TYR A 17 -50.84 41.12 -34.22
C TYR A 17 -51.58 42.32 -33.62
N SER A 18 -52.28 42.12 -32.52
CA SER A 18 -52.92 43.24 -31.85
C SER A 18 -51.90 44.23 -31.32
N ALA A 19 -50.81 43.73 -30.73
CA ALA A 19 -49.74 44.62 -30.29
C ALA A 19 -49.11 45.35 -31.47
N PHE A 20 -48.96 44.65 -32.60
CA PHE A 20 -48.42 45.29 -33.80
C PHE A 20 -49.33 46.43 -34.26
N ARG A 21 -50.65 46.20 -34.28
CA ARG A 21 -51.58 47.25 -34.69
C ARG A 21 -51.59 48.40 -33.70
N VAL A 22 -51.49 48.09 -32.40
CA VAL A 22 -51.42 49.16 -31.40
C VAL A 22 -50.18 50.01 -31.62
N GLY A 23 -49.06 49.37 -31.92
CA GLY A 23 -47.86 50.14 -32.23
C GLY A 23 -47.99 50.96 -33.50
N MET A 24 -48.67 50.41 -34.52
CA MET A 24 -48.96 51.18 -35.72
C MET A 24 -49.76 52.44 -35.38
N VAL A 25 -50.78 52.29 -34.54
CA VAL A 25 -51.61 53.44 -34.17
C VAL A 25 -50.80 54.46 -33.38
N GLN A 26 -50.01 53.99 -32.41
CA GLN A 26 -49.30 54.91 -31.52
C GLN A 26 -48.18 55.64 -32.24
N PHE A 27 -47.47 54.96 -33.16
CA PHE A 27 -46.32 55.53 -33.84
C PHE A 27 -46.64 56.01 -35.24
N SER A 28 -47.90 56.35 -35.52
CA SER A 28 -48.25 56.93 -36.80
C SER A 28 -47.58 58.30 -36.95
N THR A 29 -47.04 58.56 -38.14
CA THR A 29 -46.33 59.80 -38.41
C THR A 29 -47.11 60.64 -39.41
N SER A 30 -47.07 61.95 -39.23
CA SER A 30 -47.92 62.86 -40.01
C SER A 30 -47.58 62.80 -41.50
N GLU A 31 -46.29 62.86 -41.83
CA GLU A 31 -45.88 62.96 -43.23
C GLU A 31 -45.84 61.61 -43.94
N PHE A 32 -45.72 60.50 -43.23
CA PHE A 32 -45.64 59.20 -43.87
C PHE A 32 -46.10 58.13 -42.89
N ARG A 33 -46.53 57.01 -43.43
CA ARG A 33 -47.00 55.90 -42.62
C ARG A 33 -46.65 54.60 -43.31
N LEU A 34 -46.40 53.57 -42.49
CA LEU A 34 -46.12 52.22 -42.97
C LEU A 34 -47.43 51.47 -43.19
N THR A 35 -47.53 50.79 -44.32
CA THR A 35 -48.70 49.96 -44.61
C THR A 35 -48.32 48.49 -44.50
N PRO A 36 -49.12 47.68 -43.82
CA PRO A 36 -48.71 46.28 -43.59
C PRO A 36 -49.29 45.32 -44.61
N HIS A 37 -48.44 44.41 -45.11
CA HIS A 37 -48.84 43.31 -45.98
C HIS A 37 -48.54 42.04 -45.20
N ILE A 38 -49.52 41.57 -44.41
CA ILE A 38 -49.28 40.53 -43.43
C ILE A 38 -49.83 39.20 -43.94
N ASP A 39 -49.11 38.12 -43.64
CA ASP A 39 -49.55 36.78 -43.98
C ASP A 39 -49.61 35.96 -42.69
N ASN A 40 -50.72 35.28 -42.49
CA ASN A 40 -50.87 34.34 -41.38
C ASN A 40 -50.58 32.93 -41.90
N LEU A 41 -49.61 32.26 -41.29
CA LEU A 41 -49.15 30.98 -41.81
C LEU A 41 -48.57 30.16 -40.66
N GLU A 42 -48.20 28.92 -40.98
CA GLU A 42 -47.48 28.03 -40.07
C GLU A 42 -45.99 28.29 -40.22
N VAL A 43 -45.39 28.91 -39.20
CA VAL A 43 -43.98 29.28 -39.25
C VAL A 43 -43.04 28.08 -39.17
N ALA A 44 -43.55 26.91 -38.81
CA ALA A 44 -42.72 25.71 -38.72
C ALA A 44 -42.57 25.00 -40.05
N ASN A 45 -43.20 25.49 -41.11
CA ASN A 45 -43.13 24.88 -42.43
C ASN A 45 -42.28 25.76 -43.34
N SER A 46 -41.18 25.20 -43.84
CA SER A 46 -40.28 25.99 -44.67
C SER A 46 -40.91 26.36 -46.01
N PHE A 47 -41.75 25.48 -46.57
CA PHE A 47 -42.35 25.77 -47.87
C PHE A 47 -43.25 27.00 -47.81
N ALA A 48 -44.13 27.06 -46.79
CA ALA A 48 -45.03 28.20 -46.67
C ALA A 48 -44.25 29.48 -46.40
N VAL A 49 -43.24 29.41 -45.54
CA VAL A 49 -42.43 30.59 -45.26
C VAL A 49 -41.73 31.08 -46.53
N THR A 50 -41.17 30.14 -47.31
CA THR A 50 -40.52 30.53 -48.56
C THR A 50 -41.51 31.17 -49.52
N ASN A 51 -42.70 30.58 -49.64
CA ASN A 51 -43.70 31.10 -50.56
C ASN A 51 -44.12 32.51 -50.16
N ALA A 52 -44.38 32.72 -48.87
CA ALA A 52 -44.79 34.04 -48.40
C ALA A 52 -43.65 35.05 -48.56
N PHE A 53 -42.42 34.64 -48.27
CA PHE A 53 -41.29 35.53 -48.43
C PHE A 53 -41.14 35.97 -49.87
N CYS A 54 -41.30 35.03 -50.81
CA CYS A 54 -41.21 35.39 -52.22
C CYS A 54 -42.38 36.26 -52.65
N SER A 55 -43.57 36.04 -52.10
CA SER A 55 -44.69 36.91 -52.42
C SER A 55 -44.43 38.34 -51.95
N GLN A 56 -43.95 38.48 -50.71
CA GLN A 56 -43.66 39.80 -50.18
C GLN A 56 -42.55 40.49 -50.97
N PHE A 57 -41.53 39.73 -51.37
CA PHE A 57 -40.46 40.29 -52.19
C PHE A 57 -41.00 40.72 -53.55
N SER A 58 -41.92 39.93 -54.11
CA SER A 58 -42.49 40.27 -55.42
C SER A 58 -43.31 41.55 -55.35
N ARG A 59 -44.13 41.71 -54.32
CA ARG A 59 -44.91 42.94 -54.22
C ARG A 59 -44.06 44.15 -53.85
N GLY A 60 -42.82 43.95 -53.42
CA GLY A 60 -41.91 45.06 -53.22
C GLY A 60 -41.93 45.71 -51.85
N VAL A 61 -42.10 44.92 -50.80
CA VAL A 61 -42.02 45.48 -49.45
C VAL A 61 -40.59 45.88 -49.14
N TYR A 62 -40.43 47.00 -48.42
CA TYR A 62 -39.09 47.48 -48.12
C TYR A 62 -38.41 46.67 -47.03
N ALA A 63 -39.19 46.21 -46.04
CA ALA A 63 -38.66 45.39 -44.97
C ALA A 63 -39.72 44.39 -44.54
N ILE A 64 -39.28 43.28 -43.98
CA ILE A 64 -40.17 42.20 -43.56
C ILE A 64 -40.03 42.00 -42.07
N PHE A 65 -41.16 42.04 -41.36
CA PHE A 65 -41.24 41.69 -39.95
C PHE A 65 -41.99 40.38 -39.81
N GLY A 66 -41.47 39.48 -38.98
CA GLY A 66 -42.14 38.21 -38.80
C GLY A 66 -41.40 37.32 -37.83
N PHE A 67 -41.98 36.15 -37.61
CA PHE A 67 -41.44 35.14 -36.73
C PHE A 67 -40.85 33.98 -37.52
N TYR A 68 -40.14 33.12 -36.81
CA TYR A 68 -39.65 31.87 -37.40
C TYR A 68 -39.43 30.87 -36.29
N ASP A 69 -39.37 29.60 -36.68
CA ASP A 69 -39.06 28.49 -35.80
C ASP A 69 -37.70 27.91 -36.20
N LYS A 70 -37.27 26.89 -35.46
CA LYS A 70 -36.03 26.21 -35.83
C LYS A 70 -36.14 25.57 -37.20
N LYS A 71 -37.36 25.21 -37.63
CA LYS A 71 -37.54 24.64 -38.95
C LYS A 71 -37.39 25.68 -40.05
N SER A 72 -37.64 26.96 -39.75
CA SER A 72 -37.65 27.99 -40.77
C SER A 72 -36.65 29.12 -40.57
N VAL A 73 -35.80 29.05 -39.56
CA VAL A 73 -34.83 30.12 -39.34
C VAL A 73 -33.80 30.15 -40.46
N ASN A 74 -33.37 28.98 -40.94
CA ASN A 74 -32.34 28.92 -41.96
C ASN A 74 -32.82 29.48 -43.29
N THR A 75 -34.08 29.20 -43.65
CA THR A 75 -34.62 29.76 -44.89
C THR A 75 -34.65 31.28 -44.85
N ILE A 76 -35.12 31.83 -43.73
CA ILE A 76 -35.15 33.29 -43.58
C ILE A 76 -33.76 33.88 -43.69
N THR A 77 -32.80 33.31 -42.95
CA THR A 77 -31.45 33.85 -42.97
C THR A 77 -30.84 33.80 -44.36
N SER A 78 -31.01 32.67 -45.06
CA SER A 78 -30.42 32.52 -46.38
C SER A 78 -31.04 33.49 -47.38
N PHE A 79 -32.37 33.58 -47.38
CA PHE A 79 -33.03 34.46 -48.34
C PHE A 79 -32.69 35.92 -48.07
N CYS A 80 -32.63 36.32 -46.79
CA CYS A 80 -32.28 37.70 -46.48
C CYS A 80 -30.82 38.00 -46.78
N GLY A 81 -29.93 37.03 -46.59
CA GLY A 81 -28.54 37.24 -46.94
C GLY A 81 -28.33 37.39 -48.43
N THR A 82 -29.01 36.55 -49.22
CA THR A 82 -28.82 36.60 -50.67
C THR A 82 -29.53 37.80 -51.30
N LEU A 83 -30.71 38.16 -50.79
CA LEU A 83 -31.50 39.23 -51.38
C LEU A 83 -31.33 40.57 -50.67
N HIS A 84 -30.53 40.63 -49.60
CA HIS A 84 -30.21 41.84 -48.87
C HIS A 84 -31.43 42.54 -48.28
N VAL A 85 -32.57 41.87 -48.21
CA VAL A 85 -33.76 42.43 -47.58
C VAL A 85 -33.69 42.16 -46.08
N SER A 86 -33.87 43.21 -45.29
CA SER A 86 -33.72 43.12 -43.85
C SER A 86 -34.91 42.41 -43.22
N PHE A 87 -34.63 41.56 -42.24
CA PHE A 87 -35.66 40.83 -41.52
C PHE A 87 -35.59 41.16 -40.04
N ILE A 88 -36.72 41.56 -39.48
CA ILE A 88 -36.81 41.96 -38.08
C ILE A 88 -37.74 40.98 -37.38
N THR A 89 -37.25 40.34 -36.31
CA THR A 89 -37.99 39.26 -35.69
C THR A 89 -37.98 39.36 -34.17
N PRO A 90 -39.10 39.03 -33.52
CA PRO A 90 -39.11 38.84 -32.07
C PRO A 90 -38.72 37.43 -31.63
N SER A 91 -38.45 36.53 -32.56
CA SER A 91 -38.19 35.14 -32.24
C SER A 91 -36.80 34.99 -31.61
N PHE A 92 -36.41 33.74 -31.38
CA PHE A 92 -35.16 33.47 -30.70
C PHE A 92 -33.99 33.97 -31.54
N PRO A 93 -32.94 34.49 -30.93
CA PRO A 93 -31.78 34.95 -31.70
C PRO A 93 -31.15 33.80 -32.47
N THR A 94 -30.67 34.10 -33.67
CA THR A 94 -30.01 33.09 -34.48
C THR A 94 -28.69 32.69 -33.85
N ASP A 95 -28.34 31.41 -34.01
CA ASP A 95 -27.09 30.86 -33.49
C ASP A 95 -25.94 31.13 -34.47
N GLY A 96 -25.64 32.40 -34.66
CA GLY A 96 -24.58 32.78 -35.58
C GLY A 96 -24.58 34.28 -35.80
N THR A 97 -23.78 34.70 -36.78
CA THR A 97 -23.63 36.10 -37.14
C THR A 97 -24.34 36.43 -38.46
N HIS A 98 -25.53 35.87 -38.66
CA HIS A 98 -26.23 36.05 -39.92
C HIS A 98 -26.56 37.52 -40.14
N PRO A 99 -26.29 38.07 -41.32
CA PRO A 99 -26.58 39.49 -41.57
C PRO A 99 -28.02 39.71 -41.99
N PHE A 100 -28.39 40.98 -42.06
CA PHE A 100 -29.71 41.44 -42.51
C PHE A 100 -30.84 40.90 -41.65
N VAL A 101 -30.52 40.42 -40.45
CA VAL A 101 -31.51 39.94 -39.50
C VAL A 101 -31.39 40.80 -38.26
N ILE A 102 -32.43 41.57 -37.98
CA ILE A 102 -32.49 42.40 -36.77
C ILE A 102 -33.25 41.58 -35.73
N GLN A 103 -32.53 41.12 -34.70
CA GLN A 103 -33.10 40.29 -33.66
C GLN A 103 -33.47 41.15 -32.47
N MET A 104 -34.75 41.18 -32.14
CA MET A 104 -35.27 41.99 -31.05
C MET A 104 -35.19 41.30 -29.70
N ARG A 105 -34.88 40.02 -29.67
CA ARG A 105 -34.84 39.28 -28.42
C ARG A 105 -33.41 39.19 -27.91
N PRO A 106 -33.15 39.60 -26.67
CA PRO A 106 -31.82 39.39 -26.09
C PRO A 106 -31.53 37.92 -25.82
N ASP A 107 -30.37 37.63 -25.25
CA ASP A 107 -29.93 36.27 -25.02
C ASP A 107 -29.95 35.96 -23.53
N LEU A 108 -30.57 34.84 -23.16
CA LEU A 108 -30.51 34.36 -21.80
C LEU A 108 -29.34 33.43 -21.55
N LYS A 109 -28.47 33.22 -22.54
CA LYS A 109 -27.35 32.32 -22.39
C LYS A 109 -26.43 32.76 -21.26
N GLY A 110 -26.30 34.06 -21.04
CA GLY A 110 -25.48 34.56 -19.97
C GLY A 110 -26.24 34.80 -18.68
N ALA A 111 -27.47 35.31 -18.78
CA ALA A 111 -28.27 35.58 -17.59
C ALA A 111 -28.57 34.29 -16.84
N LEU A 112 -28.87 33.20 -17.57
CA LEU A 112 -29.14 31.94 -16.90
C LEU A 112 -27.91 31.42 -16.16
N LEU A 113 -26.74 31.51 -16.80
CA LEU A 113 -25.51 31.08 -16.13
C LEU A 113 -25.21 31.94 -14.90
N SER A 114 -25.42 33.25 -15.01
CA SER A 114 -25.20 34.12 -13.86
C SER A 114 -26.14 33.79 -12.72
N LEU A 115 -27.40 33.52 -13.03
CA LEU A 115 -28.35 33.17 -11.98
C LEU A 115 -28.00 31.83 -11.35
N ILE A 116 -27.54 30.87 -12.16
CA ILE A 116 -27.12 29.59 -11.60
C ILE A 116 -25.94 29.77 -10.68
N GLU A 117 -24.95 30.58 -11.08
CA GLU A 117 -23.79 30.80 -10.23
C GLU A 117 -24.16 31.53 -8.95
N TYR A 118 -25.14 32.44 -9.02
CA TYR A 118 -25.59 33.15 -7.83
C TYR A 118 -26.17 32.20 -6.80
N TYR A 119 -26.96 31.22 -7.24
CA TYR A 119 -27.43 30.18 -6.36
C TYR A 119 -26.38 29.13 -6.04
N GLN A 120 -25.21 29.22 -6.68
CA GLN A 120 -24.09 28.30 -6.41
C GLN A 120 -24.51 26.86 -6.67
N TRP A 121 -25.30 26.65 -7.71
CA TRP A 121 -25.74 25.32 -8.09
C TRP A 121 -24.60 24.48 -8.63
N ASP A 122 -24.60 23.20 -8.26
CA ASP A 122 -23.66 22.23 -8.81
C ASP A 122 -24.37 21.10 -9.54
N LYS A 123 -25.41 20.53 -8.93
CA LYS A 123 -26.19 19.45 -9.54
C LYS A 123 -27.62 19.91 -9.74
N PHE A 124 -28.08 19.90 -10.99
CA PHE A 124 -29.42 20.36 -11.30
C PHE A 124 -29.92 19.67 -12.56
N ALA A 125 -31.24 19.67 -12.73
CA ALA A 125 -31.86 19.15 -13.93
C ALA A 125 -32.07 20.26 -14.96
N TYR A 126 -32.25 19.85 -16.21
CA TYR A 126 -32.47 20.79 -17.30
C TYR A 126 -33.48 20.18 -18.26
N LEU A 127 -34.70 20.67 -18.22
CA LEU A 127 -35.76 20.21 -19.10
C LEU A 127 -35.90 21.19 -20.26
N TYR A 128 -35.76 20.68 -21.48
CA TYR A 128 -35.75 21.53 -22.66
C TYR A 128 -36.75 21.00 -23.67
N ASP A 129 -37.25 21.91 -24.52
CA ASP A 129 -38.40 21.64 -25.37
C ASP A 129 -38.03 21.22 -26.78
N SER A 130 -36.75 21.23 -27.14
CA SER A 130 -36.22 20.89 -28.46
C SER A 130 -36.61 21.92 -29.52
N ASP A 131 -37.37 22.95 -29.17
CA ASP A 131 -37.69 24.03 -30.08
C ASP A 131 -36.81 25.24 -29.76
N ARG A 132 -36.85 26.22 -30.66
CA ARG A 132 -36.01 27.42 -30.57
C ARG A 132 -34.52 27.06 -30.52
N GLY A 133 -34.17 25.91 -31.06
CA GLY A 133 -32.79 25.47 -31.03
C GLY A 133 -32.42 24.88 -29.68
N LEU A 134 -31.20 24.36 -29.62
CA LEU A 134 -30.62 23.85 -28.38
C LEU A 134 -29.42 24.67 -27.93
N SER A 135 -29.40 25.96 -28.28
CA SER A 135 -28.25 26.79 -27.96
C SER A 135 -28.06 26.93 -26.44
N THR A 136 -29.15 27.12 -25.70
CA THR A 136 -29.02 27.26 -24.26
C THR A 136 -28.55 25.96 -23.61
N LEU A 137 -29.03 24.82 -24.11
CA LEU A 137 -28.56 23.54 -23.60
C LEU A 137 -27.07 23.36 -23.86
N GLN A 138 -26.61 23.73 -25.06
CA GLN A 138 -25.19 23.63 -25.37
C GLN A 138 -24.37 24.55 -24.47
N ALA A 139 -24.86 25.76 -24.21
CA ALA A 139 -24.14 26.67 -23.32
C ALA A 139 -24.06 26.10 -21.91
N VAL A 140 -25.15 25.52 -21.42
CA VAL A 140 -25.16 24.94 -20.09
C VAL A 140 -24.18 23.76 -20.02
N LEU A 141 -24.18 22.91 -21.05
CA LEU A 141 -23.27 21.77 -21.06
C LEU A 141 -21.81 22.21 -21.13
N ASP A 142 -21.50 23.24 -21.93
CA ASP A 142 -20.13 23.73 -22.00
C ASP A 142 -19.70 24.35 -20.67
N SER A 143 -20.60 25.08 -20.00
CA SER A 143 -20.27 25.61 -18.69
C SER A 143 -20.03 24.49 -17.68
N ALA A 144 -20.85 23.46 -17.71
CA ALA A 144 -20.62 22.31 -16.85
C ALA A 144 -19.34 21.57 -17.21
N ALA A 145 -18.86 21.72 -18.45
CA ALA A 145 -17.56 21.18 -18.80
C ALA A 145 -16.43 22.01 -18.19
N GLU A 146 -16.54 23.34 -18.22
CA GLU A 146 -15.46 24.16 -17.73
C GLU A 146 -15.47 24.33 -16.21
N LYS A 147 -16.61 24.14 -15.55
CA LYS A 147 -16.67 24.12 -14.10
C LYS A 147 -17.52 22.95 -13.65
N LYS A 148 -17.25 22.45 -12.46
CA LYS A 148 -17.75 21.15 -12.04
C LYS A 148 -19.24 21.13 -11.72
N TRP A 149 -20.08 21.20 -12.75
CA TRP A 149 -21.52 21.05 -12.60
C TRP A 149 -21.95 19.64 -12.97
N GLN A 150 -23.16 19.28 -12.57
CA GLN A 150 -23.79 18.02 -12.96
C GLN A 150 -25.16 18.31 -13.57
N VAL A 151 -25.23 18.26 -14.90
CA VAL A 151 -26.44 18.63 -15.63
C VAL A 151 -27.10 17.37 -16.14
N THR A 152 -28.39 17.21 -15.85
CA THR A 152 -29.18 16.09 -16.33
C THR A 152 -30.13 16.62 -17.41
N ALA A 153 -29.66 16.62 -18.65
CA ALA A 153 -30.48 17.14 -19.74
C ALA A 153 -31.57 16.14 -20.08
N ILE A 154 -32.82 16.57 -19.98
CA ILE A 154 -33.98 15.72 -20.24
C ILE A 154 -34.88 16.42 -21.25
N ASN A 155 -35.25 15.70 -22.29
CA ASN A 155 -36.08 16.26 -23.37
C ASN A 155 -37.54 16.00 -23.07
N VAL A 156 -38.33 17.08 -23.02
CA VAL A 156 -39.78 17.00 -22.82
C VAL A 156 -40.56 17.37 -24.07
N GLY A 157 -39.87 17.68 -25.17
CA GLY A 157 -40.57 18.01 -26.40
C GLY A 157 -41.06 16.83 -27.21
N ASN A 158 -40.59 15.63 -26.90
CA ASN A 158 -41.03 14.43 -27.59
C ASN A 158 -42.31 13.84 -26.98
N ILE A 159 -42.76 14.38 -25.85
CA ILE A 159 -43.95 13.86 -25.18
C ILE A 159 -45.17 14.24 -25.99
N ASN A 160 -45.91 13.23 -26.46
CA ASN A 160 -47.08 13.46 -27.30
C ASN A 160 -48.25 13.93 -26.46
N ASN A 161 -49.07 14.81 -27.05
CA ASN A 161 -50.26 15.32 -26.41
C ASN A 161 -51.54 14.83 -27.06
N ASP A 162 -51.44 14.07 -28.15
CA ASP A 162 -52.60 13.57 -28.87
C ASP A 162 -53.16 12.29 -28.28
N LYS A 163 -52.51 11.72 -27.27
CA LYS A 163 -52.94 10.47 -26.66
C LYS A 163 -53.18 10.66 -25.17
N LYS A 164 -53.84 9.67 -24.57
CA LYS A 164 -54.39 9.81 -23.23
C LYS A 164 -53.34 9.78 -22.13
N ASP A 165 -52.09 9.45 -22.44
CA ASP A 165 -51.07 9.30 -21.41
C ASP A 165 -49.81 10.07 -21.79
N GLU A 166 -49.01 10.36 -20.77
CA GLU A 166 -47.75 11.07 -20.95
C GLU A 166 -46.76 10.55 -19.92
N THR A 167 -45.51 11.01 -20.04
CA THR A 167 -44.40 10.45 -19.27
C THR A 167 -43.81 11.45 -18.28
N TYR A 168 -44.60 12.44 -17.83
CA TYR A 168 -44.08 13.37 -16.83
C TYR A 168 -43.87 12.67 -15.49
N ARG A 169 -44.77 11.77 -15.11
CA ARG A 169 -44.63 11.09 -13.82
C ARG A 169 -43.38 10.22 -13.81
N SER A 170 -43.10 9.51 -14.91
CA SER A 170 -41.92 8.66 -14.97
C SER A 170 -40.64 9.47 -14.84
N LEU A 171 -40.56 10.59 -15.57
CA LEU A 171 -39.38 11.43 -15.49
C LEU A 171 -39.22 12.03 -14.09
N PHE A 172 -40.31 12.50 -13.49
CA PHE A 172 -40.19 13.09 -12.16
C PHE A 172 -39.83 12.05 -11.11
N GLN A 173 -40.26 10.80 -11.30
CA GLN A 173 -39.82 9.73 -10.42
C GLN A 173 -38.33 9.42 -10.63
N ASP A 174 -37.86 9.55 -11.88
CA ASP A 174 -36.43 9.42 -12.14
C ASP A 174 -35.64 10.52 -11.43
N LEU A 175 -36.19 11.74 -11.42
CA LEU A 175 -35.54 12.84 -10.72
C LEU A 175 -35.43 12.56 -9.22
N GLU A 176 -36.44 11.93 -8.64
CA GLU A 176 -36.43 11.60 -7.22
C GLU A 176 -35.33 10.59 -6.89
N LEU A 177 -35.19 9.55 -7.71
CA LEU A 177 -34.16 8.55 -7.46
C LEU A 177 -32.76 9.15 -7.53
N LYS A 178 -32.60 10.25 -8.27
CA LYS A 178 -31.33 10.96 -8.31
C LYS A 178 -31.22 12.02 -7.23
N LYS A 179 -32.29 12.25 -6.46
CA LYS A 179 -32.34 13.32 -5.46
C LYS A 179 -32.03 14.68 -6.08
N GLU A 180 -32.57 14.92 -7.27
CA GLU A 180 -32.32 16.15 -8.01
C GLU A 180 -33.44 17.14 -7.71
N ARG A 181 -33.23 17.95 -6.66
CA ARG A 181 -34.24 18.92 -6.24
C ARG A 181 -34.31 20.12 -7.17
N ARG A 182 -33.27 20.39 -7.95
CA ARG A 182 -33.13 21.62 -8.70
C ARG A 182 -33.47 21.37 -10.16
N VAL A 183 -34.40 22.16 -10.70
CA VAL A 183 -34.94 21.96 -12.03
C VAL A 183 -34.90 23.26 -12.82
N ILE A 184 -34.52 23.19 -14.09
CA ILE A 184 -34.55 24.31 -15.00
C ILE A 184 -35.52 23.99 -16.11
N LEU A 185 -36.44 24.92 -16.38
CA LEU A 185 -37.47 24.76 -17.40
C LEU A 185 -37.16 25.69 -18.56
N ASP A 186 -36.49 25.15 -19.58
CA ASP A 186 -36.22 25.89 -20.80
C ASP A 186 -37.29 25.58 -21.85
N CYS A 187 -38.50 26.09 -21.60
CA CYS A 187 -39.65 25.78 -22.43
C CYS A 187 -40.47 27.04 -22.63
N GLU A 188 -41.40 26.95 -23.59
CA GLU A 188 -42.31 28.06 -23.87
C GLU A 188 -43.34 28.17 -22.74
N ARG A 189 -44.19 29.19 -22.85
CA ARG A 189 -45.16 29.45 -21.78
C ARG A 189 -46.12 28.28 -21.60
N ASP A 190 -46.63 27.73 -22.70
CA ASP A 190 -47.56 26.61 -22.62
C ASP A 190 -46.91 25.39 -21.97
N LYS A 191 -45.69 25.06 -22.39
CA LYS A 191 -45.03 23.88 -21.83
C LYS A 191 -44.67 24.10 -20.37
N VAL A 192 -44.27 25.32 -20.01
CA VAL A 192 -43.97 25.62 -18.61
C VAL A 192 -45.23 25.49 -17.75
N ASN A 193 -46.36 25.98 -18.25
CA ASN A 193 -47.61 25.82 -17.51
C ASN A 193 -47.98 24.35 -17.35
N ASP A 194 -47.79 23.56 -18.40
CA ASP A 194 -48.07 22.13 -18.30
C ASP A 194 -47.15 21.45 -17.28
N ILE A 195 -45.88 21.84 -17.26
CA ILE A 195 -44.94 21.28 -16.29
C ILE A 195 -45.35 21.67 -14.87
N VAL A 196 -45.82 22.90 -14.68
CA VAL A 196 -46.29 23.33 -13.37
C VAL A 196 -47.52 22.53 -12.95
N ASP A 197 -48.43 22.26 -13.89
CA ASP A 197 -49.59 21.43 -13.59
C ASP A 197 -49.17 20.04 -13.15
N GLN A 198 -48.21 19.44 -13.86
CA GLN A 198 -47.75 18.11 -13.48
C GLN A 198 -47.04 18.13 -12.13
N VAL A 199 -46.31 19.21 -11.84
CA VAL A 199 -45.65 19.35 -10.53
C VAL A 199 -46.70 19.42 -9.43
N ILE A 200 -47.78 20.18 -9.66
CA ILE A 200 -48.86 20.25 -8.67
C ILE A 200 -49.50 18.88 -8.48
N THR A 201 -49.74 18.16 -9.58
CA THR A 201 -50.47 16.89 -9.48
C THR A 201 -49.63 15.84 -8.78
N ILE A 202 -48.38 15.67 -9.20
CA ILE A 202 -47.55 14.60 -8.65
C ILE A 202 -47.11 14.91 -7.23
N GLY A 203 -47.14 16.17 -6.82
CA GLY A 203 -46.77 16.54 -5.47
C GLY A 203 -45.35 17.02 -5.27
N LYS A 204 -44.69 17.50 -6.32
CA LYS A 204 -43.32 18.00 -6.20
C LYS A 204 -43.26 19.53 -6.18
N HIS A 205 -44.26 20.16 -5.57
CA HIS A 205 -44.33 21.61 -5.44
C HIS A 205 -44.05 22.08 -4.01
N VAL A 206 -43.38 21.25 -3.21
CA VAL A 206 -43.22 21.49 -1.80
C VAL A 206 -41.82 22.05 -1.53
N LYS A 207 -41.60 22.51 -0.29
CA LYS A 207 -40.32 23.06 0.09
C LYS A 207 -39.20 22.04 -0.10
N GLY A 208 -38.08 22.50 -0.65
CA GLY A 208 -36.95 21.65 -1.01
C GLY A 208 -36.66 21.65 -2.49
N TYR A 209 -37.70 21.80 -3.31
CA TYR A 209 -37.57 21.85 -4.75
C TYR A 209 -37.49 23.29 -5.21
N HIS A 210 -36.61 23.55 -6.18
CA HIS A 210 -36.34 24.89 -6.66
C HIS A 210 -36.37 24.86 -8.18
N TYR A 211 -37.11 25.78 -8.79
CA TYR A 211 -37.28 25.79 -10.23
C TYR A 211 -36.81 27.10 -10.82
N ILE A 212 -36.27 27.04 -12.03
CA ILE A 212 -35.91 28.22 -12.80
C ILE A 212 -36.69 28.20 -14.11
N ILE A 213 -37.36 29.30 -14.41
CA ILE A 213 -38.09 29.47 -15.67
C ILE A 213 -37.15 30.19 -16.62
N ALA A 214 -36.57 29.46 -17.56
CA ALA A 214 -35.55 30.01 -18.45
C ALA A 214 -36.14 30.67 -19.69
N ASN A 215 -37.07 31.61 -19.48
CA ASN A 215 -37.60 32.41 -20.57
C ASN A 215 -37.94 33.79 -20.03
N LEU A 216 -38.03 34.75 -20.94
CA LEU A 216 -38.24 36.15 -20.59
C LEU A 216 -39.68 36.47 -20.25
N GLY A 217 -40.52 35.45 -20.04
CA GLY A 217 -41.93 35.66 -19.81
C GLY A 217 -42.41 35.04 -18.51
N PHE A 218 -41.64 35.21 -17.44
CA PHE A 218 -41.93 34.55 -16.17
C PHE A 218 -43.35 34.81 -15.72
N THR A 219 -43.74 36.09 -15.63
CA THR A 219 -45.04 36.46 -15.10
C THR A 219 -46.18 36.17 -16.06
N ASP A 220 -45.86 35.83 -17.31
CA ASP A 220 -46.89 35.57 -18.31
C ASP A 220 -47.62 34.25 -18.06
N GLY A 221 -46.94 33.26 -17.50
CA GLY A 221 -47.57 31.97 -17.28
C GLY A 221 -48.48 31.96 -16.07
N ASP A 222 -49.15 30.82 -15.88
CA ASP A 222 -50.06 30.63 -14.74
C ASP A 222 -49.26 30.27 -13.49
N LEU A 223 -48.48 31.25 -13.04
CA LEU A 223 -47.61 31.05 -11.89
C LEU A 223 -48.35 31.18 -10.56
N LEU A 224 -49.61 31.60 -10.58
CA LEU A 224 -50.30 31.98 -9.36
C LEU A 224 -50.57 30.80 -8.44
N LYS A 225 -50.61 29.58 -8.97
CA LYS A 225 -50.97 28.42 -8.16
C LYS A 225 -49.78 27.79 -7.45
N ILE A 226 -48.59 27.81 -8.06
CA ILE A 226 -47.42 27.24 -7.41
C ILE A 226 -46.85 28.17 -6.34
N GLN A 227 -47.34 29.41 -6.26
CA GLN A 227 -46.82 30.34 -5.27
C GLN A 227 -47.06 29.84 -3.86
N PHE A 228 -48.25 29.32 -3.59
CA PHE A 228 -48.64 28.89 -2.25
C PHE A 228 -48.46 27.38 -2.05
N GLY A 229 -47.89 26.68 -3.04
CA GLY A 229 -47.58 25.28 -2.88
C GLY A 229 -46.39 24.99 -1.99
N GLY A 230 -45.52 25.98 -1.80
CA GLY A 230 -44.32 25.84 -0.99
C GLY A 230 -43.03 25.72 -1.78
N ALA A 231 -43.10 25.51 -3.08
CA ALA A 231 -41.89 25.37 -3.88
C ALA A 231 -41.26 26.74 -4.12
N GLU A 232 -39.96 26.73 -4.41
CA GLU A 232 -39.22 27.94 -4.69
C GLU A 232 -39.09 28.08 -6.20
N VAL A 233 -39.54 29.21 -6.75
CA VAL A 233 -39.52 29.48 -8.17
C VAL A 233 -38.78 30.77 -8.43
N SER A 234 -37.84 30.74 -9.37
CA SER A 234 -37.05 31.90 -9.77
C SER A 234 -37.06 31.98 -11.29
N GLY A 235 -36.82 33.18 -11.81
CA GLY A 235 -36.83 33.35 -13.24
C GLY A 235 -36.38 34.72 -13.68
N PHE A 236 -36.81 35.10 -14.89
CA PHE A 236 -36.36 36.33 -15.53
C PHE A 236 -37.55 37.05 -16.12
N GLN A 237 -37.43 38.38 -16.20
CA GLN A 237 -38.30 39.18 -17.03
C GLN A 237 -37.49 40.21 -17.79
N ILE A 238 -38.03 40.66 -18.91
CA ILE A 238 -37.45 41.74 -19.67
C ILE A 238 -38.24 43.04 -19.55
N VAL A 239 -39.57 42.97 -19.45
CA VAL A 239 -40.39 44.15 -19.24
C VAL A 239 -40.50 44.43 -17.75
N ASP A 240 -40.77 45.69 -17.41
CA ASP A 240 -40.91 46.12 -16.02
C ASP A 240 -42.24 46.83 -15.86
N TYR A 241 -43.23 46.12 -15.29
CA TYR A 241 -44.59 46.66 -15.20
C TYR A 241 -44.68 47.91 -14.35
N ASP A 242 -43.75 48.13 -13.42
CA ASP A 242 -43.80 49.32 -12.58
C ASP A 242 -43.15 50.54 -13.20
N ASP A 243 -42.45 50.37 -14.33
CA ASP A 243 -41.85 51.51 -15.01
C ASP A 243 -42.94 52.42 -15.58
N SER A 244 -42.64 53.72 -15.61
CA SER A 244 -43.64 54.71 -16.00
C SER A 244 -44.13 54.45 -17.42
N LEU A 245 -43.20 54.20 -18.35
CA LEU A 245 -43.57 53.94 -19.73
C LEU A 245 -44.45 52.70 -19.84
N VAL A 246 -44.02 51.60 -19.24
CA VAL A 246 -44.77 50.35 -19.33
C VAL A 246 -46.11 50.47 -18.62
N SER A 247 -46.12 51.14 -17.45
CA SER A 247 -47.36 51.28 -16.71
C SER A 247 -48.38 52.11 -17.48
N LYS A 248 -47.92 53.21 -18.09
CA LYS A 248 -48.84 54.04 -18.87
C LYS A 248 -49.25 53.37 -20.18
N PHE A 249 -48.42 52.47 -20.71
CA PHE A 249 -48.86 51.65 -21.83
C PHE A 249 -49.96 50.69 -21.40
N ILE A 250 -49.77 50.03 -20.27
CA ILE A 250 -50.72 49.02 -19.81
C ILE A 250 -52.05 49.64 -19.41
N GLU A 251 -52.02 50.82 -18.80
CA GLU A 251 -53.26 51.42 -18.31
C GLU A 251 -54.25 51.68 -19.43
N ARG A 252 -53.75 51.88 -20.66
CA ARG A 252 -54.62 51.95 -21.82
C ARG A 252 -54.72 50.64 -22.59
N TRP A 253 -53.64 49.85 -22.60
CA TRP A 253 -53.64 48.60 -23.35
C TRP A 253 -54.70 47.65 -22.83
N SER A 254 -54.86 47.57 -21.51
CA SER A 254 -55.81 46.65 -20.88
C SER A 254 -57.26 47.06 -21.10
N THR A 255 -57.51 48.25 -21.62
CA THR A 255 -58.88 48.73 -21.79
C THR A 255 -59.45 48.46 -23.17
N LEU A 256 -58.61 48.14 -24.15
CA LEU A 256 -59.09 47.84 -25.49
C LEU A 256 -59.86 46.52 -25.49
N GLU A 257 -61.05 46.53 -26.09
CA GLU A 257 -61.88 45.35 -26.14
C GLU A 257 -61.28 44.30 -27.08
N GLU A 258 -61.58 43.04 -26.79
CA GLU A 258 -61.10 41.94 -27.60
C GLU A 258 -61.84 41.80 -28.93
N LYS A 259 -62.92 42.55 -29.12
CA LYS A 259 -63.64 42.50 -30.40
C LYS A 259 -62.77 42.99 -31.55
N GLU A 260 -61.88 43.95 -31.29
CA GLU A 260 -60.95 44.44 -32.29
C GLU A 260 -59.49 44.32 -31.90
N TYR A 261 -59.19 44.03 -30.63
CA TYR A 261 -57.84 43.76 -30.17
C TYR A 261 -57.86 42.51 -29.31
N PRO A 262 -57.99 41.33 -29.93
CA PRO A 262 -58.05 40.09 -29.15
C PRO A 262 -56.78 39.87 -28.35
N GLY A 263 -56.94 39.37 -27.13
CA GLY A 263 -55.80 39.12 -26.26
C GLY A 263 -55.23 40.34 -25.58
N ALA A 264 -55.85 41.51 -25.74
CA ALA A 264 -55.32 42.74 -25.19
C ALA A 264 -56.06 43.24 -23.96
N HIS A 265 -57.16 42.60 -23.57
CA HIS A 265 -58.02 43.12 -22.52
C HIS A 265 -57.57 42.68 -21.13
N THR A 266 -56.30 42.31 -20.97
CA THR A 266 -55.75 41.90 -19.69
C THR A 266 -54.66 42.88 -19.26
N ALA A 267 -54.36 42.86 -17.97
CA ALA A 267 -53.36 43.76 -17.40
C ALA A 267 -51.94 43.22 -17.54
N THR A 268 -51.73 42.23 -18.41
CA THR A 268 -50.42 41.65 -18.64
C THR A 268 -50.18 41.55 -20.14
N ILE A 269 -48.91 41.61 -20.52
CA ILE A 269 -48.50 41.49 -21.92
C ILE A 269 -47.35 40.49 -22.01
N LYS A 270 -47.44 39.55 -22.94
CA LYS A 270 -46.36 38.62 -23.15
C LYS A 270 -45.15 39.34 -23.74
N TYR A 271 -43.96 38.86 -23.37
CA TYR A 271 -42.74 39.54 -23.81
C TYR A 271 -42.61 39.56 -25.33
N THR A 272 -43.20 38.56 -26.01
CA THR A 272 -43.18 38.56 -27.47
C THR A 272 -43.98 39.74 -28.02
N SER A 273 -45.13 40.06 -27.42
CA SER A 273 -45.90 41.21 -27.88
C SER A 273 -45.16 42.52 -27.61
N ALA A 274 -44.47 42.59 -26.47
CA ALA A 274 -43.67 43.78 -26.18
C ALA A 274 -42.55 43.93 -27.20
N LEU A 275 -41.92 42.82 -27.58
CA LEU A 275 -40.90 42.87 -28.62
C LEU A 275 -41.49 43.28 -29.96
N THR A 276 -42.71 42.85 -30.26
CA THR A 276 -43.39 43.28 -31.48
C THR A 276 -43.61 44.80 -31.48
N TYR A 277 -44.06 45.33 -30.36
CA TYR A 277 -44.31 46.77 -30.25
C TYR A 277 -43.00 47.55 -30.36
N ASP A 278 -41.95 47.09 -29.69
CA ASP A 278 -40.66 47.76 -29.83
C ASP A 278 -40.13 47.61 -31.25
N ALA A 279 -40.51 46.55 -31.94
CA ALA A 279 -40.09 46.36 -33.32
C ALA A 279 -40.74 47.37 -34.25
N VAL A 280 -42.04 47.62 -34.07
CA VAL A 280 -42.66 48.63 -34.91
C VAL A 280 -42.14 50.03 -34.55
N GLN A 281 -41.85 50.28 -33.28
CA GLN A 281 -41.22 51.54 -32.91
C GLN A 281 -39.86 51.70 -33.60
N VAL A 282 -39.06 50.63 -33.59
CA VAL A 282 -37.75 50.67 -34.23
C VAL A 282 -37.88 50.89 -35.73
N MET A 283 -38.84 50.23 -36.36
CA MET A 283 -39.04 50.41 -37.80
C MET A 283 -39.42 51.85 -38.12
N THR A 284 -40.33 52.43 -37.34
CA THR A 284 -40.73 53.82 -37.59
C THR A 284 -39.54 54.76 -37.41
N GLU A 285 -38.76 54.58 -36.35
CA GLU A 285 -37.61 55.46 -36.13
C GLU A 285 -36.55 55.28 -37.23
N ALA A 286 -36.35 54.04 -37.69
CA ALA A 286 -35.35 53.81 -38.72
C ALA A 286 -35.77 54.41 -40.05
N PHE A 287 -37.05 54.31 -40.39
CA PHE A 287 -37.52 54.95 -41.62
C PHE A 287 -37.44 56.47 -41.51
N ARG A 288 -37.71 57.03 -40.31
CA ARG A 288 -37.52 58.46 -40.11
C ARG A 288 -36.06 58.84 -40.37
N ASN A 289 -35.12 58.07 -39.82
CA ASN A 289 -33.71 58.37 -40.02
C ASN A 289 -33.31 58.25 -41.48
N LEU A 290 -33.79 57.21 -42.16
CA LEU A 290 -33.46 57.02 -43.57
C LEU A 290 -34.05 58.12 -44.45
N ARG A 291 -35.19 58.68 -44.04
CA ARG A 291 -35.70 59.84 -44.77
C ARG A 291 -34.94 61.11 -44.41
N LYS A 292 -34.37 61.18 -43.22
CA LYS A 292 -33.62 62.37 -42.83
C LYS A 292 -32.31 62.50 -43.62
N GLN A 293 -31.73 61.38 -44.04
CA GLN A 293 -30.46 61.40 -44.76
C GLN A 293 -30.63 61.66 -46.25
N ARG A 294 -31.87 61.81 -46.73
CA ARG A 294 -32.17 62.48 -47.99
C ARG A 294 -31.81 61.63 -49.21
N ILE A 295 -31.17 60.48 -49.01
CA ILE A 295 -30.83 59.61 -50.12
C ILE A 295 -32.04 58.76 -50.48
N GLU A 296 -32.43 58.80 -51.76
CA GLU A 296 -33.64 58.16 -52.22
C GLU A 296 -33.51 56.64 -52.21
N ILE A 297 -34.64 55.97 -51.97
CA ILE A 297 -34.69 54.52 -51.87
C ILE A 297 -35.73 53.99 -52.84
N SER A 298 -35.90 54.67 -53.96
CA SER A 298 -36.93 54.31 -54.94
C SER A 298 -36.71 52.89 -55.45
N ARG A 299 -37.82 52.23 -55.81
CA ARG A 299 -37.82 50.83 -56.19
C ARG A 299 -38.62 50.63 -57.46
N ARG A 300 -38.29 49.57 -58.18
CA ARG A 300 -39.04 49.17 -59.35
C ARG A 300 -40.44 48.71 -58.94
N GLY A 301 -41.35 48.67 -59.93
CA GLY A 301 -42.71 48.25 -59.66
C GLY A 301 -42.79 46.81 -59.16
N ASN A 302 -42.07 45.91 -59.81
CA ASN A 302 -42.02 44.51 -59.41
C ASN A 302 -40.56 44.07 -59.32
N ALA A 303 -40.19 43.48 -58.19
CA ALA A 303 -38.81 43.08 -57.95
C ALA A 303 -38.46 41.74 -58.57
N GLY A 304 -39.44 40.98 -59.03
CA GLY A 304 -39.19 39.69 -59.63
C GLY A 304 -39.23 38.55 -58.62
N ASP A 305 -39.17 37.33 -59.14
CA ASP A 305 -39.26 36.14 -58.32
C ASP A 305 -37.95 35.89 -57.59
N CYS A 306 -38.02 35.08 -56.53
CA CYS A 306 -36.81 34.65 -55.85
C CYS A 306 -35.91 33.84 -56.76
N LEU A 307 -36.49 32.95 -57.55
CA LEU A 307 -35.78 31.94 -58.32
C LEU A 307 -35.08 32.52 -59.54
N ALA A 308 -34.99 33.84 -59.68
CA ALA A 308 -34.27 34.43 -60.79
C ALA A 308 -32.79 34.07 -60.71
N ASN A 309 -32.29 33.38 -61.74
CA ASN A 309 -30.92 32.90 -61.78
C ASN A 309 -30.14 33.70 -62.80
N PRO A 310 -29.11 34.47 -62.41
CA PRO A 310 -28.61 34.65 -61.04
C PRO A 310 -29.41 35.68 -60.25
N ALA A 311 -29.44 35.54 -58.93
CA ALA A 311 -30.18 36.49 -58.11
C ALA A 311 -29.44 37.81 -58.03
N VAL A 312 -30.19 38.90 -58.10
CA VAL A 312 -29.65 40.26 -57.97
C VAL A 312 -30.09 40.81 -56.63
N PRO A 313 -29.18 41.36 -55.83
CA PRO A 313 -29.58 41.82 -54.49
C PRO A 313 -30.33 43.15 -54.53
N TRP A 314 -31.05 43.40 -53.44
CA TRP A 314 -31.73 44.66 -53.23
C TRP A 314 -30.68 45.76 -53.05
N GLY A 315 -30.56 46.62 -54.08
CA GLY A 315 -29.37 47.46 -54.19
C GLY A 315 -29.16 48.37 -53.00
N GLN A 316 -30.19 49.10 -52.61
CA GLN A 316 -30.13 49.97 -51.44
C GLN A 316 -30.47 49.27 -50.14
N GLY A 317 -30.40 47.94 -50.12
CA GLY A 317 -30.68 47.20 -48.89
C GLY A 317 -29.62 47.33 -47.83
N VAL A 318 -28.39 47.66 -48.21
CA VAL A 318 -27.33 47.86 -47.24
C VAL A 318 -27.59 49.11 -46.40
N GLU A 319 -28.15 50.15 -47.03
CA GLU A 319 -28.40 51.39 -46.29
C GLU A 319 -29.55 51.26 -45.30
N ILE A 320 -30.64 50.61 -45.70
CA ILE A 320 -31.74 50.39 -44.77
C ILE A 320 -31.32 49.46 -43.65
N GLU A 321 -30.49 48.46 -43.96
CA GLU A 321 -29.97 47.59 -42.90
C GLU A 321 -29.08 48.37 -41.94
N ARG A 322 -28.25 49.26 -42.46
CA ARG A 322 -27.43 50.12 -41.59
C ARG A 322 -28.30 51.00 -40.71
N ALA A 323 -29.36 51.58 -41.28
CA ALA A 323 -30.26 52.43 -40.51
C ALA A 323 -30.94 51.64 -39.41
N LEU A 324 -31.38 50.42 -39.71
CA LEU A 324 -32.00 49.57 -38.69
C LEU A 324 -31.00 49.21 -37.60
N LYS A 325 -29.75 48.93 -37.98
CA LYS A 325 -28.75 48.54 -36.99
C LYS A 325 -28.39 49.69 -36.08
N GLN A 326 -28.24 50.91 -36.63
CA GLN A 326 -27.69 52.02 -35.88
C GLN A 326 -28.69 52.74 -35.00
N VAL A 327 -29.98 52.42 -35.10
CA VAL A 327 -30.98 53.16 -34.35
C VAL A 327 -30.91 52.78 -32.87
N GLN A 328 -31.21 53.73 -32.00
CA GLN A 328 -31.29 53.51 -30.56
C GLN A 328 -32.61 54.09 -30.06
N VAL A 329 -33.41 53.24 -29.40
CA VAL A 329 -34.76 53.59 -29.01
C VAL A 329 -35.02 53.07 -27.59
N GLU A 330 -35.82 53.83 -26.84
CA GLU A 330 -36.33 53.40 -25.54
C GLU A 330 -37.72 52.83 -25.72
N GLY A 331 -37.96 51.66 -25.14
CA GLY A 331 -39.24 50.98 -25.28
C GLY A 331 -39.62 50.12 -24.09
N LEU A 332 -40.60 49.23 -24.28
CA LEU A 332 -41.05 48.38 -23.20
C LEU A 332 -39.94 47.46 -22.69
N SER A 333 -39.13 46.92 -23.62
CA SER A 333 -38.02 46.05 -23.25
C SER A 333 -36.78 46.82 -22.85
N GLY A 334 -36.91 48.10 -22.51
CA GLY A 334 -35.76 48.87 -22.08
C GLY A 334 -35.04 49.52 -23.25
N ASN A 335 -33.80 49.93 -22.99
CA ASN A 335 -32.98 50.54 -24.02
C ASN A 335 -32.65 49.52 -25.09
N ILE A 336 -32.73 49.94 -26.35
CA ILE A 336 -32.61 49.07 -27.50
C ILE A 336 -31.51 49.61 -28.40
N LYS A 337 -30.50 48.79 -28.66
CA LYS A 337 -29.52 49.10 -29.69
C LYS A 337 -28.90 47.80 -30.16
N PHE A 338 -28.42 47.80 -31.39
CA PHE A 338 -28.02 46.56 -32.06
C PHE A 338 -26.55 46.59 -32.42
N ASP A 339 -25.90 45.45 -32.22
CA ASP A 339 -24.54 45.24 -32.70
C ASP A 339 -24.55 45.08 -34.22
N GLN A 340 -23.36 45.08 -34.82
CA GLN A 340 -23.25 44.93 -36.26
C GLN A 340 -23.82 43.60 -36.74
N ASN A 341 -23.94 42.61 -35.87
CA ASN A 341 -24.55 41.33 -36.21
C ASN A 341 -26.06 41.30 -36.00
N GLY A 342 -26.65 42.38 -35.49
CA GLY A 342 -28.07 42.40 -35.23
C GLY A 342 -28.48 42.00 -33.82
N LYS A 343 -27.54 41.50 -33.01
CA LYS A 343 -27.89 41.08 -31.66
C LYS A 343 -28.14 42.30 -30.78
N ARG A 344 -29.10 42.16 -29.87
CA ARG A 344 -29.33 43.19 -28.87
C ARG A 344 -28.13 43.31 -27.94
N ILE A 345 -27.73 44.55 -27.66
CA ILE A 345 -26.66 44.84 -26.72
C ILE A 345 -27.14 45.96 -25.82
N ASN A 346 -26.45 46.15 -24.70
CA ASN A 346 -26.68 47.22 -23.74
C ASN A 346 -27.97 47.00 -22.97
N TYR A 347 -28.63 45.87 -23.18
CA TYR A 347 -29.90 45.56 -22.54
C TYR A 347 -29.69 45.21 -21.07
N THR A 348 -30.81 45.08 -20.36
CA THR A 348 -30.82 44.72 -18.96
C THR A 348 -31.99 43.78 -18.73
N ILE A 349 -31.73 42.68 -18.04
CA ILE A 349 -32.74 41.66 -17.77
C ILE A 349 -33.01 41.61 -16.27
N ASN A 350 -34.28 41.67 -15.90
CA ASN A 350 -34.66 41.59 -14.50
C ASN A 350 -34.64 40.14 -14.04
N ILE A 351 -34.10 39.92 -12.85
CA ILE A 351 -34.10 38.62 -12.20
C ILE A 351 -35.12 38.66 -11.08
N MET A 352 -36.06 37.73 -11.10
CA MET A 352 -37.19 37.79 -10.21
C MET A 352 -37.30 36.49 -9.41
N GLU A 353 -38.07 36.57 -8.33
CA GLU A 353 -38.33 35.44 -7.46
C GLU A 353 -39.80 35.45 -7.07
N LEU A 354 -40.41 34.28 -7.01
CA LEU A 354 -41.82 34.17 -6.65
C LEU A 354 -41.91 34.12 -5.13
N LYS A 355 -42.23 35.26 -4.52
CA LYS A 355 -42.36 35.39 -3.08
C LYS A 355 -43.81 35.21 -2.65
N THR A 356 -44.05 35.41 -1.34
CA THR A 356 -45.40 35.27 -0.81
C THR A 356 -46.34 36.32 -1.37
N ASN A 357 -45.90 37.58 -1.44
CA ASN A 357 -46.75 38.64 -1.96
C ASN A 357 -46.94 38.52 -3.47
N GLY A 358 -45.91 38.06 -4.18
CA GLY A 358 -45.96 37.92 -5.62
C GLY A 358 -44.59 37.87 -6.22
N PRO A 359 -44.51 37.78 -7.55
CA PRO A 359 -43.21 37.81 -8.24
C PRO A 359 -42.56 39.18 -8.07
N ARG A 360 -41.38 39.21 -7.47
CA ARG A 360 -40.72 40.44 -7.08
C ARG A 360 -39.30 40.46 -7.60
N LYS A 361 -38.84 41.63 -8.03
CA LYS A 361 -37.49 41.76 -8.55
C LYS A 361 -36.48 41.58 -7.42
N ILE A 362 -35.45 40.78 -7.68
CA ILE A 362 -34.36 40.57 -6.73
C ILE A 362 -33.00 40.92 -7.30
N GLY A 363 -32.91 41.22 -8.59
CA GLY A 363 -31.63 41.61 -9.17
C GLY A 363 -31.80 41.86 -10.66
N TYR A 364 -30.77 42.48 -11.23
CA TYR A 364 -30.74 42.81 -12.65
C TYR A 364 -29.43 42.31 -13.25
N TRP A 365 -29.48 42.00 -14.55
CA TRP A 365 -28.34 41.46 -15.28
C TRP A 365 -28.15 42.25 -16.57
N SER A 366 -26.89 42.53 -16.89
CA SER A 366 -26.56 43.33 -18.06
C SER A 366 -25.31 42.78 -18.71
N GLU A 367 -25.05 43.23 -19.95
CA GLU A 367 -23.87 42.79 -20.67
C GLU A 367 -22.60 43.36 -20.05
N VAL A 368 -22.61 44.67 -19.74
CA VAL A 368 -21.40 45.32 -19.24
C VAL A 368 -21.07 44.86 -17.83
N ASP A 369 -22.09 44.69 -16.98
CA ASP A 369 -21.90 44.22 -15.62
C ASP A 369 -22.86 43.07 -15.33
N LYS A 370 -22.38 42.09 -14.59
CA LYS A 370 -23.13 40.88 -14.31
C LYS A 370 -24.22 41.17 -13.27
N MET A 371 -24.84 40.10 -12.77
CA MET A 371 -25.99 40.24 -11.89
C MET A 371 -25.67 41.08 -10.65
N VAL A 372 -26.52 42.06 -10.39
CA VAL A 372 -26.43 42.89 -9.19
C VAL A 372 -27.77 42.78 -8.45
N LEU A 373 -27.69 42.44 -7.16
CA LEU A 373 -28.90 42.20 -6.38
C LEU A 373 -29.43 43.49 -5.76
N THR A 374 -30.68 43.44 -5.31
CA THR A 374 -31.36 44.56 -4.69
C THR A 374 -32.08 44.10 -3.43
N GLU A 375 -31.98 44.91 -2.37
CA GLU A 375 -32.63 44.63 -1.10
C GLU A 375 -33.26 45.88 -0.51
N ASP A 376 -33.70 46.80 -1.36
CA ASP A 376 -34.11 48.13 -0.90
C ASP A 376 -35.46 48.10 -0.17
N ASP A 377 -36.43 47.36 -0.69
CA ASP A 377 -37.80 47.46 -0.20
C ASP A 377 -38.54 46.14 -0.42
N THR A 378 -39.74 46.07 0.17
CA THR A 378 -40.65 44.94 0.02
C THR A 378 -40.01 43.64 0.51
N SER A 379 -39.46 43.70 1.72
CA SER A 379 -38.90 42.51 2.36
C SER A 379 -40.00 41.71 3.04
N GLY A 380 -39.82 40.40 3.07
CA GLY A 380 -40.77 39.49 3.69
C GLY A 380 -40.43 39.21 5.15
N LEU A 381 -40.92 38.06 5.62
CA LEU A 381 -40.65 37.62 6.98
C LEU A 381 -39.16 37.31 7.15
N GLU A 382 -38.73 37.25 8.41
CA GLU A 382 -37.32 37.04 8.73
C GLU A 382 -36.94 35.61 8.38
N GLN A 383 -36.27 35.43 7.25
CA GLN A 383 -35.80 34.15 6.72
C GLN A 383 -36.91 33.14 6.51
N LYS A 384 -38.17 33.58 6.56
CA LYS A 384 -39.34 32.72 6.34
C LYS A 384 -39.31 31.48 7.23
N THR A 385 -39.17 31.69 8.53
CA THR A 385 -39.32 30.64 9.55
C THR A 385 -38.35 29.48 9.30
N VAL A 386 -37.06 29.78 9.51
CA VAL A 386 -36.01 28.79 9.36
C VAL A 386 -36.38 27.49 10.07
N VAL A 387 -36.11 26.37 9.40
CA VAL A 387 -36.38 25.04 9.93
C VAL A 387 -35.10 24.46 10.52
N VAL A 388 -35.22 23.87 11.70
CA VAL A 388 -34.09 23.32 12.45
C VAL A 388 -34.33 21.83 12.64
N THR A 389 -33.32 21.03 12.34
CA THR A 389 -33.40 19.58 12.54
C THR A 389 -32.59 19.20 13.76
N THR A 390 -33.19 18.39 14.63
CA THR A 390 -32.53 17.92 15.83
C THR A 390 -33.08 16.53 16.13
N ILE A 391 -32.33 15.77 16.91
CA ILE A 391 -32.70 14.41 17.25
C ILE A 391 -32.83 14.32 18.76
N LEU A 392 -33.75 13.49 19.23
CA LEU A 392 -33.95 13.31 20.67
C LEU A 392 -32.72 12.64 21.25
N GLU A 393 -32.00 13.36 22.10
CA GLU A 393 -30.79 12.85 22.72
C GLU A 393 -30.58 13.61 24.02
N SER A 394 -30.76 12.94 25.15
CA SER A 394 -30.55 13.59 26.43
C SER A 394 -29.06 13.89 26.63
N PRO A 395 -28.72 15.05 27.18
CA PRO A 395 -29.58 16.15 27.58
C PRO A 395 -29.67 17.24 26.54
N TYR A 396 -29.51 16.91 25.27
CA TYR A 396 -29.52 17.94 24.24
C TYR A 396 -30.94 18.38 23.93
N VAL A 397 -31.82 17.43 23.60
CA VAL A 397 -33.23 17.72 23.41
C VAL A 397 -34.04 16.63 24.09
N MET A 398 -34.95 17.03 24.97
CA MET A 398 -35.91 16.11 25.55
C MET A 398 -37.31 16.51 25.14
N MET A 399 -38.25 15.59 25.33
CA MET A 399 -39.66 15.96 25.30
C MET A 399 -40.05 16.63 26.62
N LYS A 400 -40.76 17.75 26.54
CA LYS A 400 -41.22 18.42 27.74
C LYS A 400 -42.23 17.55 28.47
N LYS A 401 -42.25 17.69 29.80
CA LYS A 401 -43.12 16.87 30.62
C LYS A 401 -44.60 17.09 30.34
N ASN A 402 -44.97 18.22 29.73
CA ASN A 402 -46.34 18.48 29.32
C ASN A 402 -46.51 18.47 27.81
N HIS A 403 -45.66 17.72 27.10
CA HIS A 403 -45.68 17.75 25.65
C HIS A 403 -46.97 17.19 25.07
N GLU A 404 -47.72 16.40 25.83
CA GLU A 404 -48.95 15.82 25.31
C GLU A 404 -50.03 16.87 25.08
N MET A 405 -49.88 18.06 25.65
CA MET A 405 -50.87 19.13 25.51
C MET A 405 -50.25 20.43 25.02
N LEU A 406 -48.95 20.46 24.76
CA LEU A 406 -48.26 21.66 24.32
C LEU A 406 -48.10 21.64 22.80
N GLU A 407 -47.83 22.82 22.24
CA GLU A 407 -47.61 22.96 20.82
C GLU A 407 -46.41 23.86 20.57
N GLY A 408 -45.82 23.71 19.38
CA GLY A 408 -44.71 24.55 18.97
C GLY A 408 -43.39 24.15 19.60
N ASN A 409 -42.48 25.12 19.64
CA ASN A 409 -41.13 24.88 20.13
C ASN A 409 -41.10 24.66 21.64
N GLU A 410 -42.16 25.04 22.36
CA GLU A 410 -42.21 24.85 23.80
C GLU A 410 -42.28 23.38 24.20
N ARG A 411 -42.53 22.48 23.26
CA ARG A 411 -42.60 21.06 23.57
C ARG A 411 -41.24 20.45 23.89
N TYR A 412 -40.15 21.17 23.64
CA TYR A 412 -38.81 20.59 23.74
C TYR A 412 -38.02 21.30 24.82
N GLU A 413 -37.09 20.56 25.42
CA GLU A 413 -36.25 21.06 26.49
C GLU A 413 -34.89 20.38 26.40
N GLY A 414 -33.86 21.10 26.80
CA GLY A 414 -32.53 20.53 26.82
C GLY A 414 -31.48 21.56 26.44
N TYR A 415 -30.29 21.06 26.18
CA TYR A 415 -29.16 21.92 25.82
C TYR A 415 -29.37 22.55 24.45
N CYS A 416 -29.75 21.75 23.46
CA CYS A 416 -29.79 22.25 22.09
C CYS A 416 -30.89 23.28 21.90
N VAL A 417 -32.03 23.13 22.58
CA VAL A 417 -33.09 24.12 22.42
C VAL A 417 -32.68 25.46 23.02
N ASP A 418 -32.02 25.45 24.19
CA ASP A 418 -31.54 26.69 24.77
C ASP A 418 -30.44 27.32 23.91
N LEU A 419 -29.52 26.51 23.40
CA LEU A 419 -28.48 27.03 22.52
C LEU A 419 -29.08 27.61 21.25
N ALA A 420 -30.08 26.94 20.68
CA ALA A 420 -30.75 27.45 19.50
C ALA A 420 -31.46 28.75 19.81
N ALA A 421 -32.06 28.86 20.99
CA ALA A 421 -32.71 30.12 21.38
C ALA A 421 -31.69 31.24 21.46
N GLU A 422 -30.53 30.97 22.06
CA GLU A 422 -29.49 31.99 22.11
C GLU A 422 -29.01 32.37 20.72
N ILE A 423 -28.82 31.37 19.85
CA ILE A 423 -28.36 31.65 18.49
C ILE A 423 -29.39 32.46 17.72
N ALA A 424 -30.67 32.13 17.87
CA ALA A 424 -31.71 32.86 17.17
C ALA A 424 -31.84 34.28 17.71
N LYS A 425 -31.69 34.46 19.02
CA LYS A 425 -31.77 35.80 19.58
C LYS A 425 -30.59 36.65 19.14
N HIS A 426 -29.39 36.08 19.10
CA HIS A 426 -28.22 36.86 18.72
C HIS A 426 -28.20 37.14 17.21
N CYS A 427 -28.52 36.13 16.39
CA CYS A 427 -28.54 36.33 14.95
C CYS A 427 -29.81 37.05 14.49
N GLY A 428 -30.93 36.82 15.15
CA GLY A 428 -32.17 37.50 14.81
C GLY A 428 -32.95 36.86 13.68
N PHE A 429 -33.35 35.60 13.85
CA PHE A 429 -34.19 34.93 12.87
C PHE A 429 -35.19 34.03 13.59
N LYS A 430 -36.42 34.02 13.10
CA LYS A 430 -37.42 33.10 13.63
C LYS A 430 -37.09 31.68 13.17
N TYR A 431 -37.32 30.71 14.05
CA TYR A 431 -36.90 29.35 13.80
C TYR A 431 -37.93 28.37 14.34
N LYS A 432 -37.97 27.18 13.74
CA LYS A 432 -38.83 26.10 14.17
C LYS A 432 -37.98 24.87 14.39
N LEU A 433 -38.13 24.24 15.55
CA LEU A 433 -37.40 23.02 15.86
C LEU A 433 -38.19 21.82 15.35
N THR A 434 -37.51 20.96 14.60
CA THR A 434 -38.12 19.77 14.05
C THR A 434 -37.28 18.56 14.43
N ILE A 435 -37.92 17.41 14.48
CA ILE A 435 -37.26 16.16 14.82
C ILE A 435 -36.95 15.43 13.53
N VAL A 436 -35.72 14.90 13.42
CA VAL A 436 -35.33 14.18 12.23
C VAL A 436 -36.26 13.00 12.03
N GLY A 437 -36.75 12.83 10.80
CA GLY A 437 -37.80 11.86 10.55
C GLY A 437 -37.36 10.43 10.80
N ASP A 438 -36.19 10.06 10.29
CA ASP A 438 -35.71 8.69 10.40
C ASP A 438 -34.96 8.42 11.69
N GLY A 439 -34.78 9.44 12.54
CA GLY A 439 -34.21 9.23 13.85
C GLY A 439 -32.78 8.72 13.90
N LYS A 440 -31.89 9.29 13.08
CA LYS A 440 -30.50 8.91 13.13
C LYS A 440 -29.64 10.11 12.74
N TYR A 441 -28.36 10.00 13.08
CA TYR A 441 -27.44 11.13 12.88
C TYR A 441 -27.10 11.32 11.40
N GLY A 442 -26.49 10.32 10.79
CA GLY A 442 -26.14 10.41 9.39
C GLY A 442 -24.91 9.61 9.00
N ALA A 443 -25.01 8.91 7.88
CA ALA A 443 -23.91 8.13 7.34
C ALA A 443 -23.97 8.19 5.82
N ARG A 444 -22.83 7.93 5.18
CA ARG A 444 -22.78 8.00 3.73
C ARG A 444 -23.61 6.90 3.08
N ASP A 445 -23.86 5.80 3.79
CA ASP A 445 -24.69 4.70 3.30
C ASP A 445 -24.13 4.14 1.99
N ALA A 446 -22.95 3.54 2.11
CA ALA A 446 -22.24 3.01 0.94
C ALA A 446 -23.17 2.11 0.12
N ASP A 447 -22.87 2.01 -1.17
CA ASP A 447 -23.63 1.28 -2.18
C ASP A 447 -24.98 1.93 -2.47
N THR A 448 -25.30 3.05 -1.84
CA THR A 448 -26.53 3.78 -2.14
C THR A 448 -26.19 5.26 -2.33
N LYS A 449 -25.14 5.72 -1.66
CA LYS A 449 -24.63 7.09 -1.77
C LYS A 449 -25.67 8.12 -1.36
N ILE A 450 -26.59 7.75 -0.47
CA ILE A 450 -27.64 8.64 0.02
C ILE A 450 -27.41 8.90 1.50
N TRP A 451 -27.27 10.17 1.87
CA TRP A 451 -27.09 10.55 3.25
C TRP A 451 -28.40 10.37 4.01
N ASN A 452 -28.33 9.73 5.17
CA ASN A 452 -29.49 9.56 6.03
C ASN A 452 -29.43 10.53 7.21
N GLY A 453 -30.52 10.59 7.96
CA GLY A 453 -30.54 11.38 9.17
C GLY A 453 -30.45 12.88 8.93
N MET A 454 -29.86 13.57 9.91
CA MET A 454 -29.82 15.02 9.88
C MET A 454 -28.96 15.52 8.73
N VAL A 455 -27.87 14.82 8.43
CA VAL A 455 -27.04 15.22 7.30
C VAL A 455 -27.82 15.10 6.00
N GLY A 456 -28.64 14.05 5.88
CA GLY A 456 -29.51 13.95 4.71
C GLY A 456 -30.54 15.04 4.67
N GLU A 457 -31.09 15.41 5.82
CA GLU A 457 -32.04 16.52 5.87
C GLU A 457 -31.40 17.81 5.39
N LEU A 458 -30.15 18.04 5.79
CA LEU A 458 -29.46 19.28 5.43
C LEU A 458 -29.08 19.30 3.96
N VAL A 459 -28.49 18.22 3.46
CA VAL A 459 -27.92 18.24 2.12
C VAL A 459 -29.00 18.31 1.05
N TYR A 460 -30.13 17.65 1.28
CA TYR A 460 -31.18 17.57 0.27
C TYR A 460 -32.20 18.70 0.37
N GLY A 461 -31.95 19.69 1.23
CA GLY A 461 -32.76 20.89 1.25
C GLY A 461 -34.02 20.82 2.09
N LYS A 462 -34.14 19.84 2.97
CA LYS A 462 -35.29 19.77 3.86
C LYS A 462 -35.06 20.49 5.19
N ALA A 463 -33.86 20.99 5.43
CA ALA A 463 -33.55 21.73 6.65
C ALA A 463 -32.56 22.84 6.33
N ASP A 464 -32.59 23.89 7.15
CA ASP A 464 -31.71 25.04 6.97
C ASP A 464 -30.56 25.08 7.96
N ILE A 465 -30.70 24.41 9.10
CA ILE A 465 -29.67 24.42 10.14
C ILE A 465 -29.98 23.27 11.10
N ALA A 466 -28.95 22.76 11.75
CA ALA A 466 -29.10 21.62 12.66
C ALA A 466 -28.34 21.91 13.94
N ILE A 467 -29.03 22.51 14.90
CA ILE A 467 -28.53 22.66 16.26
C ILE A 467 -28.72 21.31 16.94
N ALA A 468 -27.66 20.52 17.00
CA ALA A 468 -27.77 19.12 17.39
C ALA A 468 -26.40 18.65 17.85
N PRO A 469 -26.32 17.47 18.45
CA PRO A 469 -25.00 16.95 18.85
C PRO A 469 -24.19 16.42 17.68
N LEU A 470 -24.57 16.81 16.46
CA LEU A 470 -23.92 16.36 15.25
C LEU A 470 -22.42 16.60 15.29
N THR A 471 -21.65 15.52 15.24
CA THR A 471 -20.20 15.59 15.34
C THR A 471 -19.60 16.18 14.08
N ILE A 472 -18.43 16.80 14.22
CA ILE A 472 -17.70 17.36 13.09
C ILE A 472 -16.72 16.31 12.61
N THR A 473 -16.90 15.84 11.38
CA THR A 473 -16.01 14.84 10.79
C THR A 473 -15.69 15.27 9.37
N LEU A 474 -14.51 14.83 8.90
CA LEU A 474 -14.08 15.22 7.56
C LEU A 474 -15.00 14.67 6.48
N VAL A 475 -15.59 13.50 6.72
CA VAL A 475 -16.56 12.96 5.77
C VAL A 475 -17.80 13.85 5.69
N ARG A 476 -18.15 14.52 6.79
CA ARG A 476 -19.31 15.41 6.81
C ARG A 476 -18.98 16.84 6.45
N GLU A 477 -17.72 17.26 6.58
CA GLU A 477 -17.36 18.63 6.26
C GLU A 477 -17.53 18.94 4.78
N GLU A 478 -17.25 17.96 3.92
CA GLU A 478 -17.40 18.18 2.48
C GLU A 478 -18.86 18.24 2.04
N VAL A 479 -19.79 17.93 2.92
CA VAL A 479 -21.21 17.89 2.57
C VAL A 479 -21.98 19.05 3.19
N ILE A 480 -21.68 19.39 4.45
CA ILE A 480 -22.36 20.46 5.16
C ILE A 480 -21.32 21.34 5.85
N ASP A 481 -21.76 22.54 6.19
CA ASP A 481 -20.89 23.55 6.79
C ASP A 481 -21.08 23.56 8.31
N PHE A 482 -20.01 23.35 9.05
CA PHE A 482 -20.04 23.41 10.50
C PHE A 482 -19.54 24.76 10.99
N SER A 483 -19.96 25.10 12.21
CA SER A 483 -19.35 26.19 12.97
C SER A 483 -18.20 25.64 13.79
N LYS A 484 -17.58 26.50 14.59
CA LYS A 484 -16.53 26.06 15.50
C LYS A 484 -17.12 25.21 16.60
N PRO A 485 -16.38 24.20 17.07
CA PRO A 485 -16.93 23.26 18.05
C PRO A 485 -17.41 23.98 19.30
N PHE A 486 -18.72 23.89 19.56
CA PHE A 486 -19.25 24.47 20.78
C PHE A 486 -19.05 23.57 22.00
N MET A 487 -18.66 22.32 21.80
CA MET A 487 -18.42 21.39 22.91
C MET A 487 -17.36 20.40 22.49
N SER A 488 -16.35 20.24 23.33
CA SER A 488 -15.26 19.31 23.07
C SER A 488 -15.44 18.03 23.86
N LEU A 489 -15.20 16.90 23.20
CA LEU A 489 -15.48 15.60 23.77
C LEU A 489 -14.72 14.54 22.98
N GLY A 490 -14.83 13.29 23.43
CA GLY A 490 -14.22 12.18 22.75
C GLY A 490 -15.09 10.93 22.86
N ILE A 491 -14.63 9.87 22.20
CA ILE A 491 -15.32 8.59 22.28
C ILE A 491 -14.99 7.94 23.61
N SER A 492 -16.01 7.43 24.29
CA SER A 492 -15.86 6.80 25.59
C SER A 492 -16.46 5.41 25.54
N ILE A 493 -16.26 4.66 26.61
CA ILE A 493 -16.72 3.28 26.68
C ILE A 493 -17.54 3.13 27.96
N MET A 494 -18.60 2.32 27.88
CA MET A 494 -19.62 2.24 28.91
C MET A 494 -19.87 0.78 29.25
N ILE A 495 -19.83 0.45 30.54
CA ILE A 495 -20.11 -0.89 31.00
C ILE A 495 -20.97 -0.81 32.26
N LYS A 496 -21.58 -1.95 32.59
CA LYS A 496 -22.34 -2.05 33.81
C LYS A 496 -21.42 -1.91 35.01
N LYS A 497 -21.93 -1.33 36.08
CA LYS A 497 -21.16 -1.20 37.30
C LYS A 497 -20.91 -2.58 37.87
N PRO A 498 -19.66 -3.00 38.05
CA PRO A 498 -19.37 -4.31 38.64
C PRO A 498 -19.61 -4.32 40.14
N GLN A 499 -20.87 -4.53 40.51
CA GLN A 499 -21.26 -4.55 41.90
C GLN A 499 -20.47 -5.60 42.66
N LYS A 500 -19.84 -5.19 43.75
CA LYS A 500 -19.04 -6.11 44.54
C LYS A 500 -19.93 -7.14 45.21
N SER A 501 -19.33 -8.30 45.52
CA SER A 501 -20.05 -9.39 46.15
C SER A 501 -20.38 -8.98 47.57
N LYS A 502 -21.62 -8.55 47.78
CA LYS A 502 -22.05 -8.10 49.10
C LYS A 502 -22.07 -9.29 50.06
N PRO A 503 -21.35 -9.22 51.18
CA PRO A 503 -21.36 -10.34 52.12
C PRO A 503 -22.72 -10.49 52.78
N GLY A 504 -23.17 -11.73 52.87
CA GLY A 504 -24.39 -12.01 53.59
C GLY A 504 -24.16 -11.96 55.09
N VAL A 505 -25.26 -12.02 55.82
CA VAL A 505 -25.19 -12.02 57.27
C VAL A 505 -24.40 -13.23 57.77
N PHE A 506 -24.72 -14.41 57.24
CA PHE A 506 -24.07 -15.66 57.60
C PHE A 506 -23.01 -16.06 56.58
N SER A 507 -22.32 -15.07 56.04
CA SER A 507 -21.30 -15.30 55.02
C SER A 507 -20.12 -16.10 55.54
N PHE A 508 -19.97 -16.23 56.86
CA PHE A 508 -18.89 -17.04 57.41
C PHE A 508 -19.09 -18.51 57.08
N LEU A 509 -20.30 -18.91 56.72
CA LEU A 509 -20.56 -20.28 56.29
C LEU A 509 -20.20 -20.51 54.85
N ASP A 510 -20.01 -19.44 54.08
CA ASP A 510 -19.81 -19.57 52.64
C ASP A 510 -18.64 -20.45 52.21
N PRO A 511 -17.47 -20.40 52.84
CA PRO A 511 -16.33 -21.18 52.33
C PRO A 511 -16.53 -22.69 52.29
N LEU A 512 -17.45 -23.25 53.05
CA LEU A 512 -17.42 -24.69 53.26
C LEU A 512 -18.67 -25.44 52.80
N ALA A 513 -19.62 -24.78 52.15
CA ALA A 513 -20.80 -25.40 51.54
C ALA A 513 -21.78 -25.94 52.56
N TYR A 514 -23.06 -25.85 52.22
CA TYR A 514 -24.15 -26.17 53.14
C TYR A 514 -24.15 -27.63 53.56
N GLU A 515 -23.92 -28.53 52.61
CA GLU A 515 -23.95 -29.95 52.90
C GLU A 515 -22.87 -30.33 53.90
N ILE A 516 -21.69 -29.72 53.80
CA ILE A 516 -20.62 -30.02 54.72
C ILE A 516 -20.99 -29.61 56.15
N TRP A 517 -21.64 -28.46 56.31
CA TRP A 517 -22.09 -28.04 57.63
C TRP A 517 -23.13 -29.00 58.20
N MET A 518 -24.08 -29.42 57.36
CA MET A 518 -25.11 -30.36 57.83
C MET A 518 -24.48 -31.68 58.24
N CYS A 519 -23.53 -32.16 57.46
CA CYS A 519 -22.86 -33.38 57.79
C CYS A 519 -21.95 -33.23 59.01
N ILE A 520 -21.42 -32.04 59.24
CA ILE A 520 -20.66 -31.82 60.46
C ILE A 520 -21.56 -31.94 61.68
N VAL A 521 -22.77 -31.41 61.60
CA VAL A 521 -23.71 -31.57 62.70
C VAL A 521 -24.06 -33.03 62.93
N PHE A 522 -24.36 -33.75 61.86
CA PHE A 522 -24.66 -35.18 62.00
C PHE A 522 -23.46 -35.94 62.57
N ALA A 523 -22.27 -35.61 62.10
CA ALA A 523 -21.06 -36.29 62.56
C ALA A 523 -20.80 -36.00 64.02
N TYR A 524 -21.02 -34.76 64.45
CA TYR A 524 -20.88 -34.39 65.85
C TYR A 524 -21.83 -35.20 66.71
N ILE A 525 -23.10 -35.28 66.32
CA ILE A 525 -24.06 -36.02 67.11
C ILE A 525 -23.65 -37.49 67.19
N GLY A 526 -23.29 -38.08 66.06
CA GLY A 526 -22.90 -39.47 66.06
C GLY A 526 -21.67 -39.75 66.88
N VAL A 527 -20.65 -38.89 66.77
CA VAL A 527 -19.41 -39.06 67.52
C VAL A 527 -19.68 -38.97 69.00
N SER A 528 -20.47 -37.99 69.43
CA SER A 528 -20.77 -37.85 70.85
C SER A 528 -21.53 -39.06 71.38
N VAL A 529 -22.53 -39.53 70.64
CA VAL A 529 -23.32 -40.67 71.09
C VAL A 529 -22.45 -41.91 71.18
N VAL A 530 -21.60 -42.12 70.18
CA VAL A 530 -20.74 -43.31 70.18
C VAL A 530 -19.72 -43.23 71.30
N LEU A 531 -19.18 -42.06 71.57
CA LEU A 531 -18.23 -41.93 72.68
C LEU A 531 -18.89 -42.24 74.00
N PHE A 532 -20.11 -41.74 74.20
CA PHE A 532 -20.84 -42.06 75.42
C PHE A 532 -21.08 -43.56 75.53
N LEU A 533 -21.52 -44.19 74.45
CA LEU A 533 -21.80 -45.61 74.48
C LEU A 533 -20.55 -46.43 74.78
N VAL A 534 -19.44 -46.07 74.15
CA VAL A 534 -18.18 -46.75 74.36
C VAL A 534 -17.76 -46.64 75.81
N SER A 535 -17.89 -45.45 76.38
CA SER A 535 -17.41 -45.24 77.73
C SER A 535 -18.33 -45.80 78.80
N ARG A 536 -19.62 -45.99 78.53
CA ARG A 536 -20.58 -46.19 79.61
C ARG A 536 -21.41 -47.46 79.47
N PHE A 537 -20.82 -48.61 79.22
CA PHE A 537 -21.56 -49.84 79.38
C PHE A 537 -20.64 -50.86 80.07
N SER A 538 -21.25 -51.80 80.78
CA SER A 538 -20.62 -52.44 81.93
C SER A 538 -19.30 -53.14 81.57
N PRO A 539 -18.31 -53.11 82.49
CA PRO A 539 -17.02 -53.73 82.21
C PRO A 539 -16.90 -55.22 82.46
N TYR A 540 -17.68 -55.77 83.38
CA TYR A 540 -17.49 -57.17 83.70
C TYR A 540 -18.69 -58.02 83.36
N SER A 541 -18.14 -49.25 88.00
CA SER A 541 -18.49 -49.83 86.71
C SER A 541 -18.47 -48.77 85.63
N GLU A 542 -19.62 -48.13 85.46
CA GLU A 542 -19.78 -47.05 84.51
C GLU A 542 -19.30 -45.72 85.06
N SER A 543 -19.04 -45.63 86.35
CA SER A 543 -18.62 -44.39 86.98
C SER A 543 -17.11 -44.19 87.00
N THR A 544 -16.34 -45.08 86.38
CA THR A 544 -14.89 -44.93 86.38
C THR A 544 -14.43 -43.77 85.50
N ASN A 545 -15.31 -43.25 84.64
CA ASN A 545 -15.03 -42.15 83.75
C ASN A 545 -16.17 -41.14 83.86
N GLU A 546 -15.88 -39.92 83.40
CA GLU A 546 -16.80 -38.81 83.47
C GLU A 546 -17.58 -38.60 82.19
N PHE A 547 -17.52 -39.54 81.25
CA PHE A 547 -18.13 -39.35 79.93
C PHE A 547 -19.59 -39.78 79.90
N GLY A 548 -20.42 -39.00 80.58
CA GLY A 548 -21.84 -39.06 80.36
C GLY A 548 -22.16 -38.42 79.04
N ILE A 549 -23.44 -38.45 78.67
CA ILE A 549 -23.83 -37.90 77.38
C ILE A 549 -23.55 -36.40 77.31
N PHE A 550 -23.82 -35.68 78.38
CA PHE A 550 -23.55 -34.24 78.39
C PHE A 550 -22.07 -33.97 78.28
N ASN A 551 -21.25 -34.70 79.05
CA ASN A 551 -19.81 -34.55 78.97
C ASN A 551 -19.26 -35.03 77.64
N SER A 552 -19.83 -36.08 77.06
CA SER A 552 -19.38 -36.52 75.74
C SER A 552 -19.66 -35.47 74.68
N LEU A 553 -20.84 -34.86 74.74
CA LEU A 553 -21.17 -33.77 73.84
C LEU A 553 -20.22 -32.60 74.02
N TRP A 554 -19.92 -32.25 75.27
CA TRP A 554 -19.00 -31.17 75.56
C TRP A 554 -17.60 -31.46 75.03
N PHE A 555 -17.12 -32.69 75.24
CA PHE A 555 -15.78 -33.05 74.77
C PHE A 555 -15.70 -33.00 73.26
N SER A 556 -16.71 -33.53 72.58
CA SER A 556 -16.70 -33.51 71.13
C SER A 556 -16.79 -32.09 70.59
N LEU A 557 -17.62 -31.24 71.21
CA LEU A 557 -17.69 -29.85 70.78
C LEU A 557 -16.37 -29.13 70.95
N GLY A 558 -15.71 -29.34 72.10
CA GLY A 558 -14.42 -28.72 72.31
C GLY A 558 -13.38 -29.23 71.34
N ALA A 559 -13.44 -30.51 71.01
CA ALA A 559 -12.50 -31.08 70.06
C ALA A 559 -12.68 -30.47 68.68
N PHE A 560 -13.92 -30.25 68.26
CA PHE A 560 -14.11 -29.63 66.94
C PHE A 560 -13.65 -28.18 66.93
N MET A 561 -13.78 -27.48 68.05
CA MET A 561 -13.29 -26.12 68.17
C MET A 561 -11.79 -26.06 68.41
N GLN A 562 -11.14 -27.20 68.65
CA GLN A 562 -9.72 -27.26 68.96
C GLN A 562 -9.38 -26.40 70.18
N GLN A 563 -10.13 -26.62 71.27
CA GLN A 563 -9.88 -25.94 72.52
C GLN A 563 -9.44 -26.90 73.63
N GLY A 564 -10.13 -28.01 73.82
CA GLY A 564 -9.69 -28.96 74.82
C GLY A 564 -10.34 -28.75 76.16
N CYS A 565 -11.15 -29.71 76.60
CA CYS A 565 -11.82 -29.65 77.89
C CYS A 565 -10.94 -30.27 78.96
N ASP A 566 -11.50 -30.46 80.16
CA ASP A 566 -10.71 -31.01 81.25
C ASP A 566 -10.46 -32.50 81.08
N ILE A 567 -11.45 -33.22 80.60
CA ILE A 567 -11.39 -34.67 80.52
C ILE A 567 -10.90 -35.10 79.15
N SER A 568 -10.41 -36.34 79.07
CA SER A 568 -9.93 -36.97 77.87
C SER A 568 -10.15 -38.47 78.06
N PRO A 569 -10.55 -39.19 77.03
CA PRO A 569 -10.82 -40.63 77.19
C PRO A 569 -9.58 -41.43 77.56
N ARG A 570 -9.80 -42.48 78.35
CA ARG A 570 -8.74 -43.35 78.80
C ARG A 570 -8.85 -44.77 78.27
N SER A 571 -10.01 -45.18 77.78
CA SER A 571 -10.18 -46.52 77.27
C SER A 571 -9.74 -46.59 75.82
N LEU A 572 -9.53 -47.81 75.35
CA LEU A 572 -9.03 -48.00 74.00
C LEU A 572 -10.03 -47.46 72.98
N SER A 573 -11.27 -47.90 73.07
CA SER A 573 -12.26 -47.53 72.07
C SER A 573 -12.68 -46.08 72.20
N GLY A 574 -12.71 -45.56 73.41
CA GLY A 574 -12.92 -44.14 73.58
C GLY A 574 -11.83 -43.31 72.92
N ARG A 575 -10.58 -43.74 73.05
CA ARG A 575 -9.48 -43.06 72.39
C ARG A 575 -9.53 -43.26 70.88
N ILE A 576 -10.09 -44.37 70.42
CA ILE A 576 -10.27 -44.58 68.99
C ILE A 576 -11.20 -43.51 68.45
N VAL A 577 -12.34 -43.32 69.12
CA VAL A 577 -13.29 -42.31 68.68
C VAL A 577 -12.69 -40.92 68.80
N GLY A 578 -11.94 -40.67 69.87
CA GLY A 578 -11.31 -39.38 70.02
C GLY A 578 -10.33 -39.05 68.90
N GLY A 579 -9.45 -40.00 68.56
CA GLY A 579 -8.49 -39.75 67.52
C GLY A 579 -9.12 -39.60 66.15
N VAL A 580 -10.12 -40.41 65.85
CA VAL A 580 -10.79 -40.26 64.57
C VAL A 580 -11.46 -38.89 64.47
N TRP A 581 -12.11 -38.45 65.55
CA TRP A 581 -12.71 -37.13 65.58
C TRP A 581 -11.68 -36.02 65.45
N TRP A 582 -10.52 -36.20 66.09
CA TRP A 582 -9.43 -35.22 65.98
C TRP A 582 -8.92 -35.09 64.56
N PHE A 583 -8.74 -36.20 63.85
CA PHE A 583 -8.30 -36.13 62.47
C PHE A 583 -9.34 -35.42 61.64
N PHE A 584 -10.61 -35.75 61.86
CA PHE A 584 -11.69 -35.10 61.14
C PHE A 584 -11.62 -33.60 61.34
N THR A 585 -11.52 -33.15 62.58
CA THR A 585 -11.55 -31.72 62.82
C THR A 585 -10.32 -31.02 62.26
N LEU A 586 -9.16 -31.67 62.28
CA LEU A 586 -7.99 -31.08 61.66
C LEU A 586 -8.21 -30.84 60.17
N ILE A 587 -8.68 -31.85 59.46
CA ILE A 587 -8.91 -31.70 58.03
C ILE A 587 -9.96 -30.62 57.77
N ILE A 588 -11.06 -30.62 58.53
CA ILE A 588 -12.16 -29.69 58.28
C ILE A 588 -11.75 -28.24 58.54
N ILE A 589 -11.05 -28.00 59.65
CA ILE A 589 -10.65 -26.62 59.96
C ILE A 589 -9.62 -26.13 58.94
N SER A 590 -8.68 -26.99 58.57
CA SER A 590 -7.70 -26.59 57.57
C SER A 590 -8.38 -26.28 56.24
N SER A 591 -9.36 -27.09 55.86
CA SER A 591 -10.10 -26.85 54.62
C SER A 591 -10.83 -25.53 54.67
N TYR A 592 -11.47 -25.21 55.81
CA TYR A 592 -12.16 -23.95 55.93
C TYR A 592 -11.21 -22.77 55.74
N THR A 593 -10.09 -22.79 56.47
CA THR A 593 -9.13 -21.70 56.39
C THR A 593 -8.53 -21.56 55.00
N ALA A 594 -8.14 -22.68 54.38
CA ALA A 594 -7.52 -22.65 53.07
C ALA A 594 -8.49 -22.17 52.01
N ASN A 595 -9.73 -22.63 52.08
CA ASN A 595 -10.77 -22.19 51.11
C ASN A 595 -10.94 -20.68 51.24
N LEU A 596 -11.13 -20.19 52.47
CA LEU A 596 -11.34 -18.77 52.67
C LEU A 596 -10.17 -17.97 52.11
N ALA A 597 -8.96 -18.46 52.35
CA ALA A 597 -7.78 -17.80 51.81
C ALA A 597 -7.82 -17.77 50.29
N ALA A 598 -8.22 -18.88 49.68
CA ALA A 598 -8.29 -18.91 48.22
C ALA A 598 -9.33 -17.93 47.69
N PHE A 599 -10.49 -17.89 48.31
CA PHE A 599 -11.55 -16.98 47.89
C PHE A 599 -11.12 -15.53 48.01
N LEU A 600 -10.54 -15.18 49.16
CA LEU A 600 -10.11 -13.81 49.36
C LEU A 600 -9.03 -13.43 48.36
N THR A 601 -8.11 -14.35 48.09
CA THR A 601 -7.02 -14.08 47.17
C THR A 601 -7.51 -13.88 45.75
N VAL A 602 -8.45 -14.71 45.30
CA VAL A 602 -8.98 -14.53 43.96
C VAL A 602 -9.78 -13.25 43.86
N GLU A 603 -10.56 -12.96 44.91
CA GLU A 603 -11.33 -11.72 44.91
C GLU A 603 -10.39 -10.53 44.82
N ARG A 604 -9.20 -10.65 45.42
CA ARG A 604 -8.20 -9.60 45.38
C ARG A 604 -7.51 -9.47 44.02
N MET A 605 -7.74 -10.41 43.10
CA MET A 605 -7.15 -10.38 41.77
C MET A 605 -8.14 -9.92 40.72
N VAL A 606 -9.25 -9.31 41.14
CA VAL A 606 -10.38 -9.09 40.24
C VAL A 606 -9.97 -8.31 39.00
N SER A 607 -9.15 -7.29 39.17
CA SER A 607 -8.60 -6.51 38.05
C SER A 607 -9.69 -6.10 37.06
N PRO A 608 -10.57 -5.17 37.43
CA PRO A 608 -11.60 -4.72 36.49
C PRO A 608 -10.98 -4.02 35.29
N ILE A 609 -11.73 -4.03 34.19
CA ILE A 609 -11.23 -3.45 32.94
C ILE A 609 -10.89 -1.99 33.15
N GLU A 610 -9.66 -1.61 32.82
CA GLU A 610 -9.21 -0.23 32.94
C GLU A 610 -8.43 0.13 31.69
N SER A 611 -8.68 1.36 31.20
CA SER A 611 -8.16 1.88 29.94
C SER A 611 -8.80 1.16 28.76
N ALA A 612 -9.56 0.11 29.06
CA ALA A 612 -10.53 -0.49 28.15
C ALA A 612 -9.94 -0.98 26.83
N GLU A 613 -8.62 -0.88 26.68
CA GLU A 613 -8.00 -1.32 25.43
C GLU A 613 -7.96 -2.84 25.34
N ASP A 614 -8.07 -3.53 26.48
CA ASP A 614 -8.08 -4.97 26.49
C ASP A 614 -9.38 -5.55 25.94
N LEU A 615 -10.39 -4.72 25.69
CA LEU A 615 -11.61 -5.20 25.09
C LEU A 615 -11.34 -5.80 23.72
N SER A 616 -10.42 -5.20 22.98
CA SER A 616 -10.07 -5.71 21.66
C SER A 616 -9.41 -7.08 21.73
N LYS A 617 -8.79 -7.41 22.86
CA LYS A 617 -8.20 -8.73 23.08
C LYS A 617 -9.15 -9.70 23.77
N GLN A 618 -9.94 -9.20 24.71
CA GLN A 618 -10.77 -10.05 25.56
C GLN A 618 -12.14 -10.19 24.94
N THR A 619 -12.80 -11.34 25.17
CA THR A 619 -14.00 -11.66 24.42
C THR A 619 -15.22 -12.05 25.24
N GLU A 620 -15.15 -12.04 26.57
CA GLU A 620 -16.35 -12.35 27.34
C GLU A 620 -17.42 -11.28 27.19
N ILE A 621 -17.00 -10.03 26.96
CA ILE A 621 -17.93 -8.90 26.84
C ILE A 621 -18.07 -8.53 25.38
N ALA A 622 -19.32 -8.39 24.95
CA ALA A 622 -19.64 -7.94 23.60
C ALA A 622 -19.80 -6.42 23.60
N TYR A 623 -19.04 -5.73 22.77
CA TYR A 623 -19.04 -4.29 22.73
C TYR A 623 -19.66 -3.80 21.43
N GLY A 624 -20.53 -2.80 21.54
CA GLY A 624 -21.26 -2.27 20.40
C GLY A 624 -20.93 -0.83 20.06
N THR A 625 -21.72 -0.25 19.18
CA THR A 625 -21.53 1.11 18.67
C THR A 625 -22.79 1.52 17.94
N LEU A 626 -23.17 2.79 18.11
CA LEU A 626 -24.39 3.29 17.48
C LEU A 626 -24.33 3.14 15.96
N ASP A 627 -25.41 2.62 15.40
CA ASP A 627 -25.51 2.46 13.95
C ASP A 627 -25.67 3.81 13.26
N SER A 628 -25.02 3.96 12.10
CA SER A 628 -25.08 5.17 11.30
C SER A 628 -24.59 6.40 12.07
N GLY A 629 -23.72 6.20 13.05
CA GLY A 629 -23.17 7.30 13.82
C GLY A 629 -21.74 7.60 13.41
N SER A 630 -21.20 8.64 14.03
CA SER A 630 -19.81 9.01 13.75
C SER A 630 -18.83 7.97 14.26
N THR A 631 -19.16 7.33 15.38
CA THR A 631 -18.25 6.33 15.96
C THR A 631 -18.11 5.10 15.07
N LYS A 632 -19.21 4.67 14.44
CA LYS A 632 -19.12 3.58 13.48
C LYS A 632 -18.17 3.94 12.34
N GLU A 633 -18.28 5.17 11.82
CA GLU A 633 -17.38 5.60 10.76
C GLU A 633 -15.94 5.64 11.26
N PHE A 634 -15.73 6.07 12.51
CA PHE A 634 -14.39 6.13 13.06
C PHE A 634 -13.77 4.75 13.15
N PHE A 635 -14.55 3.76 13.60
CA PHE A 635 -14.01 2.40 13.69
C PHE A 635 -13.79 1.78 12.31
N ARG A 636 -14.67 2.07 11.35
CA ARG A 636 -14.48 1.51 10.02
C ARG A 636 -13.37 2.21 9.26
N ARG A 637 -13.00 3.42 9.66
CA ARG A 637 -12.04 4.23 8.92
C ARG A 637 -10.64 4.24 9.53
N SER A 638 -10.51 3.94 10.82
CA SER A 638 -9.22 3.93 11.45
C SER A 638 -8.40 2.72 10.99
N LYS A 639 -7.09 2.78 11.24
CA LYS A 639 -6.21 1.70 10.83
C LYS A 639 -5.32 1.19 11.97
N ILE A 640 -5.60 1.59 13.21
CA ILE A 640 -4.87 1.04 14.34
C ILE A 640 -5.34 -0.39 14.59
N ALA A 641 -4.40 -1.27 14.96
CA ALA A 641 -4.69 -2.69 15.00
C ALA A 641 -5.82 -3.00 15.98
N VAL A 642 -5.80 -2.37 17.15
CA VAL A 642 -6.86 -2.59 18.12
C VAL A 642 -8.19 -2.11 17.56
N PHE A 643 -8.20 -0.92 16.95
CA PHE A 643 -9.42 -0.42 16.33
C PHE A 643 -9.85 -1.30 15.16
N ASP A 644 -8.88 -1.77 14.37
CA ASP A 644 -9.21 -2.63 13.24
C ASP A 644 -9.86 -3.94 13.69
N LYS A 645 -9.32 -4.56 14.73
CA LYS A 645 -9.91 -5.83 15.17
C LYS A 645 -11.20 -5.61 15.95
N MET A 646 -11.36 -4.46 16.61
CA MET A 646 -12.67 -4.13 17.17
C MET A 646 -13.70 -3.97 16.07
N TRP A 647 -13.33 -3.30 14.98
CA TRP A 647 -14.23 -3.21 13.84
C TRP A 647 -14.54 -4.59 13.27
N THR A 648 -13.53 -5.47 13.23
CA THR A 648 -13.77 -6.83 12.78
C THR A 648 -14.76 -7.54 13.69
N TYR A 649 -14.63 -7.36 15.00
CA TYR A 649 -15.56 -7.98 15.94
C TYR A 649 -16.98 -7.46 15.73
N MET A 650 -17.13 -6.15 15.56
CA MET A 650 -18.46 -5.60 15.29
C MET A 650 -19.02 -6.13 13.98
N ARG A 651 -18.14 -6.32 12.99
CA ARG A 651 -18.59 -6.81 11.69
C ARG A 651 -19.05 -8.26 11.77
N SER A 652 -18.35 -9.09 12.53
CA SER A 652 -18.62 -10.51 12.59
C SER A 652 -19.57 -10.92 13.70
N ALA A 653 -19.88 -10.04 14.65
CA ALA A 653 -20.73 -10.43 15.77
C ALA A 653 -22.15 -10.69 15.30
N GLU A 654 -22.74 -11.78 15.80
CA GLU A 654 -24.12 -12.14 15.52
C GLU A 654 -24.71 -12.68 16.82
N PRO A 655 -25.83 -12.12 17.30
CA PRO A 655 -26.63 -11.01 16.73
C PRO A 655 -25.84 -9.71 16.70
N SER A 656 -26.22 -8.77 15.85
CA SER A 656 -25.41 -7.57 15.64
C SER A 656 -25.28 -6.78 16.94
N VAL A 657 -24.03 -6.39 17.24
CA VAL A 657 -23.76 -5.57 18.40
C VAL A 657 -24.14 -4.11 18.18
N PHE A 658 -24.31 -3.70 16.93
CA PHE A 658 -24.73 -2.34 16.64
C PHE A 658 -26.14 -2.10 17.13
N VAL A 659 -26.44 -0.83 17.43
CA VAL A 659 -27.69 -0.44 18.04
C VAL A 659 -28.24 0.74 17.26
N ARG A 660 -29.56 0.92 17.30
CA ARG A 660 -30.20 1.96 16.51
C ARG A 660 -30.19 3.31 17.20
N THR A 661 -30.47 3.35 18.50
CA THR A 661 -30.52 4.59 19.25
C THR A 661 -29.66 4.46 20.50
N THR A 662 -29.21 5.60 21.01
CA THR A 662 -28.38 5.60 22.21
C THR A 662 -29.13 5.10 23.43
N ALA A 663 -30.40 5.50 23.58
CA ALA A 663 -31.16 5.14 24.77
C ALA A 663 -31.35 3.63 24.86
N GLU A 664 -31.72 2.99 23.76
CA GLU A 664 -31.90 1.55 23.81
C GLU A 664 -30.58 0.82 23.91
N GLY A 665 -29.47 1.42 23.44
CA GLY A 665 -28.17 0.83 23.69
C GLY A 665 -27.79 0.85 25.15
N VAL A 666 -28.06 1.97 25.83
CA VAL A 666 -27.81 2.05 27.27
C VAL A 666 -28.70 1.06 28.01
N ALA A 667 -29.96 0.91 27.57
CA ALA A 667 -30.84 -0.08 28.17
C ALA A 667 -30.31 -1.49 27.97
N ARG A 668 -29.76 -1.77 26.77
CA ARG A 668 -29.13 -3.06 26.53
C ARG A 668 -27.97 -3.30 27.48
N VAL A 669 -27.12 -2.30 27.68
CA VAL A 669 -26.02 -2.45 28.63
C VAL A 669 -26.56 -2.73 30.03
N ARG A 670 -27.60 -2.02 30.44
CA ARG A 670 -28.13 -2.18 31.78
C ARG A 670 -28.75 -3.55 32.01
N LYS A 671 -29.49 -4.06 31.02
CA LYS A 671 -30.16 -5.34 31.22
C LYS A 671 -29.25 -6.52 30.92
N SER A 672 -28.38 -6.40 29.92
CA SER A 672 -27.42 -7.46 29.58
C SER A 672 -26.22 -7.29 30.52
N LYS A 673 -26.46 -7.63 31.78
CA LYS A 673 -25.54 -7.29 32.86
C LYS A 673 -24.19 -7.96 32.70
N GLY A 674 -23.13 -7.18 32.90
CA GLY A 674 -21.78 -7.70 32.99
C GLY A 674 -21.29 -8.44 31.77
N LYS A 675 -21.94 -8.23 30.61
CA LYS A 675 -21.52 -8.92 29.40
C LYS A 675 -21.58 -8.06 28.15
N TYR A 676 -22.17 -6.86 28.19
CA TYR A 676 -22.30 -5.99 27.04
C TYR A 676 -21.71 -4.63 27.35
N ALA A 677 -21.05 -4.03 26.36
CA ALA A 677 -20.49 -2.70 26.49
C ALA A 677 -20.92 -1.87 25.29
N TYR A 678 -20.98 -0.56 25.48
CA TYR A 678 -21.46 0.37 24.46
C TYR A 678 -20.44 1.47 24.26
N LEU A 679 -19.95 1.62 23.03
CA LEU A 679 -19.04 2.69 22.66
C LEU A 679 -19.86 3.92 22.32
N LEU A 680 -19.77 4.96 23.15
CA LEU A 680 -20.56 6.16 22.96
C LEU A 680 -19.72 7.37 23.30
N GLU A 681 -20.12 8.53 22.79
CA GLU A 681 -19.34 9.73 22.97
C GLU A 681 -19.37 10.18 24.43
N SER A 682 -18.36 10.95 24.80
CA SER A 682 -18.06 11.16 26.22
C SER A 682 -19.20 11.85 26.94
N THR A 683 -19.80 12.87 26.33
CA THR A 683 -20.78 13.68 27.03
C THR A 683 -22.02 12.87 27.40
N MET A 684 -22.51 12.03 26.47
CA MET A 684 -23.65 11.18 26.80
C MET A 684 -23.28 10.20 27.90
N ASN A 685 -22.07 9.65 27.86
CA ASN A 685 -21.62 8.74 28.90
C ASN A 685 -21.59 9.43 30.26
N GLU A 686 -21.10 10.67 30.30
CA GLU A 686 -21.04 11.40 31.57
C GLU A 686 -22.43 11.78 32.06
N TYR A 687 -23.37 11.97 31.14
CA TYR A 687 -24.73 12.27 31.58
C TYR A 687 -25.43 11.01 32.06
N ILE A 688 -25.24 9.88 31.38
CA ILE A 688 -25.97 8.67 31.71
C ILE A 688 -25.60 8.18 33.10
N GLU A 689 -24.31 8.20 33.42
CA GLU A 689 -23.85 7.67 34.70
C GLU A 689 -24.31 8.50 35.89
N GLN A 690 -24.85 9.70 35.67
CA GLN A 690 -25.32 10.56 36.74
C GLN A 690 -26.84 10.50 36.93
N ARG A 691 -27.52 9.57 36.27
CA ARG A 691 -28.97 9.49 36.38
C ARG A 691 -29.38 8.64 37.58
N LYS A 692 -30.69 8.52 37.77
CA LYS A 692 -31.22 7.79 38.93
C LYS A 692 -30.80 6.33 38.97
N PRO A 693 -30.89 5.54 37.89
CA PRO A 693 -30.43 4.14 37.99
C PRO A 693 -28.97 4.03 38.39
N CYS A 694 -28.07 4.73 37.71
CA CYS A 694 -26.68 4.88 38.13
C CYS A 694 -25.98 3.53 38.24
N ASP A 695 -26.45 2.55 37.47
CA ASP A 695 -25.87 1.21 37.48
C ASP A 695 -24.81 1.01 36.42
N THR A 696 -24.47 2.04 35.65
CA THR A 696 -23.41 1.99 34.67
C THR A 696 -22.42 3.12 34.95
N MET A 697 -21.19 2.95 34.49
CA MET A 697 -20.18 3.96 34.73
C MET A 697 -19.21 4.01 33.56
N LYS A 698 -18.46 5.10 33.49
CA LYS A 698 -17.47 5.30 32.46
C LYS A 698 -16.22 4.48 32.77
N VAL A 699 -15.65 3.86 31.75
CA VAL A 699 -14.43 3.09 31.88
C VAL A 699 -13.40 3.61 30.89
N GLY A 700 -12.17 3.77 31.34
CA GLY A 700 -11.10 4.20 30.47
C GLY A 700 -11.18 5.68 30.14
N GLY A 701 -10.15 6.15 29.47
CA GLY A 701 -10.13 7.53 29.02
C GLY A 701 -10.76 7.71 27.66
N ASN A 702 -10.86 8.98 27.25
CA ASN A 702 -11.42 9.28 25.94
C ASN A 702 -10.48 8.83 24.84
N LEU A 703 -11.05 8.23 23.80
CA LEU A 703 -10.24 7.66 22.73
C LEU A 703 -9.66 8.72 21.80
N ASP A 704 -10.35 9.84 21.61
CA ASP A 704 -9.86 10.86 20.68
C ASP A 704 -10.48 12.19 21.07
N SER A 705 -10.23 13.21 20.27
CA SER A 705 -10.82 14.53 20.44
C SER A 705 -11.79 14.78 19.31
N LYS A 706 -13.02 15.17 19.66
CA LYS A 706 -14.07 15.41 18.69
C LYS A 706 -14.84 16.65 19.12
N GLY A 707 -15.54 17.24 18.18
CA GLY A 707 -16.26 18.48 18.45
C GLY A 707 -17.65 18.42 17.86
N TYR A 708 -18.58 19.05 18.58
CA TYR A 708 -19.94 19.23 18.12
C TYR A 708 -20.08 20.63 17.54
N GLY A 709 -20.63 20.72 16.34
CA GLY A 709 -20.79 22.01 15.69
C GLY A 709 -22.18 22.16 15.12
N ILE A 710 -22.60 23.42 15.04
CA ILE A 710 -23.87 23.74 14.40
C ILE A 710 -23.71 23.60 12.89
N ALA A 711 -24.59 22.84 12.28
CA ALA A 711 -24.47 22.51 10.87
C ALA A 711 -25.43 23.33 10.03
N THR A 712 -24.99 23.70 8.83
CA THR A 712 -25.82 24.44 7.90
C THR A 712 -25.39 24.02 6.50
N PRO A 713 -26.32 23.89 5.55
CA PRO A 713 -25.96 23.41 4.22
C PRO A 713 -25.07 24.41 3.48
N LYS A 714 -24.28 23.87 2.56
CA LYS A 714 -23.34 24.70 1.81
C LYS A 714 -24.06 25.80 1.05
N GLY A 715 -23.53 27.03 1.15
CA GLY A 715 -24.13 28.15 0.47
C GLY A 715 -25.23 28.85 1.24
N SER A 716 -25.62 28.33 2.40
CA SER A 716 -26.65 28.99 3.19
C SER A 716 -26.09 30.25 3.85
N SER A 717 -26.92 31.29 3.90
CA SER A 717 -26.48 32.56 4.46
C SER A 717 -26.26 32.50 5.97
N LEU A 718 -26.81 31.49 6.64
CA LEU A 718 -26.72 31.40 8.08
C LEU A 718 -25.34 30.98 8.57
N GLY A 719 -24.46 30.52 7.68
CA GLY A 719 -23.17 29.98 8.08
C GLY A 719 -22.32 30.87 8.94
N THR A 720 -21.85 31.98 8.38
CA THR A 720 -20.95 32.87 9.10
C THR A 720 -21.61 33.61 10.26
N PRO A 721 -22.87 34.05 10.15
CA PRO A 721 -23.50 34.64 11.35
C PRO A 721 -23.59 33.66 12.52
N VAL A 722 -23.95 32.40 12.24
CA VAL A 722 -24.03 31.41 13.31
C VAL A 722 -22.64 31.09 13.84
N ASN A 723 -21.64 31.03 12.97
CA ASN A 723 -20.28 30.78 13.44
C ASN A 723 -19.80 31.88 14.36
N LEU A 724 -20.06 33.15 13.99
CA LEU A 724 -19.67 34.26 14.85
C LEU A 724 -20.45 34.23 16.16
N ALA A 725 -21.73 33.89 16.11
CA ALA A 725 -22.52 33.79 17.34
C ALA A 725 -21.98 32.71 18.25
N VAL A 726 -21.59 31.56 17.70
CA VAL A 726 -21.02 30.49 18.51
C VAL A 726 -19.71 30.94 19.14
N LEU A 727 -18.86 31.62 18.37
CA LEU A 727 -17.60 32.11 18.92
C LEU A 727 -17.84 33.11 20.04
N LYS A 728 -18.82 34.01 19.86
CA LYS A 728 -19.12 34.98 20.91
C LYS A 728 -19.67 34.30 22.16
N LEU A 729 -20.55 33.30 21.98
CA LEU A 729 -21.07 32.58 23.12
C LEU A 729 -19.97 31.83 23.87
N SER A 730 -19.01 31.27 23.13
CA SER A 730 -17.87 30.64 23.78
C SER A 730 -17.04 31.67 24.54
N GLU A 731 -16.87 32.86 23.97
CA GLU A 731 -16.14 33.93 24.64
C GLU A 731 -16.86 34.37 25.92
N GLN A 732 -18.19 34.47 25.88
CA GLN A 732 -18.96 34.87 27.05
C GLN A 732 -19.06 33.76 28.08
N GLY A 733 -18.65 32.54 27.76
CA GLY A 733 -18.82 31.43 28.66
C GLY A 733 -20.22 30.88 28.72
N VAL A 734 -21.09 31.25 27.76
CA VAL A 734 -22.47 30.79 27.79
C VAL A 734 -22.52 29.29 27.53
N LEU A 735 -21.66 28.79 26.64
CA LEU A 735 -21.64 27.35 26.37
C LEU A 735 -21.34 26.57 27.65
N ASP A 736 -20.36 27.03 28.43
CA ASP A 736 -20.08 26.38 29.70
C ASP A 736 -21.23 26.54 30.68
N LYS A 737 -21.97 27.66 30.60
CA LYS A 737 -23.14 27.83 31.46
C LYS A 737 -24.19 26.79 31.15
N LEU A 738 -24.48 26.57 29.87
CA LEU A 738 -25.43 25.52 29.51
C LEU A 738 -24.90 24.14 29.89
N LYS A 739 -23.60 23.91 29.69
CA LYS A 739 -23.04 22.59 30.01
C LYS A 739 -23.18 22.29 31.49
N ASN A 740 -22.87 23.24 32.35
CA ASN A 740 -22.95 22.96 33.78
C ASN A 740 -24.36 23.13 34.31
N LYS A 741 -25.27 23.71 33.54
CA LYS A 741 -26.68 23.69 33.92
C LYS A 741 -27.31 22.34 33.62
N TRP A 742 -26.90 21.68 32.54
CA TRP A 742 -27.52 20.43 32.12
C TRP A 742 -26.80 19.18 32.58
N TRP A 743 -25.48 19.22 32.72
CA TRP A 743 -24.72 18.05 33.14
C TRP A 743 -24.48 18.03 34.64
N TYR A 744 -23.79 19.04 35.17
CA TYR A 744 -23.33 18.99 36.54
C TYR A 744 -24.44 19.31 37.54
N ASP A 745 -25.29 20.29 37.23
CA ASP A 745 -26.38 20.64 38.14
C ASP A 745 -27.49 19.60 38.16
N LYS A 746 -27.51 18.69 37.20
CA LYS A 746 -28.51 17.63 37.15
C LYS A 746 -27.99 16.30 37.71
N GLY A 747 -26.75 16.24 38.18
CA GLY A 747 -26.23 15.01 38.75
C GLY A 747 -26.94 14.68 40.05
N GLU A 748 -27.36 13.42 40.19
CA GLU A 748 -28.14 13.01 41.35
C GLU A 748 -27.73 11.63 41.86
N CYS A 749 -26.47 11.23 41.64
CA CYS A 749 -25.97 9.97 42.18
C CYS A 749 -24.90 10.26 43.22
N GLY A 750 -25.01 9.62 44.38
CA GLY A 750 -24.06 9.78 45.45
C GLY A 750 -23.68 8.46 46.11
N ALA A 751 -23.65 7.38 45.34
CA ALA A 751 -23.41 6.05 45.88
C ALA A 751 -22.00 5.85 46.41
N LYS A 752 -21.08 6.78 46.14
CA LYS A 752 -19.71 6.64 46.60
C LYS A 752 -19.62 6.73 48.11
N ASP A 753 -18.71 5.95 48.69
CA ASP A 753 -18.43 5.99 50.12
C ASP A 753 -17.57 7.20 50.46
N SER A 754 -17.68 7.65 51.71
CA SER A 754 -16.95 8.81 52.18
C SER A 754 -16.57 8.61 53.64
N GLY A 755 -15.59 9.41 54.08
CA GLY A 755 -15.12 9.32 55.45
C GLY A 755 -14.15 8.18 55.67
N SER A 756 -14.62 7.13 56.35
CA SER A 756 -13.80 5.96 56.62
C SER A 756 -13.55 5.17 55.34
N LYS A 757 -12.50 4.35 55.38
CA LYS A 757 -12.05 3.55 54.23
C LYS A 757 -11.86 2.09 54.65
N GLU A 758 -12.88 1.51 55.29
CA GLU A 758 -12.74 0.18 55.88
C GLU A 758 -12.49 -0.91 54.84
N LYS A 759 -13.05 -0.76 53.63
CA LYS A 759 -13.11 -1.84 52.66
C LYS A 759 -11.87 -2.00 51.79
N THR A 760 -10.83 -1.19 51.99
CA THR A 760 -9.70 -1.20 51.05
C THR A 760 -9.08 -2.58 50.95
N SER A 761 -8.50 -3.06 52.04
CA SER A 761 -7.85 -4.36 52.07
C SER A 761 -8.19 -5.19 53.29
N ALA A 762 -8.67 -4.57 54.37
CA ALA A 762 -8.98 -5.25 55.60
C ALA A 762 -10.39 -5.81 55.52
N LEU A 763 -10.63 -6.87 56.27
CA LEU A 763 -11.98 -7.42 56.35
C LEU A 763 -12.89 -6.44 57.07
N SER A 764 -14.02 -6.12 56.45
CA SER A 764 -15.00 -5.23 57.06
C SER A 764 -15.76 -5.98 58.15
N LEU A 765 -16.42 -5.21 59.00
CA LEU A 765 -17.22 -5.83 60.05
C LEU A 765 -18.36 -6.63 59.46
N SER A 766 -18.84 -6.24 58.29
CA SER A 766 -19.92 -6.95 57.64
C SER A 766 -19.54 -8.36 57.24
N ASN A 767 -18.25 -8.65 57.11
CA ASN A 767 -17.87 -9.96 56.64
C ASN A 767 -17.88 -10.99 57.74
N VAL A 768 -17.81 -10.54 58.99
CA VAL A 768 -17.87 -11.42 60.15
C VAL A 768 -18.98 -10.95 61.07
N ALA A 769 -19.89 -10.14 60.56
CA ALA A 769 -20.94 -9.56 61.39
C ALA A 769 -21.86 -10.63 61.96
N GLY A 770 -22.17 -11.66 61.17
CA GLY A 770 -23.07 -12.70 61.62
C GLY A 770 -22.56 -13.48 62.81
N VAL A 771 -21.24 -13.63 62.90
CA VAL A 771 -20.65 -14.30 64.05
C VAL A 771 -20.93 -13.52 65.32
N PHE A 772 -20.85 -12.20 65.27
CA PHE A 772 -21.18 -11.38 66.41
C PHE A 772 -22.63 -11.55 66.81
N TYR A 773 -23.52 -11.62 65.82
CA TYR A 773 -24.93 -11.82 66.10
C TYR A 773 -25.17 -13.14 66.80
N ILE A 774 -24.52 -14.20 66.32
CA ILE A 774 -24.67 -15.51 66.94
C ILE A 774 -24.08 -15.50 68.34
N LEU A 775 -22.99 -14.77 68.55
CA LEU A 775 -22.39 -14.68 69.88
C LEU A 775 -23.34 -14.03 70.87
N VAL A 776 -23.95 -12.92 70.48
CA VAL A 776 -24.86 -12.24 71.39
C VAL A 776 -26.12 -13.06 71.63
N GLY A 777 -26.62 -13.73 70.59
CA GLY A 777 -27.76 -14.60 70.78
C GLY A 777 -27.45 -15.75 71.71
N GLY A 778 -26.25 -16.30 71.62
CA GLY A 778 -25.84 -17.34 72.54
C GLY A 778 -25.73 -16.84 73.96
N LEU A 779 -25.21 -15.63 74.14
CA LEU A 779 -25.14 -15.05 75.48
C LEU A 779 -26.54 -14.87 76.07
N GLY A 780 -27.48 -14.38 75.27
CA GLY A 780 -28.84 -14.22 75.75
C GLY A 780 -29.49 -15.55 76.08
N LEU A 781 -29.28 -16.54 75.23
CA LEU A 781 -29.82 -17.87 75.48
C LEU A 781 -29.23 -18.47 76.74
N ALA A 782 -27.93 -18.26 76.96
CA ALA A 782 -27.29 -18.78 78.15
C ALA A 782 -27.84 -18.14 79.41
N MET A 783 -28.04 -16.83 79.38
CA MET A 783 -28.66 -16.19 80.53
C MET A 783 -30.07 -16.72 80.77
N LEU A 784 -30.83 -16.94 79.71
CA LEU A 784 -32.16 -17.49 79.88
C LEU A 784 -32.13 -18.88 80.51
N VAL A 785 -31.20 -19.71 80.06
CA VAL A 785 -31.07 -21.06 80.60
C VAL A 785 -30.73 -20.98 82.08
N ALA A 786 -29.79 -20.11 82.44
CA ALA A 786 -29.43 -19.96 83.84
C ALA A 786 -30.62 -19.49 84.67
N LEU A 787 -31.39 -18.55 84.15
CA LEU A 787 -32.56 -18.05 84.88
C LEU A 787 -33.60 -19.14 85.07
N ILE A 788 -33.84 -19.96 84.05
CA ILE A 788 -34.85 -20.99 84.22
C ILE A 788 -34.36 -22.04 85.22
N GLU A 789 -33.06 -22.35 85.20
CA GLU A 789 -32.55 -23.28 86.20
C GLU A 789 -32.68 -22.72 87.62
N PHE A 790 -32.35 -21.44 87.80
CA PHE A 790 -32.51 -20.84 89.13
C PHE A 790 -33.96 -20.80 89.57
N CYS A 791 -34.88 -20.45 88.67
CA CYS A 791 -36.29 -20.36 89.03
C CYS A 791 -36.92 -21.73 89.24
N TYR A 792 -36.35 -22.79 88.65
CA TYR A 792 -36.83 -24.11 89.00
C TYR A 792 -36.34 -24.51 90.36
N LYS A 793 -35.06 -24.25 90.64
CA LYS A 793 -34.46 -24.72 91.87
C LYS A 793 -34.86 -23.88 93.06
N SER A 794 -35.34 -22.66 92.84
CA SER A 794 -35.69 -21.73 93.90
C SER A 794 -37.09 -21.93 94.43
N ARG A 795 -37.96 -22.55 93.65
CA ARG A 795 -39.30 -22.88 94.09
C ARG A 795 -39.44 -24.35 94.45
N ALA A 796 -38.57 -25.20 93.91
CA ALA A 796 -38.55 -26.61 94.22
C ALA A 796 -37.46 -26.90 95.25
N GLU A 797 -23.42 12.18 17.97
CA GLU A 797 -22.60 11.42 17.04
C GLU A 797 -22.98 11.76 15.60
N ASN B 1 -39.73 5.92 -72.65
CA ASN B 1 -39.17 7.24 -72.36
C ASN B 1 -38.20 7.19 -71.18
N SER B 2 -37.08 7.89 -71.31
CA SER B 2 -36.06 7.91 -70.27
C SER B 2 -36.58 8.61 -69.01
N ILE B 3 -36.18 8.10 -67.86
CA ILE B 3 -36.56 8.71 -66.59
C ILE B 3 -35.58 9.83 -66.26
N GLN B 4 -36.12 11.04 -66.11
CA GLN B 4 -35.30 12.22 -65.80
C GLN B 4 -35.21 12.37 -64.29
N ILE B 5 -33.99 12.23 -63.75
CA ILE B 5 -33.74 12.37 -62.33
C ILE B 5 -32.86 13.59 -62.09
N GLY B 6 -32.87 14.06 -60.84
CA GLY B 6 -32.13 15.24 -60.46
C GLY B 6 -31.00 14.89 -59.48
N GLY B 7 -29.90 15.63 -59.60
CA GLY B 7 -28.76 15.47 -58.71
C GLY B 7 -28.41 16.72 -57.94
N LEU B 8 -28.29 16.62 -56.62
CA LEU B 8 -27.95 17.76 -55.77
C LEU B 8 -26.68 17.43 -55.02
N PHE B 9 -25.56 17.65 -55.65
CA PHE B 9 -24.35 17.24 -54.96
C PHE B 9 -23.70 18.44 -54.28
N PRO B 10 -23.07 18.23 -53.13
CA PRO B 10 -22.32 19.32 -52.49
C PRO B 10 -21.01 19.60 -53.19
N ARG B 11 -20.53 20.83 -53.02
CA ARG B 11 -19.31 21.25 -53.69
C ARG B 11 -18.13 20.50 -53.11
N GLY B 12 -17.27 19.99 -53.99
CA GLY B 12 -16.11 19.24 -53.59
C GLY B 12 -16.34 17.77 -53.34
N ALA B 13 -17.56 17.28 -53.58
CA ALA B 13 -17.87 15.85 -53.41
C ALA B 13 -17.55 15.09 -54.69
N ASP B 14 -16.27 15.10 -55.05
CA ASP B 14 -15.83 14.46 -56.28
C ASP B 14 -16.02 12.95 -56.22
N GLN B 15 -15.68 12.32 -55.09
CA GLN B 15 -15.83 10.87 -54.99
C GLN B 15 -17.28 10.46 -55.09
N GLU B 16 -18.19 11.23 -54.50
CA GLU B 16 -19.61 10.90 -54.57
C GLU B 16 -20.10 10.92 -56.01
N TYR B 17 -19.71 11.93 -56.78
CA TYR B 17 -20.13 12.00 -58.17
C TYR B 17 -19.49 10.89 -59.00
N SER B 18 -18.23 10.55 -58.71
CA SER B 18 -17.59 9.44 -59.41
C SER B 18 -18.33 8.12 -59.15
N ALA B 19 -18.70 7.88 -57.89
CA ALA B 19 -19.48 6.68 -57.57
C ALA B 19 -20.86 6.73 -58.23
N PHE B 20 -21.45 7.92 -58.32
CA PHE B 20 -22.73 8.06 -59.01
C PHE B 20 -22.62 7.66 -60.47
N ARG B 21 -21.56 8.12 -61.14
CA ARG B 21 -21.38 7.77 -62.55
C ARG B 21 -21.04 6.29 -62.71
N VAL B 22 -20.28 5.74 -61.76
CA VAL B 22 -19.99 4.31 -61.79
C VAL B 22 -21.26 3.50 -61.67
N GLY B 23 -22.15 3.89 -60.75
CA GLY B 23 -23.43 3.21 -60.63
C GLY B 23 -24.29 3.35 -61.86
N MET B 24 -24.27 4.53 -62.49
CA MET B 24 -25.01 4.73 -63.73
C MET B 24 -24.51 3.79 -64.82
N VAL B 25 -23.18 3.65 -64.93
CA VAL B 25 -22.62 2.73 -65.92
C VAL B 25 -23.00 1.29 -65.58
N GLN B 26 -22.91 0.91 -64.30
CA GLN B 26 -23.07 -0.48 -63.93
C GLN B 26 -24.52 -0.93 -64.07
N PHE B 27 -25.47 -0.13 -63.57
CA PHE B 27 -26.86 -0.54 -63.52
C PHE B 27 -27.65 -0.11 -64.75
N SER B 28 -26.99 0.40 -65.78
CA SER B 28 -27.66 0.66 -67.04
C SER B 28 -28.08 -0.66 -67.69
N THR B 29 -29.28 -0.66 -68.28
CA THR B 29 -29.82 -1.84 -68.91
C THR B 29 -30.28 -1.52 -70.33
N SER B 30 -30.55 -2.58 -71.10
CA SER B 30 -30.88 -2.42 -72.50
C SER B 30 -32.19 -1.65 -72.69
N GLU B 31 -33.19 -1.92 -71.86
CA GLU B 31 -34.50 -1.30 -72.05
C GLU B 31 -34.47 0.19 -71.77
N PHE B 32 -33.66 0.66 -70.83
CA PHE B 32 -33.61 2.08 -70.51
C PHE B 32 -32.43 2.35 -69.59
N ARG B 33 -32.22 3.64 -69.33
CA ARG B 33 -31.20 4.11 -68.40
C ARG B 33 -31.61 5.48 -67.88
N LEU B 34 -31.27 5.75 -66.63
CA LEU B 34 -31.59 7.04 -66.02
C LEU B 34 -30.69 8.15 -66.57
N THR B 35 -31.27 9.32 -66.77
CA THR B 35 -30.55 10.49 -67.28
C THR B 35 -30.54 11.57 -66.20
N PRO B 36 -29.46 11.72 -65.45
CA PRO B 36 -29.43 12.74 -64.40
C PRO B 36 -28.93 14.09 -64.90
N HIS B 37 -29.58 15.14 -64.42
CA HIS B 37 -29.07 16.50 -64.60
C HIS B 37 -28.70 17.03 -63.21
N ILE B 38 -27.43 17.37 -63.04
CA ILE B 38 -26.92 17.68 -61.71
C ILE B 38 -26.54 19.15 -61.63
N ASP B 39 -26.63 19.69 -60.43
CA ASP B 39 -26.11 21.00 -60.09
C ASP B 39 -25.28 20.85 -58.83
N ASN B 40 -24.19 21.61 -58.73
CA ASN B 40 -23.35 21.60 -57.55
C ASN B 40 -23.66 22.84 -56.73
N LEU B 41 -24.03 22.64 -55.47
CA LEU B 41 -24.53 23.69 -54.62
C LEU B 41 -23.79 23.70 -53.29
N GLU B 42 -23.82 24.85 -52.63
CA GLU B 42 -23.45 24.93 -51.22
C GLU B 42 -24.65 24.49 -50.41
N VAL B 43 -24.68 23.22 -50.01
CA VAL B 43 -25.85 22.63 -49.37
C VAL B 43 -26.16 23.30 -48.05
N ALA B 44 -25.22 24.06 -47.49
CA ALA B 44 -25.48 24.81 -46.27
C ALA B 44 -26.28 26.08 -46.53
N ASN B 45 -26.49 26.45 -47.79
CA ASN B 45 -27.24 27.65 -48.14
C ASN B 45 -28.62 27.19 -48.60
N SER B 46 -29.65 27.55 -47.83
CA SER B 46 -30.99 27.11 -48.17
C SER B 46 -31.52 27.79 -49.42
N PHE B 47 -31.10 29.03 -49.68
CA PHE B 47 -31.59 29.72 -50.86
C PHE B 47 -31.10 29.07 -52.14
N ALA B 48 -29.81 28.71 -52.19
CA ALA B 48 -29.27 28.01 -53.34
C ALA B 48 -29.92 26.63 -53.49
N VAL B 49 -30.15 25.95 -52.37
CA VAL B 49 -30.78 24.63 -52.41
C VAL B 49 -32.18 24.75 -52.99
N THR B 50 -32.94 25.76 -52.57
CA THR B 50 -34.29 25.95 -53.11
C THR B 50 -34.24 26.31 -54.59
N ASN B 51 -33.30 27.17 -55.00
CA ASN B 51 -33.17 27.49 -56.41
C ASN B 51 -32.92 26.24 -57.23
N ALA B 52 -31.99 25.40 -56.78
CA ALA B 52 -31.69 24.17 -57.50
C ALA B 52 -32.89 23.24 -57.52
N PHE B 53 -33.58 23.12 -56.39
CA PHE B 53 -34.73 22.24 -56.29
C PHE B 53 -35.82 22.66 -57.27
N CYS B 54 -36.09 23.95 -57.36
CA CYS B 54 -37.11 24.41 -58.29
C CYS B 54 -36.65 24.36 -59.73
N SER B 55 -35.34 24.53 -59.97
CA SER B 55 -34.82 24.38 -61.33
C SER B 55 -35.00 22.94 -61.82
N GLN B 56 -34.74 21.97 -60.95
CA GLN B 56 -34.94 20.57 -61.33
C GLN B 56 -36.41 20.22 -61.40
N PHE B 57 -37.22 20.77 -60.50
CA PHE B 57 -38.65 20.47 -60.51
C PHE B 57 -39.30 20.98 -61.79
N SER B 58 -38.94 22.20 -62.22
CA SER B 58 -39.44 22.73 -63.47
C SER B 58 -38.85 21.99 -64.67
N ARG B 59 -37.73 21.30 -64.50
CA ARG B 59 -37.09 20.57 -65.58
C ARG B 59 -37.81 19.25 -65.90
N GLY B 60 -38.76 18.84 -65.09
CA GLY B 60 -39.42 17.57 -65.29
C GLY B 60 -38.79 16.40 -64.58
N VAL B 61 -38.13 16.63 -63.46
CA VAL B 61 -37.47 15.56 -62.72
C VAL B 61 -38.51 14.74 -61.97
N TYR B 62 -38.38 13.42 -62.03
CA TYR B 62 -39.34 12.54 -61.36
C TYR B 62 -38.91 12.18 -59.95
N ALA B 63 -37.61 12.16 -59.66
CA ALA B 63 -37.12 11.91 -58.32
C ALA B 63 -35.76 12.58 -58.18
N ILE B 64 -35.51 13.16 -57.02
CA ILE B 64 -34.32 13.96 -56.79
C ILE B 64 -33.41 13.22 -55.82
N PHE B 65 -32.23 12.84 -56.30
CA PHE B 65 -31.14 12.40 -55.45
C PHE B 65 -30.27 13.57 -55.08
N GLY B 66 -29.70 13.54 -53.88
CA GLY B 66 -28.82 14.59 -53.46
C GLY B 66 -28.49 14.49 -51.98
N PHE B 67 -27.82 15.54 -51.50
CA PHE B 67 -27.40 15.66 -50.11
C PHE B 67 -28.07 16.87 -49.48
N TYR B 68 -28.10 16.89 -48.16
CA TYR B 68 -28.51 18.08 -47.41
C TYR B 68 -27.67 18.19 -46.15
N ASP B 69 -27.88 19.28 -45.42
CA ASP B 69 -27.12 19.61 -44.22
C ASP B 69 -28.10 19.99 -43.12
N LYS B 70 -27.55 20.28 -41.93
CA LYS B 70 -28.38 20.74 -40.83
C LYS B 70 -29.13 22.02 -41.18
N LYS B 71 -28.55 22.85 -42.04
CA LYS B 71 -29.19 24.09 -42.45
C LYS B 71 -30.13 23.92 -43.63
N SER B 72 -30.19 22.74 -44.25
CA SER B 72 -31.04 22.54 -45.40
C SER B 72 -31.87 21.27 -45.33
N VAL B 73 -31.86 20.56 -44.20
CA VAL B 73 -32.73 19.39 -44.10
C VAL B 73 -34.19 19.81 -44.08
N ASN B 74 -34.49 20.93 -43.43
CA ASN B 74 -35.88 21.35 -43.25
C ASN B 74 -36.49 21.82 -44.56
N THR B 75 -35.75 22.63 -45.34
CA THR B 75 -36.29 23.09 -46.62
C THR B 75 -36.49 21.92 -47.58
N ILE B 76 -35.54 20.99 -47.62
CA ILE B 76 -35.69 19.82 -48.48
C ILE B 76 -36.90 19.02 -48.07
N THR B 77 -37.04 18.76 -46.76
CA THR B 77 -38.17 17.98 -46.27
C THR B 77 -39.49 18.66 -46.60
N SER B 78 -39.58 19.96 -46.35
CA SER B 78 -40.82 20.68 -46.57
C SER B 78 -41.21 20.71 -48.04
N PHE B 79 -40.25 21.02 -48.92
CA PHE B 79 -40.55 21.05 -50.34
C PHE B 79 -40.94 19.66 -50.85
N CYS B 80 -40.23 18.62 -50.42
CA CYS B 80 -40.56 17.27 -50.86
C CYS B 80 -41.94 16.85 -50.38
N GLY B 81 -42.27 17.15 -49.13
CA GLY B 81 -43.56 16.77 -48.59
C GLY B 81 -44.71 17.59 -49.13
N THR B 82 -44.44 18.80 -49.60
CA THR B 82 -45.50 19.63 -50.15
C THR B 82 -45.74 19.36 -51.63
N LEU B 83 -44.69 19.15 -52.40
CA LEU B 83 -44.83 18.90 -53.83
C LEU B 83 -44.86 17.41 -54.16
N HIS B 84 -44.85 16.53 -53.15
CA HIS B 84 -44.91 15.08 -53.37
C HIS B 84 -43.78 14.60 -54.29
N VAL B 85 -42.59 15.17 -54.10
CA VAL B 85 -41.41 14.81 -54.87
C VAL B 85 -40.48 13.99 -53.98
N SER B 86 -40.14 12.79 -54.43
CA SER B 86 -39.32 11.89 -53.62
C SER B 86 -37.88 12.37 -53.55
N PHE B 87 -37.25 12.18 -52.40
CA PHE B 87 -35.87 12.56 -52.18
C PHE B 87 -35.10 11.36 -51.64
N ILE B 88 -34.14 10.86 -52.40
CA ILE B 88 -33.29 9.76 -51.98
C ILE B 88 -31.95 10.35 -51.57
N THR B 89 -31.54 10.14 -50.33
CA THR B 89 -30.32 10.75 -49.84
C THR B 89 -29.50 9.78 -49.00
N PRO B 90 -28.17 9.90 -49.05
CA PRO B 90 -27.31 9.19 -48.11
C PRO B 90 -26.90 10.01 -46.89
N SER B 91 -27.41 11.22 -46.75
CA SER B 91 -27.01 12.09 -45.65
C SER B 91 -27.66 11.60 -44.35
N PHE B 92 -27.49 12.37 -43.28
CA PHE B 92 -27.97 11.95 -41.98
C PHE B 92 -29.49 11.85 -41.97
N PRO B 93 -30.05 10.87 -41.29
CA PRO B 93 -31.51 10.73 -41.27
C PRO B 93 -32.19 11.88 -40.56
N THR B 94 -33.40 12.20 -41.03
CA THR B 94 -34.22 13.22 -40.41
C THR B 94 -34.65 12.77 -39.03
N ASP B 95 -34.77 13.73 -38.11
CA ASP B 95 -35.16 13.41 -36.75
C ASP B 95 -36.58 12.85 -36.70
N GLY B 96 -37.50 13.44 -37.48
CA GLY B 96 -38.87 12.99 -37.50
C GLY B 96 -39.16 12.01 -38.62
N THR B 97 -40.40 11.56 -38.66
CA THR B 97 -40.89 10.62 -39.69
C THR B 97 -41.38 11.43 -40.89
N HIS B 98 -40.42 11.85 -41.72
CA HIS B 98 -40.71 12.77 -42.81
C HIS B 98 -41.04 12.00 -44.08
N PRO B 99 -42.20 12.22 -44.68
CA PRO B 99 -42.57 11.47 -45.90
C PRO B 99 -41.73 11.88 -47.09
N PHE B 100 -41.72 11.00 -48.10
CA PHE B 100 -41.11 11.24 -49.41
C PHE B 100 -39.60 11.41 -49.33
N VAL B 101 -38.99 10.99 -48.23
CA VAL B 101 -37.54 11.03 -48.06
C VAL B 101 -37.06 9.61 -47.89
N ILE B 102 -36.27 9.13 -48.85
CA ILE B 102 -35.67 7.80 -48.78
C ILE B 102 -34.30 8.00 -48.16
N GLN B 103 -34.10 7.42 -46.97
CA GLN B 103 -32.89 7.62 -46.19
C GLN B 103 -32.01 6.39 -46.27
N MET B 104 -30.86 6.51 -46.93
CA MET B 104 -29.94 5.41 -47.10
C MET B 104 -28.96 5.25 -45.95
N ARG B 105 -28.89 6.19 -45.03
CA ARG B 105 -27.94 6.07 -43.92
C ARG B 105 -28.62 5.41 -42.74
N PRO B 106 -28.14 4.28 -42.25
CA PRO B 106 -28.76 3.64 -41.09
C PRO B 106 -28.59 4.47 -39.83
N ASP B 107 -29.50 4.24 -38.89
CA ASP B 107 -29.44 4.92 -37.62
C ASP B 107 -28.26 4.40 -36.80
N LEU B 108 -27.45 5.31 -36.27
CA LEU B 108 -26.26 4.93 -35.53
C LEU B 108 -26.45 4.98 -34.02
N LYS B 109 -27.49 5.68 -33.54
CA LYS B 109 -27.62 5.91 -32.10
C LYS B 109 -27.73 4.61 -31.33
N GLY B 110 -28.55 3.67 -31.83
CA GLY B 110 -28.68 2.40 -31.15
C GLY B 110 -27.39 1.62 -31.10
N ALA B 111 -26.66 1.60 -32.22
CA ALA B 111 -25.38 0.89 -32.26
C ALA B 111 -24.39 1.52 -31.32
N LEU B 112 -24.35 2.85 -31.26
CA LEU B 112 -23.43 3.53 -30.36
C LEU B 112 -23.74 3.23 -28.90
N LEU B 113 -25.03 3.26 -28.54
CA LEU B 113 -25.41 2.95 -27.17
C LEU B 113 -25.10 1.51 -26.81
N SER B 114 -25.35 0.58 -27.74
CA SER B 114 -25.03 -0.83 -27.48
C SER B 114 -23.53 -1.04 -27.31
N LEU B 115 -22.72 -0.34 -28.11
CA LEU B 115 -21.27 -0.46 -27.97
C LEU B 115 -20.80 0.14 -26.65
N ILE B 116 -21.37 1.26 -26.23
CA ILE B 116 -21.01 1.83 -24.93
C ILE B 116 -21.38 0.87 -23.81
N GLU B 117 -22.56 0.25 -23.90
CA GLU B 117 -22.96 -0.74 -22.90
C GLU B 117 -22.03 -1.94 -22.91
N TYR B 118 -21.53 -2.32 -24.07
CA TYR B 118 -20.67 -3.50 -24.18
C TYR B 118 -19.38 -3.30 -23.40
N TYR B 119 -18.80 -2.12 -23.46
CA TYR B 119 -17.60 -1.81 -22.70
C TYR B 119 -17.89 -1.40 -21.27
N GLN B 120 -19.16 -1.39 -20.87
CA GLN B 120 -19.58 -1.07 -19.50
C GLN B 120 -19.10 0.32 -19.08
N TRP B 121 -19.32 1.28 -19.97
CA TRP B 121 -18.93 2.66 -19.70
C TRP B 121 -19.98 3.36 -18.85
N ASP B 122 -19.52 4.11 -17.86
CA ASP B 122 -20.37 4.99 -17.07
C ASP B 122 -19.94 6.45 -17.17
N LYS B 123 -18.65 6.72 -17.06
CA LYS B 123 -18.11 8.06 -17.21
C LYS B 123 -17.39 8.16 -18.54
N PHE B 124 -17.81 9.11 -19.37
CA PHE B 124 -17.11 9.34 -20.63
C PHE B 124 -17.43 10.73 -21.14
N ALA B 125 -16.56 11.21 -22.02
CA ALA B 125 -16.78 12.44 -22.74
C ALA B 125 -17.44 12.16 -24.07
N TYR B 126 -18.17 13.14 -24.58
CA TYR B 126 -18.87 13.02 -25.84
C TYR B 126 -18.56 14.28 -26.65
N LEU B 127 -17.56 14.18 -27.52
CA LEU B 127 -17.20 15.28 -28.40
C LEU B 127 -18.04 15.15 -29.66
N TYR B 128 -18.80 16.18 -29.97
CA TYR B 128 -19.76 16.13 -31.05
C TYR B 128 -19.59 17.35 -31.95
N ASP B 129 -19.91 17.16 -33.22
CA ASP B 129 -19.99 18.24 -34.20
C ASP B 129 -21.43 18.33 -34.65
N SER B 130 -21.99 19.54 -34.65
CA SER B 130 -23.41 19.70 -34.88
C SER B 130 -23.79 19.69 -36.35
N ASP B 131 -22.84 19.47 -37.25
CA ASP B 131 -23.14 19.52 -38.69
C ASP B 131 -24.13 18.44 -39.12
N ARG B 132 -24.21 17.32 -38.40
CA ARG B 132 -25.15 16.27 -38.73
C ARG B 132 -26.32 16.20 -37.75
N GLY B 133 -26.61 17.29 -37.06
CA GLY B 133 -27.67 17.31 -36.09
C GLY B 133 -27.21 16.81 -34.73
N LEU B 134 -28.01 17.12 -33.71
CA LEU B 134 -27.72 16.71 -32.35
C LEU B 134 -28.57 15.54 -31.91
N SER B 135 -29.05 14.73 -32.85
CA SER B 135 -29.90 13.60 -32.48
C SER B 135 -29.14 12.61 -31.62
N THR B 136 -27.89 12.31 -31.98
CA THR B 136 -27.12 11.35 -31.20
C THR B 136 -26.76 11.92 -29.84
N LEU B 137 -26.51 13.22 -29.76
CA LEU B 137 -26.26 13.84 -28.46
C LEU B 137 -27.49 13.74 -27.57
N GLN B 138 -28.67 14.01 -28.13
CA GLN B 138 -29.90 13.84 -27.36
C GLN B 138 -30.08 12.40 -26.92
N ALA B 139 -29.77 11.45 -27.80
CA ALA B 139 -29.92 10.04 -27.43
C ALA B 139 -28.98 9.67 -26.30
N VAL B 140 -27.73 10.11 -26.35
CA VAL B 140 -26.79 9.74 -25.30
C VAL B 140 -27.14 10.44 -23.99
N LEU B 141 -27.62 11.68 -24.04
CA LEU B 141 -28.06 12.34 -22.82
C LEU B 141 -29.28 11.64 -22.21
N ASP B 142 -30.24 11.25 -23.04
CA ASP B 142 -31.42 10.56 -22.51
C ASP B 142 -31.04 9.21 -21.92
N SER B 143 -30.17 8.47 -22.61
CA SER B 143 -29.74 7.18 -22.10
C SER B 143 -28.81 7.31 -20.89
N ALA B 144 -28.15 8.46 -20.74
CA ALA B 144 -27.36 8.70 -19.54
C ALA B 144 -28.26 8.98 -18.35
N ALA B 145 -29.33 9.75 -18.57
CA ALA B 145 -30.31 9.94 -17.52
C ALA B 145 -30.96 8.63 -17.12
N GLU B 146 -31.25 7.78 -18.11
CA GLU B 146 -31.91 6.51 -17.84
C GLU B 146 -30.97 5.52 -17.15
N LYS B 147 -29.71 5.45 -17.60
CA LYS B 147 -28.77 4.43 -17.17
C LYS B 147 -27.72 4.95 -16.20
N LYS B 148 -27.85 6.19 -15.74
CA LYS B 148 -26.93 6.77 -14.75
C LYS B 148 -25.49 6.83 -15.28
N TRP B 149 -25.32 7.45 -16.44
CA TRP B 149 -23.99 7.76 -16.95
C TRP B 149 -23.60 9.18 -16.57
N GLN B 150 -22.31 9.48 -16.71
CA GLN B 150 -21.79 10.83 -16.52
C GLN B 150 -21.13 11.23 -17.83
N VAL B 151 -21.80 12.08 -18.60
CA VAL B 151 -21.37 12.45 -19.95
C VAL B 151 -20.97 13.90 -19.95
N THR B 152 -19.76 14.18 -20.43
CA THR B 152 -19.27 15.54 -20.59
C THR B 152 -19.34 15.87 -22.08
N ALA B 153 -20.43 16.50 -22.49
CA ALA B 153 -20.63 16.81 -23.90
C ALA B 153 -19.93 18.11 -24.24
N ILE B 154 -19.07 18.07 -25.26
CA ILE B 154 -18.32 19.24 -25.70
C ILE B 154 -18.51 19.41 -27.19
N ASN B 155 -18.86 20.63 -27.60
CA ASN B 155 -19.08 20.97 -28.99
C ASN B 155 -17.79 21.48 -29.60
N VAL B 156 -17.29 20.76 -30.62
CA VAL B 156 -16.05 21.13 -31.28
C VAL B 156 -16.29 21.77 -32.64
N GLY B 157 -17.53 21.83 -33.11
CA GLY B 157 -17.81 22.42 -34.40
C GLY B 157 -17.81 23.93 -34.45
N ASN B 158 -17.76 24.60 -33.30
CA ASN B 158 -17.78 26.05 -33.26
C ASN B 158 -16.42 26.67 -33.55
N ILE B 159 -15.38 25.85 -33.72
CA ILE B 159 -14.05 26.37 -33.96
C ILE B 159 -14.02 27.09 -35.31
N ASN B 160 -13.50 28.31 -35.31
CA ASN B 160 -13.55 29.19 -36.48
C ASN B 160 -12.54 28.73 -37.52
N ASN B 161 -12.91 27.67 -38.25
CA ASN B 161 -12.04 27.12 -39.28
C ASN B 161 -11.73 28.13 -40.37
N ASP B 162 -12.54 29.18 -40.51
CA ASP B 162 -12.23 30.23 -41.46
C ASP B 162 -10.90 30.91 -41.17
N LYS B 163 -10.43 30.86 -39.92
CA LYS B 163 -9.15 31.43 -39.53
C LYS B 163 -8.17 30.37 -39.05
N LYS B 164 -8.57 29.53 -38.10
CA LYS B 164 -7.69 28.49 -37.58
C LYS B 164 -8.54 27.36 -37.02
N ASP B 165 -7.89 26.21 -36.84
CA ASP B 165 -8.56 25.02 -36.33
C ASP B 165 -7.74 24.42 -35.18
N GLU B 166 -7.32 25.26 -34.23
CA GLU B 166 -6.49 24.81 -33.11
C GLU B 166 -6.99 25.45 -31.82
N THR B 167 -7.92 24.76 -31.14
CA THR B 167 -8.25 25.07 -29.75
C THR B 167 -8.34 23.80 -28.93
N TYR B 168 -7.89 22.67 -29.47
CA TYR B 168 -8.12 21.36 -28.84
C TYR B 168 -7.19 21.13 -27.66
N ARG B 169 -5.99 21.71 -27.69
CA ARG B 169 -5.03 21.47 -26.61
C ARG B 169 -5.56 21.97 -25.29
N SER B 170 -6.18 23.15 -25.30
CA SER B 170 -6.83 23.66 -24.11
C SER B 170 -8.11 22.89 -23.79
N LEU B 171 -8.71 22.26 -24.80
CA LEU B 171 -9.92 21.49 -24.57
C LEU B 171 -9.61 20.21 -23.80
N PHE B 172 -8.54 19.52 -24.18
CA PHE B 172 -8.22 18.25 -23.55
C PHE B 172 -7.67 18.39 -22.14
N GLN B 173 -7.28 19.59 -21.71
CA GLN B 173 -6.87 19.77 -20.33
C GLN B 173 -8.05 19.78 -19.37
N ASP B 174 -9.22 20.20 -19.86
CA ASP B 174 -10.44 20.08 -19.06
C ASP B 174 -10.77 18.62 -18.80
N LEU B 175 -10.63 17.79 -19.82
CA LEU B 175 -10.80 16.36 -19.64
C LEU B 175 -9.72 15.81 -18.71
N GLU B 176 -8.51 16.36 -18.79
CA GLU B 176 -7.46 15.98 -17.86
C GLU B 176 -7.83 16.36 -16.43
N LEU B 177 -8.45 17.52 -16.25
CA LEU B 177 -8.94 17.88 -14.92
C LEU B 177 -10.04 16.96 -14.46
N LYS B 178 -10.84 16.43 -15.37
CA LYS B 178 -11.87 15.47 -14.99
C LYS B 178 -11.41 14.02 -15.06
N LYS B 179 -10.15 13.79 -15.40
CA LYS B 179 -9.58 12.43 -15.47
C LYS B 179 -10.36 11.53 -16.42
N GLU B 180 -10.80 12.08 -17.54
CA GLU B 180 -11.61 11.35 -18.51
C GLU B 180 -10.69 10.68 -19.52
N ARG B 181 -10.55 9.36 -19.39
CA ARG B 181 -9.79 8.56 -20.35
C ARG B 181 -10.66 7.95 -21.46
N ARG B 182 -11.97 8.12 -21.39
CA ARG B 182 -12.89 7.47 -22.33
C ARG B 182 -13.62 8.57 -23.10
N VAL B 183 -13.41 8.62 -24.42
CA VAL B 183 -13.89 9.72 -25.24
C VAL B 183 -14.62 9.18 -26.46
N ILE B 184 -15.69 9.85 -26.86
CA ILE B 184 -16.46 9.51 -28.05
C ILE B 184 -16.33 10.66 -29.03
N LEU B 185 -16.00 10.34 -30.27
CA LEU B 185 -15.80 11.33 -31.33
C LEU B 185 -16.98 11.26 -32.28
N ASP B 186 -18.00 12.06 -32.01
CA ASP B 186 -19.16 12.16 -32.89
C ASP B 186 -18.90 13.25 -33.92
N CYS B 187 -18.05 12.92 -34.87
CA CYS B 187 -17.60 13.86 -35.89
C CYS B 187 -17.36 13.10 -37.18
N GLU B 188 -17.32 13.83 -38.29
CA GLU B 188 -17.06 13.22 -39.58
C GLU B 188 -15.55 13.02 -39.74
N ARG B 189 -15.13 12.57 -40.93
CA ARG B 189 -13.75 12.10 -41.09
C ARG B 189 -12.74 13.22 -40.89
N ASP B 190 -13.04 14.42 -41.40
CA ASP B 190 -12.08 15.52 -41.25
C ASP B 190 -11.93 15.93 -39.78
N LYS B 191 -13.04 16.07 -39.07
CA LYS B 191 -12.97 16.46 -37.68
C LYS B 191 -12.33 15.39 -36.82
N VAL B 192 -12.61 14.11 -37.09
CA VAL B 192 -11.95 13.07 -36.30
C VAL B 192 -10.46 13.02 -36.63
N ASN B 193 -10.08 13.31 -37.88
CA ASN B 193 -8.65 13.38 -38.20
C ASN B 193 -7.98 14.51 -37.42
N ASP B 194 -8.62 15.68 -37.34
CA ASP B 194 -8.05 16.78 -36.55
C ASP B 194 -7.97 16.43 -35.07
N ILE B 195 -9.01 15.79 -34.53
CA ILE B 195 -9.00 15.39 -33.13
C ILE B 195 -7.86 14.42 -32.87
N VAL B 196 -7.69 13.44 -33.76
CA VAL B 196 -6.62 12.45 -33.58
C VAL B 196 -5.25 13.09 -33.70
N ASP B 197 -5.08 14.04 -34.61
CA ASP B 197 -3.81 14.76 -34.72
C ASP B 197 -3.48 15.45 -33.41
N GLN B 198 -4.46 16.17 -32.85
CA GLN B 198 -4.19 16.90 -31.61
C GLN B 198 -4.03 15.95 -30.42
N VAL B 199 -4.71 14.81 -30.45
CA VAL B 199 -4.53 13.81 -29.40
C VAL B 199 -3.11 13.27 -29.44
N ILE B 200 -2.61 12.96 -30.63
CA ILE B 200 -1.24 12.48 -30.79
C ILE B 200 -0.24 13.55 -30.36
N THR B 201 -0.50 14.80 -30.73
CA THR B 201 0.43 15.87 -30.40
C THR B 201 0.58 16.04 -28.90
N ILE B 202 -0.53 15.99 -28.16
CA ILE B 202 -0.49 16.15 -26.71
C ILE B 202 -0.28 14.79 -26.05
N GLY B 203 -0.04 13.76 -26.84
CA GLY B 203 0.29 12.48 -26.26
C GLY B 203 -0.81 11.80 -25.48
N LYS B 204 -2.03 11.78 -26.01
CA LYS B 204 -3.13 11.09 -25.37
C LYS B 204 -3.63 9.91 -26.19
N HIS B 205 -2.79 9.37 -27.07
CA HIS B 205 -3.09 8.17 -27.83
C HIS B 205 -2.41 6.94 -27.25
N VAL B 206 -2.14 6.94 -25.95
CA VAL B 206 -1.35 5.89 -25.32
C VAL B 206 -2.27 4.98 -24.51
N LYS B 207 -1.67 3.91 -23.99
CA LYS B 207 -2.41 2.90 -23.24
C LYS B 207 -3.14 3.55 -22.08
N GLY B 208 -4.40 3.16 -21.90
CA GLY B 208 -5.28 3.74 -20.90
C GLY B 208 -6.38 4.59 -21.49
N TYR B 209 -6.25 5.01 -22.74
CA TYR B 209 -7.27 5.78 -23.44
C TYR B 209 -8.08 4.88 -24.35
N HIS B 210 -9.36 5.23 -24.51
CA HIS B 210 -10.26 4.48 -25.38
C HIS B 210 -11.12 5.47 -26.14
N TYR B 211 -11.07 5.40 -27.48
CA TYR B 211 -11.83 6.31 -28.32
C TYR B 211 -12.83 5.51 -29.15
N ILE B 212 -14.05 6.02 -29.26
CA ILE B 212 -15.06 5.44 -30.13
C ILE B 212 -15.31 6.44 -31.25
N ILE B 213 -15.13 6.00 -32.48
CA ILE B 213 -15.37 6.84 -33.66
C ILE B 213 -16.84 6.65 -34.01
N ALA B 214 -17.67 7.64 -33.64
CA ALA B 214 -19.12 7.51 -33.79
C ALA B 214 -19.57 7.90 -35.20
N ASN B 215 -19.13 7.10 -36.17
CA ASN B 215 -19.59 7.24 -37.54
C ASN B 215 -19.39 5.92 -38.26
N LEU B 216 -20.07 5.78 -39.39
CA LEU B 216 -20.06 4.56 -40.20
C LEU B 216 -18.84 4.45 -41.11
N GLY B 217 -17.81 5.26 -40.89
CA GLY B 217 -16.65 5.29 -41.76
C GLY B 217 -15.34 5.02 -41.04
N PHE B 218 -15.34 4.03 -40.14
CA PHE B 218 -14.17 3.77 -39.30
C PHE B 218 -12.89 3.65 -40.13
N THR B 219 -12.93 2.84 -41.19
CA THR B 219 -11.75 2.64 -42.02
C THR B 219 -11.53 3.76 -43.02
N ASP B 220 -12.49 4.68 -43.18
CA ASP B 220 -12.30 5.77 -44.13
C ASP B 220 -11.34 6.84 -43.62
N GLY B 221 -11.02 6.84 -42.33
CA GLY B 221 -10.09 7.80 -41.78
C GLY B 221 -8.66 7.30 -41.81
N ASP B 222 -7.77 8.15 -41.28
CA ASP B 222 -6.35 7.83 -41.20
C ASP B 222 -6.09 7.19 -39.84
N LEU B 223 -6.48 5.92 -39.72
CA LEU B 223 -6.35 5.22 -38.45
C LEU B 223 -4.91 4.82 -38.18
N LEU B 224 -4.06 4.79 -39.21
CA LEU B 224 -2.70 4.29 -39.05
C LEU B 224 -1.89 5.18 -38.13
N LYS B 225 -2.25 6.46 -38.02
CA LYS B 225 -1.52 7.37 -37.16
C LYS B 225 -1.63 6.97 -35.69
N ILE B 226 -2.82 6.57 -35.26
CA ILE B 226 -3.08 6.21 -33.87
C ILE B 226 -2.98 4.72 -33.63
N GLN B 227 -2.64 3.94 -34.66
CA GLN B 227 -2.67 2.48 -34.54
C GLN B 227 -1.68 1.96 -33.52
N PHE B 228 -0.47 2.52 -33.49
CA PHE B 228 0.62 1.98 -32.69
C PHE B 228 0.79 2.66 -31.33
N GLY B 229 -0.07 3.62 -30.99
CA GLY B 229 0.09 4.31 -29.73
C GLY B 229 -0.24 3.47 -28.52
N GLY B 230 -1.04 2.43 -28.67
CA GLY B 230 -1.45 1.60 -27.57
C GLY B 230 -2.84 1.88 -27.04
N ALA B 231 -3.43 3.01 -27.41
CA ALA B 231 -4.78 3.32 -26.98
C ALA B 231 -5.78 2.55 -27.82
N GLU B 232 -6.88 2.16 -27.20
CA GLU B 232 -7.94 1.44 -27.91
C GLU B 232 -8.75 2.41 -28.75
N VAL B 233 -8.93 2.06 -30.02
CA VAL B 233 -9.75 2.82 -30.95
C VAL B 233 -10.75 1.87 -31.57
N SER B 234 -12.03 2.20 -31.46
CA SER B 234 -13.09 1.34 -31.95
C SER B 234 -14.12 2.19 -32.69
N GLY B 235 -14.94 1.53 -33.48
CA GLY B 235 -15.91 2.26 -34.26
C GLY B 235 -16.84 1.34 -35.00
N PHE B 236 -17.55 1.91 -35.97
CA PHE B 236 -18.56 1.21 -36.72
C PHE B 236 -18.26 1.29 -38.21
N GLN B 237 -18.54 0.21 -38.93
CA GLN B 237 -18.33 0.14 -40.36
C GLN B 237 -19.58 -0.40 -41.02
N ILE B 238 -20.02 0.25 -42.09
CA ILE B 238 -21.19 -0.18 -42.84
C ILE B 238 -20.76 -0.97 -44.07
N VAL B 239 -19.58 -0.66 -44.61
CA VAL B 239 -19.04 -1.32 -45.78
C VAL B 239 -18.04 -2.36 -45.31
N ASP B 240 -18.49 -3.61 -45.20
CA ASP B 240 -17.65 -4.71 -44.77
C ASP B 240 -16.93 -5.25 -45.99
N TYR B 241 -15.65 -4.89 -46.14
CA TYR B 241 -14.90 -5.21 -47.35
C TYR B 241 -14.71 -6.71 -47.54
N ASP B 242 -14.94 -7.52 -46.51
CA ASP B 242 -14.86 -8.97 -46.64
C ASP B 242 -16.19 -9.56 -47.10
N ASP B 243 -16.61 -9.13 -48.29
CA ASP B 243 -17.84 -9.63 -48.89
C ASP B 243 -17.69 -9.65 -50.40
N SER B 244 -18.56 -10.45 -51.05
CA SER B 244 -18.45 -10.67 -52.48
C SER B 244 -18.69 -9.39 -53.27
N LEU B 245 -19.82 -8.71 -53.01
CA LEU B 245 -20.20 -7.55 -53.81
C LEU B 245 -19.18 -6.43 -53.67
N VAL B 246 -18.75 -6.15 -52.44
CA VAL B 246 -17.82 -5.06 -52.21
C VAL B 246 -16.46 -5.36 -52.84
N SER B 247 -16.04 -6.63 -52.79
CA SER B 247 -14.76 -7.01 -53.38
C SER B 247 -14.80 -6.90 -54.90
N LYS B 248 -15.90 -7.37 -55.50
CA LYS B 248 -16.05 -7.25 -56.95
C LYS B 248 -16.12 -5.79 -57.37
N PHE B 249 -16.74 -4.94 -56.55
CA PHE B 249 -16.76 -3.52 -56.86
C PHE B 249 -15.37 -2.90 -56.74
N ILE B 250 -14.62 -3.29 -55.71
CA ILE B 250 -13.35 -2.64 -55.40
C ILE B 250 -12.24 -3.09 -56.34
N GLU B 251 -12.34 -4.29 -56.93
CA GLU B 251 -11.32 -4.68 -57.88
C GLU B 251 -11.39 -3.82 -59.13
N ARG B 252 -12.59 -3.47 -59.58
CA ARG B 252 -12.75 -2.52 -60.66
C ARG B 252 -12.55 -1.08 -60.19
N TRP B 253 -12.92 -0.79 -58.94
CA TRP B 253 -12.76 0.55 -58.39
C TRP B 253 -11.30 0.97 -58.33
N SER B 254 -10.42 0.03 -58.00
CA SER B 254 -8.99 0.32 -57.91
C SER B 254 -8.31 0.45 -59.26
N THR B 255 -8.99 0.08 -60.35
CA THR B 255 -8.39 0.12 -61.68
C THR B 255 -9.02 1.18 -62.57
N LEU B 256 -9.94 1.98 -62.07
CA LEU B 256 -10.53 3.05 -62.86
C LEU B 256 -9.54 4.20 -63.04
N GLU B 257 -9.64 4.87 -64.18
CA GLU B 257 -8.78 6.02 -64.46
C GLU B 257 -9.08 7.13 -63.47
N GLU B 258 -8.06 7.56 -62.74
CA GLU B 258 -8.28 8.50 -61.64
C GLU B 258 -8.72 9.87 -62.17
N LYS B 259 -8.18 10.30 -63.31
CA LYS B 259 -8.58 11.59 -63.86
C LYS B 259 -10.03 11.57 -64.33
N GLU B 260 -10.46 10.46 -64.93
CA GLU B 260 -11.86 10.32 -65.35
C GLU B 260 -12.77 10.11 -64.14
N TYR B 261 -12.30 9.38 -63.13
CA TYR B 261 -13.08 9.07 -61.93
C TYR B 261 -12.32 9.59 -60.71
N PRO B 262 -12.46 10.87 -60.38
CA PRO B 262 -11.79 11.41 -59.20
C PRO B 262 -12.25 10.73 -57.92
N GLY B 263 -11.31 10.49 -57.02
CA GLY B 263 -11.58 9.77 -55.79
C GLY B 263 -11.54 8.27 -55.91
N ALA B 264 -11.47 7.73 -57.12
CA ALA B 264 -11.37 6.30 -57.34
C ALA B 264 -9.91 5.88 -57.27
N HIS B 265 -9.62 4.66 -57.74
CA HIS B 265 -8.26 4.12 -57.79
C HIS B 265 -7.67 3.97 -56.39
N THR B 266 -8.49 3.51 -55.45
CA THR B 266 -8.06 3.30 -54.08
C THR B 266 -8.61 1.97 -53.59
N ALA B 267 -7.94 1.40 -52.59
CA ALA B 267 -8.36 0.13 -52.01
C ALA B 267 -9.53 0.27 -51.04
N THR B 268 -9.87 1.48 -50.61
CA THR B 268 -10.98 1.72 -49.71
C THR B 268 -11.88 2.81 -50.28
N ILE B 269 -13.16 2.76 -49.91
CA ILE B 269 -14.17 3.68 -50.41
C ILE B 269 -14.88 4.32 -49.23
N LYS B 270 -15.11 5.63 -49.32
CA LYS B 270 -15.89 6.33 -48.31
C LYS B 270 -17.32 5.80 -48.30
N TYR B 271 -17.87 5.65 -47.09
CA TYR B 271 -19.20 5.04 -46.95
C TYR B 271 -20.28 5.91 -47.58
N THR B 272 -20.08 7.23 -47.64
CA THR B 272 -21.06 8.10 -48.27
C THR B 272 -21.22 7.78 -49.75
N SER B 273 -20.11 7.58 -50.45
CA SER B 273 -20.20 7.24 -51.87
C SER B 273 -20.70 5.81 -52.07
N ALA B 274 -20.40 4.91 -51.13
CA ALA B 274 -20.99 3.57 -51.20
C ALA B 274 -22.51 3.65 -51.07
N LEU B 275 -23.01 4.48 -50.17
CA LEU B 275 -24.44 4.68 -50.07
C LEU B 275 -25.00 5.37 -51.30
N THR B 276 -24.21 6.24 -51.95
CA THR B 276 -24.63 6.82 -53.21
C THR B 276 -24.84 5.74 -54.27
N TYR B 277 -23.90 4.81 -54.37
CA TYR B 277 -24.01 3.70 -55.31
C TYR B 277 -25.23 2.83 -54.98
N ASP B 278 -25.41 2.49 -53.71
CA ASP B 278 -26.57 1.70 -53.32
C ASP B 278 -27.87 2.44 -53.58
N ALA B 279 -27.87 3.77 -53.46
CA ALA B 279 -29.06 4.55 -53.75
C ALA B 279 -29.39 4.52 -55.24
N VAL B 280 -28.37 4.60 -56.09
CA VAL B 280 -28.59 4.44 -57.51
C VAL B 280 -29.21 3.08 -57.81
N GLN B 281 -28.66 2.03 -57.19
CA GLN B 281 -29.24 0.70 -57.33
C GLN B 281 -30.70 0.69 -56.92
N VAL B 282 -31.02 1.26 -55.76
CA VAL B 282 -32.37 1.22 -55.23
C VAL B 282 -33.34 1.93 -56.16
N MET B 283 -32.96 3.14 -56.61
CA MET B 283 -33.91 3.91 -57.41
C MET B 283 -34.09 3.34 -58.80
N THR B 284 -33.01 2.81 -59.42
CA THR B 284 -33.18 2.17 -60.72
C THR B 284 -34.02 0.91 -60.60
N GLU B 285 -33.85 0.15 -59.51
CA GLU B 285 -34.72 -1.00 -59.28
C GLU B 285 -36.17 -0.55 -59.10
N ALA B 286 -36.39 0.56 -58.41
CA ALA B 286 -37.74 1.07 -58.19
C ALA B 286 -38.40 1.42 -59.52
N PHE B 287 -37.68 2.12 -60.39
CA PHE B 287 -38.25 2.50 -61.68
C PHE B 287 -38.49 1.28 -62.56
N ARG B 288 -37.58 0.32 -62.54
CA ARG B 288 -37.77 -0.89 -63.33
C ARG B 288 -38.98 -1.68 -62.82
N ASN B 289 -39.20 -1.69 -61.51
CA ASN B 289 -40.41 -2.32 -60.97
C ASN B 289 -41.66 -1.56 -61.35
N LEU B 290 -41.59 -0.22 -61.36
CA LEU B 290 -42.72 0.59 -61.77
C LEU B 290 -43.13 0.27 -63.21
N ARG B 291 -42.14 0.17 -64.10
CA ARG B 291 -42.44 -0.23 -65.47
C ARG B 291 -42.96 -1.66 -65.52
N LYS B 292 -42.37 -2.56 -64.72
CA LYS B 292 -42.79 -3.96 -64.72
C LYS B 292 -44.24 -4.10 -64.27
N GLN B 293 -44.70 -3.25 -63.37
CA GLN B 293 -46.10 -3.23 -62.96
C GLN B 293 -47.01 -2.50 -63.95
N ARG B 294 -46.48 -2.08 -65.09
CA ARG B 294 -47.24 -1.37 -66.13
C ARG B 294 -47.87 -0.08 -65.60
N ILE B 295 -47.17 0.60 -64.70
CA ILE B 295 -47.62 1.87 -64.15
C ILE B 295 -46.96 3.00 -64.94
N GLU B 296 -47.77 3.94 -65.41
CA GLU B 296 -47.29 5.06 -66.21
C GLU B 296 -47.24 6.32 -65.34
N ILE B 297 -46.11 7.02 -65.39
CA ILE B 297 -45.88 8.16 -64.52
C ILE B 297 -45.44 9.37 -65.34
N SER B 298 -45.62 9.30 -66.65
CA SER B 298 -45.17 10.40 -67.49
C SER B 298 -46.00 11.66 -67.23
N ARG B 299 -45.35 12.81 -67.37
CA ARG B 299 -46.01 14.10 -67.20
C ARG B 299 -45.45 15.09 -68.20
N ARG B 300 -46.16 16.22 -68.34
CA ARG B 300 -45.73 17.28 -69.21
C ARG B 300 -44.43 17.93 -68.72
N GLY B 301 -43.66 18.47 -69.65
CA GLY B 301 -42.35 19.01 -69.37
C GLY B 301 -42.30 20.41 -68.79
N ASN B 302 -43.20 20.70 -67.84
CA ASN B 302 -43.20 21.99 -67.16
C ASN B 302 -43.81 21.80 -65.78
N ALA B 303 -43.57 22.77 -64.90
CA ALA B 303 -44.02 22.66 -63.52
C ALA B 303 -44.45 24.04 -63.03
N GLY B 304 -44.87 24.10 -61.77
CA GLY B 304 -45.43 25.32 -61.23
C GLY B 304 -44.46 26.18 -60.44
N ASP B 305 -43.16 26.01 -60.68
CA ASP B 305 -42.11 26.85 -60.11
C ASP B 305 -42.04 26.79 -58.59
N CYS B 306 -42.71 25.80 -57.97
CA CYS B 306 -42.76 25.61 -56.52
C CYS B 306 -43.61 26.67 -55.84
N LEU B 307 -44.05 27.68 -56.59
CA LEU B 307 -44.66 28.86 -55.99
C LEU B 307 -46.06 29.15 -56.53
N ALA B 308 -46.67 28.20 -57.23
CA ALA B 308 -48.06 28.35 -57.62
C ALA B 308 -48.95 28.30 -56.39
N ASN B 309 -49.99 29.15 -56.38
CA ASN B 309 -50.92 29.20 -55.25
C ASN B 309 -52.28 28.68 -55.68
N PRO B 310 -52.77 27.57 -55.10
CA PRO B 310 -52.12 26.70 -54.11
C PRO B 310 -51.09 25.79 -54.76
N ALA B 311 -50.34 25.01 -54.00
CA ALA B 311 -49.39 24.08 -54.58
C ALA B 311 -50.10 23.03 -55.41
N VAL B 312 -49.43 22.55 -56.46
CA VAL B 312 -50.04 21.61 -57.39
C VAL B 312 -49.19 20.35 -57.45
N PRO B 313 -49.38 19.41 -56.54
CA PRO B 313 -48.64 18.15 -56.63
C PRO B 313 -49.28 17.17 -57.59
N TRP B 314 -48.45 16.51 -58.39
CA TRP B 314 -48.92 15.40 -59.20
C TRP B 314 -49.35 14.23 -58.32
N GLY B 315 -50.29 13.43 -58.85
CA GLY B 315 -50.83 12.32 -58.08
C GLY B 315 -49.97 11.07 -58.05
N GLN B 316 -49.21 10.80 -59.11
CA GLN B 316 -48.46 9.56 -59.20
C GLN B 316 -47.22 9.52 -58.29
N GLY B 317 -47.00 10.55 -57.48
CA GLY B 317 -45.86 10.52 -56.57
C GLY B 317 -45.99 9.46 -55.49
N VAL B 318 -47.22 9.24 -55.01
CA VAL B 318 -47.44 8.20 -54.00
C VAL B 318 -47.04 6.84 -54.54
N GLU B 319 -47.32 6.59 -55.83
CA GLU B 319 -46.90 5.34 -56.45
C GLU B 319 -45.38 5.22 -56.48
N ILE B 320 -44.70 6.29 -56.86
CA ILE B 320 -43.24 6.26 -56.93
C ILE B 320 -42.65 6.10 -55.53
N GLU B 321 -43.22 6.81 -54.55
CA GLU B 321 -42.75 6.69 -53.18
C GLU B 321 -42.92 5.26 -52.66
N ARG B 322 -44.07 4.66 -52.92
CA ARG B 322 -44.28 3.27 -52.49
C ARG B 322 -43.32 2.32 -53.19
N ALA B 323 -43.07 2.54 -54.50
CA ALA B 323 -42.13 1.69 -55.21
C ALA B 323 -40.74 1.79 -54.59
N LEU B 324 -40.32 3.01 -54.25
CA LEU B 324 -39.04 3.19 -53.57
C LEU B 324 -39.02 2.51 -52.21
N LYS B 325 -40.15 2.57 -51.49
CA LYS B 325 -40.22 1.95 -50.17
C LYS B 325 -40.07 0.43 -50.25
N GLN B 326 -40.78 -0.20 -51.19
CA GLN B 326 -40.81 -1.66 -51.25
C GLN B 326 -39.58 -2.27 -51.90
N VAL B 327 -38.65 -1.45 -52.42
CA VAL B 327 -37.43 -1.99 -52.99
C VAL B 327 -36.57 -2.60 -51.89
N GLN B 328 -36.25 -3.87 -52.03
CA GLN B 328 -35.33 -4.57 -51.13
C GLN B 328 -34.28 -5.27 -51.97
N VAL B 329 -33.01 -4.88 -51.81
CA VAL B 329 -31.92 -5.40 -52.60
C VAL B 329 -30.73 -5.67 -51.68
N GLU B 330 -29.72 -6.33 -52.23
CA GLU B 330 -28.44 -6.55 -51.57
C GLU B 330 -27.38 -5.67 -52.22
N GLY B 331 -26.63 -4.95 -51.40
CA GLY B 331 -25.67 -4.00 -51.95
C GLY B 331 -24.39 -3.88 -51.15
N LEU B 332 -23.63 -2.81 -51.39
CA LEU B 332 -22.37 -2.62 -50.69
C LEU B 332 -22.56 -2.45 -49.19
N SER B 333 -23.62 -1.76 -48.79
CA SER B 333 -23.90 -1.51 -47.38
C SER B 333 -24.74 -2.60 -46.73
N GLY B 334 -24.70 -3.82 -47.27
CA GLY B 334 -25.48 -4.90 -46.71
C GLY B 334 -26.90 -4.92 -47.24
N ASN B 335 -27.78 -5.54 -46.47
CA ASN B 335 -29.19 -5.61 -46.82
C ASN B 335 -29.83 -4.23 -46.78
N ILE B 336 -30.66 -3.94 -47.78
CA ILE B 336 -31.29 -2.64 -47.94
C ILE B 336 -32.81 -2.84 -47.90
N LYS B 337 -33.47 -2.27 -46.89
CA LYS B 337 -34.91 -2.26 -46.84
C LYS B 337 -35.36 -1.07 -46.01
N PHE B 338 -36.47 -0.46 -46.43
CA PHE B 338 -36.98 0.76 -45.81
C PHE B 338 -38.35 0.51 -45.21
N ASP B 339 -38.63 1.16 -44.09
CA ASP B 339 -39.97 1.15 -43.54
C ASP B 339 -40.82 2.20 -44.27
N GLN B 340 -42.06 2.36 -43.82
CA GLN B 340 -42.97 3.29 -44.48
C GLN B 340 -42.53 4.75 -44.35
N ASN B 341 -41.64 5.05 -43.40
CA ASN B 341 -41.14 6.40 -43.20
C ASN B 341 -39.82 6.65 -43.90
N GLY B 342 -39.26 5.65 -44.59
CA GLY B 342 -37.99 5.81 -45.25
C GLY B 342 -36.79 5.39 -44.45
N LYS B 343 -36.95 5.14 -43.15
CA LYS B 343 -35.83 4.69 -42.34
C LYS B 343 -35.44 3.28 -42.73
N ARG B 344 -34.15 3.02 -42.81
CA ARG B 344 -33.68 1.69 -43.16
C ARG B 344 -33.90 0.71 -42.02
N ILE B 345 -34.28 -0.51 -42.36
CA ILE B 345 -34.47 -1.60 -41.41
C ILE B 345 -33.77 -2.84 -41.94
N ASN B 346 -33.63 -3.82 -41.05
CA ASN B 346 -32.96 -5.09 -41.35
C ASN B 346 -31.49 -4.91 -41.70
N TYR B 347 -30.92 -3.74 -41.39
CA TYR B 347 -29.53 -3.47 -41.68
C TYR B 347 -28.64 -4.05 -40.59
N THR B 348 -27.36 -4.19 -40.92
CA THR B 348 -26.35 -4.67 -39.98
C THR B 348 -25.18 -3.70 -39.98
N ILE B 349 -24.75 -3.30 -38.79
CA ILE B 349 -23.64 -2.39 -38.60
C ILE B 349 -22.51 -3.15 -37.91
N ASN B 350 -21.34 -3.18 -38.54
CA ASN B 350 -20.21 -3.91 -38.01
C ASN B 350 -19.49 -3.09 -36.95
N ILE B 351 -19.07 -3.76 -35.88
CA ILE B 351 -18.30 -3.15 -34.80
C ILE B 351 -16.87 -3.63 -34.94
N MET B 352 -15.93 -2.70 -35.01
CA MET B 352 -14.53 -3.04 -35.21
C MET B 352 -13.66 -2.44 -34.11
N GLU B 353 -12.45 -2.97 -34.01
CA GLU B 353 -11.43 -2.47 -33.10
C GLU B 353 -10.13 -2.30 -33.86
N LEU B 354 -9.35 -1.29 -33.46
CA LEU B 354 -8.08 -0.97 -34.11
C LEU B 354 -6.97 -1.64 -33.31
N LYS B 355 -6.52 -2.80 -33.78
CA LYS B 355 -5.46 -3.54 -33.12
C LYS B 355 -4.12 -3.18 -33.75
N THR B 356 -3.04 -3.76 -33.20
CA THR B 356 -1.70 -3.45 -33.67
C THR B 356 -1.50 -3.86 -35.12
N ASN B 357 -2.17 -4.93 -35.56
CA ASN B 357 -2.06 -5.41 -36.92
C ASN B 357 -3.08 -4.81 -37.87
N GLY B 358 -3.91 -3.87 -37.39
CA GLY B 358 -4.88 -3.24 -38.24
C GLY B 358 -6.30 -3.32 -37.71
N PRO B 359 -7.21 -2.55 -38.31
CA PRO B 359 -8.61 -2.59 -37.87
C PRO B 359 -9.32 -3.82 -38.43
N ARG B 360 -9.99 -4.56 -37.56
CA ARG B 360 -10.71 -5.75 -37.98
C ARG B 360 -11.96 -5.91 -37.13
N LYS B 361 -12.93 -6.64 -37.69
CA LYS B 361 -14.25 -6.72 -37.09
C LYS B 361 -14.22 -7.50 -35.79
N ILE B 362 -15.06 -7.08 -34.84
CA ILE B 362 -15.26 -7.82 -33.60
C ILE B 362 -16.70 -8.30 -33.44
N GLY B 363 -17.62 -7.86 -34.27
CA GLY B 363 -19.00 -8.28 -34.15
C GLY B 363 -19.88 -7.49 -35.09
N TYR B 364 -21.19 -7.55 -34.85
CA TYR B 364 -22.12 -6.78 -35.65
C TYR B 364 -23.32 -6.40 -34.81
N TRP B 365 -24.11 -5.48 -35.33
CA TRP B 365 -25.30 -4.98 -34.66
C TRP B 365 -26.46 -4.99 -35.64
N SER B 366 -27.63 -5.44 -35.18
CA SER B 366 -28.80 -5.53 -36.03
C SER B 366 -30.01 -5.01 -35.26
N GLU B 367 -31.08 -4.74 -36.01
CA GLU B 367 -32.31 -4.25 -35.39
C GLU B 367 -32.95 -5.29 -34.48
N VAL B 368 -32.75 -6.57 -34.78
CA VAL B 368 -33.42 -7.62 -34.01
C VAL B 368 -32.56 -8.13 -32.86
N ASP B 369 -31.23 -8.04 -32.98
CA ASP B 369 -30.34 -8.44 -31.89
C ASP B 369 -29.22 -7.41 -31.77
N LYS B 370 -28.84 -7.11 -30.54
CA LYS B 370 -27.95 -6.00 -30.21
C LYS B 370 -26.57 -6.53 -29.85
N MET B 371 -25.55 -6.05 -30.55
CA MET B 371 -24.15 -6.30 -30.21
C MET B 371 -23.86 -7.80 -30.13
N VAL B 372 -24.00 -8.45 -31.29
CA VAL B 372 -23.72 -9.87 -31.42
C VAL B 372 -22.29 -10.03 -31.91
N LEU B 373 -21.49 -10.81 -31.19
CA LEU B 373 -20.09 -10.94 -31.57
C LEU B 373 -19.99 -11.75 -32.86
N THR B 374 -18.86 -11.56 -33.56
CA THR B 374 -18.64 -12.21 -34.85
C THR B 374 -18.38 -13.70 -34.71
N GLU B 375 -18.10 -14.19 -33.50
CA GLU B 375 -17.81 -15.60 -33.21
C GLU B 375 -16.60 -16.11 -33.96
N ASP B 376 -15.80 -15.21 -34.55
CA ASP B 376 -14.55 -15.59 -35.19
C ASP B 376 -13.53 -15.97 -34.12
N ASP B 377 -12.54 -16.75 -34.53
CA ASP B 377 -11.59 -17.34 -33.59
C ASP B 377 -12.34 -18.13 -32.51
N THR B 378 -13.08 -19.12 -32.98
CA THR B 378 -14.01 -19.86 -32.14
C THR B 378 -13.25 -20.60 -31.05
N SER B 379 -13.92 -20.80 -29.92
CA SER B 379 -13.35 -21.49 -28.78
C SER B 379 -13.33 -23.01 -29.00
N GLY B 380 -13.05 -23.73 -27.92
CA GLY B 380 -12.95 -25.17 -27.98
C GLY B 380 -11.85 -25.71 -27.07
N LEU B 381 -11.02 -24.81 -26.54
CA LEU B 381 -9.99 -25.26 -25.62
C LEU B 381 -9.86 -24.44 -24.33
N GLU B 382 -10.00 -23.12 -24.39
CA GLU B 382 -9.77 -22.34 -23.18
C GLU B 382 -10.97 -21.52 -22.73
N GLN B 383 -12.11 -21.62 -23.40
CA GLN B 383 -13.30 -20.93 -22.93
C GLN B 383 -14.06 -21.76 -21.92
N LYS B 384 -13.83 -23.06 -21.92
CA LYS B 384 -14.46 -23.97 -20.98
C LYS B 384 -13.82 -23.79 -19.61
N THR B 385 -14.64 -23.67 -18.58
CA THR B 385 -14.11 -23.53 -17.24
C THR B 385 -13.42 -24.84 -16.85
N VAL B 386 -12.30 -24.71 -16.16
CA VAL B 386 -11.54 -25.87 -15.73
C VAL B 386 -12.27 -26.53 -14.57
N VAL B 387 -12.08 -27.83 -14.45
CA VAL B 387 -12.71 -28.60 -13.39
C VAL B 387 -11.69 -28.74 -12.27
N VAL B 388 -11.98 -28.11 -11.14
CA VAL B 388 -11.11 -28.09 -9.99
C VAL B 388 -11.65 -29.11 -9.00
N THR B 389 -10.89 -30.17 -8.77
CA THR B 389 -11.30 -31.20 -7.81
C THR B 389 -10.73 -30.83 -6.44
N THR B 390 -11.61 -30.70 -5.47
CA THR B 390 -11.24 -30.33 -4.12
C THR B 390 -12.00 -31.24 -3.16
N ILE B 391 -11.74 -31.07 -1.87
CA ILE B 391 -12.37 -31.86 -0.84
C ILE B 391 -13.05 -30.91 0.13
N LEU B 392 -14.02 -31.44 0.87
CA LEU B 392 -14.86 -30.62 1.73
C LEU B 392 -14.38 -30.73 3.17
N GLU B 393 -13.99 -29.60 3.74
CA GLU B 393 -13.63 -29.52 5.15
C GLU B 393 -13.62 -28.06 5.56
N SER B 394 -13.70 -27.84 6.87
CA SER B 394 -14.06 -26.53 7.39
C SER B 394 -13.11 -25.39 6.99
N PRO B 395 -11.79 -25.49 7.16
CA PRO B 395 -10.95 -24.30 6.93
C PRO B 395 -10.73 -23.94 5.47
N TYR B 396 -10.97 -24.84 4.52
CA TYR B 396 -10.56 -24.60 3.13
C TYR B 396 -11.72 -24.57 2.16
N VAL B 397 -12.61 -25.56 2.18
CA VAL B 397 -13.78 -25.58 1.29
C VAL B 397 -15.00 -25.96 2.12
N MET B 398 -15.93 -25.01 2.28
CA MET B 398 -17.13 -25.22 3.08
C MET B 398 -18.39 -25.18 2.21
N MET B 399 -19.43 -25.82 2.72
CA MET B 399 -20.75 -25.77 2.11
C MET B 399 -21.51 -24.58 2.68
N LYS B 400 -21.91 -23.66 1.82
CA LYS B 400 -22.61 -22.47 2.29
C LYS B 400 -24.07 -22.81 2.60
N LYS B 401 -24.66 -22.02 3.51
CA LYS B 401 -25.95 -22.37 4.08
C LYS B 401 -27.05 -22.41 3.03
N ASN B 402 -27.18 -21.35 2.23
CA ASN B 402 -28.29 -21.22 1.29
C ASN B 402 -27.99 -22.00 0.00
N HIS B 403 -27.74 -23.30 0.17
CA HIS B 403 -27.33 -24.15 -0.94
C HIS B 403 -28.47 -24.44 -1.91
N GLU B 404 -29.71 -24.06 -1.57
CA GLU B 404 -30.85 -24.40 -2.42
C GLU B 404 -30.84 -23.68 -3.75
N MET B 405 -30.15 -22.54 -3.85
CA MET B 405 -30.07 -21.83 -5.13
C MET B 405 -28.68 -21.31 -5.47
N LEU B 406 -27.70 -21.45 -4.59
CA LEU B 406 -26.34 -21.03 -4.92
C LEU B 406 -25.74 -21.93 -5.98
N GLU B 407 -24.81 -21.39 -6.75
CA GLU B 407 -24.21 -22.11 -7.86
C GLU B 407 -22.82 -22.64 -7.50
N GLY B 408 -22.19 -23.28 -8.48
CA GLY B 408 -20.98 -24.05 -8.21
C GLY B 408 -19.87 -23.25 -7.55
N ASN B 409 -19.61 -22.04 -8.05
CA ASN B 409 -18.56 -21.20 -7.48
C ASN B 409 -19.06 -20.29 -6.38
N GLU B 410 -20.36 -20.26 -6.11
CA GLU B 410 -20.90 -19.46 -5.02
C GLU B 410 -21.29 -20.30 -3.81
N ARG B 411 -21.42 -21.61 -3.97
CA ARG B 411 -21.76 -22.50 -2.87
C ARG B 411 -20.61 -22.68 -1.88
N TYR B 412 -19.40 -22.30 -2.25
CA TYR B 412 -18.21 -22.63 -1.48
C TYR B 412 -17.40 -21.39 -1.16
N GLU B 413 -16.91 -21.32 0.07
CA GLU B 413 -16.00 -20.27 0.51
C GLU B 413 -14.82 -20.90 1.24
N GLY B 414 -13.74 -20.14 1.37
CA GLY B 414 -12.61 -20.60 2.15
C GLY B 414 -11.31 -20.22 1.50
N TYR B 415 -10.21 -20.70 2.10
CA TYR B 415 -8.87 -20.38 1.63
C TYR B 415 -8.62 -20.96 0.24
N CYS B 416 -9.03 -22.20 0.01
CA CYS B 416 -8.84 -22.79 -1.32
C CYS B 416 -9.65 -22.04 -2.38
N VAL B 417 -10.87 -21.63 -2.03
CA VAL B 417 -11.73 -20.99 -3.02
C VAL B 417 -11.13 -19.66 -3.48
N ASP B 418 -10.74 -18.80 -2.53
CA ASP B 418 -10.22 -17.50 -2.94
C ASP B 418 -8.79 -17.60 -3.47
N LEU B 419 -8.01 -18.58 -3.02
CA LEU B 419 -6.71 -18.80 -3.65
C LEU B 419 -6.87 -19.23 -5.10
N ALA B 420 -7.83 -20.11 -5.39
CA ALA B 420 -8.11 -20.49 -6.77
C ALA B 420 -8.58 -19.29 -7.57
N ALA B 421 -9.42 -18.45 -6.96
CA ALA B 421 -9.87 -17.24 -7.64
C ALA B 421 -8.69 -16.35 -8.01
N GLU B 422 -7.77 -16.12 -7.07
CA GLU B 422 -6.63 -15.26 -7.33
C GLU B 422 -5.68 -15.87 -8.36
N ILE B 423 -5.45 -17.18 -8.28
CA ILE B 423 -4.59 -17.86 -9.26
C ILE B 423 -5.19 -17.78 -10.65
N ALA B 424 -6.50 -17.97 -10.77
CA ALA B 424 -7.14 -17.84 -12.07
C ALA B 424 -7.10 -16.40 -12.57
N LYS B 425 -7.24 -15.43 -11.66
CA LYS B 425 -7.16 -14.03 -12.06
C LYS B 425 -5.79 -13.70 -12.62
N HIS B 426 -4.73 -14.23 -12.00
CA HIS B 426 -3.39 -13.96 -12.52
C HIS B 426 -3.14 -14.72 -13.82
N CYS B 427 -3.51 -16.00 -13.87
CA CYS B 427 -3.25 -16.80 -15.06
C CYS B 427 -4.18 -16.41 -16.21
N GLY B 428 -5.44 -16.09 -15.90
CA GLY B 428 -6.38 -15.71 -16.93
C GLY B 428 -7.20 -16.86 -17.48
N PHE B 429 -7.81 -17.64 -16.59
CA PHE B 429 -8.70 -18.71 -16.99
C PHE B 429 -9.90 -18.74 -16.07
N LYS B 430 -10.99 -19.33 -16.56
CA LYS B 430 -12.19 -19.48 -15.76
C LYS B 430 -12.31 -20.91 -15.27
N TYR B 431 -13.08 -21.09 -14.19
CA TYR B 431 -12.97 -22.30 -13.40
C TYR B 431 -14.33 -22.64 -12.80
N LYS B 432 -14.44 -23.88 -12.33
CA LYS B 432 -15.54 -24.31 -11.48
C LYS B 432 -14.98 -25.22 -10.41
N LEU B 433 -15.55 -25.13 -9.21
CA LEU B 433 -15.09 -25.92 -8.08
C LEU B 433 -15.97 -27.15 -7.91
N THR B 434 -15.34 -28.33 -7.95
CA THR B 434 -16.05 -29.61 -7.79
C THR B 434 -15.38 -30.41 -6.68
N ILE B 435 -16.17 -31.22 -6.02
CA ILE B 435 -15.69 -32.06 -4.94
C ILE B 435 -15.14 -33.35 -5.52
N VAL B 436 -14.18 -33.95 -4.80
CA VAL B 436 -13.59 -35.20 -5.25
C VAL B 436 -14.61 -36.32 -5.09
N GLY B 437 -14.81 -37.09 -6.16
CA GLY B 437 -15.79 -38.15 -6.11
C GLY B 437 -15.47 -39.21 -5.08
N ASP B 438 -14.20 -39.57 -4.96
CA ASP B 438 -13.79 -40.56 -3.97
C ASP B 438 -13.96 -40.05 -2.54
N GLY B 439 -14.10 -38.74 -2.35
CA GLY B 439 -14.22 -38.19 -1.02
C GLY B 439 -12.97 -38.24 -0.17
N LYS B 440 -11.84 -38.61 -0.74
CA LYS B 440 -10.59 -38.68 0.01
C LYS B 440 -9.44 -38.20 -0.86
N TYR B 441 -8.37 -37.76 -0.20
CA TYR B 441 -7.23 -37.20 -0.91
C TYR B 441 -6.46 -38.25 -1.69
N GLY B 442 -6.66 -39.53 -1.38
CA GLY B 442 -6.13 -40.61 -2.17
C GLY B 442 -4.70 -41.00 -1.92
N ALA B 443 -4.43 -42.29 -2.01
CA ALA B 443 -3.07 -42.80 -1.91
C ALA B 443 -3.01 -44.14 -2.62
N ARG B 444 -1.79 -44.51 -3.00
CA ARG B 444 -1.56 -45.76 -3.71
C ARG B 444 -1.82 -46.97 -2.81
N ASP B 445 -2.49 -47.97 -3.38
CA ASP B 445 -2.77 -49.20 -2.66
C ASP B 445 -1.56 -50.12 -2.71
N ALA B 446 -1.17 -50.64 -1.55
CA ALA B 446 0.07 -51.39 -1.44
C ALA B 446 -0.06 -52.77 -2.09
N ASP B 447 0.90 -53.11 -2.95
CA ASP B 447 1.11 -54.44 -3.52
C ASP B 447 -0.03 -54.85 -4.44
N THR B 448 -1.02 -53.99 -4.69
CA THR B 448 -2.12 -54.30 -5.58
C THR B 448 -2.12 -53.44 -6.84
N LYS B 449 -1.36 -52.34 -6.85
CA LYS B 449 -1.30 -51.42 -8.00
C LYS B 449 -2.68 -50.89 -8.38
N ILE B 450 -3.51 -50.64 -7.38
CA ILE B 450 -4.85 -50.09 -7.58
C ILE B 450 -4.83 -48.63 -7.18
N TRP B 451 -5.35 -47.76 -8.05
CA TRP B 451 -5.44 -46.34 -7.82
C TRP B 451 -6.90 -45.92 -7.72
N ASN B 452 -7.17 -44.91 -6.89
CA ASN B 452 -8.51 -44.38 -6.78
C ASN B 452 -8.83 -43.48 -7.97
N GLY B 453 -10.07 -43.00 -8.03
CA GLY B 453 -10.58 -42.32 -9.20
C GLY B 453 -9.82 -41.07 -9.60
N MET B 454 -9.09 -40.46 -8.67
CA MET B 454 -8.41 -39.21 -8.98
C MET B 454 -7.35 -39.41 -10.05
N VAL B 455 -6.60 -40.51 -9.99
CA VAL B 455 -5.56 -40.75 -10.99
C VAL B 455 -6.18 -40.98 -12.36
N GLY B 456 -7.25 -41.79 -12.42
CA GLY B 456 -7.89 -42.04 -13.70
C GLY B 456 -8.47 -40.78 -14.33
N GLU B 457 -9.16 -39.97 -13.53
CA GLU B 457 -9.74 -38.75 -14.07
C GLU B 457 -8.67 -37.72 -14.44
N LEU B 458 -7.56 -37.69 -13.70
CA LEU B 458 -6.46 -36.81 -14.08
C LEU B 458 -5.85 -37.26 -15.40
N VAL B 459 -5.68 -38.57 -15.59
CA VAL B 459 -5.13 -39.08 -16.83
C VAL B 459 -6.08 -38.78 -18.00
N TYR B 460 -7.38 -39.03 -17.79
CA TYR B 460 -8.37 -38.80 -18.82
C TYR B 460 -8.65 -37.31 -19.05
N GLY B 461 -8.16 -36.44 -18.17
CA GLY B 461 -8.44 -35.02 -18.29
C GLY B 461 -9.73 -34.56 -17.65
N LYS B 462 -10.52 -35.48 -17.08
CA LYS B 462 -11.73 -35.08 -16.39
C LYS B 462 -11.43 -34.24 -15.15
N ALA B 463 -10.36 -34.58 -14.44
CA ALA B 463 -9.84 -33.74 -13.36
C ALA B 463 -8.78 -32.81 -13.96
N ASP B 464 -9.22 -31.62 -14.34
CA ASP B 464 -8.32 -30.71 -15.06
C ASP B 464 -7.21 -30.21 -14.14
N ILE B 465 -7.57 -29.75 -12.94
CA ILE B 465 -6.60 -29.26 -11.96
C ILE B 465 -7.16 -29.56 -10.59
N ALA B 466 -6.28 -29.73 -9.62
CA ALA B 466 -6.68 -30.00 -8.24
C ALA B 466 -6.15 -28.88 -7.36
N ILE B 467 -6.91 -27.78 -7.30
CA ILE B 467 -6.63 -26.70 -6.34
C ILE B 467 -7.36 -27.09 -5.07
N ALA B 468 -6.63 -27.75 -4.18
CA ALA B 468 -7.26 -28.45 -3.07
C ALA B 468 -6.21 -28.60 -1.97
N PRO B 469 -6.63 -28.87 -0.74
CA PRO B 469 -5.65 -29.04 0.32
C PRO B 469 -4.87 -30.34 0.18
N LEU B 470 -3.92 -30.38 -0.75
CA LEU B 470 -3.16 -31.57 -1.06
C LEU B 470 -1.70 -31.33 -0.74
N THR B 471 -1.09 -32.24 0.02
CA THR B 471 0.25 -32.03 0.55
C THR B 471 1.32 -32.47 -0.43
N ILE B 472 2.47 -31.81 -0.35
CA ILE B 472 3.62 -32.14 -1.19
C ILE B 472 4.27 -33.42 -0.66
N THR B 473 4.44 -34.41 -1.54
CA THR B 473 5.15 -35.62 -1.15
C THR B 473 5.74 -36.26 -2.40
N LEU B 474 6.80 -37.05 -2.19
CA LEU B 474 7.55 -37.63 -3.30
C LEU B 474 6.71 -38.65 -4.08
N VAL B 475 5.93 -39.47 -3.37
CA VAL B 475 5.16 -40.51 -4.06
C VAL B 475 4.17 -39.88 -5.02
N ARG B 476 3.50 -38.80 -4.59
CA ARG B 476 2.55 -38.13 -5.47
C ARG B 476 3.25 -37.34 -6.56
N GLU B 477 4.34 -36.64 -6.21
CA GLU B 477 4.99 -35.72 -7.15
C GLU B 477 5.60 -36.44 -8.35
N GLU B 478 5.95 -37.72 -8.23
CA GLU B 478 6.37 -38.45 -9.40
C GLU B 478 5.22 -38.87 -10.31
N VAL B 479 3.97 -38.73 -9.84
CA VAL B 479 2.82 -39.08 -10.65
C VAL B 479 2.02 -37.84 -11.08
N ILE B 480 2.04 -36.76 -10.32
CA ILE B 480 1.34 -35.53 -10.67
C ILE B 480 2.24 -34.35 -10.37
N ASP B 481 2.26 -33.39 -11.27
CA ASP B 481 3.06 -32.18 -11.07
C ASP B 481 2.51 -31.36 -9.91
N PHE B 482 3.42 -30.75 -9.17
CA PHE B 482 3.09 -29.96 -7.99
C PHE B 482 3.73 -28.59 -8.13
N SER B 483 2.99 -27.56 -7.71
CA SER B 483 3.50 -26.20 -7.77
C SER B 483 4.30 -25.87 -6.50
N LYS B 484 4.82 -24.66 -6.45
CA LYS B 484 5.54 -24.20 -5.28
C LYS B 484 4.57 -24.11 -4.09
N PRO B 485 4.97 -24.57 -2.91
CA PRO B 485 4.05 -24.53 -1.76
C PRO B 485 3.63 -23.12 -1.41
N PHE B 486 2.35 -22.98 -1.05
CA PHE B 486 1.83 -21.72 -0.56
C PHE B 486 1.70 -21.67 0.95
N MET B 487 1.79 -22.83 1.63
CA MET B 487 1.72 -22.87 3.08
C MET B 487 2.64 -23.97 3.57
N SER B 488 3.32 -23.70 4.68
CA SER B 488 4.25 -24.65 5.27
C SER B 488 3.71 -25.02 6.65
N LEU B 489 3.55 -26.32 6.89
CA LEU B 489 3.05 -26.80 8.16
C LEU B 489 3.64 -28.17 8.45
N GLY B 490 3.01 -28.91 9.35
CA GLY B 490 3.38 -30.30 9.56
C GLY B 490 2.32 -31.02 10.36
N ILE B 491 2.58 -32.31 10.58
CA ILE B 491 1.64 -33.16 11.31
C ILE B 491 1.68 -32.82 12.79
N SER B 492 0.51 -32.75 13.40
CA SER B 492 0.40 -32.44 14.82
C SER B 492 -0.57 -33.41 15.46
N ILE B 493 -0.42 -33.58 16.78
CA ILE B 493 -1.29 -34.48 17.54
C ILE B 493 -2.33 -33.66 18.28
N MET B 494 -3.57 -34.10 18.21
CA MET B 494 -4.73 -33.37 18.71
C MET B 494 -5.46 -34.24 19.72
N ILE B 495 -5.61 -33.72 20.94
CA ILE B 495 -6.22 -34.46 22.03
C ILE B 495 -7.37 -33.63 22.60
N LYS B 496 -8.26 -34.32 23.30
CA LYS B 496 -9.34 -33.63 23.99
C LYS B 496 -8.79 -32.75 25.11
N LYS B 497 -9.35 -31.55 25.25
CA LYS B 497 -8.93 -30.65 26.31
C LYS B 497 -9.30 -31.25 27.66
N PRO B 498 -8.35 -31.42 28.57
CA PRO B 498 -8.69 -32.06 29.86
C PRO B 498 -9.61 -31.18 30.70
N GLN B 499 -10.55 -31.83 31.36
CA GLN B 499 -11.46 -31.15 32.26
C GLN B 499 -10.78 -30.91 33.62
N LYS B 500 -11.43 -30.13 34.46
CA LYS B 500 -10.90 -29.89 35.80
C LYS B 500 -10.84 -31.19 36.58
N SER B 501 -9.73 -31.38 37.30
CA SER B 501 -9.53 -32.63 38.03
C SER B 501 -10.61 -32.83 39.06
N LYS B 502 -11.18 -34.01 39.08
CA LYS B 502 -12.26 -34.33 40.00
C LYS B 502 -11.69 -34.90 41.29
N PRO B 503 -12.08 -34.37 42.45
CA PRO B 503 -11.50 -34.87 43.69
C PRO B 503 -11.82 -36.34 43.92
N GLY B 504 -10.85 -37.06 44.46
CA GLY B 504 -11.04 -38.44 44.84
C GLY B 504 -11.56 -38.55 46.25
N VAL B 505 -11.83 -39.79 46.66
CA VAL B 505 -12.30 -40.04 48.01
C VAL B 505 -11.24 -39.64 49.04
N PHE B 506 -9.99 -40.03 48.81
CA PHE B 506 -8.91 -39.74 49.75
C PHE B 506 -8.12 -38.51 49.35
N SER B 507 -8.81 -37.51 48.78
CA SER B 507 -8.18 -36.29 48.30
C SER B 507 -7.73 -35.39 49.44
N PHE B 508 -8.10 -35.68 50.69
CA PHE B 508 -7.60 -34.86 51.79
C PHE B 508 -6.11 -35.08 52.00
N LEU B 509 -5.57 -36.19 51.50
CA LEU B 509 -4.14 -36.45 51.57
C LEU B 509 -3.35 -35.74 50.48
N ASP B 510 -4.04 -35.21 49.47
CA ASP B 510 -3.36 -34.66 48.30
C ASP B 510 -2.37 -33.54 48.58
N PRO B 511 -2.64 -32.56 49.45
CA PRO B 511 -1.69 -31.44 49.58
C PRO B 511 -0.30 -31.82 50.03
N LEU B 512 -0.10 -32.97 50.65
CA LEU B 512 1.12 -33.17 51.40
C LEU B 512 2.00 -34.34 50.99
N ALA B 513 1.67 -35.06 49.92
CA ALA B 513 2.51 -36.11 49.33
C ALA B 513 2.61 -37.36 50.20
N TYR B 514 2.70 -38.50 49.51
CA TYR B 514 2.62 -39.82 50.12
C TYR B 514 3.79 -40.11 51.05
N GLU B 515 5.00 -39.75 50.64
CA GLU B 515 6.17 -40.03 51.44
C GLU B 515 6.12 -39.27 52.75
N ILE B 516 5.58 -38.07 52.72
CA ILE B 516 5.46 -37.29 53.95
C ILE B 516 4.50 -37.96 54.91
N TRP B 517 3.42 -38.55 54.39
CA TRP B 517 2.51 -39.29 55.26
C TRP B 517 3.15 -40.54 55.85
N MET B 518 3.90 -41.29 55.03
CA MET B 518 4.63 -42.44 55.55
C MET B 518 5.55 -42.04 56.69
N CYS B 519 6.34 -41.00 56.46
CA CYS B 519 7.30 -40.58 57.45
C CYS B 519 6.63 -39.94 58.66
N ILE B 520 5.44 -39.35 58.49
CA ILE B 520 4.71 -38.84 59.65
C ILE B 520 4.31 -39.99 60.54
N VAL B 521 3.81 -41.08 59.95
CA VAL B 521 3.43 -42.23 60.77
C VAL B 521 4.66 -42.82 61.45
N PHE B 522 5.75 -42.99 60.71
CA PHE B 522 6.96 -43.55 61.30
C PHE B 522 7.50 -42.65 62.40
N ALA B 523 7.47 -41.35 62.19
CA ALA B 523 7.92 -40.41 63.20
C ALA B 523 7.03 -40.45 64.43
N TYR B 524 5.72 -40.63 64.23
CA TYR B 524 4.81 -40.79 65.36
C TYR B 524 5.17 -41.98 66.22
N ILE B 525 5.37 -43.15 65.60
CA ILE B 525 5.77 -44.31 66.40
C ILE B 525 7.10 -44.06 67.10
N GLY B 526 8.07 -43.51 66.39
CA GLY B 526 9.35 -43.29 66.99
C GLY B 526 9.29 -42.34 68.17
N VAL B 527 8.53 -41.24 68.02
CA VAL B 527 8.42 -40.27 69.09
C VAL B 527 7.72 -40.89 70.30
N SER B 528 6.64 -41.66 70.07
CA SER B 528 5.96 -42.30 71.19
C SER B 528 6.87 -43.28 71.92
N VAL B 529 7.59 -44.11 71.17
CA VAL B 529 8.46 -45.11 71.79
C VAL B 529 9.58 -44.45 72.58
N VAL B 530 10.21 -43.44 72.00
CA VAL B 530 11.30 -42.77 72.68
C VAL B 530 10.79 -42.05 73.92
N LEU B 531 9.61 -41.45 73.84
CA LEU B 531 9.04 -40.80 75.02
C LEU B 531 8.80 -41.81 76.13
N PHE B 532 8.24 -42.97 75.79
CA PHE B 532 8.00 -44.00 76.78
C PHE B 532 9.32 -44.49 77.37
N LEU B 533 10.33 -44.72 76.52
CA LEU B 533 11.61 -45.22 76.99
C LEU B 533 12.27 -44.22 77.92
N VAL B 534 12.20 -42.94 77.58
CA VAL B 534 12.75 -41.89 78.44
C VAL B 534 12.02 -41.86 79.77
N SER B 535 10.70 -41.94 79.72
CA SER B 535 9.88 -41.74 80.91
C SER B 535 9.92 -42.93 81.86
N ARG B 536 10.13 -44.15 81.36
CA ARG B 536 9.92 -45.31 82.22
C ARG B 536 11.14 -46.17 82.56
N PHE B 537 12.24 -46.11 81.82
CA PHE B 537 13.44 -46.77 82.35
C PHE B 537 13.88 -46.02 83.60
N SER B 538 14.38 -46.77 84.59
CA SER B 538 14.32 -46.35 85.99
C SER B 538 14.66 -44.88 86.18
N PRO B 539 13.65 -44.07 86.49
CA PRO B 539 13.86 -42.64 86.74
C PRO B 539 14.14 -42.33 88.19
N TYR B 540 14.20 -43.37 89.02
CA TYR B 540 14.29 -43.22 90.46
C TYR B 540 13.07 -42.45 90.91
N SER B 541 8.42 -44.46 94.03
CA SER B 541 8.10 -45.75 93.45
C SER B 541 7.86 -45.64 91.95
N GLU B 542 7.60 -46.78 91.30
CA GLU B 542 7.35 -46.79 89.87
C GLU B 542 6.00 -46.14 89.56
N SER B 543 5.84 -45.74 88.30
CA SER B 543 4.65 -45.06 87.81
C SER B 543 4.51 -43.69 88.45
N THR B 544 5.63 -42.98 88.60
CA THR B 544 5.59 -41.58 89.01
C THR B 544 5.03 -40.69 87.90
N ASN B 545 4.96 -41.20 86.68
CA ASN B 545 4.33 -40.52 85.56
C ASN B 545 3.34 -41.46 84.89
N GLU B 546 2.38 -40.85 84.23
CA GLU B 546 1.33 -41.61 83.56
C GLU B 546 1.77 -42.11 82.20
N PHE B 547 3.01 -41.82 81.80
CA PHE B 547 3.48 -42.07 80.44
C PHE B 547 3.93 -43.51 80.26
N GLY B 548 2.95 -44.41 80.25
CA GLY B 548 3.15 -45.74 79.72
C GLY B 548 3.19 -45.69 78.21
N ILE B 549 3.35 -46.86 77.59
CA ILE B 549 3.46 -46.91 76.14
C ILE B 549 2.16 -46.43 75.50
N PHE B 550 1.03 -46.83 76.04
CA PHE B 550 -0.25 -46.45 75.49
C PHE B 550 -0.52 -44.97 75.75
N ASN B 551 -0.22 -44.48 76.95
CA ASN B 551 -0.38 -43.06 77.23
C ASN B 551 0.59 -42.22 76.43
N SER B 552 1.81 -42.71 76.20
CA SER B 552 2.76 -42.01 75.35
C SER B 552 2.24 -41.90 73.92
N LEU B 553 1.66 -42.98 73.41
CA LEU B 553 1.05 -42.95 72.09
C LEU B 553 -0.10 -41.95 72.04
N TRP B 554 -0.92 -41.93 73.08
CA TRP B 554 -2.04 -41.01 73.14
C TRP B 554 -1.58 -39.56 73.19
N PHE B 555 -0.52 -39.28 73.95
CA PHE B 555 0.00 -37.92 74.00
C PHE B 555 0.57 -37.50 72.66
N SER B 556 1.30 -38.39 72.00
CA SER B 556 1.86 -38.05 70.70
C SER B 556 0.76 -37.83 69.68
N LEU B 557 -0.33 -38.60 69.76
CA LEU B 557 -1.45 -38.36 68.86
C LEU B 557 -2.09 -37.00 69.13
N GLY B 558 -2.24 -36.63 70.39
CA GLY B 558 -2.85 -35.35 70.70
C GLY B 558 -2.01 -34.18 70.24
N ALA B 559 -0.70 -34.27 70.43
CA ALA B 559 0.17 -33.17 70.05
C ALA B 559 0.17 -32.95 68.55
N PHE B 560 0.17 -34.03 67.76
CA PHE B 560 0.12 -33.88 66.32
C PHE B 560 -1.15 -33.19 65.88
N MET B 561 -2.27 -33.56 66.48
CA MET B 561 -3.56 -33.08 66.04
C MET B 561 -3.98 -31.83 66.78
N GLN B 562 -3.05 -31.23 67.51
CA GLN B 562 -3.25 -29.95 68.19
C GLN B 562 -4.44 -29.98 69.14
N GLN B 563 -4.52 -31.05 69.92
CA GLN B 563 -5.50 -31.19 70.98
C GLN B 563 -4.75 -31.47 72.26
N GLY B 564 -4.82 -30.53 73.20
CA GLY B 564 -4.09 -30.63 74.45
C GLY B 564 -4.38 -31.88 75.24
N CYS B 565 -3.33 -32.62 75.61
CA CYS B 565 -3.50 -33.84 76.36
C CYS B 565 -3.74 -33.53 77.84
N ASP B 566 -4.06 -34.58 78.59
CA ASP B 566 -4.27 -34.47 80.01
C ASP B 566 -2.98 -34.59 80.82
N ILE B 567 -1.88 -34.98 80.18
CA ILE B 567 -0.61 -35.14 80.86
C ILE B 567 0.49 -34.48 80.02
N SER B 568 1.51 -34.01 80.71
CA SER B 568 2.69 -33.44 80.09
C SER B 568 3.91 -33.98 80.79
N PRO B 569 5.03 -34.14 80.08
CA PRO B 569 6.26 -34.62 80.72
C PRO B 569 6.78 -33.64 81.77
N ARG B 570 7.39 -34.19 82.82
CA ARG B 570 8.02 -33.38 83.84
C ARG B 570 9.54 -33.54 83.89
N SER B 571 10.11 -34.44 83.11
CA SER B 571 11.54 -34.61 83.05
C SER B 571 12.13 -33.81 81.91
N LEU B 572 13.45 -33.62 81.97
CA LEU B 572 14.12 -32.84 80.95
C LEU B 572 14.06 -33.54 79.60
N SER B 573 14.43 -34.81 79.56
CA SER B 573 14.46 -35.54 78.30
C SER B 573 13.06 -35.75 77.73
N GLY B 574 12.09 -36.05 78.59
CA GLY B 574 10.72 -36.16 78.13
C GLY B 574 10.21 -34.86 77.54
N ARG B 575 10.56 -33.74 78.16
CA ARG B 575 10.17 -32.44 77.64
C ARG B 575 10.91 -32.09 76.35
N ILE B 576 12.14 -32.58 76.20
CA ILE B 576 12.85 -32.42 74.93
C ILE B 576 12.08 -33.12 73.82
N VAL B 577 11.67 -34.36 74.09
CA VAL B 577 10.87 -35.10 73.11
C VAL B 577 9.59 -34.34 72.79
N GLY B 578 8.90 -33.87 73.83
CA GLY B 578 7.64 -33.16 73.60
C GLY B 578 7.80 -31.91 72.78
N GLY B 579 8.81 -31.10 73.10
CA GLY B 579 9.01 -29.86 72.37
C GLY B 579 9.39 -30.08 70.92
N VAL B 580 10.27 -31.05 70.66
CA VAL B 580 10.65 -31.28 69.28
C VAL B 580 9.47 -31.82 68.48
N TRP B 581 8.64 -32.66 69.10
CA TRP B 581 7.44 -33.14 68.42
C TRP B 581 6.46 -31.99 68.18
N TRP B 582 6.36 -31.06 69.11
CA TRP B 582 5.50 -29.89 68.95
C TRP B 582 5.96 -29.04 67.78
N PHE B 583 7.27 -28.81 67.66
CA PHE B 583 7.78 -28.05 66.54
C PHE B 583 7.47 -28.76 65.22
N PHE B 584 7.66 -30.07 65.20
CA PHE B 584 7.35 -30.85 64.03
C PHE B 584 5.90 -30.69 63.61
N THR B 585 4.98 -30.83 64.56
CA THR B 585 3.57 -30.79 64.21
C THR B 585 3.15 -29.38 63.79
N LEU B 586 3.72 -28.35 64.39
CA LEU B 586 3.40 -26.99 63.97
C LEU B 586 3.80 -26.77 62.51
N ILE B 587 5.03 -27.14 62.16
CA ILE B 587 5.49 -26.95 60.79
C ILE B 587 4.64 -27.77 59.83
N ILE B 588 4.31 -29.02 60.19
CA ILE B 588 3.59 -29.89 59.28
C ILE B 588 2.16 -29.38 59.03
N ILE B 589 1.46 -28.98 60.09
CA ILE B 589 0.10 -28.49 59.91
C ILE B 589 0.08 -27.19 59.11
N SER B 590 1.03 -26.30 59.39
CA SER B 590 1.11 -25.07 58.61
C SER B 590 1.37 -25.37 57.14
N SER B 591 2.26 -26.32 56.87
CA SER B 591 2.54 -26.69 55.49
C SER B 591 1.32 -27.25 54.79
N TYR B 592 0.58 -28.13 55.47
CA TYR B 592 -0.62 -28.69 54.89
C TYR B 592 -1.62 -27.61 54.51
N THR B 593 -1.94 -26.72 55.46
CA THR B 593 -2.95 -25.72 55.19
C THR B 593 -2.49 -24.72 54.13
N ALA B 594 -1.21 -24.36 54.15
CA ALA B 594 -0.67 -23.42 53.18
C ALA B 594 -0.66 -24.01 51.78
N ASN B 595 -0.34 -25.31 51.68
CA ASN B 595 -0.33 -25.98 50.36
C ASN B 595 -1.77 -26.04 49.83
N LEU B 596 -2.70 -26.51 50.66
CA LEU B 596 -4.08 -26.62 50.26
C LEU B 596 -4.61 -25.28 49.78
N ALA B 597 -4.26 -24.21 50.50
CA ALA B 597 -4.64 -22.88 50.08
C ALA B 597 -4.03 -22.53 48.73
N ALA B 598 -2.78 -22.93 48.51
CA ALA B 598 -2.18 -22.65 47.21
C ALA B 598 -2.90 -23.38 46.09
N PHE B 599 -3.28 -24.63 46.32
CA PHE B 599 -3.94 -25.41 45.27
C PHE B 599 -5.36 -24.94 45.02
N LEU B 600 -6.07 -24.51 46.06
CA LEU B 600 -7.43 -24.07 45.87
C LEU B 600 -7.49 -22.79 45.05
N THR B 601 -6.45 -21.96 45.12
CA THR B 601 -6.20 -20.91 44.15
C THR B 601 -5.39 -21.53 43.03
N VAL B 602 -5.28 -20.84 41.90
CA VAL B 602 -4.45 -21.29 40.79
C VAL B 602 -4.94 -22.63 40.25
N GLU B 603 -5.65 -22.59 39.14
CA GLU B 603 -6.20 -23.73 38.39
C GLU B 603 -5.14 -24.36 37.50
N ARG B 604 -5.59 -25.11 36.48
CA ARG B 604 -4.73 -25.72 35.47
C ARG B 604 -3.81 -26.81 36.02
N MET B 605 -4.40 -27.93 36.41
CA MET B 605 -3.68 -29.10 36.86
C MET B 605 -3.53 -30.12 35.72
N VAL B 606 -2.32 -30.67 35.58
CA VAL B 606 -1.94 -31.83 34.76
C VAL B 606 -2.23 -31.64 33.28
N SER B 607 -1.65 -32.52 32.44
CA SER B 607 -1.85 -32.56 31.01
C SER B 607 -1.47 -33.95 30.52
N PRO B 608 -2.26 -34.56 29.62
CA PRO B 608 -2.00 -35.96 29.24
C PRO B 608 -0.72 -36.18 28.45
N ILE B 609 -0.55 -35.44 27.35
CA ILE B 609 0.57 -35.61 26.44
C ILE B 609 1.27 -34.28 26.29
N GLU B 610 2.60 -34.32 26.14
CA GLU B 610 3.40 -33.10 26.08
C GLU B 610 4.13 -32.92 24.76
N SER B 611 4.83 -33.95 24.26
CA SER B 611 5.61 -33.80 23.04
C SER B 611 5.51 -35.01 22.11
N ALA B 612 4.49 -35.85 22.28
CA ALA B 612 4.23 -37.02 21.44
C ALA B 612 5.25 -38.12 21.69
N GLU B 613 6.27 -37.84 22.51
CA GLU B 613 7.15 -38.90 22.96
C GLU B 613 6.44 -39.81 23.95
N ASP B 614 5.72 -39.21 24.91
CA ASP B 614 4.92 -39.97 25.85
C ASP B 614 3.76 -40.67 25.16
N LEU B 615 3.29 -40.11 24.04
CA LEU B 615 2.21 -40.74 23.28
C LEU B 615 2.66 -42.09 22.75
N SER B 616 3.89 -42.16 22.23
CA SER B 616 4.44 -43.40 21.71
C SER B 616 4.83 -44.38 22.81
N LYS B 617 5.04 -43.91 24.03
CA LYS B 617 5.41 -44.81 25.12
C LYS B 617 4.17 -45.43 25.78
N GLN B 618 3.16 -44.63 26.05
CA GLN B 618 1.98 -45.09 26.75
C GLN B 618 1.01 -45.74 25.78
N THR B 619 0.26 -46.72 26.27
CA THR B 619 -0.58 -47.56 25.42
C THR B 619 -2.06 -47.41 25.69
N GLU B 620 -2.47 -46.71 26.76
CA GLU B 620 -3.89 -46.58 27.05
C GLU B 620 -4.60 -45.77 25.98
N ILE B 621 -4.06 -44.60 25.65
CA ILE B 621 -4.66 -43.71 24.67
C ILE B 621 -4.30 -44.20 23.28
N ALA B 622 -5.28 -44.71 22.55
CA ALA B 622 -5.09 -45.10 21.16
C ALA B 622 -5.05 -43.87 20.28
N TYR B 623 -4.22 -43.91 19.23
CA TYR B 623 -4.10 -42.78 18.33
C TYR B 623 -3.92 -43.25 16.89
N GLY B 624 -4.51 -42.51 15.97
CA GLY B 624 -4.48 -42.85 14.55
C GLY B 624 -4.52 -41.60 13.69
N THR B 625 -4.54 -41.83 12.38
CA THR B 625 -4.42 -40.77 11.39
C THR B 625 -5.54 -40.91 10.37
N LEU B 626 -5.60 -39.98 9.43
CA LEU B 626 -6.50 -40.11 8.30
C LEU B 626 -6.05 -41.23 7.38
N ASP B 627 -6.99 -42.01 6.90
CA ASP B 627 -6.67 -43.09 5.96
C ASP B 627 -6.50 -42.52 4.57
N SER B 628 -5.50 -43.02 3.85
CA SER B 628 -5.15 -42.64 2.48
C SER B 628 -4.63 -41.21 2.39
N GLY B 629 -4.47 -40.53 3.51
CA GLY B 629 -3.92 -39.19 3.51
C GLY B 629 -2.41 -39.19 3.42
N SER B 630 -1.85 -37.99 3.36
CA SER B 630 -0.39 -37.88 3.30
C SER B 630 0.27 -38.30 4.61
N THR B 631 -0.38 -38.04 5.74
CA THR B 631 0.23 -38.35 7.03
C THR B 631 0.51 -39.83 7.19
N LYS B 632 -0.45 -40.68 6.82
CA LYS B 632 -0.25 -42.12 6.92
C LYS B 632 0.90 -42.58 6.04
N GLU B 633 0.99 -42.05 4.82
CA GLU B 633 2.13 -42.38 3.97
C GLU B 633 3.44 -41.87 4.56
N PHE B 634 3.39 -40.74 5.29
CA PHE B 634 4.58 -40.25 5.97
C PHE B 634 5.05 -41.23 7.03
N PHE B 635 4.12 -41.79 7.79
CA PHE B 635 4.51 -42.71 8.86
C PHE B 635 5.04 -44.03 8.31
N ARG B 636 4.55 -44.47 7.15
CA ARG B 636 5.03 -45.72 6.56
C ARG B 636 6.52 -45.65 6.26
N ARG B 637 6.97 -44.57 5.64
CA ARG B 637 8.31 -44.48 5.09
C ARG B 637 9.28 -43.72 5.99
N SER B 638 8.86 -43.34 7.20
CA SER B 638 9.74 -42.60 8.10
C SER B 638 10.68 -43.58 8.79
N LYS B 639 11.98 -43.34 8.64
CA LYS B 639 13.01 -44.13 9.30
C LYS B 639 13.44 -43.53 10.64
N ILE B 640 12.85 -42.41 11.06
CA ILE B 640 13.16 -41.86 12.37
C ILE B 640 12.72 -42.84 13.44
N ALA B 641 13.49 -42.91 14.52
CA ALA B 641 13.26 -43.92 15.55
C ALA B 641 11.88 -43.77 16.18
N VAL B 642 11.54 -42.57 16.62
CA VAL B 642 10.26 -42.36 17.29
C VAL B 642 9.12 -42.50 16.29
N PHE B 643 9.30 -41.99 15.07
CA PHE B 643 8.27 -42.14 14.04
C PHE B 643 8.11 -43.59 13.64
N ASP B 644 9.21 -44.35 13.56
CA ASP B 644 9.09 -45.77 13.27
C ASP B 644 8.36 -46.51 14.39
N LYS B 645 8.61 -46.11 15.64
CA LYS B 645 7.87 -46.69 16.77
C LYS B 645 6.38 -46.39 16.64
N MET B 646 6.05 -45.14 16.33
CA MET B 646 4.64 -44.77 16.17
C MET B 646 3.98 -45.54 15.04
N TRP B 647 4.68 -45.74 13.92
CA TRP B 647 4.11 -46.53 12.84
C TRP B 647 3.94 -47.99 13.24
N THR B 648 4.93 -48.56 13.93
CA THR B 648 4.83 -49.96 14.33
C THR B 648 3.68 -50.16 15.31
N TYR B 649 3.34 -49.14 16.09
CA TYR B 649 2.13 -49.22 16.89
C TYR B 649 0.89 -49.12 16.01
N MET B 650 0.77 -48.02 15.25
CA MET B 650 -0.46 -47.72 14.54
C MET B 650 -0.84 -48.83 13.57
N ARG B 651 0.14 -49.55 13.04
CA ARG B 651 -0.15 -50.64 12.12
C ARG B 651 -0.72 -51.86 12.83
N SER B 652 -0.32 -52.10 14.08
CA SER B 652 -0.69 -53.32 14.78
C SER B 652 -1.81 -53.12 15.80
N ALA B 653 -2.45 -51.96 15.81
CA ALA B 653 -3.54 -51.72 16.75
C ALA B 653 -4.73 -52.63 16.44
N GLU B 654 -5.27 -53.27 17.47
CA GLU B 654 -6.40 -54.17 17.29
C GLU B 654 -7.65 -53.45 16.80
N PRO B 655 -8.10 -52.34 17.39
CA PRO B 655 -9.21 -51.61 16.81
C PRO B 655 -8.74 -50.64 15.73
N SER B 656 -9.66 -50.27 14.85
CA SER B 656 -9.34 -49.37 13.75
C SER B 656 -9.12 -47.97 14.30
N VAL B 657 -7.86 -47.54 14.35
CA VAL B 657 -7.53 -46.19 14.81
C VAL B 657 -7.64 -45.16 13.70
N PHE B 658 -7.76 -45.60 12.45
CA PHE B 658 -7.88 -44.71 11.32
C PHE B 658 -9.35 -44.31 11.11
N VAL B 659 -9.53 -43.17 10.47
CA VAL B 659 -10.85 -42.66 10.11
C VAL B 659 -10.81 -42.19 8.67
N ARG B 660 -11.98 -42.22 8.02
CA ARG B 660 -12.05 -41.85 6.61
C ARG B 660 -11.96 -40.35 6.40
N THR B 661 -12.56 -39.56 7.29
CA THR B 661 -12.64 -38.12 7.13
C THR B 661 -12.12 -37.42 8.38
N THR B 662 -11.70 -36.17 8.20
CA THR B 662 -11.24 -35.37 9.34
C THR B 662 -12.37 -35.15 10.34
N ALA B 663 -13.58 -34.90 9.85
CA ALA B 663 -14.71 -34.72 10.75
C ALA B 663 -14.95 -35.97 11.57
N GLU B 664 -14.79 -37.15 10.97
CA GLU B 664 -14.92 -38.39 11.71
C GLU B 664 -13.86 -38.50 12.80
N GLY B 665 -12.63 -38.08 12.50
CA GLY B 665 -11.58 -38.11 13.51
C GLY B 665 -11.86 -37.18 14.67
N VAL B 666 -12.33 -35.97 14.37
CA VAL B 666 -12.67 -35.03 15.43
C VAL B 666 -13.82 -35.56 16.27
N ALA B 667 -14.83 -36.15 15.61
CA ALA B 667 -15.95 -36.71 16.35
C ALA B 667 -15.51 -37.87 17.22
N ARG B 668 -14.55 -38.67 16.74
CA ARG B 668 -14.02 -39.76 17.56
C ARG B 668 -13.24 -39.21 18.75
N VAL B 669 -12.46 -38.17 18.54
CA VAL B 669 -11.70 -37.58 19.65
C VAL B 669 -12.65 -37.04 20.72
N ARG B 670 -13.71 -36.34 20.29
CA ARG B 670 -14.66 -35.79 21.25
C ARG B 670 -15.50 -36.87 21.92
N LYS B 671 -15.81 -37.94 21.18
CA LYS B 671 -16.62 -39.04 21.71
C LYS B 671 -15.84 -39.95 22.65
N SER B 672 -14.54 -40.13 22.42
CA SER B 672 -13.73 -41.06 23.18
C SER B 672 -13.15 -40.44 24.44
N LYS B 673 -13.78 -39.38 24.96
CA LYS B 673 -13.62 -38.92 26.33
C LYS B 673 -12.18 -38.90 26.82
N GLY B 674 -11.25 -38.54 25.92
CA GLY B 674 -9.88 -38.26 26.30
C GLY B 674 -8.90 -39.40 26.05
N LYS B 675 -9.37 -40.63 25.88
CA LYS B 675 -8.48 -41.74 25.62
C LYS B 675 -8.29 -42.04 24.14
N TYR B 676 -8.55 -41.06 23.26
CA TYR B 676 -8.13 -41.14 21.86
C TYR B 676 -7.48 -39.84 21.43
N ALA B 677 -6.50 -39.96 20.55
CA ALA B 677 -5.78 -38.82 19.99
C ALA B 677 -5.72 -39.00 18.48
N TYR B 678 -5.69 -37.88 17.76
CA TYR B 678 -5.73 -37.90 16.31
C TYR B 678 -4.62 -37.04 15.74
N LEU B 679 -3.79 -37.62 14.88
CA LEU B 679 -2.67 -36.91 14.27
C LEU B 679 -3.15 -36.27 12.98
N LEU B 680 -3.22 -34.94 12.96
CA LEU B 680 -3.69 -34.20 11.80
C LEU B 680 -2.85 -32.95 11.66
N GLU B 681 -2.87 -32.38 10.45
CA GLU B 681 -1.98 -31.27 10.14
C GLU B 681 -2.25 -30.06 11.01
N SER B 682 -1.23 -29.22 11.15
CA SER B 682 -1.24 -28.18 12.18
C SER B 682 -2.34 -27.16 11.92
N THR B 683 -2.56 -26.81 10.64
CA THR B 683 -3.48 -25.71 10.33
C THR B 683 -4.91 -26.10 10.67
N MET B 684 -5.34 -27.29 10.27
CA MET B 684 -6.69 -27.72 10.58
C MET B 684 -6.87 -27.90 12.08
N ASN B 685 -5.82 -28.33 12.77
CA ASN B 685 -5.90 -28.48 14.22
C ASN B 685 -6.05 -27.14 14.91
N GLU B 686 -5.31 -26.13 14.45
CA GLU B 686 -5.50 -24.78 14.98
C GLU B 686 -6.90 -24.27 14.70
N TYR B 687 -7.40 -24.50 13.49
CA TYR B 687 -8.75 -24.04 13.16
C TYR B 687 -9.79 -24.68 14.07
N ILE B 688 -9.70 -25.99 14.27
CA ILE B 688 -10.66 -26.69 15.12
C ILE B 688 -10.50 -26.25 16.58
N GLU B 689 -9.27 -26.01 17.01
CA GLU B 689 -9.02 -25.52 18.36
C GLU B 689 -9.69 -24.17 18.59
N GLN B 690 -9.59 -23.27 17.61
CA GLN B 690 -10.22 -21.96 17.72
C GLN B 690 -11.73 -21.99 17.52
N ARG B 691 -12.28 -23.09 17.00
CA ARG B 691 -13.72 -23.20 16.80
C ARG B 691 -14.40 -23.71 18.07
N LYS B 692 -15.71 -23.50 18.12
CA LYS B 692 -16.51 -23.97 19.24
C LYS B 692 -17.14 -25.32 18.93
N PRO B 693 -17.20 -26.23 19.90
CA PRO B 693 -16.69 -26.10 21.27
C PRO B 693 -15.18 -26.22 21.32
N CYS B 694 -14.55 -25.72 22.38
CA CYS B 694 -13.10 -25.72 22.53
C CYS B 694 -12.59 -26.96 23.27
N ASP B 695 -13.31 -28.08 23.20
CA ASP B 695 -12.95 -29.25 23.98
C ASP B 695 -11.71 -29.98 23.45
N THR B 696 -11.05 -29.47 22.41
CA THR B 696 -9.84 -30.08 21.89
C THR B 696 -8.77 -29.02 21.73
N MET B 697 -7.51 -29.44 21.83
CA MET B 697 -6.38 -28.55 21.71
C MET B 697 -5.32 -29.18 20.83
N LYS B 698 -4.30 -28.39 20.51
CA LYS B 698 -3.08 -28.90 19.90
C LYS B 698 -2.05 -29.21 20.97
N VAL B 699 -1.40 -30.36 20.84
CA VAL B 699 -0.23 -30.70 21.63
C VAL B 699 0.82 -31.25 20.70
N GLY B 700 2.05 -31.28 21.18
CA GLY B 700 3.13 -31.74 20.33
C GLY B 700 3.74 -30.61 19.51
N GLY B 701 5.02 -30.77 19.21
CA GLY B 701 5.75 -29.72 18.52
C GLY B 701 5.85 -29.82 17.02
N ASN B 702 4.72 -29.99 16.32
CA ASN B 702 4.68 -29.97 14.86
C ASN B 702 5.61 -31.02 14.26
N LEU B 703 5.21 -32.29 14.46
CA LEU B 703 6.07 -33.45 14.23
C LEU B 703 6.98 -33.33 13.01
N ASP B 704 6.42 -32.98 11.86
CA ASP B 704 7.21 -32.89 10.63
C ASP B 704 7.01 -31.56 9.94
N SER B 705 7.57 -31.40 8.75
CA SER B 705 7.45 -30.17 7.97
C SER B 705 7.02 -30.53 6.55
N LYS B 706 5.86 -30.04 6.14
CA LYS B 706 5.32 -30.31 4.82
C LYS B 706 4.61 -29.07 4.30
N GLY B 707 4.43 -29.02 2.98
CA GLY B 707 3.81 -27.88 2.34
C GLY B 707 2.65 -28.28 1.48
N TYR B 708 1.73 -27.33 1.29
CA TYR B 708 0.55 -27.54 0.46
C TYR B 708 0.82 -26.99 -0.94
N GLY B 709 0.36 -27.73 -1.95
CA GLY B 709 0.58 -27.33 -3.32
C GLY B 709 -0.64 -27.61 -4.18
N ILE B 710 -0.70 -26.92 -5.31
CA ILE B 710 -1.75 -27.12 -6.30
C ILE B 710 -1.32 -28.24 -7.22
N ALA B 711 -2.15 -29.28 -7.31
CA ALA B 711 -1.81 -30.45 -8.10
C ALA B 711 -2.14 -30.22 -9.57
N THR B 712 -1.29 -30.73 -10.45
CA THR B 712 -1.49 -30.61 -11.88
C THR B 712 -1.12 -31.93 -12.54
N PRO B 713 -1.94 -32.44 -13.45
CA PRO B 713 -1.60 -33.68 -14.17
C PRO B 713 -0.30 -33.52 -14.96
N LYS B 714 0.42 -34.63 -15.07
CA LYS B 714 1.76 -34.61 -15.67
C LYS B 714 1.70 -34.12 -17.11
N GLY B 715 2.61 -33.21 -17.45
CA GLY B 715 2.74 -32.69 -18.80
C GLY B 715 1.74 -31.61 -19.17
N SER B 716 0.89 -31.19 -18.25
CA SER B 716 -0.10 -30.17 -18.55
C SER B 716 0.59 -28.81 -18.74
N SER B 717 0.13 -28.06 -19.73
CA SER B 717 0.68 -26.73 -19.99
C SER B 717 0.36 -25.75 -18.88
N LEU B 718 -0.64 -26.04 -18.05
CA LEU B 718 -1.03 -25.14 -16.96
C LEU B 718 -0.07 -25.20 -15.78
N GLY B 719 0.91 -26.11 -15.77
CA GLY B 719 1.75 -26.25 -14.60
C GLY B 719 2.58 -25.01 -14.30
N THR B 720 3.25 -24.47 -15.31
CA THR B 720 4.14 -23.34 -15.03
C THR B 720 3.40 -22.02 -14.80
N PRO B 721 2.29 -21.71 -15.47
CA PRO B 721 1.62 -20.43 -15.13
C PRO B 721 1.09 -20.43 -13.71
N VAL B 722 0.53 -21.54 -13.24
CA VAL B 722 0.07 -21.60 -11.86
C VAL B 722 1.26 -21.57 -10.91
N ASN B 723 2.37 -22.20 -11.28
CA ASN B 723 3.56 -22.17 -10.43
C ASN B 723 4.06 -20.74 -10.25
N LEU B 724 4.17 -19.99 -11.36
CA LEU B 724 4.62 -18.61 -11.25
C LEU B 724 3.61 -17.73 -10.53
N ALA B 725 2.31 -18.00 -10.71
CA ALA B 725 1.31 -17.21 -9.98
C ALA B 725 1.39 -17.45 -8.49
N VAL B 726 1.60 -18.70 -8.07
CA VAL B 726 1.75 -18.99 -6.64
C VAL B 726 3.01 -18.34 -6.09
N LEU B 727 4.10 -18.37 -6.86
CA LEU B 727 5.31 -17.66 -6.42
C LEU B 727 5.06 -16.17 -6.29
N LYS B 728 4.31 -15.59 -7.23
CA LYS B 728 3.98 -14.17 -7.16
C LYS B 728 3.16 -13.86 -5.92
N LEU B 729 2.17 -14.70 -5.61
CA LEU B 729 1.37 -14.47 -4.42
C LEU B 729 2.21 -14.60 -3.16
N SER B 730 3.13 -15.57 -3.13
CA SER B 730 3.99 -15.74 -1.97
C SER B 730 4.91 -14.54 -1.76
N GLU B 731 5.47 -14.00 -2.85
CA GLU B 731 6.39 -12.88 -2.73
C GLU B 731 5.65 -11.57 -2.45
N GLN B 732 4.39 -11.44 -2.87
CA GLN B 732 3.61 -10.24 -2.61
C GLN B 732 2.91 -10.26 -1.26
N GLY B 733 2.83 -11.40 -0.60
CA GLY B 733 2.27 -11.48 0.74
C GLY B 733 0.76 -11.52 0.82
N VAL B 734 0.05 -11.67 -0.30
CA VAL B 734 -1.40 -11.77 -0.23
C VAL B 734 -1.83 -13.07 0.46
N LEU B 735 -1.03 -14.13 0.30
CA LEU B 735 -1.31 -15.37 1.02
C LEU B 735 -1.33 -15.15 2.52
N ASP B 736 -0.44 -14.29 3.03
CA ASP B 736 -0.47 -13.95 4.44
C ASP B 736 -1.76 -13.23 4.81
N LYS B 737 -2.27 -12.37 3.94
CA LYS B 737 -3.54 -11.71 4.21
C LYS B 737 -4.67 -12.72 4.29
N LEU B 738 -4.71 -13.68 3.38
CA LEU B 738 -5.73 -14.72 3.43
C LEU B 738 -5.59 -15.56 4.69
N LYS B 739 -4.35 -15.90 5.07
CA LYS B 739 -4.11 -16.65 6.29
C LYS B 739 -4.63 -15.90 7.50
N ASN B 740 -4.34 -14.60 7.58
CA ASN B 740 -4.83 -13.77 8.69
C ASN B 740 -6.35 -13.78 8.72
N LYS B 741 -6.98 -13.55 7.56
CA LYS B 741 -8.43 -13.48 7.48
C LYS B 741 -9.08 -14.79 7.93
N TRP B 742 -8.51 -15.92 7.54
CA TRP B 742 -9.16 -17.20 7.77
C TRP B 742 -8.74 -17.89 9.06
N TRP B 743 -7.68 -17.43 9.72
CA TRP B 743 -7.27 -18.01 10.98
C TRP B 743 -7.28 -16.99 12.12
N TYR B 744 -6.59 -15.87 11.96
CA TYR B 744 -6.35 -14.97 13.08
C TYR B 744 -7.53 -14.05 13.34
N ASP B 745 -8.33 -13.75 12.33
CA ASP B 745 -9.49 -12.87 12.49
C ASP B 745 -10.72 -13.60 12.99
N LYS B 746 -10.63 -14.90 13.23
CA LYS B 746 -11.77 -15.69 13.70
C LYS B 746 -11.40 -16.44 14.97
N GLY B 747 -10.69 -15.79 15.88
CA GLY B 747 -10.35 -16.39 17.15
C GLY B 747 -11.52 -16.39 18.10
N GLU B 748 -12.55 -17.18 17.78
CA GLU B 748 -13.78 -17.17 18.56
C GLU B 748 -13.65 -17.89 19.90
N CYS B 749 -12.59 -18.68 20.09
CA CYS B 749 -12.42 -19.44 21.33
C CYS B 749 -11.84 -18.52 22.39
N GLY B 750 -12.71 -17.95 23.23
CA GLY B 750 -12.27 -16.99 24.23
C GLY B 750 -11.54 -17.62 25.39
N ALA B 751 -11.67 -18.93 25.60
CA ALA B 751 -10.97 -19.58 26.69
C ALA B 751 -9.47 -19.55 26.50
N LYS B 752 -9.01 -19.54 25.23
CA LYS B 752 -7.58 -19.48 24.97
C LYS B 752 -6.98 -18.16 25.45
N ASP B 753 -7.70 -17.06 25.24
CA ASP B 753 -7.20 -15.74 25.63
C ASP B 753 -7.06 -15.62 27.15
N SER B 754 -7.83 -16.41 27.91
CA SER B 754 -7.73 -16.43 29.37
C SER B 754 -7.96 -15.03 29.96
N GLY B 755 -8.90 -14.30 29.38
CA GLY B 755 -9.23 -12.97 29.86
C GLY B 755 -10.16 -12.92 31.04
N SER B 756 -10.82 -14.03 31.35
CA SER B 756 -11.79 -14.11 32.44
C SER B 756 -11.15 -14.73 33.68
N LYS B 757 -11.69 -14.38 34.83
CA LYS B 757 -11.25 -14.94 36.11
C LYS B 757 -12.46 -15.44 36.88
N GLU B 758 -12.36 -16.66 37.39
CA GLU B 758 -13.48 -17.26 38.10
C GLU B 758 -13.51 -16.76 39.54
N LYS B 759 -14.60 -17.07 40.22
CA LYS B 759 -14.71 -16.82 41.65
C LYS B 759 -14.60 -18.17 42.36
N THR B 760 -13.79 -18.21 43.40
CA THR B 760 -13.64 -19.42 44.19
C THR B 760 -14.97 -19.82 44.79
N SER B 761 -15.31 -21.08 44.63
CA SER B 761 -16.56 -21.64 45.13
C SER B 761 -16.34 -22.31 46.47
N ALA B 762 -17.45 -22.59 47.15
CA ALA B 762 -17.41 -23.33 48.40
C ALA B 762 -16.94 -24.75 48.16
N LEU B 763 -16.22 -25.30 49.13
CA LEU B 763 -15.73 -26.67 49.02
C LEU B 763 -16.91 -27.61 49.02
N SER B 764 -16.99 -28.48 48.02
CA SER B 764 -18.05 -29.46 47.93
C SER B 764 -17.83 -30.57 48.95
N LEU B 765 -18.89 -31.32 49.22
CA LEU B 765 -18.75 -32.44 50.14
C LEU B 765 -17.81 -33.50 49.59
N SER B 766 -17.68 -33.57 48.27
CA SER B 766 -16.79 -34.53 47.66
C SER B 766 -15.34 -34.27 48.03
N ASN B 767 -14.98 -33.00 48.15
CA ASN B 767 -13.61 -32.64 48.48
C ASN B 767 -13.20 -33.20 49.84
N VAL B 768 -14.13 -33.32 50.77
CA VAL B 768 -13.83 -33.85 52.09
C VAL B 768 -14.72 -35.05 52.41
N ALA B 769 -15.17 -35.76 51.39
CA ALA B 769 -16.03 -36.91 51.64
C ALA B 769 -15.27 -38.05 52.28
N GLY B 770 -13.97 -38.15 52.03
CA GLY B 770 -13.19 -39.25 52.57
C GLY B 770 -13.04 -39.21 54.08
N VAL B 771 -12.88 -38.02 54.65
CA VAL B 771 -12.72 -37.94 56.10
C VAL B 771 -13.99 -38.35 56.80
N PHE B 772 -15.14 -38.12 56.19
CA PHE B 772 -16.38 -38.61 56.75
C PHE B 772 -16.43 -40.13 56.76
N TYR B 773 -15.98 -40.76 55.69
CA TYR B 773 -15.93 -42.21 55.65
C TYR B 773 -14.98 -42.77 56.70
N ILE B 774 -13.81 -42.14 56.85
CA ILE B 774 -12.87 -42.60 57.86
C ILE B 774 -13.44 -42.39 59.26
N LEU B 775 -14.18 -41.31 59.47
CA LEU B 775 -14.81 -41.07 60.75
C LEU B 775 -15.82 -42.15 61.09
N VAL B 776 -16.72 -42.45 60.16
CA VAL B 776 -17.74 -43.44 60.45
C VAL B 776 -17.13 -44.83 60.62
N GLY B 777 -16.13 -45.16 59.80
CA GLY B 777 -15.46 -46.43 59.96
C GLY B 777 -14.76 -46.56 61.29
N GLY B 778 -14.10 -45.50 61.74
CA GLY B 778 -13.47 -45.52 63.04
C GLY B 778 -14.46 -45.62 64.19
N LEU B 779 -15.61 -44.96 64.06
CA LEU B 779 -16.64 -45.08 65.07
C LEU B 779 -17.14 -46.52 65.17
N GLY B 780 -17.38 -47.14 64.02
CA GLY B 780 -17.79 -48.53 64.02
C GLY B 780 -16.74 -49.44 64.58
N LEU B 781 -15.48 -49.17 64.26
CA LEU B 781 -14.38 -49.95 64.80
C LEU B 781 -14.28 -49.81 66.29
N ALA B 782 -14.51 -48.61 66.81
CA ALA B 782 -14.50 -48.40 68.25
C ALA B 782 -15.60 -49.19 68.92
N MET B 783 -16.80 -49.18 68.34
CA MET B 783 -17.87 -49.98 68.90
C MET B 783 -17.50 -51.46 68.90
N LEU B 784 -16.88 -51.92 67.82
CA LEU B 784 -16.49 -53.32 67.72
C LEU B 784 -15.46 -53.69 68.78
N VAL B 785 -14.48 -52.82 68.99
CA VAL B 785 -13.46 -53.04 70.02
C VAL B 785 -14.11 -53.08 71.40
N ALA B 786 -15.04 -52.15 71.65
CA ALA B 786 -15.72 -52.10 72.93
C ALA B 786 -16.53 -53.36 73.18
N LEU B 787 -17.21 -53.85 72.16
CA LEU B 787 -18.01 -55.06 72.29
C LEU B 787 -17.14 -56.28 72.54
N ILE B 788 -15.99 -56.34 71.87
CA ILE B 788 -15.06 -57.43 72.12
C ILE B 788 -14.59 -57.41 73.56
N GLU B 789 -14.27 -56.21 74.06
CA GLU B 789 -13.82 -56.09 75.43
C GLU B 789 -14.89 -56.51 76.41
N PHE B 790 -16.13 -56.08 76.16
CA PHE B 790 -17.23 -56.45 77.05
C PHE B 790 -17.47 -57.95 77.04
N CYS B 791 -17.43 -58.57 75.87
CA CYS B 791 -17.62 -60.02 75.79
C CYS B 791 -16.49 -60.76 76.50
N TYR B 792 -15.26 -60.29 76.36
CA TYR B 792 -14.13 -60.95 76.99
C TYR B 792 -14.23 -60.86 78.50
N LYS B 793 -14.46 -59.66 79.04
CA LYS B 793 -14.48 -59.51 80.48
C LYS B 793 -15.75 -60.07 81.10
N SER B 794 -16.74 -60.43 80.31
CA SER B 794 -17.97 -61.00 80.85
C SER B 794 -17.86 -62.49 81.09
N ARG B 795 -16.72 -63.10 80.77
CA ARG B 795 -16.54 -64.52 81.00
C ARG B 795 -15.06 -64.86 81.19
N GLU B 797 -5.68 -34.23 4.06
CA GLU B 797 -4.29 -34.07 4.42
C GLU B 797 -3.39 -34.51 3.29
N ASN C 1 52.94 -13.92 -70.17
CA ASN C 1 52.55 -15.13 -69.46
C ASN C 1 52.71 -14.97 -67.96
N SER C 2 53.79 -14.31 -67.55
CA SER C 2 54.03 -14.08 -66.14
C SER C 2 52.98 -13.13 -65.55
N ILE C 3 52.70 -13.32 -64.26
CA ILE C 3 51.68 -12.57 -63.55
C ILE C 3 52.37 -11.66 -62.54
N GLN C 4 52.02 -10.38 -62.56
CA GLN C 4 52.58 -9.41 -61.63
C GLN C 4 51.52 -9.05 -60.59
N ILE C 5 51.93 -9.10 -59.32
CA ILE C 5 51.05 -8.72 -58.21
C ILE C 5 51.80 -7.76 -57.30
N GLY C 6 51.04 -6.94 -56.58
CA GLY C 6 51.60 -5.95 -55.68
C GLY C 6 51.51 -6.40 -54.23
N GLY C 7 52.54 -6.09 -53.47
CA GLY C 7 52.59 -6.47 -52.07
C GLY C 7 52.69 -5.29 -51.12
N LEU C 8 51.65 -5.09 -50.31
CA LEU C 8 51.64 -4.02 -49.32
C LEU C 8 51.85 -4.65 -47.94
N PHE C 9 53.12 -4.74 -47.53
CA PHE C 9 53.34 -5.38 -46.26
C PHE C 9 53.66 -4.36 -45.18
N PRO C 10 53.16 -4.56 -43.97
CA PRO C 10 53.52 -3.66 -42.86
C PRO C 10 55.00 -3.77 -42.52
N ARG C 11 55.57 -2.66 -42.05
CA ARG C 11 56.97 -2.64 -41.66
C ARG C 11 57.14 -3.45 -40.38
N GLY C 12 57.89 -4.55 -40.45
CA GLY C 12 58.04 -5.46 -39.33
C GLY C 12 57.32 -6.77 -39.50
N ALA C 13 56.52 -6.94 -40.56
CA ALA C 13 55.82 -8.19 -40.80
C ALA C 13 56.76 -9.17 -41.48
N ASP C 14 57.75 -9.63 -40.70
CA ASP C 14 58.75 -10.55 -41.22
C ASP C 14 58.13 -11.91 -41.51
N GLN C 15 57.35 -12.44 -40.57
CA GLN C 15 56.78 -13.77 -40.73
C GLN C 15 55.79 -13.82 -41.88
N GLU C 16 54.98 -12.78 -42.04
CA GLU C 16 54.02 -12.76 -43.13
C GLU C 16 54.72 -12.79 -44.49
N TYR C 17 55.77 -11.99 -44.65
CA TYR C 17 56.51 -11.98 -45.91
C TYR C 17 57.23 -13.31 -46.14
N SER C 18 57.80 -13.89 -45.08
CA SER C 18 58.46 -15.18 -45.21
C SER C 18 57.49 -16.26 -45.65
N ALA C 19 56.29 -16.30 -45.05
CA ALA C 19 55.30 -17.28 -45.45
C ALA C 19 54.78 -17.00 -46.85
N PHE C 20 54.68 -15.74 -47.25
CA PHE C 20 54.29 -15.43 -48.61
C PHE C 20 55.31 -15.98 -49.61
N ARG C 21 56.60 -15.80 -49.32
CA ARG C 21 57.62 -16.36 -50.20
C ARG C 21 57.61 -17.88 -50.19
N VAL C 22 57.37 -18.48 -49.02
CA VAL C 22 57.22 -19.93 -48.93
C VAL C 22 56.11 -20.42 -49.84
N GLY C 23 54.95 -19.75 -49.79
CA GLY C 23 53.84 -20.16 -50.64
C GLY C 23 54.14 -19.93 -52.12
N MET C 24 54.79 -18.81 -52.44
CA MET C 24 55.17 -18.55 -53.82
C MET C 24 56.07 -19.65 -54.37
N VAL C 25 57.03 -20.11 -53.57
CA VAL C 25 57.89 -21.20 -54.00
C VAL C 25 57.10 -22.50 -54.10
N GLN C 26 56.25 -22.78 -53.12
CA GLN C 26 55.55 -24.06 -53.06
C GLN C 26 54.60 -24.24 -54.24
N PHE C 27 53.86 -23.20 -54.59
CA PHE C 27 52.83 -23.29 -55.62
C PHE C 27 53.31 -22.87 -57.00
N SER C 28 54.63 -22.72 -57.18
CA SER C 28 55.17 -22.39 -58.49
C SER C 28 55.08 -23.59 -59.42
N THR C 29 54.58 -23.37 -60.63
CA THR C 29 54.45 -24.43 -61.63
C THR C 29 55.05 -23.96 -62.96
N SER C 30 55.27 -24.94 -63.84
CA SER C 30 55.91 -24.67 -65.12
C SER C 30 54.99 -23.97 -66.11
N GLU C 31 53.67 -24.08 -65.93
CA GLU C 31 52.74 -23.43 -66.86
C GLU C 31 52.91 -21.92 -66.84
N PHE C 32 52.85 -21.32 -65.66
CA PHE C 32 53.13 -19.90 -65.48
C PHE C 32 53.41 -19.64 -64.02
N ARG C 33 54.06 -18.51 -63.76
CA ARG C 33 54.47 -18.15 -62.41
C ARG C 33 54.14 -16.69 -62.15
N LEU C 34 53.94 -16.38 -60.87
CA LEU C 34 53.67 -15.03 -60.40
C LEU C 34 54.95 -14.36 -59.94
N THR C 35 54.99 -13.03 -60.05
CA THR C 35 56.12 -12.26 -59.58
C THR C 35 55.59 -11.10 -58.73
N PRO C 36 56.05 -10.95 -57.49
CA PRO C 36 55.52 -9.87 -56.64
C PRO C 36 56.38 -8.63 -56.66
N HIS C 37 55.74 -7.47 -56.65
CA HIS C 37 56.40 -6.19 -56.41
C HIS C 37 55.92 -5.69 -55.05
N ILE C 38 56.75 -5.84 -54.03
CA ILE C 38 56.32 -5.65 -52.65
C ILE C 38 56.75 -4.28 -52.17
N ASP C 39 55.92 -3.66 -51.33
CA ASP C 39 56.22 -2.39 -50.71
C ASP C 39 56.12 -2.54 -49.20
N ASN C 40 57.13 -2.06 -48.48
CA ASN C 40 57.11 -2.02 -47.03
C ASN C 40 56.80 -0.61 -46.57
N LEU C 41 55.78 -0.49 -45.73
CA LEU C 41 55.31 0.83 -45.31
C LEU C 41 54.53 0.69 -44.01
N GLU C 42 54.19 1.84 -43.43
CA GLU C 42 53.30 1.90 -42.27
C GLU C 42 51.86 1.94 -42.78
N VAL C 43 51.11 0.87 -42.52
CA VAL C 43 49.75 0.77 -43.04
C VAL C 43 48.79 1.72 -42.35
N ALA C 44 49.20 2.35 -41.25
CA ALA C 44 48.32 3.31 -40.58
C ALA C 44 48.35 4.69 -41.23
N ASN C 45 49.23 4.91 -42.20
CA ASN C 45 49.35 6.18 -42.90
C ASN C 45 48.59 6.08 -44.22
N SER C 46 47.47 6.82 -44.31
CA SER C 46 46.66 6.76 -45.51
C SER C 46 47.41 7.32 -46.72
N PHE C 47 48.24 8.35 -46.52
CA PHE C 47 48.99 8.92 -47.64
C PHE C 47 49.97 7.90 -48.21
N ALA C 48 50.70 7.19 -47.36
CA ALA C 48 51.64 6.20 -47.85
C ALA C 48 50.92 5.06 -48.57
N VAL C 49 49.79 4.61 -48.02
CA VAL C 49 49.03 3.54 -48.66
C VAL C 49 48.50 4.00 -50.02
N THR C 50 47.99 5.22 -50.11
CA THR C 50 47.53 5.75 -51.39
C THR C 50 48.66 5.83 -52.40
N ASN C 51 49.82 6.34 -51.97
CA ASN C 51 50.94 6.48 -52.89
C ASN C 51 51.40 5.12 -53.39
N ALA C 52 51.49 4.14 -52.49
CA ALA C 52 51.90 2.80 -52.90
C ALA C 52 50.87 2.16 -53.81
N PHE C 53 49.59 2.33 -53.51
CA PHE C 53 48.55 1.75 -54.35
C PHE C 53 48.60 2.31 -55.75
N CYS C 54 48.85 3.61 -55.88
CA CYS C 54 48.94 4.19 -57.20
C CYS C 54 50.25 3.82 -57.90
N SER C 55 51.33 3.65 -57.15
CA SER C 55 52.57 3.16 -57.74
C SER C 55 52.42 1.75 -58.31
N GLN C 56 51.75 0.87 -57.56
CA GLN C 56 51.43 -0.45 -58.09
C GLN C 56 50.48 -0.37 -59.28
N PHE C 57 49.48 0.50 -59.20
CA PHE C 57 48.52 0.63 -60.29
C PHE C 57 49.18 1.08 -61.58
N SER C 58 50.09 2.06 -61.48
CA SER C 58 50.83 2.49 -62.66
C SER C 58 51.80 1.43 -63.15
N ARG C 59 52.31 0.59 -62.23
CA ARG C 59 53.22 -0.48 -62.63
C ARG C 59 52.51 -1.53 -63.48
N GLY C 60 51.22 -1.77 -63.22
CA GLY C 60 50.47 -2.73 -64.01
C GLY C 60 50.27 -4.09 -63.39
N VAL C 61 50.15 -4.18 -62.06
CA VAL C 61 49.87 -5.45 -61.40
C VAL C 61 48.39 -5.79 -61.56
N TYR C 62 48.11 -7.06 -61.85
CA TYR C 62 46.73 -7.47 -62.07
C TYR C 62 45.94 -7.53 -60.76
N ALA C 63 46.62 -7.80 -59.64
CA ALA C 63 45.97 -7.87 -58.34
C ALA C 63 46.96 -7.43 -57.28
N ILE C 64 46.43 -7.02 -56.12
CA ILE C 64 47.26 -6.50 -55.05
C ILE C 64 46.93 -7.28 -53.78
N PHE C 65 47.95 -7.84 -53.15
CA PHE C 65 47.86 -8.41 -51.82
C PHE C 65 48.47 -7.44 -50.82
N GLY C 66 47.87 -7.34 -49.64
CA GLY C 66 48.42 -6.44 -48.65
C GLY C 66 47.56 -6.39 -47.40
N PHE C 67 47.96 -5.51 -46.50
CA PHE C 67 47.29 -5.30 -45.22
C PHE C 67 46.75 -3.88 -45.16
N TYR C 68 45.83 -3.66 -44.22
CA TYR C 68 45.38 -2.32 -43.93
C TYR C 68 45.00 -2.23 -42.46
N ASP C 69 45.09 -1.02 -41.93
CA ASP C 69 44.62 -0.70 -40.59
C ASP C 69 43.24 -0.06 -40.70
N LYS C 70 42.64 0.24 -39.55
CA LYS C 70 41.36 0.93 -39.57
C LYS C 70 41.48 2.32 -40.16
N LYS C 71 42.69 2.89 -40.19
CA LYS C 71 42.88 4.19 -40.83
C LYS C 71 43.00 4.09 -42.34
N SER C 72 43.52 2.99 -42.86
CA SER C 72 43.72 2.82 -44.29
C SER C 72 42.71 1.90 -44.95
N VAL C 73 41.75 1.36 -44.22
CA VAL C 73 40.77 0.46 -44.82
C VAL C 73 39.89 1.20 -45.81
N ASN C 74 39.46 2.42 -45.48
CA ASN C 74 38.54 3.13 -46.36
C ASN C 74 39.23 3.62 -47.63
N THR C 75 40.51 3.96 -47.55
CA THR C 75 41.26 4.31 -48.75
C THR C 75 41.33 3.13 -49.71
N ILE C 76 41.66 1.96 -49.18
CA ILE C 76 41.80 0.77 -50.02
C ILE C 76 40.47 0.42 -50.65
N THR C 77 39.40 0.40 -49.84
CA THR C 77 38.09 0.04 -50.37
C THR C 77 37.64 1.02 -51.44
N SER C 78 37.81 2.33 -51.21
CA SER C 78 37.36 3.30 -52.20
C SER C 78 38.16 3.19 -53.48
N PHE C 79 39.49 3.07 -53.38
CA PHE C 79 40.32 2.99 -54.58
C PHE C 79 40.01 1.72 -55.37
N CYS C 80 39.81 0.59 -54.68
CA CYS C 80 39.50 -0.64 -55.39
C CYS C 80 38.11 -0.60 -56.00
N GLY C 81 37.15 0.03 -55.33
CA GLY C 81 35.83 0.17 -55.92
C GLY C 81 35.83 1.06 -57.15
N THR C 82 36.64 2.12 -57.14
CA THR C 82 36.68 3.03 -58.27
C THR C 82 37.45 2.44 -59.45
N LEU C 83 38.63 1.87 -59.17
CA LEU C 83 39.52 1.40 -60.23
C LEU C 83 39.32 -0.06 -60.57
N HIS C 84 38.39 -0.75 -59.90
CA HIS C 84 38.10 -2.16 -60.12
C HIS C 84 39.31 -3.06 -59.91
N VAL C 85 40.30 -2.60 -59.16
CA VAL C 85 41.45 -3.45 -58.82
C VAL C 85 41.07 -4.35 -57.67
N SER C 86 41.27 -5.66 -57.85
CA SER C 86 40.91 -6.62 -56.82
C SER C 86 41.97 -6.63 -55.73
N PHE C 87 41.52 -6.45 -54.48
CA PHE C 87 42.41 -6.39 -53.33
C PHE C 87 42.13 -7.58 -52.43
N ILE C 88 43.18 -8.35 -52.15
CA ILE C 88 43.07 -9.56 -51.34
C ILE C 88 43.90 -9.32 -50.09
N THR C 89 43.29 -9.47 -48.92
CA THR C 89 43.95 -9.13 -47.68
C THR C 89 43.70 -10.19 -46.62
N PRO C 90 44.66 -10.41 -45.73
CA PRO C 90 44.41 -11.20 -44.52
C PRO C 90 44.03 -10.38 -43.30
N SER C 91 43.85 -9.07 -43.44
CA SER C 91 43.58 -8.19 -42.31
C SER C 91 42.13 -8.37 -41.87
N PHE C 92 41.69 -7.54 -40.93
CA PHE C 92 40.36 -7.68 -40.38
C PHE C 92 39.32 -7.43 -41.47
N PRO C 93 38.21 -8.16 -41.47
CA PRO C 93 37.18 -7.93 -42.49
C PRO C 93 36.59 -6.54 -42.36
N THR C 94 36.22 -5.96 -43.51
CA THR C 94 35.57 -4.67 -43.50
C THR C 94 34.16 -4.79 -42.92
N ASP C 95 33.66 -3.67 -42.41
CA ASP C 95 32.37 -3.62 -41.75
C ASP C 95 31.19 -3.48 -42.71
N GLY C 96 31.40 -3.74 -44.00
CA GLY C 96 30.33 -3.60 -44.96
C GLY C 96 30.42 -4.55 -46.13
N THR C 97 29.77 -4.23 -47.23
CA THR C 97 29.74 -5.05 -48.44
C THR C 97 30.62 -4.50 -49.55
N HIS C 98 31.79 -3.98 -49.21
CA HIS C 98 32.64 -3.34 -50.21
C HIS C 98 33.07 -4.35 -51.26
N PRO C 99 32.91 -4.04 -52.55
CA PRO C 99 33.31 -4.98 -53.59
C PRO C 99 34.81 -4.90 -53.87
N PHE C 100 35.27 -5.83 -54.72
CA PHE C 100 36.65 -5.90 -55.19
C PHE C 100 37.63 -6.10 -54.05
N VAL C 101 37.16 -6.56 -52.89
CA VAL C 101 38.00 -6.86 -51.74
C VAL C 101 37.73 -8.29 -51.33
N ILE C 102 38.78 -9.09 -51.24
CA ILE C 102 38.66 -10.50 -50.87
C ILE C 102 39.12 -10.62 -49.42
N GLN C 103 38.21 -11.00 -48.55
CA GLN C 103 38.54 -11.20 -47.14
C GLN C 103 39.05 -12.62 -46.94
N MET C 104 40.32 -12.73 -46.56
CA MET C 104 40.91 -14.02 -46.22
C MET C 104 40.69 -14.42 -44.78
N ARG C 105 40.26 -13.50 -43.94
CA ARG C 105 40.04 -13.75 -42.52
C ARG C 105 38.56 -13.98 -42.26
N PRO C 106 38.20 -15.09 -41.63
CA PRO C 106 36.79 -15.32 -41.28
C PRO C 106 36.34 -14.41 -40.14
N ASP C 107 35.02 -14.30 -40.02
CA ASP C 107 34.41 -13.41 -39.04
C ASP C 107 34.36 -14.09 -37.68
N LEU C 108 35.11 -13.54 -36.72
CA LEU C 108 35.10 -14.02 -35.35
C LEU C 108 33.89 -13.50 -34.58
N LYS C 109 33.12 -12.61 -35.19
CA LYS C 109 32.05 -11.92 -34.48
C LYS C 109 31.01 -12.89 -33.94
N GLY C 110 30.75 -13.98 -34.65
CA GLY C 110 29.73 -14.93 -34.22
C GLY C 110 30.21 -15.97 -33.23
N ALA C 111 31.44 -16.46 -33.44
CA ALA C 111 32.00 -17.44 -32.53
C ALA C 111 32.15 -16.87 -31.12
N LEU C 112 32.44 -15.58 -31.02
CA LEU C 112 32.54 -14.96 -29.70
C LEU C 112 31.20 -15.00 -28.98
N LEU C 113 30.12 -14.64 -29.67
CA LEU C 113 28.80 -14.70 -29.06
C LEU C 113 28.41 -16.12 -28.69
N SER C 114 28.74 -17.09 -29.57
CA SER C 114 28.45 -18.48 -29.25
C SER C 114 29.20 -18.93 -28.01
N LEU C 115 30.46 -18.52 -27.86
CA LEU C 115 31.22 -18.91 -26.68
C LEU C 115 30.71 -18.22 -25.43
N ILE C 116 30.25 -16.97 -25.56
CA ILE C 116 29.63 -16.30 -24.41
C ILE C 116 28.38 -17.03 -23.97
N GLU C 117 27.53 -17.42 -24.93
CA GLU C 117 26.32 -18.15 -24.58
C GLU C 117 26.63 -19.53 -24.02
N TYR C 118 27.76 -20.13 -24.44
CA TYR C 118 28.13 -21.44 -23.93
C TYR C 118 28.42 -21.39 -22.43
N TYR C 119 29.11 -20.35 -21.97
CA TYR C 119 29.38 -20.21 -20.55
C TYR C 119 28.24 -19.58 -19.77
N GLN C 120 27.14 -19.24 -20.45
CA GLN C 120 25.96 -18.67 -19.80
C GLN C 120 26.30 -17.40 -19.04
N TRP C 121 27.19 -16.59 -19.61
CA TRP C 121 27.60 -15.36 -18.97
C TRP C 121 26.47 -14.34 -18.99
N ASP C 122 26.27 -13.66 -17.85
CA ASP C 122 25.36 -12.54 -17.75
C ASP C 122 26.08 -11.23 -17.43
N LYS C 123 27.34 -11.29 -17.03
CA LYS C 123 28.10 -10.09 -16.68
C LYS C 123 29.57 -10.38 -16.91
N PHE C 124 30.23 -9.52 -17.69
CA PHE C 124 31.63 -9.72 -18.01
C PHE C 124 32.24 -8.39 -18.43
N ALA C 125 33.55 -8.29 -18.28
CA ALA C 125 34.30 -7.13 -18.73
C ALA C 125 34.84 -7.38 -20.12
N TYR C 126 34.85 -6.33 -20.94
CA TYR C 126 35.24 -6.41 -22.34
C TYR C 126 36.37 -5.42 -22.56
N LEU C 127 37.60 -5.88 -22.41
CA LEU C 127 38.77 -5.08 -22.73
C LEU C 127 39.01 -5.12 -24.23
N TYR C 128 39.15 -3.95 -24.84
CA TYR C 128 39.26 -3.89 -26.29
C TYR C 128 40.27 -2.84 -26.69
N ASP C 129 40.83 -3.03 -27.88
CA ASP C 129 41.76 -2.10 -28.51
C ASP C 129 41.17 -1.62 -29.82
N SER C 130 41.48 -0.38 -30.18
CA SER C 130 40.90 0.23 -31.37
C SER C 130 41.66 -0.13 -32.64
N ASP C 131 42.71 -0.93 -32.54
CA ASP C 131 43.56 -1.23 -33.68
C ASP C 131 42.83 -1.99 -34.79
N ARG C 132 41.71 -2.64 -34.48
CA ARG C 132 40.95 -3.40 -35.48
C ARG C 132 39.51 -2.92 -35.56
N GLY C 133 39.24 -1.68 -35.22
CA GLY C 133 37.88 -1.17 -35.26
C GLY C 133 37.11 -1.57 -34.01
N LEU C 134 35.88 -1.08 -33.94
CA LEU C 134 35.01 -1.36 -32.80
C LEU C 134 33.82 -2.23 -33.18
N SER C 135 33.89 -2.92 -34.33
CA SER C 135 32.75 -3.70 -34.79
C SER C 135 32.37 -4.81 -33.83
N THR C 136 33.37 -5.53 -33.31
CA THR C 136 33.08 -6.60 -32.35
C THR C 136 32.49 -6.04 -31.07
N LEU C 137 32.96 -4.88 -30.63
CA LEU C 137 32.38 -4.24 -29.46
C LEU C 137 30.92 -3.86 -29.70
N GLN C 138 30.62 -3.34 -30.90
CA GLN C 138 29.24 -3.00 -31.23
C GLN C 138 28.35 -4.23 -31.22
N ALA C 139 28.84 -5.34 -31.80
CA ALA C 139 28.05 -6.57 -31.80
C ALA C 139 27.83 -7.07 -30.38
N VAL C 140 28.85 -7.00 -29.54
CA VAL C 140 28.71 -7.44 -28.15
C VAL C 140 27.69 -6.58 -27.43
N LEU C 141 27.74 -5.26 -27.64
CA LEU C 141 26.77 -4.37 -26.99
C LEU C 141 25.35 -4.63 -27.46
N ASP C 142 25.15 -4.87 -28.76
CA ASP C 142 23.82 -5.17 -29.27
C ASP C 142 23.30 -6.49 -28.71
N SER C 143 24.14 -7.51 -28.67
CA SER C 143 23.72 -8.79 -28.10
C SER C 143 23.49 -8.68 -26.60
N ALA C 144 24.17 -7.74 -25.94
CA ALA C 144 23.93 -7.50 -24.52
C ALA C 144 22.57 -6.85 -24.32
N ALA C 145 22.22 -5.89 -25.18
CA ALA C 145 20.90 -5.29 -25.08
C ALA C 145 19.81 -6.32 -25.34
N GLU C 146 20.06 -7.25 -26.28
CA GLU C 146 19.05 -8.26 -26.58
C GLU C 146 18.95 -9.31 -25.47
N LYS C 147 20.08 -9.75 -24.92
CA LYS C 147 20.14 -10.83 -23.96
C LYS C 147 20.31 -10.35 -22.53
N LYS C 148 20.14 -9.05 -22.27
CA LYS C 148 20.20 -8.49 -20.92
C LYS C 148 21.55 -8.68 -20.25
N TRP C 149 22.63 -8.68 -21.04
CA TRP C 149 23.96 -8.85 -20.47
C TRP C 149 24.42 -7.55 -19.80
N GLN C 150 25.40 -7.67 -18.92
CA GLN C 150 26.05 -6.53 -18.29
C GLN C 150 27.51 -6.49 -18.75
N VAL C 151 27.80 -5.61 -19.71
CA VAL C 151 29.11 -5.54 -20.34
C VAL C 151 29.80 -4.26 -19.88
N THR C 152 31.01 -4.40 -19.37
CA THR C 152 31.84 -3.26 -18.99
C THR C 152 32.91 -3.09 -20.06
N ALA C 153 32.66 -2.21 -21.02
CA ALA C 153 33.61 -2.00 -22.10
C ALA C 153 34.68 -1.01 -21.65
N ILE C 154 35.93 -1.43 -21.68
CA ILE C 154 37.05 -0.62 -21.24
C ILE C 154 38.08 -0.58 -22.36
N ASN C 155 38.50 0.62 -22.72
CA ASN C 155 39.51 0.81 -23.76
C ASN C 155 40.91 0.70 -23.18
N VAL C 156 41.75 -0.11 -23.81
CA VAL C 156 43.15 -0.26 -23.42
C VAL C 156 44.11 0.22 -24.50
N GLY C 157 43.60 0.77 -25.60
CA GLY C 157 44.45 1.29 -26.66
C GLY C 157 45.15 2.59 -26.33
N ASN C 158 44.62 3.36 -25.37
CA ASN C 158 45.28 4.58 -24.98
C ASN C 158 46.59 4.30 -24.24
N ILE C 159 46.65 3.19 -23.51
CA ILE C 159 47.89 2.78 -22.87
C ILE C 159 48.89 2.36 -23.94
N ASN C 160 50.10 2.92 -23.87
CA ASN C 160 51.10 2.73 -24.90
C ASN C 160 52.47 2.55 -24.26
N ASN C 161 53.39 1.94 -25.01
CA ASN C 161 54.73 1.73 -24.51
C ASN C 161 55.61 2.96 -24.70
N ASP C 162 55.31 3.78 -25.70
CA ASP C 162 56.16 4.94 -26.00
C ASP C 162 56.13 5.94 -24.85
N LYS C 163 54.97 6.16 -24.25
CA LYS C 163 54.78 7.09 -23.15
C LYS C 163 54.13 6.38 -21.96
N LYS C 164 54.72 5.24 -21.58
CA LYS C 164 54.09 4.31 -20.66
C LYS C 164 53.86 4.92 -19.29
N ASP C 165 52.59 5.12 -18.93
CA ASP C 165 52.14 5.23 -17.54
C ASP C 165 50.95 4.30 -17.41
N GLU C 166 51.22 3.03 -17.16
CA GLU C 166 50.19 2.01 -17.27
C GLU C 166 49.13 2.19 -16.19
N THR C 167 47.87 2.06 -16.60
CA THR C 167 46.72 2.21 -15.71
C THR C 167 46.03 0.88 -15.45
N TYR C 168 46.73 -0.24 -15.63
CA TYR C 168 46.13 -1.55 -15.40
C TYR C 168 45.76 -1.76 -13.94
N ARG C 169 46.44 -1.06 -13.02
CA ARG C 169 46.13 -1.20 -11.60
C ARG C 169 44.68 -0.78 -11.33
N SER C 170 44.35 0.48 -11.62
CA SER C 170 42.99 0.95 -11.43
C SER C 170 42.02 0.22 -12.35
N LEU C 171 42.50 -0.22 -13.51
CA LEU C 171 41.65 -0.99 -14.43
C LEU C 171 41.15 -2.26 -13.77
N PHE C 172 42.06 -3.05 -13.19
CA PHE C 172 41.64 -4.29 -12.55
C PHE C 172 40.96 -4.04 -11.22
N GLN C 173 41.28 -2.92 -10.55
CA GLN C 173 40.58 -2.60 -9.31
C GLN C 173 39.12 -2.22 -9.55
N ASP C 174 38.82 -1.57 -10.68
CA ASP C 174 37.43 -1.33 -11.04
C ASP C 174 36.69 -2.64 -11.28
N LEU C 175 37.35 -3.62 -11.90
CA LEU C 175 36.73 -4.92 -12.11
C LEU C 175 36.40 -5.60 -10.78
N GLU C 176 37.29 -5.50 -9.80
CA GLU C 176 37.04 -6.15 -8.51
C GLU C 176 35.90 -5.49 -7.76
N LEU C 177 35.75 -4.17 -7.89
CA LEU C 177 34.64 -3.48 -7.21
C LEU C 177 33.29 -3.93 -7.74
N LYS C 178 33.23 -4.44 -8.97
CA LYS C 178 32.02 -5.04 -9.51
C LYS C 178 32.11 -6.55 -9.59
N LYS C 179 33.19 -7.14 -9.07
CA LYS C 179 33.41 -8.59 -9.07
C LYS C 179 33.36 -9.14 -10.49
N GLU C 180 34.16 -8.54 -11.38
CA GLU C 180 34.23 -8.97 -12.78
C GLU C 180 35.26 -10.10 -12.89
N ARG C 181 34.82 -11.31 -12.53
CA ARG C 181 35.65 -12.49 -12.70
C ARG C 181 35.86 -12.85 -14.16
N ARG C 182 35.02 -12.36 -15.05
CA ARG C 182 34.96 -12.79 -16.45
C ARG C 182 35.42 -11.65 -17.34
N VAL C 183 36.46 -11.89 -18.15
CA VAL C 183 37.11 -10.85 -18.93
C VAL C 183 37.28 -11.33 -20.36
N ILE C 184 37.06 -10.42 -21.31
CA ILE C 184 37.31 -10.67 -22.73
C ILE C 184 38.42 -9.75 -23.19
N LEU C 185 39.43 -10.32 -23.84
CA LEU C 185 40.58 -9.59 -24.35
C LEU C 185 40.47 -9.50 -25.87
N ASP C 186 39.87 -8.42 -26.35
CA ASP C 186 39.75 -8.19 -27.80
C ASP C 186 40.96 -7.41 -28.30
N CYS C 187 42.08 -8.11 -28.40
CA CYS C 187 43.34 -7.50 -28.76
C CYS C 187 44.18 -8.48 -29.56
N GLU C 188 45.20 -7.95 -30.23
CA GLU C 188 46.12 -8.76 -31.02
C GLU C 188 47.16 -9.40 -30.10
N ARG C 189 48.10 -10.13 -30.71
CA ARG C 189 48.99 -11.02 -29.96
C ARG C 189 49.80 -10.27 -28.91
N ASP C 190 50.49 -9.21 -29.32
CA ASP C 190 51.39 -8.53 -28.38
C ASP C 190 50.61 -7.85 -27.25
N LYS C 191 49.49 -7.22 -27.56
CA LYS C 191 48.71 -6.58 -26.51
C LYS C 191 48.14 -7.61 -25.54
N VAL C 192 47.67 -8.75 -26.06
CA VAL C 192 47.17 -9.81 -25.19
C VAL C 192 48.28 -10.33 -24.29
N ASN C 193 49.49 -10.49 -24.84
CA ASN C 193 50.62 -10.91 -24.01
C ASN C 193 50.92 -9.90 -22.91
N ASP C 194 50.85 -8.60 -23.25
CA ASP C 194 51.08 -7.58 -22.23
C ASP C 194 50.01 -7.63 -21.14
N ILE C 195 48.76 -7.83 -21.53
CA ILE C 195 47.68 -7.96 -20.54
C ILE C 195 47.93 -9.18 -19.65
N VAL C 196 48.39 -10.28 -20.24
CA VAL C 196 48.68 -11.48 -19.48
C VAL C 196 49.81 -11.24 -18.49
N ASP C 197 50.86 -10.54 -18.92
CA ASP C 197 51.96 -10.22 -18.01
C ASP C 197 51.49 -9.34 -16.86
N GLN C 198 50.66 -8.34 -17.15
CA GLN C 198 50.12 -7.50 -16.08
C GLN C 198 49.25 -8.32 -15.13
N VAL C 199 48.45 -9.24 -15.66
CA VAL C 199 47.63 -10.11 -14.83
C VAL C 199 48.49 -10.93 -13.90
N ILE C 200 49.58 -11.50 -14.42
CA ILE C 200 50.50 -12.29 -13.60
C ILE C 200 51.12 -11.42 -12.51
N THR C 201 51.57 -10.22 -12.89
CA THR C 201 52.23 -9.33 -11.92
C THR C 201 51.26 -8.89 -10.83
N ILE C 202 50.02 -8.56 -11.19
CA ILE C 202 49.07 -7.99 -10.24
C ILE C 202 48.31 -9.06 -9.46
N GLY C 203 48.51 -10.34 -9.77
CA GLY C 203 47.85 -11.40 -9.04
C GLY C 203 46.43 -11.72 -9.47
N LYS C 204 45.99 -11.24 -10.63
CA LYS C 204 44.66 -11.53 -11.16
C LYS C 204 44.60 -12.84 -11.94
N HIS C 205 45.53 -13.76 -11.71
CA HIS C 205 45.63 -15.02 -12.45
C HIS C 205 45.18 -16.21 -11.63
N VAL C 206 44.54 -15.99 -10.49
CA VAL C 206 44.14 -17.04 -9.55
C VAL C 206 42.85 -17.70 -10.02
N LYS C 207 42.49 -18.82 -9.39
CA LYS C 207 41.27 -19.53 -9.73
C LYS C 207 40.05 -18.66 -9.47
N GLY C 208 39.02 -18.86 -10.30
CA GLY C 208 37.82 -18.07 -10.28
C GLY C 208 37.77 -17.03 -11.38
N TYR C 209 38.93 -16.61 -11.85
CA TYR C 209 39.05 -15.63 -12.93
C TYR C 209 39.08 -16.33 -14.27
N HIS C 210 38.23 -15.90 -15.18
CA HIS C 210 38.06 -16.55 -16.47
C HIS C 210 38.24 -15.53 -17.58
N TYR C 211 39.13 -15.83 -18.52
CA TYR C 211 39.47 -14.93 -19.61
C TYR C 211 39.16 -15.56 -20.95
N ILE C 212 38.62 -14.77 -21.87
CA ILE C 212 38.44 -15.17 -23.25
C ILE C 212 39.30 -14.29 -24.13
N ILE C 213 40.14 -14.89 -24.96
CA ILE C 213 41.00 -14.17 -25.88
C ILE C 213 40.30 -14.13 -27.22
N ALA C 214 39.88 -12.95 -27.65
CA ALA C 214 39.03 -12.82 -28.84
C ALA C 214 39.88 -12.54 -30.09
N ASN C 215 40.69 -13.54 -30.45
CA ASN C 215 41.42 -13.51 -31.70
C ASN C 215 41.72 -14.94 -32.11
N LEU C 216 42.08 -15.10 -33.38
CA LEU C 216 42.30 -16.43 -33.96
C LEU C 216 43.71 -16.96 -33.72
N GLY C 217 44.48 -16.31 -32.86
CA GLY C 217 45.85 -16.72 -32.59
C GLY C 217 46.06 -17.15 -31.16
N PHE C 218 45.13 -17.94 -30.63
CA PHE C 218 45.16 -18.31 -29.21
C PHE C 218 46.45 -19.05 -28.86
N THR C 219 46.89 -19.97 -29.73
CA THR C 219 48.15 -20.66 -29.48
C THR C 219 49.34 -19.74 -29.63
N ASP C 220 49.21 -18.70 -30.46
CA ASP C 220 50.34 -17.86 -30.79
C ASP C 220 50.76 -16.96 -29.65
N GLY C 221 49.91 -16.76 -28.65
CA GLY C 221 50.25 -15.89 -27.54
C GLY C 221 51.23 -16.54 -26.58
N ASP C 222 51.86 -15.70 -25.75
CA ASP C 222 52.75 -16.18 -24.70
C ASP C 222 51.90 -16.67 -23.52
N LEU C 223 51.20 -17.78 -23.75
CA LEU C 223 50.20 -18.28 -22.83
C LEU C 223 50.75 -19.24 -21.79
N LEU C 224 52.06 -19.52 -21.81
CA LEU C 224 52.67 -20.32 -20.76
C LEU C 224 52.65 -19.63 -19.40
N LYS C 225 52.44 -18.30 -19.38
CA LYS C 225 52.37 -17.57 -18.12
C LYS C 225 51.17 -18.00 -17.27
N ILE C 226 50.02 -18.23 -17.90
CA ILE C 226 48.79 -18.48 -17.15
C ILE C 226 48.48 -19.96 -16.97
N GLN C 227 49.07 -20.83 -17.80
CA GLN C 227 48.67 -22.24 -17.80
C GLN C 227 48.79 -22.85 -16.40
N PHE C 228 49.79 -22.44 -15.64
CA PHE C 228 49.99 -22.91 -14.27
C PHE C 228 49.66 -21.84 -13.25
N GLY C 229 49.05 -20.72 -13.66
CA GLY C 229 48.71 -19.67 -12.73
C GLY C 229 47.46 -19.93 -11.91
N GLY C 230 46.53 -20.71 -12.45
CA GLY C 230 45.28 -21.06 -11.77
C GLY C 230 44.04 -20.51 -12.45
N ALA C 231 44.18 -19.42 -13.20
CA ALA C 231 43.04 -18.83 -13.90
C ALA C 231 42.63 -19.71 -15.08
N GLU C 232 41.41 -19.47 -15.57
CA GLU C 232 40.87 -20.22 -16.70
C GLU C 232 40.91 -19.35 -17.94
N VAL C 233 41.49 -19.88 -19.01
CA VAL C 233 41.66 -19.17 -20.27
C VAL C 233 41.05 -20.00 -21.38
N SER C 234 40.20 -19.38 -22.20
CA SER C 234 39.60 -20.02 -23.35
C SER C 234 39.71 -19.09 -24.56
N GLY C 235 39.58 -19.65 -25.75
CA GLY C 235 39.71 -18.83 -26.94
C GLY C 235 39.34 -19.57 -28.21
N PHE C 236 39.84 -19.03 -29.32
CA PHE C 236 39.50 -19.51 -30.65
C PHE C 236 40.77 -19.74 -31.46
N GLN C 237 40.77 -20.82 -32.24
CA GLN C 237 41.91 -21.16 -33.09
C GLN C 237 41.42 -21.46 -34.50
N ILE C 238 42.16 -20.95 -35.49
CA ILE C 238 41.83 -21.19 -36.88
C ILE C 238 42.78 -22.19 -37.55
N VAL C 239 44.03 -22.28 -37.10
CA VAL C 239 45.00 -23.21 -37.65
C VAL C 239 44.90 -24.52 -36.87
N ASP C 240 44.48 -25.58 -37.55
CA ASP C 240 44.31 -26.89 -36.92
C ASP C 240 45.63 -27.65 -37.01
N TYR C 241 46.37 -27.68 -35.90
CA TYR C 241 47.70 -28.27 -35.92
C TYR C 241 47.66 -29.76 -36.20
N ASP C 242 46.67 -30.47 -35.66
CA ASP C 242 46.61 -31.92 -35.83
C ASP C 242 46.27 -32.36 -37.25
N ASP C 243 45.85 -31.44 -38.10
CA ASP C 243 45.50 -31.79 -39.47
C ASP C 243 46.74 -32.22 -40.25
N SER C 244 46.53 -33.13 -41.22
CA SER C 244 47.64 -33.65 -42.00
C SER C 244 48.31 -32.56 -42.82
N LEU C 245 47.50 -31.69 -43.44
CA LEU C 245 48.06 -30.62 -44.27
C LEU C 245 48.88 -29.65 -43.44
N VAL C 246 48.33 -29.22 -42.30
CA VAL C 246 49.02 -28.24 -41.46
C VAL C 246 50.30 -28.85 -40.89
N SER C 247 50.23 -30.11 -40.45
CA SER C 247 51.42 -30.77 -39.91
C SER C 247 52.49 -30.93 -40.97
N LYS C 248 52.09 -31.30 -42.19
CA LYS C 248 53.05 -31.43 -43.28
C LYS C 248 53.70 -30.09 -43.60
N PHE C 249 52.91 -29.01 -43.56
CA PHE C 249 53.49 -27.68 -43.74
C PHE C 249 54.49 -27.36 -42.63
N ILE C 250 54.09 -27.60 -41.37
CA ILE C 250 54.89 -27.16 -40.23
C ILE C 250 56.20 -27.93 -40.14
N GLU C 251 56.17 -29.23 -40.43
CA GLU C 251 57.38 -30.03 -40.29
C GLU C 251 58.50 -29.53 -41.19
N ARG C 252 58.16 -28.94 -42.35
CA ARG C 252 59.15 -28.33 -43.21
C ARG C 252 59.25 -26.82 -43.01
N TRP C 253 58.20 -26.18 -42.51
CA TRP C 253 58.25 -24.75 -42.26
C TRP C 253 59.29 -24.42 -41.19
N SER C 254 59.32 -25.21 -40.11
CA SER C 254 60.29 -24.99 -39.05
C SER C 254 61.70 -25.39 -39.44
N THR C 255 61.87 -26.13 -40.55
CA THR C 255 63.20 -26.56 -40.97
C THR C 255 64.00 -25.38 -41.52
N LEU C 256 63.33 -24.49 -42.24
CA LEU C 256 64.00 -23.32 -42.82
C LEU C 256 64.55 -22.43 -41.71
N GLU C 257 65.80 -21.99 -41.87
CA GLU C 257 66.45 -21.15 -40.87
C GLU C 257 66.13 -19.67 -41.14
N GLU C 258 66.32 -18.86 -40.10
CA GLU C 258 65.88 -17.47 -40.08
C GLU C 258 66.78 -16.56 -40.90
N LYS C 259 67.93 -17.05 -41.37
CA LYS C 259 68.85 -16.19 -42.10
C LYS C 259 68.23 -15.65 -43.39
N GLU C 260 67.37 -16.43 -44.04
CA GLU C 260 66.69 -15.97 -45.25
C GLU C 260 65.17 -16.01 -45.14
N TYR C 261 64.61 -16.76 -44.20
CA TYR C 261 63.17 -16.78 -43.92
C TYR C 261 62.97 -16.40 -42.45
N PRO C 262 63.05 -15.11 -42.13
CA PRO C 262 62.91 -14.71 -40.72
C PRO C 262 61.55 -15.11 -40.16
N GLY C 263 61.57 -15.52 -38.89
CA GLY C 263 60.35 -15.93 -38.22
C GLY C 263 59.80 -17.27 -38.62
N ALA C 264 60.56 -18.06 -39.38
CA ALA C 264 60.07 -19.34 -39.87
C ALA C 264 60.60 -20.55 -39.08
N HIS C 265 61.69 -20.38 -38.33
CA HIS C 265 62.30 -21.50 -37.65
C HIS C 265 61.58 -21.82 -36.34
N THR C 266 60.25 -22.02 -36.42
CA THR C 266 59.45 -22.38 -35.27
C THR C 266 58.15 -23.00 -35.75
N ALA C 267 57.51 -23.74 -34.85
CA ALA C 267 56.21 -24.35 -35.14
C ALA C 267 55.03 -23.41 -34.86
N THR C 268 55.26 -22.27 -34.23
CA THR C 268 54.20 -21.33 -33.89
C THR C 268 53.94 -20.42 -35.08
N ILE C 269 53.12 -20.92 -36.00
CA ILE C 269 52.72 -20.17 -37.18
C ILE C 269 51.53 -19.28 -36.84
N LYS C 270 51.71 -17.97 -36.92
CA LYS C 270 50.64 -17.03 -36.61
C LYS C 270 49.52 -17.14 -37.63
N TYR C 271 48.29 -16.89 -37.16
CA TYR C 271 47.14 -17.05 -38.03
C TYR C 271 47.15 -16.06 -39.18
N THR C 272 47.65 -14.85 -38.95
CA THR C 272 47.81 -13.89 -40.04
C THR C 272 48.79 -14.42 -41.07
N SER C 273 49.89 -15.02 -40.62
CA SER C 273 50.86 -15.60 -41.54
C SER C 273 50.27 -16.80 -42.28
N ALA C 274 49.43 -17.58 -41.61
CA ALA C 274 48.76 -18.69 -42.30
C ALA C 274 47.83 -18.18 -43.39
N LEU C 275 47.09 -17.10 -43.11
CA LEU C 275 46.24 -16.52 -44.14
C LEU C 275 47.06 -15.94 -45.28
N THR C 276 48.22 -15.37 -44.96
CA THR C 276 49.12 -14.90 -45.99
C THR C 276 49.59 -16.04 -46.89
N TYR C 277 49.92 -17.18 -46.29
CA TYR C 277 50.33 -18.35 -47.06
C TYR C 277 49.19 -18.90 -47.90
N ASP C 278 47.95 -18.82 -47.39
CA ASP C 278 46.80 -19.27 -48.15
C ASP C 278 46.44 -18.32 -49.29
N ALA C 279 46.83 -17.04 -49.16
CA ALA C 279 46.49 -16.07 -50.19
C ALA C 279 47.17 -16.40 -51.52
N VAL C 280 48.44 -16.79 -51.49
CA VAL C 280 49.12 -17.11 -52.75
C VAL C 280 48.49 -18.34 -53.41
N GLN C 281 48.05 -19.31 -52.60
CA GLN C 281 47.28 -20.41 -53.14
C GLN C 281 45.99 -19.91 -53.79
N VAL C 282 45.35 -18.93 -53.17
CA VAL C 282 44.12 -18.36 -53.72
C VAL C 282 44.39 -17.75 -55.09
N MET C 283 45.42 -16.91 -55.19
CA MET C 283 45.74 -16.28 -56.48
C MET C 283 46.11 -17.32 -57.53
N THR C 284 46.92 -18.31 -57.15
CA THR C 284 47.32 -19.33 -58.13
C THR C 284 46.11 -20.10 -58.65
N GLU C 285 45.21 -20.49 -57.76
CA GLU C 285 44.00 -21.20 -58.18
C GLU C 285 43.11 -20.31 -59.04
N ALA C 286 43.04 -19.02 -58.71
CA ALA C 286 42.21 -18.10 -59.48
C ALA C 286 42.74 -17.97 -60.91
N PHE C 287 44.05 -17.85 -61.06
CA PHE C 287 44.61 -17.76 -62.41
C PHE C 287 44.56 -19.09 -63.16
N ARG C 288 44.67 -20.22 -62.44
CA ARG C 288 44.39 -21.51 -63.07
C ARG C 288 42.99 -21.53 -63.66
N ASN C 289 42.00 -21.10 -62.88
CA ASN C 289 40.62 -21.07 -63.36
C ASN C 289 40.47 -20.10 -64.54
N LEU C 290 41.12 -18.94 -64.46
CA LEU C 290 41.01 -17.95 -65.53
C LEU C 290 41.57 -18.48 -66.84
N ARG C 291 42.75 -19.08 -66.80
CA ARG C 291 43.35 -19.59 -68.03
C ARG C 291 42.70 -20.86 -68.53
N LYS C 292 42.14 -21.67 -67.61
CA LYS C 292 41.36 -22.83 -68.04
C LYS C 292 40.11 -22.40 -68.80
N GLN C 293 39.44 -21.34 -68.33
CA GLN C 293 38.35 -20.73 -69.06
C GLN C 293 38.81 -19.90 -70.25
N ARG C 294 40.13 -19.68 -70.39
CA ARG C 294 40.69 -18.94 -71.52
C ARG C 294 40.16 -17.52 -71.59
N ILE C 295 40.05 -16.87 -70.44
CA ILE C 295 39.68 -15.45 -70.38
C ILE C 295 40.93 -14.61 -70.55
N GLU C 296 40.88 -13.69 -71.52
CA GLU C 296 42.07 -12.91 -71.89
C GLU C 296 42.29 -11.75 -70.93
N ILE C 297 43.55 -11.58 -70.53
CA ILE C 297 44.00 -10.45 -69.72
C ILE C 297 45.02 -9.68 -70.52
N SER C 298 44.79 -8.37 -70.69
CA SER C 298 45.56 -7.56 -71.62
C SER C 298 46.16 -6.34 -70.93
N ARG C 299 46.72 -6.52 -69.73
CA ARG C 299 47.47 -5.45 -69.11
C ARG C 299 48.92 -5.46 -69.58
N ARG C 300 49.59 -4.32 -69.42
CA ARG C 300 50.97 -4.14 -69.85
C ARG C 300 51.68 -3.29 -68.80
N GLY C 301 52.96 -3.01 -69.07
CA GLY C 301 53.79 -2.28 -68.13
C GLY C 301 53.36 -0.84 -67.91
N ASN C 302 52.64 -0.26 -68.86
CA ASN C 302 52.15 1.11 -68.77
C ASN C 302 50.64 1.10 -68.54
N ALA C 303 50.20 1.86 -67.55
CA ALA C 303 48.79 1.90 -67.18
C ALA C 303 48.39 3.35 -66.93
N GLY C 304 47.21 3.56 -66.37
CA GLY C 304 46.69 4.88 -66.12
C GLY C 304 47.21 5.48 -64.84
N ASP C 305 46.63 6.62 -64.46
CA ASP C 305 47.01 7.36 -63.28
C ASP C 305 45.81 7.54 -62.37
N CYS C 306 46.06 7.57 -61.06
CA CYS C 306 44.99 7.75 -60.10
C CYS C 306 44.33 9.12 -60.27
N LEU C 307 45.14 10.16 -60.42
CA LEU C 307 44.62 11.52 -60.44
C LEU C 307 43.88 11.85 -61.73
N ALA C 308 43.97 11.01 -62.74
CA ALA C 308 43.25 11.24 -63.99
C ALA C 308 41.75 11.13 -63.75
N ASN C 309 41.00 12.14 -64.22
CA ASN C 309 39.57 12.20 -64.04
C ASN C 309 38.87 12.49 -65.35
N PRO C 310 37.69 11.90 -65.60
CA PRO C 310 36.98 10.93 -64.75
C PRO C 310 37.71 9.59 -64.69
N ALA C 311 37.72 8.94 -63.54
CA ALA C 311 38.49 7.71 -63.35
C ALA C 311 37.78 6.57 -64.06
N VAL C 312 38.29 6.17 -65.22
CA VAL C 312 37.69 5.04 -65.94
C VAL C 312 38.02 3.75 -65.20
N PRO C 313 37.05 2.88 -64.93
CA PRO C 313 37.37 1.60 -64.31
C PRO C 313 38.09 0.68 -65.28
N TRP C 314 38.88 -0.24 -64.71
CA TRP C 314 39.60 -1.20 -65.53
C TRP C 314 38.66 -2.21 -66.19
N GLY C 315 39.05 -2.62 -67.40
CA GLY C 315 38.24 -3.50 -68.22
C GLY C 315 37.96 -4.87 -67.64
N GLN C 316 39.01 -5.69 -67.49
CA GLN C 316 38.84 -7.05 -67.01
C GLN C 316 38.77 -7.16 -65.50
N GLY C 317 38.58 -6.03 -64.81
CA GLY C 317 38.50 -6.06 -63.36
C GLY C 317 37.32 -6.85 -62.84
N VAL C 318 36.17 -6.73 -63.50
CA VAL C 318 34.96 -7.42 -63.02
C VAL C 318 35.14 -8.93 -63.11
N GLU C 319 35.63 -9.42 -64.25
CA GLU C 319 35.78 -10.87 -64.38
C GLU C 319 36.91 -11.41 -63.52
N ILE C 320 38.01 -10.66 -63.34
CA ILE C 320 39.03 -11.16 -62.43
C ILE C 320 38.52 -11.17 -61.00
N GLU C 321 37.70 -10.17 -60.63
CA GLU C 321 37.10 -10.15 -59.30
C GLU C 321 36.21 -11.37 -59.09
N ARG C 322 35.33 -11.66 -60.05
CA ARG C 322 34.44 -12.80 -59.86
C ARG C 322 35.19 -14.12 -59.92
N ALA C 323 36.27 -14.19 -60.70
CA ALA C 323 37.10 -15.39 -60.69
C ALA C 323 37.72 -15.61 -59.32
N LEU C 324 38.23 -14.56 -58.70
CA LEU C 324 38.75 -14.67 -57.34
C LEU C 324 37.63 -15.06 -56.37
N LYS C 325 36.43 -14.53 -56.58
CA LYS C 325 35.30 -14.86 -55.71
C LYS C 325 34.94 -16.34 -55.80
N GLN C 326 34.96 -16.90 -57.01
CA GLN C 326 34.51 -18.27 -57.26
C GLN C 326 35.60 -19.30 -57.06
N VAL C 327 36.62 -19.00 -56.27
CA VAL C 327 37.70 -19.94 -55.99
C VAL C 327 37.33 -20.76 -54.76
N GLN C 328 37.50 -22.07 -54.85
CA GLN C 328 37.29 -22.98 -53.74
C GLN C 328 38.53 -23.86 -53.62
N VAL C 329 39.15 -23.86 -52.43
CA VAL C 329 40.36 -24.64 -52.20
C VAL C 329 40.54 -24.79 -50.71
N GLU C 330 41.29 -25.81 -50.30
CA GLU C 330 41.59 -26.07 -48.91
C GLU C 330 43.04 -25.70 -48.60
N GLY C 331 43.25 -25.08 -47.45
CA GLY C 331 44.58 -24.66 -47.05
C GLY C 331 44.84 -24.82 -45.58
N LEU C 332 45.75 -24.00 -45.03
CA LEU C 332 46.04 -24.10 -43.60
C LEU C 332 44.85 -23.74 -42.74
N SER C 333 44.02 -22.80 -43.20
CA SER C 333 42.82 -22.39 -42.47
C SER C 333 41.59 -23.19 -42.86
N GLY C 334 41.76 -24.40 -43.38
CA GLY C 334 40.62 -25.24 -43.70
C GLY C 334 39.96 -24.86 -45.02
N ASN C 335 38.69 -25.24 -45.12
CA ASN C 335 37.89 -24.92 -46.30
C ASN C 335 37.65 -23.42 -46.38
N ILE C 336 37.91 -22.84 -47.55
CA ILE C 336 37.73 -21.41 -47.78
C ILE C 336 36.81 -21.22 -48.98
N LYS C 337 35.89 -20.27 -48.87
CA LYS C 337 34.99 -19.92 -49.96
C LYS C 337 34.43 -18.54 -49.68
N PHE C 338 34.19 -17.79 -50.75
CA PHE C 338 33.79 -16.40 -50.64
C PHE C 338 32.40 -16.19 -51.21
N ASP C 339 31.59 -15.40 -50.51
CA ASP C 339 30.25 -15.05 -50.98
C ASP C 339 30.36 -13.94 -52.02
N GLN C 340 29.23 -13.35 -52.38
CA GLN C 340 29.22 -12.28 -53.38
C GLN C 340 30.03 -11.08 -52.92
N ASN C 341 29.89 -10.69 -51.65
CA ASN C 341 30.63 -9.53 -51.15
C ASN C 341 32.13 -9.82 -51.07
N GLY C 342 32.52 -10.99 -50.59
CA GLY C 342 33.92 -11.32 -50.48
C GLY C 342 34.29 -11.91 -49.13
N LYS C 343 33.33 -11.94 -48.21
CA LYS C 343 33.59 -12.51 -46.90
C LYS C 343 33.66 -14.02 -47.00
N ARG C 344 34.47 -14.63 -46.14
CA ARG C 344 34.57 -16.08 -46.13
C ARG C 344 33.34 -16.70 -45.50
N ILE C 345 32.91 -17.83 -46.06
CA ILE C 345 31.75 -18.58 -45.58
C ILE C 345 32.13 -20.05 -45.50
N ASN C 346 31.31 -20.81 -44.78
CA ASN C 346 31.45 -22.25 -44.58
C ASN C 346 32.64 -22.58 -43.69
N TYR C 347 33.42 -21.58 -43.28
CA TYR C 347 34.62 -21.80 -42.49
C TYR C 347 34.29 -22.50 -41.16
N THR C 348 35.34 -23.02 -40.54
CA THR C 348 35.25 -23.69 -39.24
C THR C 348 36.23 -23.04 -38.28
N ILE C 349 35.74 -22.64 -37.12
CA ILE C 349 36.56 -22.00 -36.10
C ILE C 349 36.62 -22.92 -34.88
N ASN C 350 37.84 -23.33 -34.52
CA ASN C 350 38.03 -24.21 -33.38
C ASN C 350 37.96 -23.40 -32.09
N ILE C 351 37.41 -24.02 -31.05
CA ILE C 351 37.29 -23.41 -29.73
C ILE C 351 38.16 -24.20 -28.77
N MET C 352 39.04 -23.50 -28.05
CA MET C 352 40.02 -24.16 -27.22
C MET C 352 40.02 -23.58 -25.81
N GLU C 353 40.55 -24.37 -24.89
CA GLU C 353 40.75 -23.96 -23.50
C GLU C 353 42.16 -24.32 -23.08
N LEU C 354 42.69 -23.53 -22.15
CA LEU C 354 44.06 -23.72 -21.68
C LEU C 354 44.01 -24.68 -20.49
N LYS C 355 44.30 -25.96 -20.75
CA LYS C 355 44.28 -26.99 -19.73
C LYS C 355 45.63 -27.06 -19.02
N THR C 356 45.75 -28.01 -18.10
CA THR C 356 47.00 -28.15 -17.35
C THR C 356 48.14 -28.61 -18.25
N ASN C 357 47.87 -29.56 -19.14
CA ASN C 357 48.90 -30.04 -20.07
C ASN C 357 49.17 -29.07 -21.20
N GLY C 358 48.28 -28.10 -21.42
CA GLY C 358 48.43 -27.14 -22.49
C GLY C 358 47.10 -26.81 -23.13
N PRO C 359 47.15 -26.03 -24.21
CA PRO C 359 45.91 -25.73 -24.95
C PRO C 359 45.30 -26.99 -25.53
N ARG C 360 43.97 -27.06 -25.50
CA ARG C 360 43.25 -28.23 -25.98
C ARG C 360 41.97 -27.78 -26.67
N LYS C 361 41.73 -28.32 -27.86
CA LYS C 361 40.48 -28.08 -28.57
C LYS C 361 39.32 -28.73 -27.83
N ILE C 362 38.23 -27.98 -27.69
CA ILE C 362 37.02 -28.50 -27.05
C ILE C 362 35.81 -28.44 -27.97
N GLY C 363 35.90 -27.81 -29.13
CA GLY C 363 34.76 -27.74 -30.02
C GLY C 363 35.08 -26.94 -31.26
N TYR C 364 34.05 -26.70 -32.07
CA TYR C 364 34.20 -25.95 -33.31
C TYR C 364 32.94 -25.13 -33.55
N TRP C 365 33.08 -24.09 -34.36
CA TRP C 365 31.99 -23.19 -34.70
C TRP C 365 31.92 -23.02 -36.21
N SER C 366 30.69 -22.96 -36.72
CA SER C 366 30.43 -22.79 -38.14
C SER C 366 29.25 -21.84 -38.34
N GLU C 367 29.11 -21.34 -39.56
CA GLU C 367 28.09 -20.35 -39.86
C GLU C 367 26.69 -20.93 -39.65
N VAL C 368 26.40 -22.08 -40.25
CA VAL C 368 25.08 -22.70 -40.14
C VAL C 368 25.02 -23.61 -38.93
N ASP C 369 26.02 -24.45 -38.74
CA ASP C 369 26.13 -25.34 -37.59
C ASP C 369 26.83 -24.58 -36.46
N LYS C 370 26.07 -24.20 -35.44
CA LYS C 370 26.62 -23.47 -34.31
C LYS C 370 27.54 -24.38 -33.49
N MET C 371 28.04 -23.82 -32.39
CA MET C 371 29.04 -24.48 -31.56
C MET C 371 28.72 -25.94 -31.29
N VAL C 372 29.64 -26.82 -31.65
CA VAL C 372 29.50 -28.26 -31.44
C VAL C 372 30.66 -28.71 -30.56
N LEU C 373 30.33 -29.41 -29.48
CA LEU C 373 31.35 -29.83 -28.53
C LEU C 373 32.11 -31.04 -29.07
N THR C 374 33.29 -31.27 -28.49
CA THR C 374 34.18 -32.38 -28.85
C THR C 374 34.66 -33.08 -27.58
N GLU C 375 33.72 -33.39 -26.70
CA GLU C 375 34.03 -34.05 -25.43
C GLU C 375 34.33 -35.53 -25.59
N ASP C 376 34.13 -36.10 -26.78
CA ASP C 376 34.40 -37.53 -26.98
C ASP C 376 35.87 -37.88 -26.83
N ASP C 377 36.77 -36.91 -26.99
CA ASP C 377 38.19 -37.14 -26.78
C ASP C 377 38.74 -36.04 -25.88
N THR C 378 39.59 -36.43 -24.93
CA THR C 378 40.11 -35.48 -23.96
C THR C 378 41.51 -35.88 -23.55
N SER C 379 42.25 -34.90 -23.03
CA SER C 379 43.61 -35.10 -22.54
C SER C 379 43.65 -35.70 -21.14
N GLY C 380 42.51 -35.77 -20.46
CA GLY C 380 42.46 -36.34 -19.13
C GLY C 380 41.05 -36.22 -18.57
N LEU C 381 40.86 -36.80 -17.39
CA LEU C 381 39.58 -36.78 -16.70
C LEU C 381 39.77 -36.09 -15.36
N GLU C 382 38.70 -35.42 -14.91
CA GLU C 382 38.69 -34.75 -13.60
C GLU C 382 39.80 -33.71 -13.55
N GLN C 383 39.71 -32.71 -14.42
CA GLN C 383 40.75 -31.69 -14.52
C GLN C 383 40.93 -30.93 -13.21
N LYS C 384 39.85 -30.81 -12.44
CA LYS C 384 39.92 -30.10 -11.16
C LYS C 384 38.93 -30.73 -10.20
N THR C 385 39.31 -30.78 -8.93
CA THR C 385 38.45 -31.32 -7.89
C THR C 385 37.35 -30.32 -7.55
N VAL C 386 36.25 -30.85 -7.03
CA VAL C 386 35.10 -30.02 -6.68
C VAL C 386 35.35 -29.38 -5.33
N VAL C 387 35.21 -28.07 -5.26
CA VAL C 387 35.45 -27.32 -4.04
C VAL C 387 34.15 -27.23 -3.25
N VAL C 388 34.22 -27.57 -1.97
CA VAL C 388 33.08 -27.58 -1.07
C VAL C 388 33.32 -26.55 0.02
N THR C 389 32.31 -25.73 0.31
CA THR C 389 32.39 -24.75 1.37
C THR C 389 31.40 -25.09 2.46
N THR C 390 31.87 -24.99 3.71
CA THR C 390 31.01 -25.25 4.85
C THR C 390 31.41 -24.33 5.99
N ILE C 391 30.44 -24.03 6.85
CA ILE C 391 30.68 -23.25 8.06
C ILE C 391 30.57 -24.21 9.25
N LEU C 392 31.49 -24.05 10.19
CA LEU C 392 31.60 -24.98 11.31
C LEU C 392 30.38 -24.88 12.20
N GLU C 393 29.55 -25.92 12.19
CA GLU C 393 28.35 -25.99 13.02
C GLU C 393 28.17 -27.41 13.52
N SER C 394 27.94 -27.55 14.80
CA SER C 394 27.58 -28.86 15.34
C SER C 394 26.11 -29.16 15.05
N PRO C 395 25.79 -30.38 14.61
CA PRO C 395 26.68 -31.48 14.31
C PRO C 395 26.98 -31.61 12.83
N TYR C 396 26.90 -30.52 12.06
CA TYR C 396 27.08 -30.63 10.62
C TYR C 396 28.55 -30.85 10.29
N VAL C 397 29.42 -29.97 10.76
CA VAL C 397 30.85 -30.13 10.60
C VAL C 397 31.52 -29.77 11.92
N MET C 398 32.38 -30.66 12.42
CA MET C 398 33.18 -30.40 13.61
C MET C 398 34.65 -30.50 13.27
N MET C 399 35.48 -29.95 14.16
CA MET C 399 36.88 -30.34 14.19
C MET C 399 37.01 -31.76 14.72
N LYS C 400 37.91 -32.53 14.13
CA LYS C 400 38.15 -33.88 14.64
C LYS C 400 38.80 -33.82 16.02
N LYS C 401 38.66 -34.91 16.77
CA LYS C 401 39.13 -34.94 18.15
C LYS C 401 40.62 -34.67 18.26
N ASN C 402 41.39 -35.13 17.28
CA ASN C 402 42.83 -34.90 17.21
C ASN C 402 43.21 -34.38 15.82
N HIS C 403 42.46 -33.37 15.37
CA HIS C 403 42.55 -32.91 13.99
C HIS C 403 43.95 -32.40 13.63
N GLU C 404 44.71 -31.89 14.60
CA GLU C 404 46.00 -31.30 14.28
C GLU C 404 46.98 -32.34 13.74
N MET C 405 46.86 -33.59 14.15
CA MET C 405 47.75 -34.64 13.68
C MET C 405 47.22 -35.36 12.45
N LEU C 406 46.08 -34.93 11.90
CA LEU C 406 45.42 -35.63 10.81
C LEU C 406 45.60 -34.89 9.49
N GLU C 407 45.24 -35.56 8.40
CA GLU C 407 45.34 -34.96 7.08
C GLU C 407 44.28 -33.87 6.90
N GLY C 408 44.49 -33.04 5.89
CA GLY C 408 43.67 -31.85 5.73
C GLY C 408 42.20 -32.14 5.51
N ASN C 409 41.89 -33.11 4.65
CA ASN C 409 40.50 -33.40 4.32
C ASN C 409 39.82 -34.27 5.36
N GLU C 410 40.57 -34.91 6.25
CA GLU C 410 40.00 -35.77 7.28
C GLU C 410 39.93 -35.05 8.63
N ARG C 411 40.26 -33.76 8.67
CA ARG C 411 40.14 -32.99 9.90
C ARG C 411 38.70 -32.78 10.31
N TYR C 412 37.74 -33.08 9.44
CA TYR C 412 36.35 -32.70 9.65
C TYR C 412 35.48 -33.93 9.85
N GLU C 413 34.42 -33.76 10.62
CA GLU C 413 33.50 -34.84 10.95
C GLU C 413 32.14 -34.22 11.21
N GLY C 414 31.10 -34.94 10.84
CA GLY C 414 29.75 -34.51 11.12
C GLY C 414 28.79 -34.96 10.05
N TYR C 415 27.57 -34.45 10.15
CA TYR C 415 26.51 -34.80 9.20
C TYR C 415 26.88 -34.38 7.79
N CYS C 416 27.36 -33.15 7.62
CA CYS C 416 27.68 -32.68 6.28
C CYS C 416 28.87 -33.40 5.67
N VAL C 417 29.84 -33.82 6.48
CA VAL C 417 30.97 -34.58 5.94
C VAL C 417 30.49 -35.92 5.38
N ASP C 418 29.66 -36.64 6.14
CA ASP C 418 29.13 -37.92 5.66
C ASP C 418 28.22 -37.73 4.46
N LEU C 419 27.38 -36.69 4.47
CA LEU C 419 26.52 -36.44 3.32
C LEU C 419 27.34 -36.12 2.09
N ALA C 420 28.40 -35.32 2.25
CA ALA C 420 29.28 -35.01 1.13
C ALA C 420 29.96 -36.27 0.61
N ALA C 421 30.39 -37.14 1.52
CA ALA C 421 31.01 -38.39 1.10
C ALA C 421 30.04 -39.24 0.30
N GLU C 422 28.80 -39.36 0.77
CA GLU C 422 27.80 -40.14 0.05
C GLU C 422 27.52 -39.52 -1.32
N ILE C 423 27.36 -38.20 -1.37
CA ILE C 423 27.04 -37.54 -2.63
C ILE C 423 28.20 -37.67 -3.61
N ALA C 424 29.44 -37.52 -3.13
CA ALA C 424 30.60 -37.66 -4.00
C ALA C 424 30.74 -39.10 -4.50
N LYS C 425 30.51 -40.08 -3.63
CA LYS C 425 30.60 -41.47 -4.05
C LYS C 425 29.53 -41.81 -5.09
N HIS C 426 28.31 -41.30 -4.88
CA HIS C 426 27.23 -41.62 -5.81
C HIS C 426 27.41 -40.89 -7.14
N CYS C 427 27.73 -39.60 -7.09
CA CYS C 427 27.92 -38.82 -8.30
C CYS C 427 29.26 -39.08 -8.96
N GLY C 428 30.27 -39.45 -8.17
CA GLY C 428 31.58 -39.77 -8.69
C GLY C 428 32.46 -38.59 -9.04
N PHE C 429 32.81 -37.77 -8.05
CA PHE C 429 33.75 -36.68 -8.25
C PHE C 429 34.64 -36.54 -7.03
N LYS C 430 35.89 -36.14 -7.25
CA LYS C 430 36.80 -35.84 -6.16
C LYS C 430 36.50 -34.46 -5.60
N TYR C 431 36.42 -34.35 -4.28
CA TYR C 431 35.95 -33.15 -3.62
C TYR C 431 36.92 -32.73 -2.53
N LYS C 432 36.90 -31.44 -2.22
CA LYS C 432 37.77 -30.85 -1.20
C LYS C 432 36.91 -30.02 -0.26
N LEU C 433 36.92 -30.36 1.02
CA LEU C 433 36.15 -29.63 2.00
C LEU C 433 36.95 -28.42 2.48
N THR C 434 36.33 -27.25 2.43
CA THR C 434 36.94 -26.02 2.89
C THR C 434 35.99 -25.29 3.81
N ILE C 435 36.55 -24.59 4.78
CA ILE C 435 35.77 -23.78 5.71
C ILE C 435 35.83 -22.33 5.25
N VAL C 436 34.68 -21.68 5.20
CA VAL C 436 34.63 -20.30 4.72
C VAL C 436 35.47 -19.41 5.63
N GLY C 437 36.18 -18.47 5.02
CA GLY C 437 37.09 -17.63 5.80
C GLY C 437 36.37 -16.71 6.77
N ASP C 438 35.28 -16.08 6.34
CA ASP C 438 34.60 -15.09 7.14
C ASP C 438 33.57 -15.69 8.09
N GLY C 439 33.32 -17.00 7.99
CA GLY C 439 32.49 -17.67 8.98
C GLY C 439 31.05 -17.22 9.08
N LYS C 440 30.39 -16.98 7.94
CA LYS C 440 28.99 -16.62 7.97
C LYS C 440 28.31 -17.17 6.73
N TYR C 441 26.98 -17.25 6.79
CA TYR C 441 26.23 -17.95 5.76
C TYR C 441 26.06 -17.11 4.50
N GLY C 442 25.36 -15.99 4.61
CA GLY C 442 25.15 -15.15 3.45
C GLY C 442 24.01 -14.17 3.58
N ALA C 443 24.24 -12.95 3.11
CA ALA C 443 23.22 -11.91 3.09
C ALA C 443 23.64 -10.84 2.11
N ARG C 444 22.67 -10.04 1.67
CA ARG C 444 22.96 -8.92 0.78
C ARG C 444 23.49 -7.78 1.64
N ASP C 445 24.77 -7.48 1.50
CA ASP C 445 25.42 -6.53 2.38
C ASP C 445 24.84 -5.13 2.20
N ALA C 446 24.85 -4.36 3.28
CA ALA C 446 24.26 -3.04 3.26
C ALA C 446 25.05 -2.09 2.37
N ASP C 447 24.31 -1.30 1.57
CA ASP C 447 24.89 -0.26 0.72
C ASP C 447 25.81 -0.79 -0.37
N THR C 448 25.96 -2.11 -0.48
CA THR C 448 26.82 -2.68 -1.51
C THR C 448 26.10 -3.80 -2.25
N LYS C 449 25.14 -4.44 -1.60
CA LYS C 449 24.38 -5.56 -2.16
C LYS C 449 25.29 -6.71 -2.59
N ILE C 450 26.44 -6.85 -1.93
CA ILE C 450 27.39 -7.91 -2.22
C ILE C 450 27.10 -9.10 -1.29
N TRP C 451 26.99 -10.28 -1.88
CA TRP C 451 26.74 -11.49 -1.11
C TRP C 451 27.96 -11.80 -0.24
N ASN C 452 27.75 -11.88 1.07
CA ASN C 452 28.83 -12.22 1.97
C ASN C 452 28.80 -13.69 2.34
N GLY C 453 29.91 -14.15 2.90
CA GLY C 453 29.97 -15.50 3.45
C GLY C 453 29.98 -16.61 2.41
N MET C 454 29.35 -17.72 2.79
CA MET C 454 29.36 -18.92 1.96
C MET C 454 28.62 -18.70 0.64
N VAL C 455 27.51 -17.96 0.68
CA VAL C 455 26.80 -17.66 -0.56
C VAL C 455 27.67 -16.82 -1.48
N GLY C 456 28.41 -15.87 -0.90
CA GLY C 456 29.35 -15.09 -1.69
C GLY C 456 30.45 -15.94 -2.30
N GLU C 457 30.94 -16.92 -1.53
CA GLU C 457 31.93 -17.84 -2.06
C GLU C 457 31.36 -18.61 -3.26
N LEU C 458 30.09 -19.02 -3.16
CA LEU C 458 29.46 -19.74 -4.26
C LEU C 458 29.31 -18.87 -5.50
N VAL C 459 28.76 -17.66 -5.34
CA VAL C 459 28.41 -16.86 -6.51
C VAL C 459 29.64 -16.35 -7.25
N TYR C 460 30.70 -16.01 -6.53
CA TYR C 460 31.88 -15.41 -7.13
C TYR C 460 32.93 -16.44 -7.54
N GLY C 461 32.52 -17.68 -7.79
CA GLY C 461 33.39 -18.68 -8.37
C GLY C 461 34.43 -19.26 -7.44
N LYS C 462 34.35 -18.97 -6.14
CA LYS C 462 35.34 -19.50 -5.21
C LYS C 462 35.18 -21.00 -5.00
N ALA C 463 33.94 -21.50 -5.02
CA ALA C 463 33.66 -22.90 -4.77
C ALA C 463 32.62 -23.40 -5.76
N ASP C 464 32.56 -24.73 -5.91
CA ASP C 464 31.64 -25.38 -6.83
C ASP C 464 30.41 -25.96 -6.16
N ILE C 465 30.38 -26.08 -4.85
CA ILE C 465 29.25 -26.68 -4.15
C ILE C 465 29.34 -26.28 -2.69
N ALA C 466 28.20 -26.29 -1.99
CA ALA C 466 28.14 -25.93 -0.58
C ALA C 466 27.39 -27.02 0.18
N ILE C 467 28.11 -28.04 0.62
CA ILE C 467 27.54 -29.06 1.50
C ILE C 467 27.55 -28.47 2.90
N ALA C 468 26.44 -27.87 3.30
CA ALA C 468 26.43 -27.06 4.50
C ALA C 468 25.01 -26.94 4.99
N PRO C 469 24.80 -26.52 6.23
CA PRO C 469 23.44 -26.21 6.67
C PRO C 469 22.91 -24.93 6.05
N LEU C 470 22.93 -24.85 4.72
CA LEU C 470 22.55 -23.65 4.01
C LEU C 470 21.08 -23.75 3.68
N THR C 471 20.26 -22.96 4.34
CA THR C 471 18.82 -23.06 4.19
C THR C 471 18.39 -22.57 2.83
N ILE C 472 17.20 -23.00 2.42
CA ILE C 472 16.63 -22.63 1.13
C ILE C 472 15.70 -21.45 1.36
N THR C 473 16.03 -20.32 0.75
CA THR C 473 15.20 -19.13 0.83
C THR C 473 15.03 -18.56 -0.58
N LEU C 474 13.91 -17.90 -0.80
CA LEU C 474 13.63 -17.32 -2.11
C LEU C 474 14.60 -16.20 -2.45
N VAL C 475 15.15 -15.52 -1.45
CA VAL C 475 16.12 -14.47 -1.72
C VAL C 475 17.37 -15.01 -2.40
N ARG C 476 17.73 -16.27 -2.12
CA ARG C 476 18.97 -16.83 -2.65
C ARG C 476 18.76 -17.88 -3.71
N GLU C 477 17.53 -18.37 -3.90
CA GLU C 477 17.29 -19.29 -5.01
C GLU C 477 17.54 -18.62 -6.35
N GLU C 478 17.40 -17.30 -6.42
CA GLU C 478 17.61 -16.55 -7.64
C GLU C 478 19.08 -16.35 -7.98
N VAL C 479 19.99 -16.61 -7.05
CA VAL C 479 21.41 -16.35 -7.29
C VAL C 479 22.22 -17.65 -7.26
N ILE C 480 21.74 -18.66 -6.53
CA ILE C 480 22.37 -19.97 -6.51
C ILE C 480 21.30 -21.03 -6.67
N ASP C 481 21.74 -22.20 -7.13
CA ASP C 481 20.84 -23.32 -7.42
C ASP C 481 20.92 -24.32 -6.28
N PHE C 482 19.78 -24.61 -5.67
CA PHE C 482 19.67 -25.59 -4.61
C PHE C 482 19.20 -26.94 -5.14
N SER C 483 19.45 -27.97 -4.35
CA SER C 483 18.80 -29.26 -4.53
C SER C 483 17.52 -29.31 -3.71
N LYS C 484 16.84 -30.45 -3.76
CA LYS C 484 15.66 -30.65 -2.93
C LYS C 484 16.06 -30.74 -1.47
N PRO C 485 15.20 -30.27 -0.56
CA PRO C 485 15.57 -30.23 0.86
C PRO C 485 15.93 -31.61 1.39
N PHE C 486 17.19 -31.77 1.79
CA PHE C 486 17.62 -33.01 2.41
C PHE C 486 17.30 -33.06 3.90
N MET C 487 16.93 -31.92 4.49
CA MET C 487 16.65 -31.85 5.92
C MET C 487 15.66 -30.71 6.13
N SER C 488 14.58 -30.98 6.84
CA SER C 488 13.54 -29.98 7.05
C SER C 488 13.50 -29.58 8.51
N LEU C 489 13.24 -28.31 8.75
CA LEU C 489 13.24 -27.75 10.10
C LEU C 489 12.43 -26.46 10.12
N GLY C 490 12.54 -25.73 11.22
CA GLY C 490 11.90 -24.43 11.34
C GLY C 490 12.62 -23.57 12.35
N ILE C 491 12.28 -22.28 12.35
CA ILE C 491 12.89 -21.36 13.29
C ILE C 491 12.31 -21.61 14.68
N SER C 492 13.18 -21.72 15.67
CA SER C 492 12.78 -22.02 17.03
C SER C 492 13.48 -21.09 18.01
N ILE C 493 12.93 -21.00 19.21
CA ILE C 493 13.45 -20.14 20.26
C ILE C 493 14.16 -20.98 21.30
N MET C 494 15.25 -20.47 21.83
CA MET C 494 16.09 -21.19 22.78
C MET C 494 16.26 -20.37 24.04
N ILE C 495 15.93 -20.94 25.19
CA ILE C 495 16.02 -20.24 26.47
C ILE C 495 16.64 -21.16 27.51
N LYS C 496 17.13 -20.56 28.58
CA LYS C 496 17.59 -21.30 29.74
C LYS C 496 16.41 -21.98 30.45
N LYS C 497 16.73 -23.03 31.20
CA LYS C 497 15.72 -23.70 31.99
C LYS C 497 15.17 -22.72 33.03
N PRO C 498 13.89 -22.87 33.41
CA PRO C 498 13.20 -21.78 34.12
C PRO C 498 13.84 -21.34 35.42
N GLN C 499 13.99 -22.26 36.38
CA GLN C 499 14.54 -21.90 37.68
C GLN C 499 14.97 -23.17 38.39
N LYS C 500 15.75 -22.98 39.45
CA LYS C 500 16.23 -24.08 40.28
C LYS C 500 16.02 -23.75 41.75
N SER C 501 14.82 -23.29 42.08
CA SER C 501 14.43 -22.97 43.45
C SER C 501 14.12 -24.25 44.23
N LYS C 502 15.10 -25.13 44.24
CA LYS C 502 14.95 -26.36 45.00
C LYS C 502 15.09 -26.07 46.50
N PRO C 503 14.37 -26.78 47.34
CA PRO C 503 14.36 -26.45 48.76
C PRO C 503 15.64 -26.87 49.44
N GLY C 504 16.07 -26.05 50.40
CA GLY C 504 17.20 -26.42 51.23
C GLY C 504 16.75 -27.31 52.35
N VAL C 505 17.74 -27.71 53.16
CA VAL C 505 17.46 -28.58 54.30
C VAL C 505 16.54 -27.90 55.29
N PHE C 506 16.87 -26.66 55.65
CA PHE C 506 16.13 -25.89 56.62
C PHE C 506 15.19 -24.89 55.98
N SER C 507 14.58 -25.25 54.86
CA SER C 507 13.70 -24.33 54.15
C SER C 507 12.41 -24.05 54.90
N PHE C 508 12.12 -24.79 55.98
CA PHE C 508 10.96 -24.48 56.78
C PHE C 508 11.12 -23.16 57.51
N LEU C 509 12.36 -22.69 57.67
CA LEU C 509 12.61 -21.37 58.24
C LEU C 509 12.43 -20.25 57.24
N ASP C 510 12.35 -20.57 55.96
CA ASP C 510 12.35 -19.54 54.92
C ASP C 510 11.20 -18.54 54.99
N PRO C 511 9.96 -18.90 55.29
CA PRO C 511 8.88 -17.91 55.25
C PRO C 511 9.02 -16.76 56.22
N LEU C 512 9.81 -16.88 57.28
CA LEU C 512 9.73 -15.91 58.35
C LEU C 512 10.98 -15.08 58.60
N ALA C 513 12.04 -15.27 57.83
CA ALA C 513 13.28 -14.48 57.88
C ALA C 513 14.09 -14.71 59.14
N TYR C 514 15.41 -14.62 58.99
CA TYR C 514 16.35 -15.00 60.05
C TYR C 514 16.20 -14.13 61.29
N GLU C 515 16.03 -12.84 61.11
CA GLU C 515 15.96 -11.92 62.24
C GLU C 515 14.76 -12.23 63.11
N ILE C 516 13.64 -12.60 62.49
CA ILE C 516 12.45 -12.91 63.27
C ILE C 516 12.66 -14.16 64.12
N TRP C 517 13.35 -15.17 63.59
CA TRP C 517 13.65 -16.35 64.38
C TRP C 517 14.55 -16.02 65.56
N MET C 518 15.59 -15.21 65.31
CA MET C 518 16.51 -14.83 66.37
C MET C 518 15.77 -14.07 67.46
N CYS C 519 14.90 -13.17 67.06
CA CYS C 519 14.13 -12.39 68.02
C CYS C 519 13.09 -13.24 68.72
N ILE C 520 12.58 -14.29 68.08
CA ILE C 520 11.68 -15.19 68.77
C ILE C 520 12.43 -15.91 69.87
N VAL C 521 13.67 -16.32 69.62
CA VAL C 521 14.46 -16.95 70.66
C VAL C 521 14.71 -15.99 71.82
N PHE C 522 15.11 -14.77 71.51
CA PHE C 522 15.32 -13.78 72.57
C PHE C 522 14.04 -13.51 73.34
N ALA C 523 12.92 -13.38 72.64
CA ALA C 523 11.65 -13.11 73.27
C ALA C 523 11.22 -14.25 74.16
N TYR C 524 11.43 -15.49 73.70
CA TYR C 524 11.14 -16.67 74.52
C TYR C 524 11.94 -16.64 75.81
N ILE C 525 13.25 -16.39 75.71
CA ILE C 525 14.08 -16.37 76.91
C ILE C 525 13.60 -15.29 77.86
N GLY C 526 13.33 -14.10 77.32
CA GLY C 526 12.91 -13.01 78.18
C GLY C 526 11.56 -13.25 78.82
N VAL C 527 10.60 -13.78 78.06
CA VAL C 527 9.28 -14.06 78.59
C VAL C 527 9.36 -15.10 79.69
N SER C 528 10.14 -16.17 79.48
CA SER C 528 10.27 -17.19 80.52
C SER C 528 10.92 -16.63 81.78
N VAL C 529 11.97 -15.83 81.62
CA VAL C 529 12.67 -15.29 82.78
C VAL C 529 11.75 -14.35 83.55
N VAL C 530 11.00 -13.50 82.85
CA VAL C 530 10.09 -12.59 83.51
C VAL C 530 8.97 -13.35 84.21
N LEU C 531 8.43 -14.39 83.56
CA LEU C 531 7.36 -15.16 84.18
C LEU C 531 7.84 -15.81 85.47
N PHE C 532 9.06 -16.35 85.45
CA PHE C 532 9.62 -16.91 86.68
C PHE C 532 9.78 -15.84 87.75
N LEU C 533 10.29 -14.66 87.37
CA LEU C 533 10.50 -13.61 88.34
C LEU C 533 9.19 -13.14 88.95
N VAL C 534 8.17 -12.97 88.11
CA VAL C 534 6.88 -12.50 88.56
C VAL C 534 6.30 -13.46 89.58
N SER C 535 6.44 -14.75 89.33
CA SER C 535 5.75 -15.75 90.13
C SER C 535 6.48 -16.11 91.42
N ARG C 536 7.74 -15.71 91.58
CA ARG C 536 8.56 -16.32 92.63
C ARG C 536 9.35 -15.30 93.44
N PHE C 537 8.74 -14.23 93.92
CA PHE C 537 9.38 -13.47 95.00
C PHE C 537 8.28 -13.08 96.00
N SER C 538 8.72 -12.85 97.23
CA SER C 538 7.95 -13.13 98.43
C SER C 538 6.63 -12.36 98.53
N PRO C 539 5.57 -13.00 99.06
CA PRO C 539 4.30 -12.31 99.32
C PRO C 539 4.36 -11.16 100.31
N TYR C 540 5.19 -11.26 101.35
CA TYR C 540 5.25 -10.22 102.36
C TYR C 540 5.69 -8.90 101.76
N SER C 541 5.32 -19.95 103.12
CA SER C 541 4.81 -20.72 102.00
C SER C 541 4.66 -19.86 100.76
N GLU C 542 5.75 -19.18 100.37
CA GLU C 542 5.72 -18.33 99.19
C GLU C 542 5.48 -19.14 97.92
N SER C 543 5.87 -20.41 97.93
CA SER C 543 5.80 -21.32 96.79
C SER C 543 4.39 -21.85 96.56
N THR C 544 3.50 -20.93 96.27
CA THR C 544 2.10 -21.24 95.99
C THR C 544 1.87 -21.65 94.55
N ASN C 545 2.88 -21.59 93.70
CA ASN C 545 2.78 -21.92 92.29
C ASN C 545 3.95 -22.81 91.90
N GLU C 546 3.78 -23.47 90.76
CA GLU C 546 4.77 -24.39 90.23
C GLU C 546 5.70 -23.75 89.21
N PHE C 547 5.69 -22.42 89.10
CA PHE C 547 6.47 -21.74 88.05
C PHE C 547 7.90 -21.46 88.49
N GLY C 548 8.67 -22.53 88.64
CA GLY C 548 10.11 -22.40 88.68
C GLY C 548 10.63 -22.05 87.30
N ILE C 549 11.93 -21.86 87.19
CA ILE C 549 12.51 -21.47 85.91
C ILE C 549 12.28 -22.54 84.87
N PHE C 550 12.42 -23.81 85.25
CA PHE C 550 12.24 -24.89 84.29
C PHE C 550 10.79 -24.97 83.85
N ASN C 551 9.85 -24.87 84.79
CA ASN C 551 8.44 -24.88 84.43
C ASN C 551 8.04 -23.63 83.68
N SER C 552 8.63 -22.48 83.98
CA SER C 552 8.33 -21.28 83.22
C SER C 552 8.80 -21.43 81.78
N LEU C 553 10.00 -21.98 81.57
CA LEU C 553 10.47 -22.26 80.24
C LEU C 553 9.56 -23.23 79.51
N TRP C 554 9.13 -24.28 80.20
CA TRP C 554 8.25 -25.27 79.60
C TRP C 554 6.91 -24.65 79.22
N PHE C 555 6.34 -23.82 80.09
CA PHE C 555 5.07 -23.19 79.81
C PHE C 555 5.17 -22.26 78.63
N SER C 556 6.23 -21.44 78.58
CA SER C 556 6.40 -20.54 77.46
C SER C 556 6.61 -21.29 76.16
N LEU C 557 7.39 -22.39 76.19
CA LEU C 557 7.57 -23.19 74.99
C LEU C 557 6.26 -23.78 74.51
N GLY C 558 5.45 -24.33 75.41
CA GLY C 558 4.18 -24.87 75.02
C GLY C 558 3.24 -23.81 74.47
N ALA C 559 3.30 -22.62 75.06
CA ALA C 559 2.47 -21.52 74.59
C ALA C 559 2.85 -21.13 73.17
N PHE C 560 4.15 -21.08 72.88
CA PHE C 560 4.53 -20.72 71.52
C PHE C 560 4.08 -21.76 70.52
N MET C 561 4.00 -23.03 70.93
CA MET C 561 3.56 -24.09 70.05
C MET C 561 2.06 -24.28 70.07
N GLN C 562 1.33 -23.51 70.88
CA GLN C 562 -0.11 -23.64 71.02
C GLN C 562 -0.49 -25.07 71.41
N GLN C 563 0.25 -25.66 72.35
CA GLN C 563 -0.03 -27.00 72.82
C GLN C 563 -0.56 -27.06 74.25
N GLY C 564 -0.64 -25.94 74.96
CA GLY C 564 -1.25 -25.92 76.28
C GLY C 564 -0.83 -26.99 77.28
N CYS C 565 0.10 -26.64 78.16
CA CYS C 565 0.69 -27.61 79.08
C CYS C 565 -0.24 -27.88 80.26
N ASP C 566 0.31 -28.18 81.42
CA ASP C 566 -0.53 -28.53 82.56
C ASP C 566 -0.85 -27.36 83.47
N ILE C 567 0.05 -26.40 83.61
CA ILE C 567 -0.16 -25.31 84.55
C ILE C 567 -0.40 -24.03 83.76
N SER C 568 -1.06 -23.08 84.42
CA SER C 568 -1.35 -21.75 83.91
C SER C 568 -1.14 -20.79 85.06
N PRO C 569 -0.65 -19.58 84.79
CA PRO C 569 -0.45 -18.62 85.87
C PRO C 569 -1.78 -18.17 86.48
N ARG C 570 -1.72 -17.84 87.77
CA ARG C 570 -2.90 -17.43 88.51
C ARG C 570 -2.76 -16.04 89.10
N SER C 571 -1.57 -15.46 89.11
CA SER C 571 -1.40 -14.12 89.61
C SER C 571 -1.63 -13.14 88.49
N LEU C 572 -1.88 -11.89 88.88
CA LEU C 572 -2.19 -10.87 87.89
C LEU C 572 -1.02 -10.67 86.95
N SER C 573 0.19 -10.56 87.51
CA SER C 573 1.34 -10.25 86.68
C SER C 573 1.75 -11.43 85.84
N GLY C 574 1.68 -12.64 86.40
CA GLY C 574 1.90 -13.82 85.61
C GLY C 574 0.94 -13.95 84.45
N ARG C 575 -0.33 -13.62 84.69
CA ARG C 575 -1.31 -13.66 83.62
C ARG C 575 -1.11 -12.55 82.60
N ILE C 576 -0.57 -11.40 83.02
CA ILE C 576 -0.21 -10.37 82.07
C ILE C 576 0.87 -10.88 81.13
N VAL C 577 1.89 -11.53 81.69
CA VAL C 577 2.94 -12.13 80.88
C VAL C 577 2.35 -13.17 79.93
N GLY C 578 1.49 -14.03 80.46
CA GLY C 578 0.89 -15.06 79.63
C GLY C 578 0.08 -14.49 78.49
N GLY C 579 -0.70 -13.44 78.76
CA GLY C 579 -1.52 -12.86 77.71
C GLY C 579 -0.72 -12.21 76.62
N VAL C 580 0.32 -11.45 76.99
CA VAL C 580 1.11 -10.82 75.94
C VAL C 580 1.84 -11.89 75.13
N TRP C 581 2.32 -12.95 75.79
CA TRP C 581 2.98 -14.01 75.05
C TRP C 581 2.02 -14.77 74.15
N TRP C 582 0.79 -14.97 74.59
CA TRP C 582 -0.23 -15.60 73.77
C TRP C 582 -0.56 -14.79 72.53
N PHE C 583 -0.70 -13.47 72.68
CA PHE C 583 -0.96 -12.63 71.52
C PHE C 583 0.21 -12.66 70.54
N PHE C 584 1.42 -12.58 71.07
CA PHE C 584 2.61 -12.69 70.24
C PHE C 584 2.59 -13.99 69.46
N THR C 585 2.30 -15.09 70.14
CA THR C 585 2.28 -16.38 69.48
C THR C 585 1.25 -16.44 68.37
N LEU C 586 0.04 -15.94 68.63
CA LEU C 586 -1.00 -15.94 67.62
C LEU C 586 -0.56 -15.19 66.37
N ILE C 587 -0.05 -13.98 66.54
CA ILE C 587 0.37 -13.20 65.39
C ILE C 587 1.49 -13.89 64.63
N ILE C 588 2.48 -14.42 65.35
CA ILE C 588 3.65 -15.02 64.70
C ILE C 588 3.28 -16.28 63.93
N ILE C 589 2.46 -17.16 64.52
CA ILE C 589 2.07 -18.40 63.84
C ILE C 589 1.21 -18.09 62.62
N SER C 590 0.27 -17.16 62.77
CA SER C 590 -0.55 -16.78 61.62
C SER C 590 0.30 -16.19 60.51
N SER C 591 1.30 -15.38 60.86
CA SER C 591 2.20 -14.82 59.87
C SER C 591 2.95 -15.91 59.13
N TYR C 592 3.47 -16.90 59.87
CA TYR C 592 4.19 -17.98 59.24
C TYR C 592 3.30 -18.73 58.24
N THR C 593 2.11 -19.11 58.67
CA THR C 593 1.21 -19.85 57.80
C THR C 593 0.81 -19.05 56.57
N ALA C 594 0.45 -17.78 56.78
CA ALA C 594 -0.01 -16.92 55.69
C ALA C 594 1.10 -16.66 54.69
N ASN C 595 2.31 -16.45 55.19
CA ASN C 595 3.47 -16.21 54.31
C ASN C 595 3.71 -17.45 53.45
N LEU C 596 3.82 -18.62 54.11
CA LEU C 596 4.06 -19.85 53.38
C LEU C 596 3.01 -20.04 52.29
N ALA C 597 1.75 -19.75 52.62
CA ALA C 597 0.68 -19.85 51.64
C ALA C 597 0.90 -18.89 50.49
N ALA C 598 1.32 -17.66 50.78
CA ALA C 598 1.56 -16.70 49.71
C ALA C 598 2.67 -17.18 48.79
N PHE C 599 3.77 -17.64 49.37
CA PHE C 599 4.89 -18.13 48.59
C PHE C 599 4.51 -19.31 47.72
N LEU C 600 3.80 -20.27 48.30
CA LEU C 600 3.40 -21.45 47.56
C LEU C 600 2.47 -21.08 46.41
N THR C 601 1.56 -20.15 46.64
CA THR C 601 0.65 -19.71 45.60
C THR C 601 1.38 -19.02 44.46
N VAL C 602 2.27 -18.09 44.79
CA VAL C 602 2.98 -17.36 43.76
C VAL C 602 3.85 -18.31 42.95
N GLU C 603 4.45 -19.30 43.61
CA GLU C 603 5.22 -20.29 42.89
C GLU C 603 4.34 -21.11 41.99
N ARG C 604 3.13 -21.42 42.44
CA ARG C 604 2.16 -22.12 41.63
C ARG C 604 1.66 -21.32 40.44
N MET C 605 1.80 -20.00 40.47
CA MET C 605 1.39 -19.20 39.32
C MET C 605 2.43 -19.29 38.23
N VAL C 606 3.67 -18.91 38.56
CA VAL C 606 4.86 -18.90 37.70
C VAL C 606 4.60 -18.39 36.29
N SER C 607 3.79 -19.10 35.49
CA SER C 607 3.44 -18.68 34.14
C SER C 607 4.67 -18.45 33.26
N PRO C 608 5.39 -19.49 32.88
CA PRO C 608 6.61 -19.30 32.09
C PRO C 608 6.30 -18.96 30.63
N ILE C 609 7.35 -18.65 29.88
CA ILE C 609 7.21 -18.32 28.47
C ILE C 609 6.80 -19.55 27.68
N GLU C 610 5.89 -19.37 26.73
CA GLU C 610 5.35 -20.47 25.94
C GLU C 610 4.77 -19.92 24.66
N SER C 611 4.87 -20.71 23.59
CA SER C 611 4.14 -20.54 22.34
C SER C 611 4.59 -19.34 21.53
N ALA C 612 5.71 -18.72 21.89
CA ALA C 612 6.37 -17.66 21.13
C ALA C 612 5.57 -16.35 21.09
N GLU C 613 4.36 -16.32 21.65
CA GLU C 613 3.58 -15.10 21.63
C GLU C 613 4.03 -14.11 22.70
N ASP C 614 4.65 -14.59 23.78
CA ASP C 614 5.05 -13.70 24.87
C ASP C 614 6.16 -12.75 24.43
N LEU C 615 7.08 -13.23 23.60
CA LEU C 615 8.21 -12.41 23.20
C LEU C 615 7.78 -11.14 22.48
N SER C 616 6.59 -11.13 21.89
CA SER C 616 6.06 -9.93 21.27
C SER C 616 5.50 -8.94 22.29
N LYS C 617 5.31 -9.34 23.54
CA LYS C 617 4.74 -8.44 24.54
C LYS C 617 5.54 -8.43 25.83
N GLN C 618 6.25 -9.52 26.12
CA GLN C 618 6.94 -9.68 27.40
C GLN C 618 8.34 -9.10 27.25
N THR C 619 8.53 -7.90 27.79
CA THR C 619 9.74 -7.13 27.55
C THR C 619 10.85 -7.38 28.56
N GLU C 620 10.59 -8.16 29.61
CA GLU C 620 11.63 -8.43 30.59
C GLU C 620 12.72 -9.32 30.03
N ILE C 621 12.46 -10.03 28.94
CA ILE C 621 13.40 -10.99 28.37
C ILE C 621 14.03 -10.35 27.13
N ALA C 622 15.32 -10.61 26.93
CA ALA C 622 16.01 -10.19 25.74
C ALA C 622 16.09 -11.34 24.75
N TYR C 623 16.03 -11.01 23.47
CA TYR C 623 16.04 -12.05 22.44
C TYR C 623 16.61 -11.50 21.14
N GLY C 624 17.32 -12.36 20.42
CA GLY C 624 17.92 -11.96 19.16
C GLY C 624 18.25 -13.20 18.35
N THR C 625 18.74 -12.96 17.13
CA THR C 625 19.02 -14.04 16.19
C THR C 625 20.47 -13.95 15.74
N LEU C 626 20.80 -14.78 14.74
CA LEU C 626 22.14 -14.79 14.18
C LEU C 626 22.31 -13.66 13.17
N ASP C 627 23.47 -13.03 13.20
CA ASP C 627 23.80 -11.99 12.22
C ASP C 627 24.10 -12.60 10.86
N SER C 628 23.62 -11.94 9.81
CA SER C 628 23.82 -12.37 8.42
C SER C 628 23.23 -13.73 8.12
N GLY C 629 22.32 -14.23 8.95
CA GLY C 629 21.68 -15.51 8.71
C GLY C 629 20.33 -15.35 8.02
N SER C 630 19.69 -16.49 7.78
CA SER C 630 18.38 -16.47 7.14
C SER C 630 17.31 -15.98 8.10
N THR C 631 17.48 -16.23 9.40
CA THR C 631 16.47 -15.83 10.37
C THR C 631 16.35 -14.32 10.45
N LYS C 632 17.49 -13.62 10.37
CA LYS C 632 17.45 -12.16 10.35
C LYS C 632 16.66 -11.65 9.15
N GLU C 633 16.90 -12.23 7.97
CA GLU C 633 16.15 -11.84 6.78
C GLU C 633 14.67 -12.16 6.96
N PHE C 634 14.35 -13.30 7.56
CA PHE C 634 12.96 -13.67 7.77
C PHE C 634 12.25 -12.66 8.66
N PHE C 635 12.90 -12.26 9.75
CA PHE C 635 12.26 -11.29 10.65
C PHE C 635 12.17 -9.91 10.01
N ARG C 636 13.17 -9.53 9.22
CA ARG C 636 13.09 -8.22 8.56
C ARG C 636 12.12 -8.23 7.38
N ARG C 637 11.69 -9.41 6.92
CA ARG C 637 10.86 -9.53 5.73
C ARG C 637 9.44 -10.01 6.01
N SER C 638 9.17 -10.53 7.20
CA SER C 638 7.88 -11.16 7.46
C SER C 638 6.76 -10.12 7.49
N LYS C 639 5.54 -10.61 7.27
CA LYS C 639 4.34 -9.80 7.31
C LYS C 639 3.52 -9.99 8.59
N ILE C 640 3.73 -11.10 9.30
CA ILE C 640 2.96 -11.39 10.50
C ILE C 640 3.25 -10.33 11.56
N ALA C 641 2.20 -9.80 12.18
CA ALA C 641 2.34 -8.69 13.11
C ALA C 641 3.24 -9.07 14.29
N VAL C 642 3.13 -10.32 14.76
CA VAL C 642 4.01 -10.78 15.84
C VAL C 642 5.47 -10.72 15.39
N PHE C 643 5.73 -11.19 14.17
CA PHE C 643 7.10 -11.17 13.64
C PHE C 643 7.56 -9.74 13.38
N ASP C 644 6.66 -8.86 12.96
CA ASP C 644 7.02 -7.46 12.81
C ASP C 644 7.40 -6.83 14.15
N LYS C 645 6.65 -7.18 15.20
CA LYS C 645 6.98 -6.68 16.54
C LYS C 645 8.33 -7.21 17.00
N MET C 646 8.60 -8.49 16.75
CA MET C 646 9.91 -9.05 17.12
C MET C 646 11.03 -8.36 16.35
N TRP C 647 10.84 -8.12 15.06
CA TRP C 647 11.84 -7.41 14.28
C TRP C 647 12.04 -6.00 14.80
N THR C 648 10.96 -5.32 15.18
CA THR C 648 11.08 -4.00 15.77
C THR C 648 11.91 -4.05 17.05
N TYR C 649 11.69 -5.09 17.87
CA TYR C 649 12.45 -5.21 19.11
C TYR C 649 13.94 -5.40 18.81
N MET C 650 14.27 -6.36 17.94
CA MET C 650 15.69 -6.57 17.65
C MET C 650 16.31 -5.35 16.97
N ARG C 651 15.52 -4.56 16.24
CA ARG C 651 16.08 -3.39 15.59
C ARG C 651 16.29 -2.25 16.56
N SER C 652 15.45 -2.13 17.58
CA SER C 652 15.52 -1.02 18.52
C SER C 652 16.31 -1.33 19.78
N ALA C 653 16.43 -2.59 20.17
CA ALA C 653 17.11 -2.92 21.42
C ALA C 653 18.59 -2.63 21.35
N GLU C 654 19.12 -2.07 22.43
CA GLU C 654 20.55 -1.79 22.57
C GLU C 654 21.01 -2.26 23.94
N PRO C 655 22.21 -2.86 24.05
CA PRO C 655 23.21 -3.11 22.99
C PRO C 655 22.71 -4.16 22.00
N SER C 656 23.42 -4.34 20.89
CA SER C 656 22.94 -5.20 19.81
C SER C 656 22.69 -6.62 20.30
N VAL C 657 21.51 -7.13 19.98
CA VAL C 657 21.12 -8.48 20.37
C VAL C 657 21.59 -9.54 19.38
N PHE C 658 21.85 -9.16 18.14
CA PHE C 658 22.34 -10.09 17.14
C PHE C 658 23.73 -10.60 17.49
N VAL C 659 23.99 -11.85 17.12
CA VAL C 659 25.25 -12.53 17.42
C VAL C 659 25.88 -12.98 16.11
N ARG C 660 27.21 -12.99 16.08
CA ARG C 660 27.92 -13.32 14.84
C ARG C 660 27.93 -14.81 14.56
N THR C 661 28.03 -15.66 15.59
CA THR C 661 28.01 -17.10 15.43
C THR C 661 27.08 -17.73 16.45
N THR C 662 26.56 -18.91 16.10
CA THR C 662 25.68 -19.63 17.01
C THR C 662 26.46 -20.20 18.19
N ALA C 663 27.71 -20.60 17.97
CA ALA C 663 28.50 -21.22 19.01
C ALA C 663 28.67 -20.30 20.21
N GLU C 664 28.65 -18.98 19.99
CA GLU C 664 28.67 -18.05 21.11
C GLU C 664 27.29 -17.48 21.43
N GLY C 665 26.31 -17.62 20.54
CA GLY C 665 24.95 -17.26 20.91
C GLY C 665 24.41 -18.18 21.98
N VAL C 666 24.71 -19.47 21.88
CA VAL C 666 24.33 -20.42 22.92
C VAL C 666 25.01 -20.07 24.24
N ALA C 667 26.28 -19.65 24.18
CA ALA C 667 26.98 -19.20 25.39
C ALA C 667 26.33 -17.95 25.98
N ARG C 668 25.91 -17.02 25.12
CA ARG C 668 25.22 -15.82 25.59
C ARG C 668 23.93 -16.20 26.33
N VAL C 669 23.19 -17.16 25.79
CA VAL C 669 21.97 -17.62 26.47
C VAL C 669 22.33 -18.26 27.80
N ARG C 670 23.38 -19.07 27.82
CA ARG C 670 23.70 -19.84 29.03
C ARG C 670 24.17 -18.92 30.15
N LYS C 671 24.99 -17.92 29.84
CA LYS C 671 25.56 -17.06 30.86
C LYS C 671 24.62 -15.96 31.32
N SER C 672 23.50 -15.73 30.62
CA SER C 672 22.62 -14.61 30.94
C SER C 672 21.59 -14.94 32.00
N LYS C 673 21.87 -15.95 32.84
CA LYS C 673 21.00 -16.33 33.97
C LYS C 673 19.53 -16.45 33.56
N GLY C 674 19.29 -16.79 32.30
CA GLY C 674 17.95 -16.92 31.80
C GLY C 674 17.29 -15.64 31.37
N LYS C 675 18.05 -14.55 31.25
CA LYS C 675 17.49 -13.27 30.82
C LYS C 675 17.58 -13.05 29.32
N TYR C 676 18.16 -13.98 28.56
CA TYR C 676 18.33 -13.83 27.12
C TYR C 676 17.81 -15.06 26.41
N ALA C 677 17.22 -14.84 25.23
CA ALA C 677 16.74 -15.91 24.37
C ALA C 677 17.39 -15.78 23.00
N TYR C 678 17.64 -16.91 22.37
CA TYR C 678 18.30 -16.97 21.08
C TYR C 678 17.39 -17.71 20.11
N LEU C 679 17.03 -17.07 19.01
CA LEU C 679 16.17 -17.68 18.01
C LEU C 679 17.06 -18.33 16.97
N LEU C 680 16.96 -19.64 16.84
CA LEU C 680 17.83 -20.38 15.93
C LEU C 680 17.03 -21.53 15.35
N GLU C 681 17.54 -22.08 14.25
CA GLU C 681 16.83 -23.13 13.55
C GLU C 681 16.68 -24.37 14.42
N SER C 682 15.69 -25.20 14.05
CA SER C 682 15.21 -26.23 14.96
C SER C 682 16.28 -27.28 15.23
N THR C 683 17.01 -27.69 14.19
CA THR C 683 17.91 -28.83 14.34
C THR C 683 19.03 -28.51 15.32
N MET C 684 19.58 -27.31 15.23
CA MET C 684 20.62 -26.90 16.17
C MET C 684 20.09 -26.83 17.59
N ASN C 685 18.86 -26.33 17.75
CA ASN C 685 18.25 -26.27 19.07
C ASN C 685 18.05 -27.66 19.66
N GLU C 686 17.60 -28.60 18.84
CA GLU C 686 17.42 -29.97 19.32
C GLU C 686 18.76 -30.61 19.65
N TYR C 687 19.80 -30.28 18.89
CA TYR C 687 21.12 -30.83 19.20
C TYR C 687 21.70 -30.21 20.47
N ILE C 688 21.59 -28.88 20.61
CA ILE C 688 22.20 -28.20 21.74
C ILE C 688 21.60 -28.66 23.06
N GLU C 689 20.28 -28.81 23.12
CA GLU C 689 19.65 -29.20 24.37
C GLU C 689 20.02 -30.62 24.80
N GLN C 690 20.55 -31.43 23.89
CA GLN C 690 20.93 -32.80 24.20
C GLN C 690 22.39 -32.97 24.56
N ARG C 691 23.17 -31.89 24.59
CA ARG C 691 24.59 -31.99 24.89
C ARG C 691 24.84 -31.98 26.40
N LYS C 692 26.11 -32.12 26.78
CA LYS C 692 26.46 -32.31 28.19
C LYS C 692 26.01 -31.21 29.12
N PRO C 693 26.23 -29.91 28.83
CA PRO C 693 25.75 -28.90 29.79
C PRO C 693 24.26 -29.03 30.05
N CYS C 694 23.50 -29.32 29.00
CA CYS C 694 22.07 -29.66 29.08
C CYS C 694 21.34 -28.72 30.05
N ASP C 695 21.60 -27.43 29.90
CA ASP C 695 20.97 -26.39 30.71
C ASP C 695 19.98 -25.53 29.93
N THR C 696 19.63 -25.91 28.71
CA THR C 696 18.67 -25.15 27.92
C THR C 696 17.75 -26.11 27.20
N MET C 697 16.60 -25.60 26.77
CA MET C 697 15.65 -26.41 26.04
C MET C 697 14.80 -25.55 25.13
N LYS C 698 14.20 -26.20 24.14
CA LYS C 698 13.31 -25.54 23.20
C LYS C 698 12.05 -25.08 23.92
N VAL C 699 11.56 -23.90 23.54
CA VAL C 699 10.32 -23.36 24.08
C VAL C 699 9.39 -23.07 22.92
N GLY C 700 8.13 -23.49 23.06
CA GLY C 700 7.15 -23.27 22.01
C GLY C 700 7.42 -24.15 20.81
N GLY C 701 6.54 -24.00 19.81
CA GLY C 701 6.69 -24.72 18.56
C GLY C 701 7.54 -23.98 17.55
N ASN C 702 7.73 -24.62 16.40
CA ASN C 702 8.49 -24.03 15.32
C ASN C 702 7.73 -22.86 14.72
N LEU C 703 8.45 -21.77 14.45
CA LEU C 703 7.81 -20.58 13.90
C LEU C 703 7.36 -20.80 12.47
N ASP C 704 8.13 -21.56 11.69
CA ASP C 704 7.81 -21.80 10.29
C ASP C 704 8.48 -23.11 9.87
N SER C 705 8.55 -23.33 8.56
CA SER C 705 9.19 -24.52 8.01
C SER C 705 10.14 -24.09 6.90
N LYS C 706 11.39 -24.54 7.00
CA LYS C 706 12.41 -24.27 5.99
C LYS C 706 13.16 -25.55 5.70
N GLY C 707 13.81 -25.58 4.54
CA GLY C 707 14.58 -26.73 4.15
C GLY C 707 16.04 -26.44 3.94
N TYR C 708 16.86 -27.47 4.03
CA TYR C 708 18.30 -27.37 3.82
C TYR C 708 18.64 -27.94 2.46
N GLY C 709 19.36 -27.18 1.66
CA GLY C 709 19.69 -27.61 0.32
C GLY C 709 21.18 -27.58 0.07
N ILE C 710 21.62 -28.52 -0.77
CA ILE C 710 23.00 -28.58 -1.23
C ILE C 710 23.14 -27.56 -2.34
N ALA C 711 23.91 -26.50 -2.11
CA ALA C 711 23.94 -25.39 -3.03
C ALA C 711 25.02 -25.58 -4.08
N THR C 712 24.76 -25.05 -5.26
CA THR C 712 25.68 -25.08 -6.38
C THR C 712 25.52 -23.77 -7.14
N PRO C 713 26.59 -23.26 -7.76
CA PRO C 713 26.47 -21.97 -8.45
C PRO C 713 25.56 -22.05 -9.66
N LYS C 714 25.04 -20.89 -10.03
CA LYS C 714 24.03 -20.80 -11.09
C LYS C 714 24.53 -21.46 -12.37
N GLY C 715 23.80 -22.48 -12.82
CA GLY C 715 24.14 -23.14 -14.06
C GLY C 715 25.28 -24.12 -13.98
N SER C 716 25.72 -24.51 -12.79
CA SER C 716 26.80 -25.47 -12.66
C SER C 716 26.35 -26.84 -13.17
N SER C 717 27.31 -27.57 -13.74
CA SER C 717 26.99 -28.85 -14.37
C SER C 717 26.48 -29.87 -13.37
N LEU C 718 27.07 -29.92 -12.19
CA LEU C 718 26.76 -30.97 -11.23
C LEU C 718 25.49 -30.71 -10.44
N GLY C 719 24.74 -29.65 -10.76
CA GLY C 719 23.54 -29.34 -9.98
C GLY C 719 22.50 -30.43 -10.06
N THR C 720 22.20 -30.89 -11.26
CA THR C 720 21.16 -31.90 -11.42
C THR C 720 21.61 -33.30 -11.00
N PRO C 721 22.87 -33.71 -11.26
CA PRO C 721 23.33 -34.96 -10.63
C PRO C 721 23.22 -34.94 -9.12
N VAL C 722 23.59 -33.82 -8.50
CA VAL C 722 23.49 -33.71 -7.05
C VAL C 722 22.04 -33.75 -6.60
N ASN C 723 21.15 -33.08 -7.33
CA ASN C 723 19.74 -33.11 -6.96
C ASN C 723 19.17 -34.53 -7.05
N LEU C 724 19.50 -35.26 -8.11
CA LEU C 724 19.04 -36.63 -8.24
C LEU C 724 19.62 -37.51 -7.14
N ALA C 725 20.90 -37.30 -6.82
CA ALA C 725 21.51 -38.06 -5.74
C ALA C 725 20.82 -37.79 -4.40
N VAL C 726 20.50 -36.53 -4.12
CA VAL C 726 19.80 -36.21 -2.88
C VAL C 726 18.43 -36.87 -2.85
N LEU C 727 17.71 -36.82 -3.98
CA LEU C 727 16.39 -37.45 -4.02
C LEU C 727 16.48 -38.95 -3.77
N LYS C 728 17.44 -39.62 -4.40
CA LYS C 728 17.56 -41.06 -4.23
C LYS C 728 18.06 -41.43 -2.83
N LEU C 729 18.93 -40.59 -2.25
CA LEU C 729 19.37 -40.81 -0.88
C LEU C 729 18.22 -40.65 0.10
N SER C 730 17.33 -39.68 -0.17
CA SER C 730 16.11 -39.56 0.63
C SER C 730 15.21 -40.77 0.46
N GLU C 731 15.16 -41.32 -0.76
CA GLU C 731 14.39 -42.55 -0.98
C GLU C 731 14.95 -43.70 -0.16
N GLN C 732 16.29 -43.83 -0.11
CA GLN C 732 16.90 -44.89 0.67
C GLN C 732 16.77 -44.68 2.17
N GLY C 733 16.39 -43.48 2.61
CA GLY C 733 16.32 -43.19 4.02
C GLY C 733 17.66 -42.92 4.67
N VAL C 734 18.71 -42.72 3.87
CA VAL C 734 20.03 -42.47 4.43
C VAL C 734 20.08 -41.13 5.16
N LEU C 735 19.33 -40.13 4.67
CA LEU C 735 19.30 -38.85 5.36
C LEU C 735 18.74 -39.01 6.76
N ASP C 736 17.66 -39.76 6.92
CA ASP C 736 17.10 -40.01 8.24
C ASP C 736 18.06 -40.83 9.09
N LYS C 737 18.79 -41.76 8.48
CA LYS C 737 19.78 -42.53 9.23
C LYS C 737 20.87 -41.64 9.79
N LEU C 738 21.38 -40.70 8.97
CA LEU C 738 22.40 -39.78 9.44
C LEU C 738 21.86 -38.84 10.50
N LYS C 739 20.61 -38.37 10.34
CA LYS C 739 20.00 -37.56 11.37
C LYS C 739 19.94 -38.32 12.69
N ASN C 740 19.53 -39.60 12.63
CA ASN C 740 19.51 -40.42 13.83
C ASN C 740 20.92 -40.52 14.43
N LYS C 741 21.90 -40.86 13.60
CA LYS C 741 23.26 -41.09 14.09
C LYS C 741 23.85 -39.86 14.75
N TRP C 742 23.50 -38.67 14.27
CA TRP C 742 24.13 -37.45 14.80
C TRP C 742 23.30 -36.73 15.85
N TRP C 743 21.97 -36.84 15.83
CA TRP C 743 21.12 -36.23 16.84
C TRP C 743 20.71 -37.22 17.93
N TYR C 744 20.06 -38.32 17.54
CA TYR C 744 19.43 -39.19 18.52
C TYR C 744 20.42 -40.16 19.15
N ASP C 745 21.36 -40.68 18.38
CA ASP C 745 22.37 -41.59 18.92
C ASP C 745 23.38 -40.88 19.81
N LYS C 746 23.43 -39.55 19.78
CA LYS C 746 24.33 -38.78 20.61
C LYS C 746 23.65 -38.13 21.81
N GLY C 747 22.34 -38.33 21.98
CA GLY C 747 21.65 -37.73 23.11
C GLY C 747 22.11 -38.32 24.43
N GLU C 748 22.27 -37.45 25.43
CA GLU C 748 22.75 -37.86 26.75
C GLU C 748 21.90 -37.32 27.89
N CYS C 749 20.65 -36.93 27.65
CA CYS C 749 19.81 -36.34 28.68
C CYS C 749 18.44 -37.01 28.64
N GLY C 750 18.13 -37.76 29.68
CA GLY C 750 17.93 -37.16 30.98
C GLY C 750 16.62 -36.40 31.14
N ALA C 751 16.75 -35.10 31.33
CA ALA C 751 15.63 -34.17 31.45
C ALA C 751 14.72 -34.52 32.62
N LYS C 752 15.22 -35.23 33.63
CA LYS C 752 14.42 -35.52 34.80
C LYS C 752 14.04 -34.22 35.50
N ASP C 753 12.96 -34.28 36.28
CA ASP C 753 12.39 -33.11 36.95
C ASP C 753 12.07 -32.04 35.89
N SER C 754 11.23 -32.43 34.93
CA SER C 754 10.89 -31.54 33.84
C SER C 754 10.13 -30.31 34.32
N GLY C 755 9.37 -30.45 35.40
CA GLY C 755 8.63 -29.32 35.92
C GLY C 755 7.55 -28.83 34.98
N SER C 756 6.86 -29.74 34.29
CA SER C 756 5.77 -29.33 33.43
C SER C 756 4.63 -28.72 34.23
N LYS C 757 4.49 -29.13 35.49
CA LYS C 757 3.50 -28.58 36.41
C LYS C 757 4.20 -28.27 37.72
N GLU C 758 3.44 -27.70 38.66
CA GLU C 758 3.97 -27.21 39.94
C GLU C 758 4.19 -28.43 40.85
N LYS C 759 5.15 -29.27 40.45
CA LYS C 759 5.63 -30.41 41.22
C LYS C 759 4.50 -31.35 41.64
N THR C 760 3.56 -31.57 40.71
CA THR C 760 2.41 -32.46 40.89
C THR C 760 1.47 -31.92 41.96
N SER C 761 1.76 -30.72 42.45
CA SER C 761 0.98 -29.97 43.42
C SER C 761 1.11 -30.51 44.83
N ALA C 762 1.75 -31.66 45.00
CA ALA C 762 1.95 -32.22 46.32
C ALA C 762 3.25 -31.70 46.89
N LEU C 763 3.21 -31.34 48.16
CA LEU C 763 4.39 -30.81 48.81
C LEU C 763 5.40 -31.94 49.00
N SER C 764 6.57 -31.81 48.41
CA SER C 764 7.59 -32.85 48.43
C SER C 764 8.17 -33.06 49.81
N LEU C 765 8.71 -34.26 50.04
CA LEU C 765 9.32 -34.53 51.33
C LEU C 765 10.55 -33.70 51.55
N SER C 766 11.22 -33.31 50.47
CA SER C 766 12.40 -32.46 50.60
C SER C 766 12.04 -31.09 51.15
N ASN C 767 10.78 -30.72 51.11
CA ASN C 767 10.39 -29.37 51.49
C ASN C 767 10.28 -29.26 52.99
N VAL C 768 10.02 -30.39 53.63
CA VAL C 768 9.95 -30.50 55.08
C VAL C 768 10.94 -31.54 55.59
N ALA C 769 11.97 -31.85 54.81
CA ALA C 769 12.91 -32.88 55.22
C ALA C 769 13.68 -32.47 56.47
N GLY C 770 14.03 -31.19 56.58
CA GLY C 770 14.79 -30.72 57.73
C GLY C 770 14.07 -30.85 59.05
N VAL C 771 12.75 -30.73 59.05
CA VAL C 771 12.01 -30.90 60.29
C VAL C 771 12.18 -32.33 60.81
N PHE C 772 12.16 -33.31 59.90
CA PHE C 772 12.38 -34.69 60.28
C PHE C 772 13.77 -34.89 60.88
N TYR C 773 14.76 -34.24 60.27
CA TYR C 773 16.12 -34.35 60.80
C TYR C 773 16.21 -33.78 62.20
N ILE C 774 15.59 -32.62 62.42
CA ILE C 774 15.61 -32.02 63.75
C ILE C 774 14.86 -32.90 64.75
N LEU C 775 13.78 -33.54 64.31
CA LEU C 775 13.03 -34.44 65.18
C LEU C 775 13.87 -35.62 65.63
N VAL C 776 14.56 -36.25 64.69
CA VAL C 776 15.39 -37.40 65.04
C VAL C 776 16.56 -36.97 65.92
N GLY C 777 17.16 -35.83 65.61
CA GLY C 777 18.23 -35.35 66.46
C GLY C 777 17.78 -35.04 67.86
N GLY C 778 16.57 -34.50 68.00
CA GLY C 778 16.03 -34.26 69.32
C GLY C 778 15.76 -35.54 70.06
N LEU C 779 15.25 -36.55 69.37
CA LEU C 779 15.05 -37.86 70.02
C LEU C 779 16.36 -38.44 70.51
N GLY C 780 17.41 -38.37 69.70
CA GLY C 780 18.70 -38.86 70.13
C GLY C 780 19.25 -38.09 71.30
N LEU C 781 19.09 -36.76 71.27
CA LEU C 781 19.55 -35.93 72.36
C LEU C 781 18.80 -36.24 73.64
N ALA C 782 17.50 -36.47 73.54
CA ALA C 782 16.71 -36.80 74.72
C ALA C 782 17.13 -38.13 75.31
N MET C 783 17.38 -39.12 74.46
CA MET C 783 17.87 -40.38 74.98
C MET C 783 19.20 -40.20 75.68
N LEU C 784 20.10 -39.39 75.12
CA LEU C 784 21.38 -39.17 75.77
C LEU C 784 21.22 -38.48 77.12
N VAL C 785 20.33 -37.49 77.18
CA VAL C 785 20.11 -36.79 78.43
C VAL C 785 19.58 -37.75 79.49
N ALA C 786 18.63 -38.60 79.10
CA ALA C 786 18.11 -39.59 80.04
C ALA C 786 19.18 -40.56 80.50
N LEU C 787 20.04 -41.01 79.59
CA LEU C 787 21.11 -41.93 79.96
C LEU C 787 22.08 -41.30 80.93
N ILE C 788 22.47 -40.04 80.70
CA ILE C 788 23.41 -39.44 81.64
C ILE C 788 22.75 -39.22 82.98
N GLU C 789 21.45 -38.88 83.00
CA GLU C 789 20.75 -38.75 84.28
C GLU C 789 20.70 -40.09 85.02
N PHE C 790 20.39 -41.18 84.31
CA PHE C 790 20.36 -42.47 84.96
C PHE C 790 21.73 -42.89 85.48
N CYS C 791 22.78 -42.66 84.70
CA CYS C 791 24.12 -43.04 85.16
C CYS C 791 24.54 -42.23 86.37
N TYR C 792 24.22 -40.94 86.39
CA TYR C 792 24.55 -40.14 87.55
C TYR C 792 23.82 -40.66 88.78
N LYS C 793 22.53 -40.95 88.65
CA LYS C 793 21.80 -41.39 89.83
C LYS C 793 22.16 -42.81 90.21
N SER C 794 22.62 -43.63 89.25
CA SER C 794 22.97 -45.02 89.51
C SER C 794 24.35 -45.17 90.13
N ARG C 795 25.21 -44.17 89.98
CA ARG C 795 26.50 -44.22 90.66
C ARG C 795 26.46 -43.49 91.99
N ALA C 796 25.67 -42.43 92.10
CA ALA C 796 25.54 -41.67 93.32
C ALA C 796 24.28 -42.06 94.08
N GLU C 797 20.90 -21.75 9.01
CA GLU C 797 20.78 -20.33 8.73
C GLU C 797 21.22 -20.03 7.30
N ASN D 1 46.89 41.91 -54.53
CA ASN D 1 47.26 40.52 -54.28
C ASN D 1 46.03 39.70 -53.89
N SER D 2 45.96 38.46 -54.39
CA SER D 2 44.85 37.58 -54.09
C SER D 2 45.38 36.22 -53.68
N ILE D 3 44.70 35.60 -52.71
CA ILE D 3 45.05 34.28 -52.21
C ILE D 3 43.96 33.29 -52.57
N GLN D 4 44.35 32.19 -53.23
CA GLN D 4 43.41 31.18 -53.65
C GLN D 4 43.23 30.14 -52.54
N ILE D 5 41.96 29.80 -52.25
CA ILE D 5 41.65 28.80 -51.24
C ILE D 5 40.77 27.73 -51.88
N GLY D 6 40.72 26.57 -51.23
CA GLY D 6 39.94 25.46 -51.76
C GLY D 6 38.67 25.19 -50.99
N GLY D 7 37.74 24.49 -51.62
CA GLY D 7 36.47 24.14 -50.98
C GLY D 7 36.09 22.69 -51.17
N LEU D 8 35.93 21.95 -50.09
CA LEU D 8 35.50 20.56 -50.14
C LEU D 8 34.08 20.50 -49.57
N PHE D 9 33.10 20.78 -50.41
CA PHE D 9 31.73 20.86 -49.93
C PHE D 9 30.96 19.61 -50.32
N PRO D 10 30.31 18.94 -49.37
CA PRO D 10 29.48 17.79 -49.73
C PRO D 10 28.31 18.19 -50.61
N ARG D 11 27.90 17.27 -51.48
CA ARG D 11 26.72 17.49 -52.31
C ARG D 11 25.47 17.50 -51.42
N GLY D 12 24.70 18.58 -51.50
CA GLY D 12 23.56 18.77 -50.65
C GLY D 12 23.78 19.69 -49.47
N ALA D 13 24.98 20.24 -49.31
CA ALA D 13 25.28 21.21 -48.26
C ALA D 13 24.99 22.62 -48.76
N ASP D 14 23.72 22.85 -49.11
CA ASP D 14 23.33 24.12 -49.70
C ASP D 14 23.44 25.27 -48.70
N GLN D 15 22.96 25.06 -47.48
CA GLN D 15 23.03 26.13 -46.49
C GLN D 15 24.47 26.44 -46.11
N GLU D 16 25.31 25.41 -46.05
CA GLU D 16 26.72 25.63 -45.77
C GLU D 16 27.37 26.49 -46.84
N TYR D 17 27.06 26.22 -48.11
CA TYR D 17 27.62 27.03 -49.19
C TYR D 17 27.07 28.45 -49.14
N SER D 18 25.79 28.61 -48.82
CA SER D 18 25.22 29.95 -48.71
C SER D 18 25.89 30.75 -47.59
N ALA D 19 26.11 30.11 -46.44
CA ALA D 19 26.81 30.78 -45.35
C ALA D 19 28.25 31.09 -45.73
N PHE D 20 28.90 30.20 -46.47
CA PHE D 20 30.25 30.47 -46.96
C PHE D 20 30.27 31.74 -47.81
N ARG D 21 29.33 31.85 -48.75
CA ARG D 21 29.29 33.02 -49.62
C ARG D 21 28.95 34.28 -48.83
N VAL D 22 28.03 34.17 -47.86
CA VAL D 22 27.67 35.31 -47.04
C VAL D 22 28.88 35.80 -46.23
N GLY D 23 29.64 34.86 -45.65
CA GLY D 23 30.85 35.25 -44.95
C GLY D 23 31.89 35.86 -45.87
N MET D 24 31.98 35.35 -47.09
CA MET D 24 32.96 35.88 -48.02
C MET D 24 32.61 37.30 -48.44
N VAL D 25 31.31 37.60 -48.54
CA VAL D 25 30.87 38.96 -48.80
C VAL D 25 31.12 39.86 -47.58
N GLN D 26 30.77 39.36 -46.39
CA GLN D 26 30.81 40.20 -45.20
C GLN D 26 32.23 40.54 -44.79
N PHE D 27 33.11 39.55 -44.74
CA PHE D 27 34.48 39.75 -44.30
C PHE D 27 35.41 40.14 -45.44
N SER D 28 34.86 40.58 -46.58
CA SER D 28 35.70 41.03 -47.67
C SER D 28 36.41 42.33 -47.31
N THR D 29 37.57 42.55 -47.91
CA THR D 29 38.34 43.75 -47.68
C THR D 29 39.07 44.13 -48.96
N SER D 30 39.47 45.40 -49.04
CA SER D 30 40.07 45.92 -50.27
C SER D 30 41.56 45.61 -50.36
N GLU D 31 42.24 45.47 -49.22
CA GLU D 31 43.68 45.21 -49.26
C GLU D 31 43.98 43.84 -49.87
N PHE D 32 43.15 42.84 -49.58
CA PHE D 32 43.35 41.51 -50.14
C PHE D 32 42.01 40.80 -50.26
N ARG D 33 41.98 39.80 -51.14
CA ARG D 33 40.76 39.07 -51.44
C ARG D 33 41.05 37.57 -51.44
N LEU D 34 40.12 36.80 -50.90
CA LEU D 34 40.21 35.35 -50.92
C LEU D 34 39.54 34.81 -52.18
N THR D 35 40.20 33.88 -52.86
CA THR D 35 39.68 33.34 -54.11
C THR D 35 39.35 31.87 -53.91
N PRO D 36 38.08 31.52 -53.69
CA PRO D 36 37.73 30.11 -53.48
C PRO D 36 37.58 29.35 -54.79
N HIS D 37 38.17 28.17 -54.84
CA HIS D 37 37.87 27.20 -55.89
C HIS D 37 37.25 25.97 -55.23
N ILE D 38 36.02 25.64 -55.64
CA ILE D 38 35.16 24.76 -54.88
C ILE D 38 34.81 23.55 -55.73
N ASP D 39 34.92 22.36 -55.14
CA ASP D 39 34.50 21.11 -55.75
C ASP D 39 33.42 20.48 -54.90
N ASN D 40 32.30 20.13 -55.52
CA ASN D 40 31.23 19.41 -54.85
C ASN D 40 31.38 17.93 -55.14
N LEU D 41 31.38 17.12 -54.08
CA LEU D 41 31.72 15.71 -54.20
C LEU D 41 31.13 14.97 -53.01
N GLU D 42 31.13 13.64 -53.12
CA GLU D 42 30.73 12.76 -52.03
C GLU D 42 31.90 12.64 -51.05
N VAL D 43 31.76 13.24 -49.87
CA VAL D 43 32.83 13.18 -48.87
C VAL D 43 32.96 11.82 -48.23
N ALA D 44 32.00 10.91 -48.46
CA ALA D 44 32.09 9.56 -47.96
C ALA D 44 32.95 8.67 -48.83
N ASN D 45 33.37 9.14 -49.99
CA ASN D 45 34.20 8.39 -50.91
C ASN D 45 35.62 8.91 -50.81
N SER D 46 36.53 8.08 -50.29
CA SER D 46 37.90 8.52 -50.08
C SER D 46 38.61 8.79 -51.39
N PHE D 47 38.28 8.05 -52.46
CA PHE D 47 38.92 8.28 -53.74
C PHE D 47 38.57 9.66 -54.28
N ALA D 48 37.29 10.02 -54.24
CA ALA D 48 36.88 11.34 -54.69
C ALA D 48 37.48 12.43 -53.82
N VAL D 49 37.52 12.21 -52.51
CA VAL D 49 38.09 13.21 -51.61
C VAL D 49 39.56 13.44 -51.94
N THR D 50 40.32 12.35 -52.11
CA THR D 50 41.75 12.51 -52.37
C THR D 50 42.02 13.07 -53.76
N ASN D 51 41.21 12.73 -54.77
CA ASN D 51 41.46 13.27 -56.09
C ASN D 51 41.12 14.76 -56.14
N ALA D 52 40.06 15.17 -55.46
CA ALA D 52 39.75 16.59 -55.35
C ALA D 52 40.84 17.32 -54.56
N PHE D 53 41.36 16.68 -53.51
CA PHE D 53 42.44 17.28 -52.73
C PHE D 53 43.67 17.50 -53.60
N CYS D 54 44.02 16.51 -54.42
CA CYS D 54 45.18 16.64 -55.29
C CYS D 54 44.94 17.65 -56.40
N SER D 55 43.71 17.71 -56.93
CA SER D 55 43.39 18.70 -57.94
C SER D 55 43.53 20.12 -57.38
N GLN D 56 43.06 20.33 -56.16
CA GLN D 56 43.20 21.65 -55.54
C GLN D 56 44.65 21.94 -55.17
N PHE D 57 45.42 20.91 -54.78
CA PHE D 57 46.83 21.14 -54.48
C PHE D 57 47.60 21.50 -55.75
N SER D 58 47.19 20.97 -56.89
CA SER D 58 47.92 21.22 -58.14
C SER D 58 47.87 22.68 -58.56
N ARG D 59 46.89 23.45 -58.07
CA ARG D 59 46.79 24.86 -58.41
C ARG D 59 47.23 25.77 -57.26
N GLY D 60 48.06 25.26 -56.35
CA GLY D 60 48.66 26.06 -55.30
C GLY D 60 47.69 26.67 -54.30
N VAL D 61 46.75 25.87 -53.80
CA VAL D 61 45.83 26.35 -52.78
C VAL D 61 46.58 26.56 -51.48
N TYR D 62 46.39 27.73 -50.87
CA TYR D 62 47.12 28.05 -49.64
C TYR D 62 46.58 27.24 -48.46
N ALA D 63 45.26 27.12 -48.34
CA ALA D 63 44.64 26.34 -47.28
C ALA D 63 43.29 25.86 -47.78
N ILE D 64 42.89 24.68 -47.32
CA ILE D 64 41.70 24.00 -47.83
C ILE D 64 40.65 24.00 -46.73
N PHE D 65 39.52 24.63 -47.01
CA PHE D 65 38.31 24.50 -46.21
C PHE D 65 37.42 23.40 -46.78
N GLY D 66 36.72 22.71 -45.90
CA GLY D 66 35.83 21.66 -46.34
C GLY D 66 35.31 20.84 -45.18
N PHE D 67 34.73 19.69 -45.53
CA PHE D 67 34.16 18.76 -44.58
C PHE D 67 34.73 17.37 -44.85
N TYR D 68 34.55 16.48 -43.88
CA TYR D 68 34.92 15.08 -44.07
C TYR D 68 33.93 14.22 -43.29
N ASP D 69 34.17 12.90 -43.35
CA ASP D 69 33.27 11.92 -42.76
C ASP D 69 34.10 10.89 -42.01
N LYS D 70 33.42 9.96 -41.34
CA LYS D 70 34.11 8.87 -40.67
C LYS D 70 34.94 8.05 -41.64
N LYS D 71 34.50 7.97 -42.90
CA LYS D 71 35.20 7.22 -43.92
C LYS D 71 36.28 8.04 -44.61
N SER D 72 36.37 9.34 -44.34
CA SER D 72 37.32 10.20 -45.01
C SER D 72 38.13 11.09 -44.09
N VAL D 73 37.97 10.98 -42.77
CA VAL D 73 38.76 11.82 -41.88
C VAL D 73 40.23 11.47 -42.00
N ASN D 74 40.56 10.18 -42.05
CA ASN D 74 41.95 9.76 -42.04
C ASN D 74 42.69 10.20 -43.30
N THR D 75 42.01 10.18 -44.46
CA THR D 75 42.64 10.65 -45.68
C THR D 75 43.02 12.13 -45.56
N ILE D 76 42.10 12.94 -45.06
CA ILE D 76 42.36 14.37 -44.88
C ILE D 76 43.53 14.57 -43.92
N THR D 77 43.48 13.91 -42.75
CA THR D 77 44.53 14.11 -41.75
C THR D 77 45.88 13.70 -42.30
N SER D 78 45.95 12.54 -42.96
CA SER D 78 47.23 12.05 -43.47
C SER D 78 47.79 12.94 -44.55
N PHE D 79 46.94 13.35 -45.51
CA PHE D 79 47.44 14.21 -46.59
C PHE D 79 47.87 15.56 -46.06
N CYS D 80 47.11 16.14 -45.13
CA CYS D 80 47.48 17.43 -44.56
C CYS D 80 48.77 17.33 -43.76
N GLY D 81 48.94 16.24 -43.00
CA GLY D 81 50.18 16.05 -42.26
C GLY D 81 51.38 15.87 -43.17
N THR D 82 51.22 15.10 -44.25
CA THR D 82 52.35 14.84 -45.13
C THR D 82 52.73 16.07 -45.95
N LEU D 83 51.74 16.75 -46.52
CA LEU D 83 52.02 17.87 -47.41
C LEU D 83 52.06 19.22 -46.70
N HIS D 84 51.85 19.24 -45.38
CA HIS D 84 51.89 20.48 -44.60
C HIS D 84 50.91 21.51 -45.13
N VAL D 85 49.70 21.08 -45.44
CA VAL D 85 48.64 21.95 -45.94
C VAL D 85 47.53 21.97 -44.90
N SER D 86 47.20 23.17 -44.43
CA SER D 86 46.24 23.31 -43.35
C SER D 86 44.83 22.99 -43.82
N PHE D 87 44.04 22.40 -42.92
CA PHE D 87 42.66 22.07 -43.19
C PHE D 87 41.79 22.70 -42.11
N ILE D 88 40.81 23.50 -42.52
CA ILE D 88 39.85 24.11 -41.60
C ILE D 88 38.50 23.47 -41.88
N THR D 89 37.88 22.90 -40.85
CA THR D 89 36.65 22.17 -41.04
C THR D 89 35.67 22.44 -39.91
N PRO D 90 34.37 22.43 -40.21
CA PRO D 90 33.34 22.39 -39.17
C PRO D 90 32.94 20.98 -38.76
N SER D 91 33.58 19.95 -39.32
CA SER D 91 33.18 18.57 -39.07
C SER D 91 33.55 18.15 -37.65
N PHE D 92 33.27 16.89 -37.34
CA PHE D 92 33.53 16.39 -36.00
C PHE D 92 35.03 16.43 -35.72
N PRO D 93 35.45 16.73 -34.50
CA PRO D 93 36.87 16.79 -34.19
C PRO D 93 37.53 15.42 -34.31
N THR D 94 38.81 15.45 -34.66
CA THR D 94 39.57 14.22 -34.80
C THR D 94 39.71 13.53 -33.44
N ASP D 95 39.76 12.20 -33.47
CA ASP D 95 39.83 11.43 -32.23
C ASP D 95 41.16 11.62 -31.51
N GLY D 96 42.18 12.13 -32.19
CA GLY D 96 43.46 12.35 -31.57
C GLY D 96 44.13 13.62 -32.05
N THR D 97 45.38 13.83 -31.63
CA THR D 97 46.12 15.01 -32.04
C THR D 97 46.54 14.89 -33.49
N HIS D 98 46.27 15.93 -34.28
CA HIS D 98 46.64 15.95 -35.69
C HIS D 98 47.06 17.35 -36.10
N PRO D 99 48.25 17.52 -36.65
CA PRO D 99 48.68 18.84 -37.11
C PRO D 99 48.04 19.22 -38.42
N PHE D 100 48.07 20.53 -38.69
CA PHE D 100 47.55 21.10 -39.94
C PHE D 100 46.06 20.82 -40.13
N VAL D 101 45.34 20.61 -39.03
CA VAL D 101 43.90 20.45 -39.06
C VAL D 101 43.30 21.37 -38.00
N ILE D 102 42.70 22.47 -38.44
CA ILE D 102 42.06 23.42 -37.54
C ILE D 102 40.59 23.04 -37.46
N GLN D 103 40.10 22.82 -36.24
CA GLN D 103 38.78 22.23 -36.03
C GLN D 103 37.88 23.25 -35.34
N MET D 104 36.75 23.55 -35.97
CA MET D 104 35.84 24.58 -35.48
C MET D 104 34.75 24.02 -34.58
N ARG D 105 34.56 22.72 -34.53
CA ARG D 105 33.46 22.17 -33.74
C ARG D 105 33.96 21.88 -32.33
N PRO D 106 33.33 22.45 -31.31
CA PRO D 106 33.75 22.16 -29.93
C PRO D 106 33.47 20.73 -29.55
N ASP D 107 34.25 20.25 -28.58
CA ASP D 107 34.06 18.90 -28.07
C ASP D 107 32.78 18.83 -27.26
N LEU D 108 32.00 17.79 -27.49
CA LEU D 108 30.71 17.65 -26.83
C LEU D 108 30.72 16.64 -25.69
N LYS D 109 31.75 15.79 -25.62
CA LYS D 109 31.73 14.69 -24.65
C LYS D 109 31.67 15.22 -23.23
N GLY D 110 32.47 16.23 -22.91
CA GLY D 110 32.45 16.79 -21.57
C GLY D 110 31.11 17.39 -21.21
N ALA D 111 30.55 18.18 -22.14
CA ALA D 111 29.24 18.79 -21.89
C ALA D 111 28.16 17.72 -21.74
N LEU D 112 28.22 16.68 -22.56
CA LEU D 112 27.23 15.60 -22.46
C LEU D 112 27.32 14.90 -21.11
N LEU D 113 28.53 14.60 -20.66
CA LEU D 113 28.70 13.94 -19.36
C LEU D 113 28.26 14.84 -18.21
N SER D 114 28.56 16.14 -18.31
CA SER D 114 28.11 17.06 -17.28
C SER D 114 26.60 17.13 -17.21
N LEU D 115 25.93 17.15 -18.37
CA LEU D 115 24.48 17.17 -18.38
C LEU D 115 23.90 15.87 -17.83
N ILE D 116 24.53 14.74 -18.15
CA ILE D 116 24.06 13.46 -17.62
C ILE D 116 24.17 13.44 -16.10
N GLU D 117 25.30 13.91 -15.57
CA GLU D 117 25.51 13.87 -14.12
C GLU D 117 24.72 14.94 -13.40
N TYR D 118 24.26 15.97 -14.12
CA TYR D 118 23.42 16.98 -13.48
C TYR D 118 22.04 16.42 -13.17
N TYR D 119 21.47 15.66 -14.08
CA TYR D 119 20.21 14.98 -13.84
C TYR D 119 20.35 13.76 -12.95
N GLN D 120 21.56 13.47 -12.46
CA GLN D 120 21.81 12.33 -11.59
C GLN D 120 21.41 11.01 -12.26
N TRP D 121 21.66 10.91 -13.55
CA TRP D 121 21.39 9.69 -14.29
C TRP D 121 22.39 8.60 -13.96
N ASP D 122 21.88 7.38 -13.78
CA ASP D 122 22.73 6.21 -13.58
C ASP D 122 22.25 5.00 -14.35
N LYS D 123 21.19 5.12 -15.16
CA LYS D 123 20.70 4.02 -15.97
C LYS D 123 19.97 4.62 -17.15
N PHE D 124 20.61 4.57 -18.32
CA PHE D 124 20.05 5.21 -19.50
C PHE D 124 20.49 4.48 -20.75
N ALA D 125 19.66 4.58 -21.78
CA ALA D 125 20.00 4.06 -23.10
C ALA D 125 20.73 5.13 -23.90
N TYR D 126 21.62 4.68 -24.78
CA TYR D 126 22.46 5.57 -25.57
C TYR D 126 22.33 5.15 -27.02
N LEU D 127 21.59 5.93 -27.80
CA LEU D 127 21.39 5.67 -29.21
C LEU D 127 22.35 6.54 -30.01
N TYR D 128 23.19 5.90 -30.81
CA TYR D 128 24.26 6.60 -31.50
C TYR D 128 24.25 6.24 -32.98
N ASP D 129 24.68 7.21 -33.80
CA ASP D 129 24.90 6.99 -35.21
C ASP D 129 26.40 6.93 -35.48
N SER D 130 26.80 6.01 -36.34
CA SER D 130 28.23 5.78 -36.59
C SER D 130 28.85 6.83 -37.50
N ASP D 131 28.05 7.64 -38.20
CA ASP D 131 28.59 8.54 -39.21
C ASP D 131 29.40 9.69 -38.63
N ARG D 132 29.26 9.97 -37.34
CA ARG D 132 29.97 11.07 -36.70
C ARG D 132 31.06 10.62 -35.75
N GLY D 133 31.46 9.35 -35.81
CA GLY D 133 32.49 8.86 -34.92
C GLY D 133 31.94 8.29 -33.63
N LEU D 134 32.68 7.34 -33.07
CA LEU D 134 32.30 6.67 -31.84
C LEU D 134 33.05 7.21 -30.63
N SER D 135 33.72 8.35 -30.75
CA SER D 135 34.47 8.88 -29.62
C SER D 135 33.55 9.22 -28.47
N THR D 136 32.37 9.80 -28.76
CA THR D 136 31.43 10.11 -27.69
C THR D 136 30.92 8.84 -27.02
N LEU D 137 30.67 7.79 -27.80
CA LEU D 137 30.25 6.52 -27.21
C LEU D 137 31.34 5.95 -26.32
N GLN D 138 32.58 6.01 -26.77
CA GLN D 138 33.69 5.51 -25.95
C GLN D 138 33.82 6.30 -24.67
N ALA D 139 33.68 7.62 -24.74
CA ALA D 139 33.74 8.43 -23.52
C ALA D 139 32.59 8.09 -22.58
N VAL D 140 31.40 7.87 -23.12
CA VAL D 140 30.27 7.50 -22.26
C VAL D 140 30.51 6.15 -21.61
N LEU D 141 31.04 5.17 -22.35
CA LEU D 141 31.31 3.87 -21.77
C LEU D 141 32.39 3.94 -20.70
N ASP D 142 33.46 4.71 -20.95
CA ASP D 142 34.51 4.84 -19.95
C ASP D 142 34.00 5.51 -18.69
N SER D 143 33.22 6.59 -18.85
CA SER D 143 32.66 7.28 -17.70
C SER D 143 31.63 6.42 -16.97
N ALA D 144 30.94 5.54 -17.69
CA ALA D 144 30.00 4.62 -17.06
C ALA D 144 30.74 3.58 -16.23
N ALA D 145 31.84 3.06 -16.76
CA ALA D 145 32.65 2.12 -15.99
C ALA D 145 33.22 2.79 -14.75
N GLU D 146 33.65 4.04 -14.88
CA GLU D 146 34.19 4.76 -13.73
C GLU D 146 33.10 5.09 -12.70
N LYS D 147 31.92 5.49 -13.16
CA LYS D 147 30.86 6.01 -12.31
C LYS D 147 29.74 5.01 -12.06
N LYS D 148 29.87 3.77 -12.54
CA LYS D 148 28.87 2.72 -12.32
C LYS D 148 27.50 3.10 -12.89
N TRP D 149 27.48 3.52 -14.16
CA TRP D 149 26.23 3.70 -14.87
C TRP D 149 25.83 2.39 -15.55
N GLN D 150 24.55 2.33 -15.95
CA GLN D 150 24.05 1.25 -16.80
C GLN D 150 23.69 1.88 -18.14
N VAL D 151 24.45 1.55 -19.18
CA VAL D 151 24.28 2.16 -20.50
C VAL D 151 23.94 1.06 -21.48
N THR D 152 22.82 1.23 -22.17
CA THR D 152 22.40 0.33 -23.24
C THR D 152 22.66 1.03 -24.56
N ALA D 153 23.84 0.78 -25.13
CA ALA D 153 24.23 1.42 -26.39
C ALA D 153 23.62 0.67 -27.56
N ILE D 154 22.93 1.38 -28.43
CA ILE D 154 22.29 0.80 -29.61
C ILE D 154 22.70 1.59 -30.84
N ASN D 155 23.20 0.88 -31.85
CA ASN D 155 23.65 1.48 -33.10
C ASN D 155 22.45 1.73 -34.00
N VAL D 156 21.84 2.90 -33.85
CA VAL D 156 20.70 3.27 -34.68
C VAL D 156 21.11 3.42 -36.13
N GLY D 157 22.32 3.94 -36.37
CA GLY D 157 22.76 4.15 -37.73
C GLY D 157 23.03 2.89 -38.52
N ASN D 158 22.99 1.72 -37.88
CA ASN D 158 23.24 0.47 -38.59
C ASN D 158 22.19 0.22 -39.67
N ILE D 159 20.97 0.69 -39.46
CA ILE D 159 19.92 0.61 -40.48
C ILE D 159 20.07 1.84 -41.38
N ASN D 160 20.94 1.70 -42.37
CA ASN D 160 21.30 2.81 -43.24
C ASN D 160 20.22 3.04 -44.30
N ASN D 161 20.56 3.83 -45.32
CA ASN D 161 19.60 4.13 -46.39
C ASN D 161 19.16 2.87 -47.13
N ASP D 162 20.05 1.89 -47.28
CA ASP D 162 19.64 0.63 -47.89
C ASP D 162 18.76 -0.17 -46.94
N LYS D 163 19.13 -0.24 -45.66
CA LYS D 163 18.30 -0.85 -44.62
C LYS D 163 17.27 0.14 -44.08
N LYS D 164 16.48 0.73 -44.96
CA LYS D 164 15.56 1.80 -44.59
C LYS D 164 14.21 1.17 -44.30
N ASP D 165 13.88 1.06 -43.00
CA ASP D 165 12.61 0.51 -42.57
C ASP D 165 12.23 1.19 -41.26
N GLU D 166 10.93 1.09 -40.93
CA GLU D 166 10.40 1.59 -39.66
C GLU D 166 10.60 0.57 -38.54
N THR D 167 11.87 0.19 -38.34
CA THR D 167 12.23 -0.82 -37.35
C THR D 167 12.59 -0.23 -36.00
N TYR D 168 12.47 1.09 -35.85
CA TYR D 168 12.73 1.71 -34.55
C TYR D 168 11.77 1.21 -33.49
N ARG D 169 10.57 0.79 -33.90
CA ARG D 169 9.58 0.30 -32.94
C ARG D 169 10.10 -0.93 -32.21
N SER D 170 10.72 -1.86 -32.94
CA SER D 170 11.32 -3.01 -32.30
C SER D 170 12.42 -2.60 -31.33
N LEU D 171 13.21 -1.58 -31.70
CA LEU D 171 14.22 -1.05 -30.79
C LEU D 171 13.60 -0.53 -29.50
N PHE D 172 12.50 0.20 -29.62
CA PHE D 172 11.92 0.84 -28.44
C PHE D 172 11.18 -0.17 -27.58
N GLN D 173 10.61 -1.22 -28.16
CA GLN D 173 10.08 -2.30 -27.33
C GLN D 173 11.21 -3.12 -26.71
N ASP D 174 12.38 -3.18 -27.35
CA ASP D 174 13.54 -3.77 -26.72
C ASP D 174 13.94 -2.97 -25.48
N LEU D 175 13.94 -1.64 -25.59
CA LEU D 175 14.22 -0.80 -24.43
C LEU D 175 13.19 -0.98 -23.33
N GLU D 176 11.95 -1.35 -23.68
CA GLU D 176 10.93 -1.54 -22.66
C GLU D 176 11.12 -2.84 -21.89
N LEU D 177 11.94 -3.77 -22.41
CA LEU D 177 12.28 -4.95 -21.63
C LEU D 177 13.14 -4.61 -20.43
N LYS D 178 13.67 -3.39 -20.37
CA LYS D 178 14.54 -2.96 -19.28
C LYS D 178 14.01 -1.75 -18.53
N LYS D 179 12.84 -1.22 -18.90
CA LYS D 179 12.31 0.00 -18.29
C LYS D 179 13.33 1.15 -18.39
N GLU D 180 13.57 1.56 -19.63
CA GLU D 180 14.57 2.59 -19.92
C GLU D 180 13.83 3.83 -20.41
N ARG D 181 13.51 4.73 -19.48
CA ARG D 181 12.82 5.96 -19.78
C ARG D 181 13.76 7.11 -20.14
N ARG D 182 15.06 6.92 -20.01
CA ARG D 182 16.05 7.96 -20.28
C ARG D 182 16.86 7.56 -21.52
N VAL D 183 16.81 8.40 -22.55
CA VAL D 183 17.41 8.08 -23.84
C VAL D 183 18.28 9.24 -24.28
N ILE D 184 19.44 8.92 -24.84
CA ILE D 184 20.34 9.91 -25.42
C ILE D 184 20.43 9.64 -26.91
N LEU D 185 20.24 10.68 -27.72
CA LEU D 185 20.23 10.56 -29.17
C LEU D 185 21.51 11.18 -29.72
N ASP D 186 22.54 10.36 -29.86
CA ASP D 186 23.81 10.81 -30.44
C ASP D 186 23.73 10.66 -31.96
N CYS D 187 22.89 11.50 -32.54
CA CYS D 187 22.61 11.45 -33.97
C CYS D 187 22.51 12.87 -34.50
N GLU D 188 22.70 13.00 -35.81
CA GLU D 188 22.55 14.31 -36.44
C GLU D 188 21.06 14.64 -36.62
N ARG D 189 20.81 15.81 -37.21
CA ARG D 189 19.46 16.35 -37.26
C ARG D 189 18.47 15.38 -37.90
N ASP D 190 18.85 14.77 -39.03
CA ASP D 190 17.94 13.89 -39.75
C ASP D 190 17.58 12.66 -38.92
N LYS D 191 18.58 12.00 -38.35
CA LYS D 191 18.31 10.81 -37.55
C LYS D 191 17.57 11.15 -36.27
N VAL D 192 17.83 12.32 -35.69
CA VAL D 192 17.07 12.76 -34.53
C VAL D 192 15.61 12.95 -34.90
N ASN D 193 15.35 13.56 -36.06
CA ASN D 193 13.96 13.74 -36.50
C ASN D 193 13.27 12.40 -36.73
N ASP D 194 13.95 11.44 -37.36
CA ASP D 194 13.34 10.13 -37.57
C ASP D 194 13.06 9.42 -36.25
N ILE D 195 13.99 9.53 -35.29
CA ILE D 195 13.79 8.91 -33.99
C ILE D 195 12.61 9.55 -33.29
N VAL D 196 12.51 10.89 -33.34
CA VAL D 196 11.44 11.58 -32.65
C VAL D 196 10.10 11.26 -33.29
N ASP D 197 10.07 11.12 -34.62
CA ASP D 197 8.85 10.74 -35.31
C ASP D 197 8.37 9.38 -34.84
N GLN D 198 9.28 8.41 -34.74
CA GLN D 198 8.87 7.09 -34.25
C GLN D 198 8.50 7.12 -32.78
N VAL D 199 9.18 7.95 -31.99
CA VAL D 199 8.83 8.10 -30.57
C VAL D 199 7.41 8.60 -30.44
N ILE D 200 7.05 9.61 -31.24
CA ILE D 200 5.69 10.15 -31.23
C ILE D 200 4.70 9.10 -31.73
N THR D 201 5.10 8.31 -32.73
CA THR D 201 4.18 7.34 -33.32
C THR D 201 3.73 6.31 -32.29
N ILE D 202 4.66 5.83 -31.46
CA ILE D 202 4.35 4.78 -30.49
C ILE D 202 4.18 5.33 -29.09
N GLY D 203 4.04 6.65 -28.94
CA GLY D 203 3.71 7.22 -27.65
C GLY D 203 4.80 7.22 -26.61
N LYS D 204 6.05 7.40 -27.02
CA LYS D 204 7.18 7.51 -26.11
C LYS D 204 7.50 8.94 -25.72
N HIS D 205 6.70 9.91 -26.16
CA HIS D 205 6.92 11.32 -25.85
C HIS D 205 6.05 11.82 -24.71
N VAL D 206 5.47 10.92 -23.93
CA VAL D 206 4.60 11.30 -22.82
C VAL D 206 5.43 11.58 -21.58
N LYS D 207 4.81 12.17 -20.57
CA LYS D 207 5.49 12.50 -19.32
C LYS D 207 6.10 11.25 -18.71
N GLY D 208 7.32 11.39 -18.19
CA GLY D 208 8.08 10.28 -17.68
C GLY D 208 9.28 9.93 -18.51
N TYR D 209 9.31 10.32 -19.79
CA TYR D 209 10.45 10.13 -20.66
C TYR D 209 11.30 11.39 -20.69
N HIS D 210 12.62 11.19 -20.83
CA HIS D 210 13.56 12.30 -20.90
C HIS D 210 14.58 12.00 -21.98
N TYR D 211 14.76 12.93 -22.91
CA TYR D 211 15.66 12.75 -24.04
C TYR D 211 16.73 13.85 -24.02
N ILE D 212 17.97 13.46 -24.26
CA ILE D 212 19.06 14.41 -24.42
C ILE D 212 19.53 14.33 -25.87
N ILE D 213 19.32 15.41 -26.62
CA ILE D 213 19.76 15.49 -28.01
C ILE D 213 21.25 15.80 -27.98
N ALA D 214 22.08 14.78 -28.20
CA ALA D 214 23.53 14.91 -28.05
C ALA D 214 24.14 15.49 -29.32
N ASN D 215 23.82 16.76 -29.58
CA ASN D 215 24.47 17.50 -30.65
C ASN D 215 24.32 18.99 -30.36
N LEU D 216 25.16 19.78 -31.04
CA LEU D 216 25.20 21.22 -30.85
C LEU D 216 24.06 21.96 -31.56
N GLY D 217 23.04 21.24 -32.03
CA GLY D 217 21.97 21.82 -32.80
C GLY D 217 20.60 21.57 -32.20
N PHE D 218 20.46 21.75 -30.89
CA PHE D 218 19.20 21.46 -30.24
C PHE D 218 18.03 22.17 -30.93
N THR D 219 18.17 23.48 -31.16
CA THR D 219 17.06 24.26 -31.66
C THR D 219 16.97 24.34 -33.17
N ASP D 220 17.97 23.86 -33.92
CA ASP D 220 17.85 23.94 -35.38
C ASP D 220 17.03 22.81 -35.97
N GLY D 221 16.73 21.78 -35.18
CA GLY D 221 15.83 20.73 -35.60
C GLY D 221 14.38 21.08 -35.31
N ASP D 222 13.50 20.16 -35.69
CA ASP D 222 12.05 20.35 -35.49
C ASP D 222 11.65 19.79 -34.13
N LEU D 223 11.72 20.64 -33.12
CA LEU D 223 11.38 20.26 -31.76
C LEU D 223 9.92 20.48 -31.45
N LEU D 224 9.18 21.11 -32.36
CA LEU D 224 7.81 21.53 -32.06
C LEU D 224 6.89 20.33 -31.89
N LYS D 225 7.08 19.29 -32.69
CA LYS D 225 6.16 18.17 -32.67
C LYS D 225 6.23 17.39 -31.36
N ILE D 226 7.39 17.38 -30.70
CA ILE D 226 7.54 16.71 -29.41
C ILE D 226 7.35 17.67 -28.24
N GLN D 227 7.15 18.96 -28.53
CA GLN D 227 7.12 19.97 -27.49
C GLN D 227 5.97 19.76 -26.51
N PHE D 228 4.79 19.40 -27.00
CA PHE D 228 3.58 19.35 -26.18
C PHE D 228 3.28 17.97 -25.62
N GLY D 229 4.12 16.97 -25.88
CA GLY D 229 3.85 15.64 -25.38
C GLY D 229 3.97 15.51 -23.88
N GLY D 230 4.77 16.37 -23.26
CA GLY D 230 5.00 16.32 -21.84
C GLY D 230 6.32 15.70 -21.43
N ALA D 231 6.97 14.97 -22.33
CA ALA D 231 8.27 14.40 -22.02
C ALA D 231 9.34 15.50 -22.02
N GLU D 232 10.30 15.36 -21.11
CA GLU D 232 11.39 16.33 -21.04
C GLU D 232 12.37 16.11 -22.18
N VAL D 233 12.70 17.18 -22.87
CA VAL D 233 13.66 17.15 -23.97
C VAL D 233 14.70 18.22 -23.69
N SER D 234 15.97 17.83 -23.69
CA SER D 234 17.05 18.74 -23.40
C SER D 234 18.19 18.51 -24.38
N GLY D 235 19.07 19.49 -24.49
CA GLY D 235 20.16 19.38 -25.43
C GLY D 235 21.13 20.52 -25.27
N PHE D 236 21.97 20.69 -26.30
CA PHE D 236 23.04 21.66 -26.29
C PHE D 236 22.93 22.54 -27.53
N GLN D 237 23.36 23.79 -27.38
CA GLN D 237 23.25 24.77 -28.45
C GLN D 237 24.52 25.61 -28.48
N ILE D 238 25.17 25.64 -29.64
CA ILE D 238 26.41 26.42 -29.79
C ILE D 238 26.11 27.84 -30.24
N VAL D 239 25.00 28.06 -30.94
CA VAL D 239 24.64 29.37 -31.48
C VAL D 239 23.53 29.94 -30.63
N ASP D 240 23.84 30.97 -29.85
CA ASP D 240 22.87 31.63 -28.99
C ASP D 240 22.26 32.81 -29.75
N TYR D 241 20.98 32.70 -30.10
CA TYR D 241 20.32 33.73 -30.87
C TYR D 241 20.01 34.98 -30.06
N ASP D 242 20.17 34.95 -28.74
CA ASP D 242 20.01 36.15 -27.92
C ASP D 242 21.25 37.04 -27.91
N ASP D 243 22.36 36.58 -28.48
CA ASP D 243 23.55 37.41 -28.53
C ASP D 243 23.39 38.54 -29.54
N SER D 244 24.15 39.62 -29.33
CA SER D 244 24.05 40.79 -30.19
C SER D 244 24.51 40.48 -31.60
N LEU D 245 25.69 39.87 -31.73
CA LEU D 245 26.24 39.59 -33.05
C LEU D 245 25.39 38.58 -33.81
N VAL D 246 24.89 37.55 -33.12
CA VAL D 246 24.04 36.56 -33.77
C VAL D 246 22.74 37.19 -34.24
N SER D 247 22.15 38.06 -33.42
CA SER D 247 20.93 38.76 -33.81
C SER D 247 21.17 39.67 -35.01
N LYS D 248 22.30 40.38 -35.00
CA LYS D 248 22.64 41.24 -36.14
C LYS D 248 22.81 40.41 -37.41
N PHE D 249 23.42 39.24 -37.30
CA PHE D 249 23.58 38.38 -38.47
C PHE D 249 22.22 37.90 -38.97
N ILE D 250 21.35 37.46 -38.06
CA ILE D 250 20.10 36.84 -38.49
C ILE D 250 19.11 37.87 -39.01
N GLU D 251 19.14 39.10 -38.49
CA GLU D 251 18.21 40.11 -39.00
C GLU D 251 18.49 40.45 -40.46
N ARG D 252 19.68 40.13 -40.96
CA ARG D 252 20.01 40.29 -42.37
C ARG D 252 19.90 38.99 -43.14
N TRP D 253 20.21 37.86 -42.48
CA TRP D 253 20.10 36.56 -43.14
C TRP D 253 18.65 36.22 -43.47
N SER D 254 17.73 36.52 -42.55
CA SER D 254 16.33 36.15 -42.74
C SER D 254 15.67 36.91 -43.87
N THR D 255 16.18 38.09 -44.23
CA THR D 255 15.57 38.89 -45.29
C THR D 255 16.18 38.63 -46.66
N LEU D 256 17.25 37.84 -46.72
CA LEU D 256 17.93 37.59 -47.98
C LEU D 256 17.14 36.60 -48.82
N GLU D 257 17.27 36.73 -50.14
CA GLU D 257 16.47 35.92 -51.05
C GLU D 257 16.90 34.45 -50.97
N GLU D 258 15.92 33.57 -50.77
CA GLU D 258 16.21 32.14 -50.71
C GLU D 258 16.46 31.54 -52.08
N LYS D 259 15.89 32.14 -53.13
CA LYS D 259 16.10 31.61 -54.48
C LYS D 259 17.56 31.73 -54.91
N GLU D 260 18.24 32.79 -54.48
CA GLU D 260 19.65 32.96 -54.79
C GLU D 260 20.55 32.23 -53.79
N TYR D 261 20.23 32.30 -52.50
CA TYR D 261 21.00 31.62 -51.46
C TYR D 261 20.13 30.53 -50.84
N PRO D 262 20.29 29.27 -51.22
CA PRO D 262 19.50 28.20 -50.60
C PRO D 262 19.80 28.07 -49.11
N GLY D 263 18.77 27.79 -48.33
CA GLY D 263 18.87 27.70 -46.90
C GLY D 263 18.74 29.02 -46.17
N ALA D 264 18.64 30.14 -46.89
CA ALA D 264 18.46 31.44 -46.28
C ALA D 264 16.98 31.69 -46.05
N HIS D 265 16.63 32.94 -45.74
CA HIS D 265 15.24 33.36 -45.51
C HIS D 265 14.60 32.54 -44.38
N THR D 266 15.36 32.33 -43.31
CA THR D 266 14.90 31.58 -42.15
C THR D 266 15.25 32.34 -40.89
N ALA D 267 14.46 32.11 -39.84
CA ALA D 267 14.76 32.72 -38.54
C ALA D 267 15.86 31.99 -37.78
N THR D 268 16.20 30.77 -38.19
CA THR D 268 17.27 30.00 -37.55
C THR D 268 18.10 29.32 -38.62
N ILE D 269 19.35 29.02 -38.28
CA ILE D 269 20.27 28.34 -39.18
C ILE D 269 20.84 27.12 -38.47
N LYS D 270 21.20 26.11 -39.26
CA LYS D 270 21.91 24.97 -38.73
C LYS D 270 23.29 25.40 -38.26
N TYR D 271 23.73 24.82 -37.13
CA TYR D 271 24.97 25.26 -36.54
C TYR D 271 26.17 25.02 -37.44
N THR D 272 26.09 24.03 -38.33
CA THR D 272 27.21 23.79 -39.24
C THR D 272 27.46 24.98 -40.15
N SER D 273 26.40 25.62 -40.66
CA SER D 273 26.59 26.84 -41.44
C SER D 273 27.16 27.97 -40.58
N ALA D 274 26.79 28.00 -39.30
CA ALA D 274 27.34 29.02 -38.41
C ALA D 274 28.84 28.82 -38.23
N LEU D 275 29.27 27.57 -38.05
CA LEU D 275 30.70 27.29 -37.98
C LEU D 275 31.38 27.56 -39.31
N THR D 276 30.69 27.38 -40.43
CA THR D 276 31.26 27.76 -41.72
C THR D 276 31.54 29.27 -41.76
N TYR D 277 30.58 30.06 -41.29
CA TYR D 277 30.76 31.52 -41.24
C TYR D 277 31.92 31.90 -40.32
N ASP D 278 31.98 31.30 -39.13
CA ASP D 278 33.07 31.60 -38.23
C ASP D 278 34.41 31.11 -38.76
N ALA D 279 34.40 30.05 -39.57
CA ALA D 279 35.64 29.57 -40.18
C ALA D 279 36.14 30.54 -41.23
N VAL D 280 35.22 31.12 -42.02
CA VAL D 280 35.61 32.17 -42.94
C VAL D 280 36.20 33.35 -42.17
N GLN D 281 35.56 33.73 -41.07
CA GLN D 281 36.09 34.82 -40.24
C GLN D 281 37.52 34.50 -39.78
N VAL D 282 37.72 33.29 -39.26
CA VAL D 282 39.03 32.92 -38.72
C VAL D 282 40.08 32.91 -39.82
N MET D 283 39.73 32.35 -40.98
CA MET D 283 40.71 32.27 -42.07
C MET D 283 41.10 33.64 -42.58
N THR D 284 40.12 34.54 -42.79
CA THR D 284 40.46 35.88 -43.24
C THR D 284 41.22 36.66 -42.18
N GLU D 285 40.92 36.46 -40.89
CA GLU D 285 41.69 37.11 -39.84
C GLU D 285 43.13 36.62 -39.84
N ALA D 286 43.32 35.31 -40.03
CA ALA D 286 44.66 34.75 -40.05
C ALA D 286 45.48 35.30 -41.21
N PHE D 287 44.88 35.38 -42.39
CA PHE D 287 45.60 35.93 -43.53
C PHE D 287 45.84 37.43 -43.38
N ARG D 288 44.91 38.16 -42.77
CA ARG D 288 45.17 39.57 -42.48
C ARG D 288 46.36 39.73 -41.54
N ASN D 289 46.43 38.89 -40.51
CA ASN D 289 47.56 38.94 -39.59
C ASN D 289 48.86 38.58 -40.29
N LEU D 290 48.81 37.59 -41.20
CA LEU D 290 50.00 37.23 -41.97
C LEU D 290 50.48 38.40 -42.82
N ARG D 291 49.54 39.11 -43.46
CA ARG D 291 49.91 40.28 -44.25
C ARG D 291 50.50 41.38 -43.36
N LYS D 292 49.91 41.57 -42.18
CA LYS D 292 50.41 42.60 -41.27
C LYS D 292 51.81 42.28 -40.75
N GLN D 293 52.17 40.99 -40.71
CA GLN D 293 53.51 40.59 -40.33
C GLN D 293 54.49 40.59 -41.50
N ARG D 294 54.02 40.90 -42.71
CA ARG D 294 54.86 40.92 -43.91
C ARG D 294 55.58 39.58 -44.12
N ILE D 295 54.86 38.49 -43.89
CA ILE D 295 55.40 37.16 -44.15
C ILE D 295 55.39 36.91 -45.66
N GLU D 296 56.50 36.40 -46.19
CA GLU D 296 56.63 36.14 -47.62
C GLU D 296 55.81 34.92 -48.01
N ILE D 297 54.48 35.09 -48.03
CA ILE D 297 53.58 33.96 -48.28
C ILE D 297 53.46 33.60 -49.75
N SER D 298 54.21 34.27 -50.63
CA SER D 298 54.18 33.92 -52.04
C SER D 298 54.68 32.49 -52.26
N ARG D 299 53.93 31.72 -53.03
CA ARG D 299 54.22 30.31 -53.21
C ARG D 299 55.38 30.13 -54.18
N ARG D 300 56.12 29.03 -54.01
CA ARG D 300 57.26 28.72 -54.86
C ARG D 300 56.76 28.09 -56.17
N GLY D 301 56.20 28.95 -57.02
CA GLY D 301 55.81 28.53 -58.36
C GLY D 301 54.81 27.39 -58.33
N ASN D 302 55.06 26.38 -59.15
CA ASN D 302 54.15 25.26 -59.26
C ASN D 302 54.23 24.37 -58.03
N ALA D 303 53.08 24.00 -57.49
CA ALA D 303 53.04 23.14 -56.31
C ALA D 303 53.32 21.68 -56.65
N GLY D 304 52.87 21.23 -57.83
CA GLY D 304 53.04 19.85 -58.22
C GLY D 304 51.90 18.97 -57.76
N ASP D 305 52.07 17.67 -58.02
CA ASP D 305 51.06 16.68 -57.69
C ASP D 305 51.30 16.09 -56.30
N CYS D 306 50.31 15.36 -55.80
CA CYS D 306 50.42 14.73 -54.50
C CYS D 306 51.54 13.70 -54.47
N LEU D 307 51.54 12.78 -55.45
CA LEU D 307 52.35 11.59 -55.38
C LEU D 307 53.80 11.84 -55.79
N ALA D 308 54.44 12.81 -55.16
CA ALA D 308 55.85 13.06 -55.40
C ALA D 308 56.70 12.13 -54.53
N ASN D 309 57.84 11.72 -55.06
CA ASN D 309 58.77 10.85 -54.34
C ASN D 309 60.15 11.48 -54.29
N PRO D 310 60.61 11.97 -53.14
CA PRO D 310 59.92 12.04 -51.84
C PRO D 310 58.81 13.08 -51.84
N ALA D 311 57.82 12.98 -50.96
CA ALA D 311 56.74 13.95 -50.91
C ALA D 311 57.23 15.15 -50.10
N VAL D 312 58.06 15.96 -50.76
CA VAL D 312 58.65 17.12 -50.09
C VAL D 312 57.58 18.19 -49.90
N PRO D 313 57.36 18.70 -48.69
CA PRO D 313 56.41 19.78 -48.49
C PRO D 313 57.08 21.15 -48.57
N TRP D 314 56.24 22.17 -48.72
CA TRP D 314 56.70 23.55 -48.71
C TRP D 314 56.79 24.08 -47.29
N GLY D 315 57.73 24.98 -47.06
CA GLY D 315 58.03 25.45 -45.71
C GLY D 315 57.07 26.48 -45.15
N GLN D 316 56.25 27.12 -45.98
CA GLN D 316 55.34 28.15 -45.50
C GLN D 316 54.16 27.57 -44.73
N GLY D 317 53.93 26.26 -44.84
CA GLY D 317 52.77 25.65 -44.21
C GLY D 317 52.78 25.75 -42.70
N VAL D 318 53.96 25.64 -42.08
CA VAL D 318 54.02 25.73 -40.63
C VAL D 318 53.69 27.13 -40.16
N GLU D 319 54.18 28.15 -40.86
CA GLU D 319 53.81 29.52 -40.53
C GLU D 319 52.32 29.76 -40.71
N ILE D 320 51.75 29.24 -41.81
CA ILE D 320 50.32 29.42 -42.03
C ILE D 320 49.52 28.73 -40.93
N GLU D 321 49.95 27.53 -40.55
CA GLU D 321 49.25 26.79 -39.50
C GLU D 321 49.30 27.54 -38.18
N ARG D 322 50.48 28.01 -37.78
CA ARG D 322 50.58 28.73 -36.52
C ARG D 322 49.76 30.02 -36.56
N ALA D 323 49.76 30.73 -37.68
CA ALA D 323 48.94 31.92 -37.81
C ALA D 323 47.46 31.60 -37.64
N LEU D 324 47.01 30.48 -38.22
CA LEU D 324 45.62 30.07 -38.05
C LEU D 324 45.33 29.70 -36.60
N LYS D 325 46.28 29.02 -35.95
CA LYS D 325 46.05 28.57 -34.57
C LYS D 325 45.92 29.75 -33.62
N GLN D 326 46.80 30.76 -33.75
CA GLN D 326 46.82 31.86 -32.80
C GLN D 326 45.75 32.92 -33.06
N VAL D 327 44.80 32.66 -33.95
CA VAL D 327 43.69 33.59 -34.17
C VAL D 327 42.70 33.46 -33.03
N GLN D 328 42.33 34.60 -32.44
CA GLN D 328 41.31 34.65 -31.39
C GLN D 328 40.30 35.72 -31.78
N VAL D 329 39.05 35.30 -32.04
CA VAL D 329 37.97 36.19 -32.43
C VAL D 329 36.69 35.72 -31.76
N GLU D 330 35.67 36.56 -31.84
CA GLU D 330 34.32 36.21 -31.40
C GLU D 330 33.37 36.25 -32.59
N GLY D 331 32.55 35.22 -32.74
CA GLY D 331 31.65 35.14 -33.87
C GLY D 331 30.29 34.59 -33.51
N LEU D 332 29.65 33.90 -34.46
CA LEU D 332 28.32 33.35 -34.20
C LEU D 332 28.35 32.25 -33.15
N SER D 333 29.43 31.48 -33.09
CA SER D 333 29.57 30.37 -32.15
C SER D 333 30.32 30.76 -30.88
N GLY D 334 30.23 32.01 -30.47
CA GLY D 334 30.92 32.45 -29.27
C GLY D 334 32.40 32.73 -29.52
N ASN D 335 33.16 32.75 -28.42
CA ASN D 335 34.59 33.00 -28.51
C ASN D 335 35.29 31.85 -29.22
N ILE D 336 36.24 32.20 -30.08
CA ILE D 336 36.95 31.23 -30.92
C ILE D 336 38.42 31.25 -30.55
N LYS D 337 38.90 30.13 -30.00
CA LYS D 337 40.33 29.96 -29.73
C LYS D 337 40.72 28.53 -30.10
N PHE D 338 42.00 28.35 -30.40
CA PHE D 338 42.54 27.05 -30.75
C PHE D 338 43.79 26.78 -29.93
N ASP D 339 43.95 25.54 -29.48
CA ASP D 339 45.17 25.16 -28.79
C ASP D 339 46.21 24.73 -29.85
N GLN D 340 47.32 24.15 -29.39
CA GLN D 340 48.37 23.72 -30.30
C GLN D 340 47.94 22.57 -31.19
N ASN D 341 46.92 21.81 -30.79
CA ASN D 341 46.42 20.70 -31.58
C ASN D 341 45.34 21.10 -32.57
N GLY D 342 44.87 22.35 -32.52
CA GLY D 342 43.75 22.79 -33.32
C GLY D 342 42.40 22.60 -32.69
N LYS D 343 42.33 21.92 -31.54
CA LYS D 343 41.05 21.78 -30.85
C LYS D 343 40.64 23.13 -30.26
N ARG D 344 39.35 23.41 -30.31
CA ARG D 344 38.86 24.68 -29.78
C ARG D 344 38.85 24.67 -28.26
N ILE D 345 39.23 25.79 -27.67
CA ILE D 345 39.20 25.98 -26.22
C ILE D 345 38.50 27.30 -25.92
N ASN D 346 38.22 27.52 -24.64
CA ASN D 346 37.54 28.70 -24.14
C ASN D 346 36.11 28.83 -24.65
N TYR D 347 35.61 27.81 -25.35
CA TYR D 347 34.26 27.83 -25.91
C TYR D 347 33.23 27.67 -24.80
N THR D 348 31.98 28.01 -25.14
CA THR D 348 30.86 27.90 -24.22
C THR D 348 29.73 27.18 -24.93
N ILE D 349 29.21 26.14 -24.28
CA ILE D 349 28.09 25.36 -24.79
C ILE D 349 26.85 25.69 -23.95
N ASN D 350 25.77 26.09 -24.63
CA ASN D 350 24.54 26.46 -23.95
C ASN D 350 23.68 25.23 -23.70
N ILE D 351 23.29 25.05 -22.45
CA ILE D 351 22.41 23.95 -22.05
C ILE D 351 20.98 24.43 -22.14
N MET D 352 20.15 23.69 -22.87
CA MET D 352 18.78 24.10 -23.09
C MET D 352 17.81 22.98 -22.73
N GLU D 353 16.58 23.38 -22.46
CA GLU D 353 15.47 22.47 -22.19
C GLU D 353 14.27 22.87 -23.03
N LEU D 354 13.44 21.90 -23.37
CA LEU D 354 12.27 22.14 -24.22
C LEU D 354 11.05 22.26 -23.31
N LYS D 355 10.62 23.49 -23.05
CA LYS D 355 9.45 23.75 -22.24
C LYS D 355 8.20 23.83 -23.12
N THR D 356 7.05 24.00 -22.48
CA THR D 356 5.79 24.09 -23.22
C THR D 356 5.74 25.33 -24.10
N ASN D 357 6.44 26.39 -23.73
CA ASN D 357 6.47 27.62 -24.51
C ASN D 357 7.64 27.69 -25.47
N GLY D 358 8.47 26.65 -25.53
CA GLY D 358 9.59 26.63 -26.45
C GLY D 358 10.90 26.27 -25.78
N PRO D 359 11.95 26.11 -26.56
CA PRO D 359 13.26 25.81 -25.97
C PRO D 359 13.85 27.03 -25.27
N ARG D 360 14.42 26.80 -24.09
CA ARG D 360 14.99 27.87 -23.30
C ARG D 360 16.32 27.42 -22.70
N LYS D 361 17.19 28.38 -22.46
CA LYS D 361 18.50 28.10 -21.89
C LYS D 361 18.40 27.96 -20.37
N ILE D 362 18.99 26.90 -19.83
CA ILE D 362 19.03 26.69 -18.39
C ILE D 362 20.42 26.82 -17.81
N GLY D 363 21.44 26.99 -18.64
CA GLY D 363 22.79 27.13 -18.13
C GLY D 363 23.80 27.15 -19.27
N TYR D 364 25.07 27.11 -18.89
CA TYR D 364 26.14 27.11 -19.87
C TYR D 364 27.30 26.27 -19.34
N TRP D 365 28.11 25.78 -20.26
CA TRP D 365 29.20 24.88 -19.95
C TRP D 365 30.47 25.39 -20.62
N SER D 366 31.57 25.38 -19.88
CA SER D 366 32.85 25.85 -20.38
C SER D 366 33.96 24.93 -19.88
N GLU D 367 35.14 25.10 -20.46
CA GLU D 367 36.29 24.30 -20.05
C GLU D 367 36.67 24.57 -18.61
N VAL D 368 36.64 25.83 -18.18
CA VAL D 368 37.04 26.18 -16.82
C VAL D 368 35.94 25.82 -15.84
N ASP D 369 34.77 26.42 -16.00
CA ASP D 369 33.61 26.14 -15.16
C ASP D 369 32.63 25.26 -15.93
N LYS D 370 32.18 24.19 -15.30
CA LYS D 370 31.40 23.15 -15.94
C LYS D 370 29.96 23.18 -15.44
N MET D 371 29.02 23.38 -16.37
CA MET D 371 27.59 23.32 -16.10
C MET D 371 27.20 24.29 -14.97
N VAL D 372 27.34 25.57 -15.31
CA VAL D 372 26.96 26.65 -14.42
C VAL D 372 25.57 27.14 -14.84
N LEU D 373 24.63 27.13 -13.89
CA LEU D 373 23.27 27.52 -14.22
C LEU D 373 23.18 29.03 -14.43
N THR D 374 22.36 29.43 -15.39
CA THR D 374 22.23 30.85 -15.71
C THR D 374 21.38 31.60 -14.69
N GLU D 375 20.53 30.90 -13.95
CA GLU D 375 19.68 31.45 -12.88
C GLU D 375 18.70 32.50 -13.38
N ASP D 376 18.59 32.71 -14.69
CA ASP D 376 17.63 33.67 -15.20
C ASP D 376 16.22 33.10 -15.09
N ASP D 377 15.27 33.96 -14.71
CA ASP D 377 13.88 33.57 -14.48
C ASP D 377 13.75 32.53 -13.38
N THR D 378 14.75 32.41 -12.52
CA THR D 378 14.74 31.43 -11.44
C THR D 378 15.08 32.11 -10.12
N SER D 379 15.85 33.20 -10.19
CA SER D 379 16.28 33.95 -9.02
C SER D 379 15.25 34.98 -8.58
N GLY D 380 13.99 34.83 -8.97
CA GLY D 380 12.96 35.78 -8.64
C GLY D 380 12.51 35.66 -7.18
N LEU D 381 11.41 36.34 -6.89
CA LEU D 381 10.81 36.37 -5.55
C LEU D 381 11.74 37.04 -4.55
N GLU D 382 11.06 37.47 0.75
CA GLU D 382 11.61 38.41 1.73
C GLU D 382 12.90 37.87 2.33
N GLN D 383 12.87 36.60 2.74
CA GLN D 383 13.95 36.01 3.52
C GLN D 383 14.74 34.95 2.78
N LYS D 384 14.25 34.49 1.62
CA LYS D 384 14.88 33.45 0.80
C LYS D 384 15.01 32.12 1.54
N THR D 385 14.36 31.99 2.70
CA THR D 385 14.33 30.74 3.47
C THR D 385 13.03 30.70 4.25
N VAL D 386 12.82 29.61 4.98
CA VAL D 386 11.76 29.54 5.98
C VAL D 386 12.41 29.17 7.31
N VAL D 387 12.34 30.10 8.27
CA VAL D 387 12.97 29.93 9.57
C VAL D 387 11.93 29.27 10.50
N VAL D 388 11.90 27.94 10.46
CA VAL D 388 10.95 27.21 11.28
C VAL D 388 11.35 27.32 12.74
N THR D 389 10.42 27.73 13.59
CA THR D 389 10.62 27.84 15.02
C THR D 389 10.08 26.60 15.72
N THR D 390 10.94 25.98 16.53
CA THR D 390 10.59 24.78 17.28
C THR D 390 10.96 25.02 18.74
N ILE D 391 10.42 24.17 19.61
CA ILE D 391 10.76 24.19 21.03
C ILE D 391 11.24 22.80 21.40
N LEU D 392 12.33 22.74 22.15
CA LEU D 392 12.97 21.47 22.47
C LEU D 392 12.10 20.67 23.43
N GLU D 393 11.40 19.68 22.89
CA GLU D 393 10.56 18.77 23.67
C GLU D 393 10.88 17.34 23.26
N SER D 394 10.98 16.46 24.24
CA SER D 394 11.46 15.11 23.97
C SER D 394 10.63 14.33 22.96
N PRO D 395 9.30 14.32 23.00
CA PRO D 395 8.56 13.51 22.00
C PRO D 395 8.58 14.09 20.60
N TYR D 396 8.89 15.39 20.43
CA TYR D 396 8.78 16.04 19.14
C TYR D 396 10.12 16.56 18.61
N VAL D 397 10.85 17.35 19.40
CA VAL D 397 12.12 17.92 18.97
C VAL D 397 13.15 17.56 20.02
N MET D 398 13.89 16.47 19.79
CA MET D 398 15.00 16.06 20.65
C MET D 398 16.31 16.68 20.20
N MET D 399 17.29 16.64 21.09
CA MET D 399 18.65 17.07 20.78
C MET D 399 19.50 15.85 20.47
N LYS D 400 20.19 15.87 19.34
CA LYS D 400 20.92 14.70 18.90
C LYS D 400 22.10 14.41 19.82
N LYS D 401 22.49 13.13 19.86
CA LYS D 401 23.61 12.75 20.72
C LYS D 401 24.91 13.38 20.23
N ASN D 402 25.02 13.60 18.92
CA ASN D 402 26.25 14.09 18.29
C ASN D 402 26.18 15.59 18.05
N HIS D 403 25.59 16.34 18.99
CA HIS D 403 25.42 17.77 18.81
C HIS D 403 26.75 18.51 18.68
N GLU D 404 27.84 17.90 19.13
CA GLU D 404 29.13 18.59 19.10
C GLU D 404 29.67 18.79 17.69
N MET D 405 29.20 18.01 16.71
CA MET D 405 29.66 18.19 15.34
C MET D 405 28.58 18.15 14.28
N LEU D 406 27.33 17.83 14.60
CA LEU D 406 26.27 17.85 13.61
C LEU D 406 25.94 19.29 13.22
N GLU D 407 25.49 19.46 11.98
CA GLU D 407 25.21 20.78 11.43
C GLU D 407 23.87 20.78 10.70
N GLY D 408 23.17 21.90 10.79
CA GLY D 408 21.91 22.07 10.06
C GLY D 408 20.75 21.32 10.69
N ASN D 409 19.77 20.97 9.86
CA ASN D 409 18.58 20.29 10.34
C ASN D 409 18.87 18.87 10.82
N GLU D 410 20.03 18.30 10.46
CA GLU D 410 20.37 16.98 10.96
C GLU D 410 20.60 16.99 12.46
N ARG D 411 20.83 18.17 13.04
CA ARG D 411 20.97 18.33 14.48
C ARG D 411 19.68 17.98 15.21
N TYR D 412 18.55 17.94 14.52
CA TYR D 412 17.27 17.60 15.13
C TYR D 412 16.53 16.66 14.19
N GLU D 413 15.25 16.45 14.46
CA GLU D 413 14.42 15.60 13.63
C GLU D 413 13.01 16.17 13.53
N GLY D 414 12.35 15.91 12.41
CA GLY D 414 10.97 16.33 12.24
C GLY D 414 10.36 15.87 10.93
N TYR D 415 9.17 15.30 10.98
CA TYR D 415 8.49 14.86 9.77
C TYR D 415 7.50 15.92 9.27
N CYS D 416 6.63 16.40 10.15
CA CYS D 416 5.71 17.45 9.76
C CYS D 416 6.45 18.69 9.32
N VAL D 417 7.65 18.91 9.86
CA VAL D 417 8.45 20.06 9.45
C VAL D 417 8.78 19.98 7.97
N ASP D 418 9.28 18.82 7.51
CA ASP D 418 9.64 18.74 6.10
C ASP D 418 8.43 18.61 5.18
N LEU D 419 7.31 18.02 5.67
CA LEU D 419 6.09 18.06 4.87
C LEU D 419 5.57 19.48 4.69
N ALA D 420 5.65 20.32 5.74
CA ALA D 420 5.30 21.73 5.56
C ALA D 420 6.32 22.46 4.71
N ALA D 421 7.60 22.08 4.80
CA ALA D 421 8.65 22.67 4.00
C ALA D 421 8.62 22.23 2.55
N GLU D 422 7.81 21.22 2.22
CA GLU D 422 7.50 20.92 0.82
C GLU D 422 6.94 22.16 0.13
N ILE D 423 6.11 22.93 0.84
CA ILE D 423 5.61 24.19 0.31
C ILE D 423 6.76 25.17 0.07
N ALA D 424 7.74 25.18 0.97
CA ALA D 424 8.91 26.04 0.76
C ALA D 424 9.72 25.59 -0.44
N LYS D 425 9.83 24.28 -0.64
CA LYS D 425 10.49 23.75 -1.83
C LYS D 425 9.76 24.20 -3.10
N HIS D 426 8.42 24.20 -3.05
CA HIS D 426 7.64 24.79 -4.14
C HIS D 426 7.96 26.27 -4.32
N CYS D 427 8.12 26.99 -3.21
CA CYS D 427 8.59 28.38 -3.28
C CYS D 427 10.01 28.44 -3.81
N GLY D 428 10.87 27.50 -3.40
CA GLY D 428 12.20 27.42 -3.96
C GLY D 428 13.36 27.50 -2.99
N PHE D 429 13.15 27.10 -1.74
CA PHE D 429 14.23 27.12 -0.76
C PHE D 429 13.94 26.11 0.33
N LYS D 430 14.98 25.80 1.10
CA LYS D 430 14.92 24.78 2.13
C LYS D 430 14.40 25.36 3.45
N TYR D 431 14.25 24.50 4.45
CA TYR D 431 13.78 24.88 5.76
C TYR D 431 14.92 24.82 6.76
N LYS D 432 14.84 25.66 7.79
CA LYS D 432 15.86 25.78 8.81
C LYS D 432 15.22 25.63 10.17
N LEU D 433 15.63 24.60 10.92
CA LEU D 433 15.12 24.42 12.27
C LEU D 433 15.75 25.46 13.19
N THR D 434 14.91 26.15 13.96
CA THR D 434 15.36 27.18 14.87
C THR D 434 14.63 27.01 16.19
N ILE D 435 15.34 27.24 17.28
CA ILE D 435 14.77 27.16 18.62
C ILE D 435 14.22 28.53 18.99
N VAL D 436 13.03 28.53 19.59
CA VAL D 436 12.42 29.78 20.03
C VAL D 436 13.34 30.50 21.00
N GLY D 437 13.41 31.82 20.88
CA GLY D 437 14.41 32.59 21.61
C GLY D 437 14.24 32.50 23.11
N ASP D 438 13.00 32.60 23.60
CA ASP D 438 12.72 32.61 25.02
C ASP D 438 12.39 31.24 25.58
N GLY D 439 12.41 30.21 24.74
CA GLY D 439 12.14 28.87 25.22
C GLY D 439 10.75 28.64 25.73
N LYS D 440 9.79 29.47 25.32
CA LYS D 440 8.42 29.35 25.79
C LYS D 440 7.44 29.45 24.63
N TYR D 441 6.33 28.73 24.77
CA TYR D 441 5.26 28.80 23.77
C TYR D 441 4.61 30.17 23.71
N GLY D 442 4.72 30.96 24.78
CA GLY D 442 4.30 32.34 24.78
C GLY D 442 2.87 32.59 25.19
N ALA D 443 2.64 33.70 25.88
CA ALA D 443 1.30 34.12 26.26
C ALA D 443 1.32 35.61 26.58
N ARG D 444 0.18 36.25 26.38
CA ARG D 444 0.07 37.68 26.65
C ARG D 444 0.11 37.97 28.14
N ASP D 445 0.85 39.02 28.50
CA ASP D 445 0.93 39.45 29.89
C ASP D 445 -0.36 40.18 30.26
N ALA D 446 -1.00 39.72 31.33
CA ALA D 446 -2.30 40.25 31.72
C ALA D 446 -2.19 41.65 32.28
N ASP D 447 -3.05 42.55 31.79
CA ASP D 447 -3.25 43.91 32.27
C ASP D 447 -2.05 44.81 32.01
N THR D 448 -0.98 44.29 31.43
CA THR D 448 0.19 45.09 31.07
C THR D 448 0.45 45.11 29.57
N LYS D 449 -0.08 44.15 28.82
CA LYS D 449 0.08 44.07 27.36
C LYS D 449 1.54 43.97 26.95
N ILE D 450 2.37 43.41 27.82
CA ILE D 450 3.77 43.16 27.48
C ILE D 450 3.85 41.86 26.67
N TRP D 451 4.62 41.88 25.59
CA TRP D 451 4.63 40.79 24.62
C TRP D 451 5.74 39.80 24.92
N ASN D 452 5.38 38.52 24.95
CA ASN D 452 6.32 37.43 25.13
C ASN D 452 7.09 37.17 23.84
N GLY D 453 8.17 36.39 23.95
CA GLY D 453 9.01 36.13 22.81
C GLY D 453 8.27 35.56 21.62
N MET D 454 7.41 34.57 21.86
CA MET D 454 6.58 34.05 20.77
C MET D 454 5.61 35.13 20.29
N VAL D 455 5.06 35.90 21.22
CA VAL D 455 4.08 36.92 20.88
C VAL D 455 4.64 37.89 19.86
N GLY D 456 5.93 38.20 19.96
CA GLY D 456 6.55 39.07 18.98
C GLY D 456 7.05 38.34 17.76
N GLU D 457 7.78 37.23 17.96
CA GLU D 457 8.46 36.57 16.86
C GLU D 457 7.51 35.97 15.85
N LEU D 458 6.30 35.58 16.27
CA LEU D 458 5.33 35.08 15.30
C LEU D 458 4.42 36.17 14.76
N VAL D 459 4.65 37.43 15.12
CA VAL D 459 3.94 38.54 14.49
C VAL D 459 4.89 39.56 13.86
N TYR D 460 6.13 39.66 14.31
CA TYR D 460 7.09 40.56 13.68
C TYR D 460 7.66 40.01 12.39
N GLY D 461 7.41 38.74 12.07
CA GLY D 461 8.01 38.11 10.92
C GLY D 461 9.38 37.53 11.14
N LYS D 462 9.92 37.61 12.35
CA LYS D 462 11.21 36.99 12.65
C LYS D 462 11.14 35.48 12.46
N ALA D 463 9.97 34.89 12.67
CA ALA D 463 9.71 33.49 12.39
C ALA D 463 8.51 33.40 11.46
N ASP D 464 8.73 33.02 10.21
CA ASP D 464 7.64 32.99 9.25
C ASP D 464 6.78 31.74 9.36
N ILE D 465 7.19 30.76 10.17
CA ILE D 465 6.39 29.58 10.44
C ILE D 465 6.95 28.92 11.68
N ALA D 466 6.09 28.22 12.42
CA ALA D 466 6.51 27.57 13.65
C ALA D 466 5.92 26.17 13.69
N ILE D 467 6.78 25.17 13.86
CA ILE D 467 6.38 23.79 14.08
C ILE D 467 6.83 23.40 15.47
N ALA D 468 5.90 23.01 16.31
CA ALA D 468 6.20 22.75 17.71
C ALA D 468 5.00 22.08 18.36
N PRO D 469 5.13 21.57 19.57
CA PRO D 469 3.93 21.19 20.32
C PRO D 469 3.13 22.42 20.75
N LEU D 470 2.69 23.21 19.77
CA LEU D 470 1.97 24.44 20.01
C LEU D 470 0.49 24.17 19.79
N THR D 471 -0.33 24.48 20.79
CA THR D 471 -1.71 24.02 20.82
C THR D 471 -2.66 25.10 20.30
N ILE D 472 -3.73 24.63 19.65
CA ILE D 472 -4.78 25.53 19.15
C ILE D 472 -5.55 26.12 20.32
N THR D 473 -5.72 27.43 20.30
CA THR D 473 -6.53 28.09 21.31
C THR D 473 -7.11 29.37 20.72
N LEU D 474 -8.23 29.81 21.30
CA LEU D 474 -8.92 30.99 20.79
C LEU D 474 -8.10 32.25 20.98
N VAL D 475 -7.36 32.35 22.09
CA VAL D 475 -6.59 33.56 22.39
C VAL D 475 -5.57 33.86 21.31
N ARG D 476 -5.00 32.82 20.69
CA ARG D 476 -3.99 32.99 19.66
C ARG D 476 -4.58 33.19 18.27
N GLU D 477 -5.80 32.72 18.03
CA GLU D 477 -6.40 32.85 16.71
C GLU D 477 -6.68 34.30 16.31
N GLU D 478 -6.82 35.23 17.27
CA GLU D 478 -7.01 36.62 16.88
C GLU D 478 -5.73 37.30 16.43
N VAL D 479 -4.56 36.71 16.67
CA VAL D 479 -3.31 37.38 16.35
C VAL D 479 -2.51 36.58 15.33
N ILE D 480 -2.69 35.27 15.31
CA ILE D 480 -2.07 34.40 14.32
C ILE D 480 -3.10 33.37 13.90
N ASP D 481 -2.77 32.62 12.85
CA ASP D 481 -3.67 31.60 12.33
C ASP D 481 -2.99 30.23 12.38
N PHE D 482 -3.81 29.20 12.47
CA PHE D 482 -3.34 27.83 12.60
C PHE D 482 -3.94 27.00 11.46
N SER D 483 -3.28 25.91 11.15
CA SER D 483 -3.81 24.95 10.21
C SER D 483 -4.75 23.98 10.93
N LYS D 484 -5.24 23.00 10.19
CA LYS D 484 -6.05 21.98 10.82
C LYS D 484 -5.19 21.18 11.78
N PRO D 485 -5.68 20.88 12.99
CA PRO D 485 -4.86 20.12 13.93
C PRO D 485 -4.51 18.75 13.37
N PHE D 486 -3.27 18.34 13.61
CA PHE D 486 -2.79 17.07 13.07
C PHE D 486 -2.71 15.98 14.12
N MET D 487 -3.02 16.28 15.38
CA MET D 487 -3.12 15.24 16.40
C MET D 487 -3.95 15.76 17.56
N SER D 488 -4.58 14.83 18.24
CA SER D 488 -5.42 15.11 19.40
C SER D 488 -4.62 14.94 20.68
N LEU D 489 -5.10 15.56 21.75
CA LEU D 489 -4.39 15.56 23.02
C LEU D 489 -5.36 16.12 24.05
N GLY D 490 -4.90 16.14 25.30
CA GLY D 490 -5.69 16.75 26.36
C GLY D 490 -4.79 17.05 27.53
N ILE D 491 -5.17 18.07 28.29
CA ILE D 491 -4.43 18.38 29.51
C ILE D 491 -4.66 17.24 30.50
N SER D 492 -3.58 16.69 31.03
CA SER D 492 -3.66 15.52 31.89
C SER D 492 -2.79 15.74 33.10
N ILE D 493 -3.10 15.01 34.17
CA ILE D 493 -2.40 15.15 35.43
C ILE D 493 -1.41 14.01 35.57
N MET D 494 -0.15 14.36 35.87
CA MET D 494 0.95 13.43 36.02
C MET D 494 1.41 13.44 37.48
N ILE D 495 1.48 12.26 38.09
CA ILE D 495 1.93 12.12 39.47
C ILE D 495 2.99 11.03 39.52
N LYS D 496 3.79 11.07 40.58
CA LYS D 496 4.81 10.06 40.78
C LYS D 496 4.16 8.71 41.04
N LYS D 497 4.73 7.67 40.44
CA LYS D 497 4.23 6.31 40.65
C LYS D 497 4.47 5.92 42.10
N PRO D 498 3.43 5.51 42.84
CA PRO D 498 3.65 5.16 44.25
C PRO D 498 4.46 3.89 44.40
N GLN D 499 5.31 3.88 45.42
CA GLN D 499 6.09 2.71 45.77
C GLN D 499 5.24 1.73 46.59
N LYS D 500 5.79 0.53 46.78
CA LYS D 500 5.13 -0.48 47.60
C LYS D 500 4.99 0.02 49.04
N SER D 501 3.80 -0.11 49.60
CA SER D 501 3.54 0.42 50.93
C SER D 501 4.33 -0.37 51.95
N LYS D 502 5.15 0.33 52.73
CA LYS D 502 5.92 -0.35 53.76
C LYS D 502 5.09 -0.52 55.02
N PRO D 503 5.26 -1.62 55.74
CA PRO D 503 4.44 -1.86 56.92
C PRO D 503 4.72 -0.85 58.02
N GLY D 504 3.66 -0.53 58.78
CA GLY D 504 3.80 0.31 59.94
C GLY D 504 4.14 -0.49 61.17
N VAL D 505 4.22 0.20 62.29
CA VAL D 505 4.51 -0.45 63.56
C VAL D 505 3.40 -1.43 63.92
N PHE D 506 2.15 -0.99 63.82
CA PHE D 506 0.99 -1.78 64.19
C PHE D 506 0.33 -2.44 62.99
N SER D 507 1.13 -2.85 62.02
CA SER D 507 0.63 -3.44 60.78
C SER D 507 0.08 -4.84 61.01
N PHE D 508 0.27 -5.42 62.19
CA PHE D 508 -0.32 -6.73 62.46
C PHE D 508 -1.83 -6.64 62.62
N LEU D 509 -2.35 -5.44 62.84
CA LEU D 509 -3.79 -5.24 62.92
C LEU D 509 -4.43 -5.03 61.56
N ASP D 510 -3.62 -4.86 60.53
CA ASP D 510 -4.14 -4.53 59.20
C ASP D 510 -5.15 -5.52 58.62
N PRO D 511 -5.00 -6.83 58.74
CA PRO D 511 -5.95 -7.73 58.06
C PRO D 511 -7.41 -7.60 58.46
N LEU D 512 -7.74 -7.04 59.63
CA LEU D 512 -9.09 -7.16 60.16
C LEU D 512 -9.89 -5.88 60.34
N ALA D 513 -9.35 -4.71 60.05
CA ALA D 513 -10.07 -3.44 60.20
C ALA D 513 -10.37 -3.07 61.64
N TYR D 514 -10.47 -1.77 61.90
CA TYR D 514 -10.52 -1.23 63.26
C TYR D 514 -11.80 -1.65 63.98
N GLU D 515 -12.92 -1.61 63.27
CA GLU D 515 -14.21 -1.91 63.89
C GLU D 515 -14.24 -3.34 64.39
N ILE D 516 -13.64 -4.26 63.65
CA ILE D 516 -13.63 -5.65 64.09
C ILE D 516 -12.84 -5.79 65.37
N TRP D 517 -11.71 -5.08 65.48
CA TRP D 517 -10.94 -5.11 66.73
C TRP D 517 -11.73 -4.52 67.90
N MET D 518 -12.42 -3.39 67.67
CA MET D 518 -13.21 -2.78 68.73
C MET D 518 -14.28 -3.75 69.21
N CYS D 519 -14.97 -4.37 68.28
CA CYS D 519 -16.02 -5.30 68.63
C CYS D 519 -15.48 -6.58 69.24
N ILE D 520 -14.27 -6.99 68.87
CA ILE D 520 -13.66 -8.15 69.52
C ILE D 520 -13.42 -7.85 70.99
N VAL D 521 -12.91 -6.66 71.29
CA VAL D 521 -12.69 -6.30 72.69
C VAL D 521 -14.01 -6.23 73.44
N PHE D 522 -15.01 -5.58 72.84
CA PHE D 522 -16.30 -5.48 73.51
C PHE D 522 -16.95 -6.85 73.71
N ALA D 523 -16.83 -7.73 72.72
CA ALA D 523 -17.36 -9.08 72.84
C ALA D 523 -16.61 -9.87 73.89
N TYR D 524 -15.31 -9.64 74.02
CA TYR D 524 -14.53 -10.27 75.07
C TYR D 524 -15.07 -9.91 76.45
N ILE D 525 -15.24 -8.61 76.72
CA ILE D 525 -15.78 -8.22 78.03
C ILE D 525 -17.17 -8.79 78.23
N GLY D 526 -18.02 -8.70 77.21
CA GLY D 526 -19.36 -9.19 77.38
C GLY D 526 -19.41 -10.68 77.66
N VAL D 527 -18.62 -11.46 76.92
CA VAL D 527 -18.59 -12.90 77.11
C VAL D 527 -18.09 -13.23 78.50
N SER D 528 -17.02 -12.57 78.95
CA SER D 528 -16.51 -12.84 80.29
C SER D 528 -17.52 -12.50 81.36
N VAL D 529 -18.18 -11.35 81.25
CA VAL D 529 -19.14 -10.95 82.27
C VAL D 529 -20.32 -11.90 82.32
N VAL D 530 -20.84 -12.29 81.15
CA VAL D 530 -21.98 -13.19 81.12
C VAL D 530 -21.59 -14.56 81.66
N LEU D 531 -20.39 -15.02 81.35
CA LEU D 531 -19.94 -16.31 81.89
C LEU D 531 -19.88 -16.26 83.40
N PHE D 532 -19.31 -15.18 83.95
CA PHE D 532 -19.24 -15.05 85.39
C PHE D 532 -20.64 -14.95 86.00
N LEU D 533 -21.55 -14.26 85.32
CA LEU D 533 -22.90 -14.11 85.85
C LEU D 533 -23.63 -15.45 85.90
N VAL D 534 -23.60 -16.21 84.80
CA VAL D 534 -24.32 -17.49 84.79
C VAL D 534 -23.66 -18.50 85.69
N SER D 535 -22.37 -18.36 85.96
CA SER D 535 -21.66 -19.36 86.75
C SER D 535 -21.61 -19.02 88.23
N ARG D 536 -22.08 -17.85 88.66
CA ARG D 536 -21.92 -17.48 90.06
C ARG D 536 -23.16 -16.95 90.77
N PHE D 537 -24.27 -16.69 90.08
CA PHE D 537 -25.48 -16.37 90.84
C PHE D 537 -26.13 -17.68 91.29
N SER D 538 -26.79 -17.65 92.45
CA SER D 538 -26.95 -18.80 93.34
C SER D 538 -27.34 -20.08 92.61
N PRO D 539 -26.42 -21.03 92.48
CA PRO D 539 -26.79 -22.35 91.98
C PRO D 539 -27.26 -23.24 93.12
N TYR D 540 -28.54 -23.61 93.09
CA TYR D 540 -29.09 -24.52 94.08
C TYR D 540 -30.41 -25.12 93.62
N SER D 541 -24.26 -21.87 98.52
CA SER D 541 -24.12 -22.95 97.56
C SER D 541 -23.28 -22.48 96.38
N GLU D 542 -22.56 -21.40 96.59
CA GLU D 542 -21.69 -20.88 95.56
C GLU D 542 -20.29 -21.49 95.73
N SER D 543 -19.31 -20.95 95.01
CA SER D 543 -17.92 -21.40 95.08
C SER D 543 -17.73 -22.84 94.65
N THR D 544 -18.68 -23.39 93.89
CA THR D 544 -18.53 -24.72 93.33
C THR D 544 -17.69 -24.73 92.07
N ASN D 545 -17.38 -23.56 91.52
CA ASN D 545 -16.54 -23.43 90.35
C ASN D 545 -15.53 -22.33 90.56
N GLU D 546 -14.46 -22.39 89.78
CA GLU D 546 -13.39 -21.43 89.89
C GLU D 546 -13.67 -20.17 89.09
N PHE D 547 -14.83 -20.10 88.44
CA PHE D 547 -15.14 -19.02 87.51
C PHE D 547 -15.63 -17.77 88.24
N GLY D 548 -14.71 -17.12 88.92
CA GLY D 548 -14.90 -15.74 89.33
C GLY D 548 -14.76 -14.81 88.14
N ILE D 549 -14.90 -13.51 88.41
CA ILE D 549 -14.81 -12.55 87.31
C ILE D 549 -13.41 -12.57 86.69
N PHE D 550 -12.39 -12.66 87.52
CA PHE D 550 -11.03 -12.67 87.01
C PHE D 550 -10.72 -13.96 86.29
N ASN D 551 -11.15 -15.09 86.85
CA ASN D 551 -10.96 -16.37 86.16
C ASN D 551 -11.80 -16.46 84.90
N SER D 552 -12.99 -15.86 84.88
CA SER D 552 -13.78 -15.82 83.67
C SER D 552 -13.08 -15.02 82.58
N LEU D 553 -12.50 -13.88 82.96
CA LEU D 553 -11.72 -13.09 82.02
C LEU D 553 -10.54 -13.89 81.48
N TRP D 554 -9.86 -14.63 82.36
CA TRP D 554 -8.73 -15.43 81.95
C TRP D 554 -9.14 -16.56 81.01
N PHE D 555 -10.26 -17.22 81.30
CA PHE D 555 -10.73 -18.28 80.42
C PHE D 555 -11.09 -17.75 79.04
N SER D 556 -11.80 -16.63 79.00
CA SER D 556 -12.16 -16.05 77.71
C SER D 556 -10.93 -15.61 76.93
N LEU D 557 -9.93 -15.04 77.62
CA LEU D 557 -8.70 -14.69 76.94
C LEU D 557 -8.00 -15.92 76.38
N GLY D 558 -7.96 -17.01 77.15
CA GLY D 558 -7.35 -18.22 76.65
C GLY D 558 -8.09 -18.80 75.47
N ALA D 559 -9.42 -18.75 75.50
CA ALA D 559 -10.22 -19.30 74.43
C ALA D 559 -10.02 -18.52 73.13
N PHE D 560 -9.94 -17.19 73.23
CA PHE D 560 -9.65 -16.40 72.03
C PHE D 560 -8.28 -16.73 71.46
N MET D 561 -7.29 -16.93 72.33
CA MET D 561 -5.93 -17.14 71.85
C MET D 561 -5.67 -18.58 71.45
N GLN D 562 -6.68 -19.44 71.58
CA GLN D 562 -6.55 -20.87 71.30
C GLN D 562 -5.44 -21.52 72.11
N GLN D 563 -5.40 -21.19 73.39
CA GLN D 563 -4.44 -21.75 74.33
C GLN D 563 -5.20 -22.44 75.43
N GLY D 564 -4.86 -23.70 75.69
CA GLY D 564 -5.60 -24.49 76.66
C GLY D 564 -5.86 -23.78 77.95
N CYS D 565 -7.11 -23.84 78.41
CA CYS D 565 -7.50 -23.32 79.71
C CYS D 565 -7.18 -24.34 80.81
N ASP D 566 -7.43 -23.91 82.05
CA ASP D 566 -7.28 -24.80 83.19
C ASP D 566 -8.62 -25.26 83.70
N ILE D 567 -9.68 -24.51 83.43
CA ILE D 567 -11.01 -24.80 83.93
C ILE D 567 -11.94 -24.78 82.74
N SER D 568 -13.08 -25.43 82.92
CA SER D 568 -14.13 -25.53 81.93
C SER D 568 -15.43 -25.19 82.63
N PRO D 569 -16.40 -24.63 81.90
CA PRO D 569 -17.66 -24.23 82.54
C PRO D 569 -18.36 -25.28 83.38
N ARG D 570 -18.56 -26.50 82.87
CA ARG D 570 -19.21 -27.58 83.61
C ARG D 570 -20.62 -27.23 84.06
N SER D 571 -21.35 -26.47 83.25
CA SER D 571 -22.77 -26.21 83.47
C SER D 571 -23.37 -25.85 82.13
N LEU D 572 -24.69 -26.04 82.00
CA LEU D 572 -25.31 -25.89 80.69
C LEU D 572 -25.15 -24.48 80.16
N SER D 573 -25.54 -23.49 80.96
CA SER D 573 -25.43 -22.09 80.52
C SER D 573 -23.98 -21.70 80.32
N GLY D 574 -23.12 -22.08 81.24
CA GLY D 574 -21.72 -21.76 81.08
C GLY D 574 -21.11 -22.39 79.85
N ARG D 575 -21.50 -23.63 79.55
CA ARG D 575 -21.00 -24.31 78.37
C ARG D 575 -21.58 -23.74 77.09
N ILE D 576 -22.81 -23.20 77.15
CA ILE D 576 -23.35 -22.46 76.01
C ILE D 576 -22.47 -21.26 75.72
N VAL D 577 -22.14 -20.50 76.77
CA VAL D 577 -21.26 -19.35 76.60
C VAL D 577 -19.92 -19.79 76.00
N GLY D 578 -19.34 -20.85 76.56
CA GLY D 578 -18.04 -21.29 76.10
C GLY D 578 -18.04 -21.73 74.66
N GLY D 579 -19.03 -22.52 74.26
CA GLY D 579 -19.09 -22.99 72.89
C GLY D 579 -19.31 -21.88 71.89
N VAL D 580 -20.19 -20.92 72.22
CA VAL D 580 -20.41 -19.84 71.27
C VAL D 580 -19.16 -18.97 71.14
N TRP D 581 -18.43 -18.77 72.25
CA TRP D 581 -17.19 -18.01 72.18
C TRP D 581 -16.14 -18.77 71.39
N TRP D 582 -16.11 -20.08 71.52
CA TRP D 582 -15.19 -20.91 70.75
C TRP D 582 -15.46 -20.80 69.26
N PHE D 583 -16.74 -20.85 68.86
CA PHE D 583 -17.07 -20.69 67.46
C PHE D 583 -16.64 -19.31 66.96
N PHE D 584 -16.87 -18.29 67.78
CA PHE D 584 -16.46 -16.95 67.41
C PHE D 584 -14.96 -16.90 67.17
N THR D 585 -14.17 -17.43 68.09
CA THR D 585 -12.72 -17.33 67.95
C THR D 585 -12.20 -18.15 66.78
N LEU D 586 -12.79 -19.32 66.52
CA LEU D 586 -12.40 -20.08 65.34
C LEU D 586 -12.58 -19.27 64.07
N ILE D 587 -13.79 -18.70 63.88
CA ILE D 587 -14.04 -17.93 62.67
C ILE D 587 -13.11 -16.73 62.58
N ILE D 588 -12.89 -16.03 63.69
CA ILE D 588 -12.08 -14.82 63.66
C ILE D 588 -10.63 -15.11 63.32
N ILE D 589 -10.04 -16.15 63.94
CA ILE D 589 -8.64 -16.47 63.66
C ILE D 589 -8.47 -16.95 62.23
N SER D 590 -9.40 -17.78 61.75
CA SER D 590 -9.33 -18.21 60.36
C SER D 590 -9.43 -17.04 59.40
N SER D 591 -10.31 -16.09 59.70
CA SER D 591 -10.45 -14.91 58.86
C SER D 591 -9.18 -14.09 58.83
N TYR D 592 -8.56 -13.89 59.99
CA TYR D 592 -7.32 -13.13 60.06
C TYR D 592 -6.24 -13.77 59.21
N THR D 593 -5.99 -15.06 59.40
CA THR D 593 -4.89 -15.70 58.68
C THR D 593 -5.18 -15.77 57.18
N ALA D 594 -6.44 -16.00 56.80
CA ALA D 594 -6.80 -16.05 55.39
C ALA D 594 -6.65 -14.70 54.72
N ASN D 595 -7.02 -13.62 55.40
CA ASN D 595 -6.91 -12.31 54.78
C ASN D 595 -5.46 -11.88 54.68
N LEU D 596 -4.66 -12.22 55.69
CA LEU D 596 -3.24 -11.94 55.62
C LEU D 596 -2.60 -12.69 54.48
N ALA D 597 -3.00 -13.95 54.27
CA ALA D 597 -2.50 -14.70 53.15
C ALA D 597 -2.89 -14.04 51.83
N ALA D 598 -4.12 -13.54 51.75
CA ALA D 598 -4.54 -12.89 50.52
C ALA D 598 -3.73 -11.64 50.24
N PHE D 599 -3.48 -10.82 51.26
CA PHE D 599 -2.73 -9.60 51.06
C PHE D 599 -1.29 -9.86 50.66
N LEU D 600 -0.67 -10.87 51.27
CA LEU D 600 0.73 -11.12 50.98
C LEU D 600 0.96 -11.75 49.62
N THR D 601 -0.09 -12.17 48.93
CA THR D 601 0.02 -12.80 47.62
C THR D 601 -0.18 -11.82 46.46
N VAL D 602 -1.17 -10.97 46.55
CA VAL D 602 -1.52 -10.03 45.49
C VAL D 602 -1.20 -8.64 45.99
N GLU D 603 -0.45 -7.87 45.21
CA GLU D 603 -0.13 -6.49 45.57
C GLU D 603 -0.95 -5.54 44.71
N ARG D 604 -1.60 -4.59 45.37
CA ARG D 604 -2.37 -3.55 44.70
C ARG D 604 -1.74 -2.20 44.99
N MET D 605 -1.88 -1.29 44.03
CA MET D 605 -1.17 -0.02 44.07
C MET D 605 -2.04 1.14 44.54
N VAL D 606 -3.28 1.21 44.05
CA VAL D 606 -4.26 2.27 44.33
C VAL D 606 -3.60 3.64 44.43
N SER D 607 -3.72 4.42 43.35
CA SER D 607 -3.12 5.74 43.31
C SER D 607 -3.83 6.67 44.29
N PRO D 608 -3.11 7.65 44.86
CA PRO D 608 -3.74 8.55 45.84
C PRO D 608 -4.89 9.35 45.26
N ILE D 609 -4.79 9.75 43.99
CA ILE D 609 -5.84 10.51 43.34
C ILE D 609 -6.22 9.79 42.05
N GLU D 610 -7.44 10.03 41.59
CA GLU D 610 -8.00 9.31 40.46
C GLU D 610 -8.64 10.21 39.41
N SER D 611 -9.03 11.43 39.74
CA SER D 611 -9.71 12.31 38.80
C SER D 611 -9.39 13.76 39.14
N ALA D 612 -9.92 14.67 38.33
CA ALA D 612 -9.70 16.09 38.56
C ALA D 612 -10.30 16.54 39.89
N GLU D 613 -11.49 16.04 40.22
CA GLU D 613 -12.12 16.39 41.48
C GLU D 613 -11.27 15.97 42.68
N ASP D 614 -10.52 14.87 42.55
CA ASP D 614 -9.64 14.46 43.63
C ASP D 614 -8.57 15.51 43.90
N LEU D 615 -8.03 16.11 42.84
CA LEU D 615 -7.08 17.20 43.03
C LEU D 615 -7.74 18.39 43.70
N SER D 616 -8.97 18.71 43.28
CA SER D 616 -9.69 19.83 43.87
C SER D 616 -10.05 19.55 45.34
N LYS D 617 -10.46 18.32 45.64
CA LYS D 617 -10.84 18.00 47.01
C LYS D 617 -9.63 17.94 47.93
N GLN D 618 -8.56 17.28 47.48
CA GLN D 618 -7.37 17.12 48.29
C GLN D 618 -6.58 18.42 48.34
N THR D 619 -6.40 18.96 49.54
CA THR D 619 -5.68 20.22 49.69
C THR D 619 -4.18 20.00 49.81
N GLU D 620 -3.77 18.89 50.43
CA GLU D 620 -2.34 18.65 50.66
C GLU D 620 -1.57 18.55 49.35
N ILE D 621 -2.14 17.86 48.36
CA ILE D 621 -1.46 17.69 47.07
C ILE D 621 -1.31 19.05 46.40
N ALA D 622 -0.07 19.41 46.08
CA ALA D 622 0.22 20.64 45.35
C ALA D 622 0.32 20.33 43.86
N TYR D 623 -0.54 20.96 43.07
CA TYR D 623 -0.57 20.72 41.64
C TYR D 623 -0.50 22.03 40.86
N GLY D 624 0.22 22.00 39.74
CA GLY D 624 0.42 23.18 38.93
C GLY D 624 0.63 22.82 37.48
N THR D 625 0.90 23.83 36.67
CA THR D 625 1.04 23.69 35.23
C THR D 625 2.29 24.42 34.74
N LEU D 626 2.53 24.30 33.44
CA LEU D 626 3.58 25.07 32.79
C LEU D 626 3.19 26.55 32.72
N ASP D 627 4.14 27.43 32.96
CA ASP D 627 3.89 28.85 32.84
C ASP D 627 3.95 29.26 31.37
N SER D 628 3.05 30.15 30.98
CA SER D 628 2.91 30.69 29.63
C SER D 628 2.42 29.66 28.62
N GLY D 629 2.20 28.43 29.03
CA GLY D 629 1.64 27.43 28.15
C GLY D 629 0.13 27.54 28.06
N SER D 630 -0.44 26.91 27.03
CA SER D 630 -1.87 27.04 26.78
C SER D 630 -2.70 26.45 27.91
N THR D 631 -2.13 25.58 28.74
CA THR D 631 -2.89 25.00 29.84
C THR D 631 -3.27 26.05 30.89
N LYS D 632 -2.35 26.95 31.20
CA LYS D 632 -2.68 28.01 32.16
C LYS D 632 -3.78 28.92 31.63
N GLU D 633 -3.75 29.23 30.34
CA GLU D 633 -4.86 29.94 29.72
C GLU D 633 -6.15 29.14 29.78
N PHE D 634 -6.08 27.82 29.62
CA PHE D 634 -7.30 27.02 29.72
C PHE D 634 -7.90 27.16 31.11
N PHE D 635 -7.06 27.17 32.15
CA PHE D 635 -7.61 27.24 33.50
C PHE D 635 -8.25 28.59 33.81
N ARG D 636 -7.72 29.68 33.24
CA ARG D 636 -8.39 30.96 33.42
C ARG D 636 -9.69 31.04 32.64
N ARG D 637 -9.68 30.60 31.38
CA ARG D 637 -10.84 30.74 30.52
C ARG D 637 -12.00 29.86 30.98
N SER D 638 -11.71 28.74 31.64
CA SER D 638 -12.74 27.77 31.96
C SER D 638 -13.69 28.29 33.03
N LYS D 639 -14.98 28.24 32.73
CA LYS D 639 -16.03 28.50 33.71
C LYS D 639 -16.60 27.21 34.28
N ILE D 640 -16.05 26.06 33.90
CA ILE D 640 -16.50 24.79 34.45
C ILE D 640 -16.23 24.77 35.95
N ALA D 641 -17.18 24.23 36.70
CA ALA D 641 -17.13 24.33 38.15
C ALA D 641 -15.85 23.72 38.71
N VAL D 642 -15.54 22.49 38.31
CA VAL D 642 -14.36 21.82 38.84
C VAL D 642 -13.09 22.54 38.39
N PHE D 643 -13.03 22.96 37.12
CA PHE D 643 -11.84 23.65 36.65
C PHE D 643 -11.75 25.06 37.21
N ASP D 644 -12.89 25.70 37.49
CA ASP D 644 -12.84 26.97 38.17
C ASP D 644 -12.31 26.82 39.59
N LYS D 645 -12.69 25.73 40.26
CA LYS D 645 -12.11 25.43 41.57
C LYS D 645 -10.59 25.21 41.47
N MET D 646 -10.17 24.46 40.46
CA MET D 646 -8.74 24.21 40.28
C MET D 646 -7.98 25.52 40.04
N TRP D 647 -8.53 26.40 39.22
CA TRP D 647 -7.85 27.68 38.98
C TRP D 647 -7.86 28.57 40.20
N THR D 648 -8.98 28.61 40.94
CA THR D 648 -9.03 29.42 42.15
C THR D 648 -8.03 28.92 43.19
N TYR D 649 -7.73 27.62 43.18
CA TYR D 649 -6.63 27.14 43.99
C TYR D 649 -5.29 27.62 43.44
N MET D 650 -4.99 27.29 42.19
CA MET D 650 -3.64 27.49 41.67
C MET D 650 -3.26 28.96 41.63
N ARG D 651 -4.23 29.86 41.50
CA ARG D 651 -3.93 31.29 41.44
C ARG D 651 -3.43 31.82 42.76
N SER D 652 -4.04 31.41 43.87
CA SER D 652 -3.68 31.88 45.20
C SER D 652 -3.05 30.77 46.02
N ALA D 653 -2.18 29.99 45.38
CA ALA D 653 -1.58 28.82 45.99
C ALA D 653 -0.39 29.20 46.87
N GLU D 654 0.27 28.18 47.39
CA GLU D 654 1.49 28.25 48.19
C GLU D 654 2.64 28.67 47.28
N PRO D 655 3.90 28.84 47.79
CA PRO D 655 5.01 29.25 46.92
C PRO D 655 4.98 28.58 45.55
N SER D 656 5.25 29.37 44.52
CA SER D 656 4.80 29.13 43.15
C SER D 656 4.85 27.66 42.77
N VAL D 657 3.68 27.13 42.39
CA VAL D 657 3.56 25.78 41.86
C VAL D 657 3.84 25.69 40.36
N PHE D 658 3.93 26.81 39.67
CA PHE D 658 4.25 26.84 38.25
C PHE D 658 5.73 26.59 38.01
N VAL D 659 6.04 26.15 36.79
CA VAL D 659 7.43 25.96 36.36
C VAL D 659 7.58 26.53 34.96
N ARG D 660 8.84 26.74 34.56
CA ARG D 660 9.14 27.32 33.25
C ARG D 660 9.22 26.29 32.13
N THR D 661 9.76 25.11 32.40
CA THR D 661 9.95 24.09 31.37
C THR D 661 9.33 22.77 31.79
N THR D 662 9.01 21.94 30.80
CA THR D 662 8.47 20.62 31.07
C THR D 662 9.45 19.76 31.85
N ALA D 663 10.74 19.86 31.51
CA ALA D 663 11.76 19.11 32.24
C ALA D 663 11.80 19.53 33.70
N GLU D 664 11.63 20.83 33.97
CA GLU D 664 11.60 21.30 35.35
C GLU D 664 10.40 20.71 36.09
N GLY D 665 9.24 20.65 35.44
CA GLY D 665 8.08 20.06 36.09
C GLY D 665 8.27 18.58 36.38
N VAL D 666 8.85 17.85 35.43
CA VAL D 666 9.10 16.43 35.66
C VAL D 666 10.11 16.22 36.78
N ALA D 667 11.16 17.05 36.82
CA ALA D 667 12.13 16.95 37.89
C ALA D 667 11.50 17.29 39.24
N ARG D 668 10.55 18.22 39.26
CA ARG D 668 9.84 18.52 40.50
C ARG D 668 8.96 17.37 40.93
N VAL D 669 8.30 16.71 39.97
CA VAL D 669 7.46 15.56 40.29
C VAL D 669 8.30 14.45 40.89
N ARG D 670 9.45 14.16 40.27
CA ARG D 670 10.32 13.10 40.76
C ARG D 670 10.98 13.47 42.09
N LYS D 671 11.29 14.76 42.28
CA LYS D 671 11.94 15.22 43.50
C LYS D 671 10.97 15.26 44.68
N SER D 672 9.72 15.66 44.44
CA SER D 672 8.77 15.85 45.52
C SER D 672 8.44 14.55 46.24
N LYS D 673 8.70 13.40 45.63
CA LYS D 673 8.49 12.10 46.25
C LYS D 673 7.02 11.87 46.62
N GLY D 674 6.12 12.32 45.75
CA GLY D 674 4.74 11.91 45.86
C GLY D 674 3.71 13.02 45.94
N LYS D 675 4.01 14.08 46.67
CA LYS D 675 2.99 15.07 46.99
C LYS D 675 2.85 16.17 45.94
N TYR D 676 3.62 16.12 44.86
CA TYR D 676 3.42 17.04 43.75
C TYR D 676 2.68 16.36 42.61
N ALA D 677 2.02 17.19 41.80
CA ALA D 677 1.24 16.76 40.66
C ALA D 677 1.40 17.79 39.55
N TYR D 678 1.61 17.31 38.32
CA TYR D 678 1.94 18.18 37.19
C TYR D 678 0.88 17.99 36.11
N LEU D 679 0.27 19.09 35.70
CA LEU D 679 -0.76 19.09 34.67
C LEU D 679 -0.12 19.50 33.36
N LEU D 680 -0.12 18.60 32.38
CA LEU D 680 0.51 18.88 31.11
C LEU D 680 -0.16 18.02 30.04
N GLU D 681 0.19 18.29 28.79
CA GLU D 681 -0.48 17.62 27.68
C GLU D 681 -0.27 16.12 27.76
N SER D 682 -1.28 15.38 27.34
CA SER D 682 -1.25 13.94 27.57
C SER D 682 -0.11 13.29 26.80
N THR D 683 0.06 13.64 25.52
CA THR D 683 1.02 12.94 24.69
C THR D 683 2.39 12.85 25.34
N MET D 684 2.82 13.95 25.97
CA MET D 684 4.05 13.92 26.74
C MET D 684 3.92 13.04 27.96
N ASN D 685 2.71 12.89 28.51
CA ASN D 685 2.54 11.99 29.65
C ASN D 685 2.74 10.54 29.24
N GLU D 686 2.12 10.09 28.13
CA GLU D 686 2.43 8.74 27.66
C GLU D 686 3.91 8.59 27.32
N TYR D 687 4.50 9.61 26.69
CA TYR D 687 5.92 9.50 26.34
C TYR D 687 6.78 9.28 27.58
N ILE D 688 6.62 10.12 28.59
CA ILE D 688 7.47 10.04 29.78
C ILE D 688 7.13 8.79 30.59
N GLU D 689 5.85 8.42 30.64
CA GLU D 689 5.44 7.18 31.30
C GLU D 689 6.12 5.97 30.67
N GLN D 690 6.28 5.97 29.35
CA GLN D 690 6.97 4.86 28.68
C GLN D 690 8.49 4.96 28.74
N ARG D 691 9.04 6.05 29.26
CA ARG D 691 10.49 6.22 29.31
C ARG D 691 11.04 5.80 30.65
N LYS D 692 12.35 5.55 30.66
CA LYS D 692 13.08 5.19 31.87
C LYS D 692 13.58 6.44 32.57
N PRO D 693 13.41 6.57 33.89
CA PRO D 693 12.70 5.64 34.79
C PRO D 693 11.20 5.83 34.70
N CYS D 694 10.42 4.82 35.05
CA CYS D 694 8.95 4.88 34.99
C CYS D 694 8.35 5.19 36.35
N ASP D 695 9.02 6.04 37.15
CA ASP D 695 8.49 6.43 38.44
C ASP D 695 7.36 7.44 38.36
N THR D 696 6.85 7.72 37.16
CA THR D 696 5.71 8.60 36.97
C THR D 696 4.65 7.89 36.16
N MET D 697 3.41 8.33 36.31
CA MET D 697 2.30 7.76 35.57
C MET D 697 1.31 8.87 35.26
N LYS D 698 0.42 8.59 34.31
CA LYS D 698 -0.72 9.44 34.04
C LYS D 698 -1.92 8.92 34.81
N VAL D 699 -2.67 9.84 35.41
CA VAL D 699 -3.83 9.48 36.22
C VAL D 699 -5.03 10.27 35.73
N GLY D 700 -6.20 9.65 35.80
CA GLY D 700 -7.44 10.30 35.42
C GLY D 700 -7.59 10.47 33.93
N GLY D 701 -8.75 10.97 33.51
CA GLY D 701 -8.99 11.22 32.11
C GLY D 701 -8.44 12.57 31.67
N ASN D 702 -8.52 12.81 30.37
CA ASN D 702 -8.07 14.09 29.84
C ASN D 702 -9.03 15.18 30.28
N LEU D 703 -8.48 16.28 30.77
CA LEU D 703 -9.32 17.37 31.27
C LEU D 703 -10.10 18.05 30.16
N ASP D 704 -9.65 17.98 28.92
CA ASP D 704 -10.35 18.62 27.81
C ASP D 704 -9.85 18.02 26.51
N SER D 705 -10.36 18.55 25.40
CA SER D 705 -9.97 18.10 24.07
C SER D 705 -9.30 19.26 23.35
N LYS D 706 -8.04 19.07 22.98
CA LYS D 706 -7.22 20.13 22.38
C LYS D 706 -6.39 19.49 21.28
N GLY D 707 -5.57 20.28 20.61
CA GLY D 707 -4.74 19.75 19.55
C GLY D 707 -3.66 20.68 19.07
N TYR D 708 -2.54 20.13 18.59
CA TYR D 708 -1.47 20.93 18.03
C TYR D 708 -1.76 21.32 16.60
N GLY D 709 -1.16 22.42 16.18
CA GLY D 709 -1.30 22.88 14.81
C GLY D 709 -0.07 23.65 14.38
N ILE D 710 0.02 23.87 13.08
CA ILE D 710 1.13 24.62 12.50
C ILE D 710 0.84 26.10 12.61
N ALA D 711 1.73 26.84 13.26
CA ALA D 711 1.56 28.27 13.43
C ALA D 711 2.05 29.03 12.21
N THR D 712 1.48 30.22 12.00
CA THR D 712 1.77 31.05 10.85
C THR D 712 1.35 32.47 11.18
N PRO D 713 2.10 33.48 10.80
CA PRO D 713 1.63 34.86 11.00
C PRO D 713 0.36 35.13 10.22
N LYS D 714 -0.44 36.05 10.75
CA LYS D 714 -1.76 36.35 10.19
C LYS D 714 -1.64 36.83 8.75
N GLY D 715 -2.46 36.24 7.88
CA GLY D 715 -2.54 36.64 6.49
C GLY D 715 -1.40 36.18 5.61
N SER D 716 -0.45 35.41 6.15
CA SER D 716 0.68 34.97 5.34
C SER D 716 0.24 33.91 4.34
N SER D 717 0.96 33.83 3.23
CA SER D 717 0.57 32.97 2.11
C SER D 717 0.83 31.50 2.37
N LEU D 718 1.56 31.15 3.43
CA LEU D 718 1.87 29.75 3.70
C LEU D 718 0.70 29.01 4.34
N GLY D 719 -0.28 29.72 4.89
CA GLY D 719 -1.30 29.07 5.70
C GLY D 719 -2.12 28.05 4.92
N THR D 720 -2.65 28.45 3.77
CA THR D 720 -3.48 27.54 2.99
C THR D 720 -2.73 26.31 2.49
N PRO D 721 -1.54 26.43 1.88
CA PRO D 721 -0.85 25.20 1.45
C PRO D 721 -0.49 24.26 2.58
N VAL D 722 -0.06 24.79 3.74
CA VAL D 722 0.27 23.89 4.85
C VAL D 722 -0.99 23.27 5.43
N ASN D 723 -2.11 23.99 5.43
CA ASN D 723 -3.37 23.40 5.86
C ASN D 723 -3.77 22.25 4.94
N LEU D 724 -3.63 22.45 3.62
CA LEU D 724 -3.94 21.39 2.68
C LEU D 724 -3.01 20.20 2.87
N ALA D 725 -1.72 20.45 3.13
CA ALA D 725 -0.77 19.37 3.35
C ALA D 725 -1.12 18.58 4.61
N VAL D 726 -1.50 19.27 5.68
CA VAL D 726 -1.89 18.58 6.91
C VAL D 726 -3.13 17.72 6.68
N LEU D 727 -4.12 18.27 5.96
CA LEU D 727 -5.32 17.49 5.67
C LEU D 727 -4.99 16.26 4.83
N LYS D 728 -4.12 16.43 3.83
CA LYS D 728 -3.72 15.30 3.00
C LYS D 728 -2.99 14.23 3.81
N LEU D 729 -2.09 14.66 4.71
CA LEU D 729 -1.40 13.70 5.56
C LEU D 729 -2.37 12.96 6.47
N SER D 730 -3.38 13.68 7.00
CA SER D 730 -4.41 13.03 7.79
C SER D 730 -5.18 12.00 6.98
N GLU D 731 -5.50 12.33 5.72
CA GLU D 731 -6.17 11.36 4.86
C GLU D 731 -5.25 10.22 4.47
N GLN D 732 -3.97 10.51 4.22
CA GLN D 732 -3.03 9.46 3.87
C GLN D 732 -2.72 8.54 5.05
N GLY D 733 -2.93 9.00 6.28
CA GLY D 733 -2.72 8.16 7.44
C GLY D 733 -1.28 8.02 7.89
N VAL D 734 -0.36 8.77 7.30
CA VAL D 734 1.04 8.70 7.71
C VAL D 734 1.22 9.24 9.12
N LEU D 735 0.36 10.17 9.54
CA LEU D 735 0.44 10.69 10.89
C LEU D 735 0.22 9.59 11.92
N ASP D 736 -0.67 8.65 11.62
CA ASP D 736 -0.86 7.51 12.52
C ASP D 736 0.39 6.65 12.58
N LYS D 737 1.07 6.45 11.45
CA LYS D 737 2.32 5.71 11.45
C LYS D 737 3.38 6.40 12.31
N LEU D 738 3.47 7.73 12.20
CA LEU D 738 4.41 8.48 13.03
C LEU D 738 4.06 8.36 14.50
N LYS D 739 2.77 8.44 14.83
CA LYS D 739 2.32 8.27 16.21
C LYS D 739 2.75 6.92 16.75
N ASN D 740 2.53 5.87 15.95
CA ASN D 740 2.92 4.52 16.38
C ASN D 740 4.43 4.42 16.55
N LYS D 741 5.20 5.01 15.63
CA LYS D 741 6.65 4.90 15.69
C LYS D 741 7.21 5.64 16.90
N TRP D 742 6.73 6.84 17.18
CA TRP D 742 7.31 7.68 18.21
C TRP D 742 6.76 7.41 19.59
N TRP D 743 5.54 6.88 19.70
CA TRP D 743 4.93 6.61 21.00
C TRP D 743 4.77 5.12 21.26
N TYR D 744 4.10 4.39 20.37
CA TYR D 744 3.78 2.99 20.64
C TYR D 744 4.99 2.08 20.44
N ASP D 745 5.73 2.28 19.34
CA ASP D 745 6.80 1.34 19.00
C ASP D 745 7.99 1.43 19.95
N LYS D 746 8.13 2.53 20.69
CA LYS D 746 9.23 2.62 21.64
C LYS D 746 9.03 1.67 22.82
N GLY D 747 7.84 1.69 23.41
CA GLY D 747 7.54 0.82 24.54
C GLY D 747 8.51 0.97 25.69
N GLU D 748 9.31 -0.08 25.93
CA GLU D 748 10.43 -0.09 26.86
C GLU D 748 9.98 -0.10 28.32
N CYS D 749 8.69 0.10 28.57
CA CYS D 749 8.15 0.01 29.93
C CYS D 749 6.77 -0.62 29.93
N GLY D 750 6.53 -1.56 29.02
CA GLY D 750 5.22 -2.16 28.87
C GLY D 750 4.70 -2.85 30.10
N ALA D 751 3.46 -2.54 30.47
CA ALA D 751 2.86 -3.12 31.66
C ALA D 751 2.54 -4.60 31.45
N LYS D 752 2.64 -5.36 32.53
CA LYS D 752 2.37 -6.80 32.50
C LYS D 752 0.89 -7.07 32.76
N ASP D 753 0.48 -8.29 32.48
CA ASP D 753 -0.90 -8.69 32.68
C ASP D 753 -1.15 -8.99 34.15
N SER D 754 -2.30 -9.58 34.46
CA SER D 754 -2.65 -9.86 35.85
C SER D 754 -1.79 -10.95 36.48
N GLY D 755 -1.03 -11.68 35.67
CA GLY D 755 -0.14 -12.72 36.16
C GLY D 755 1.30 -12.25 36.28
N SER D 756 2.23 -13.18 36.13
CA SER D 756 3.67 -12.90 36.17
C SER D 756 4.07 -12.22 37.48
N LYS D 757 3.54 -12.72 38.59
CA LYS D 757 3.86 -12.18 39.90
C LYS D 757 5.31 -12.48 40.28
N GLU D 758 5.90 -11.58 41.07
CA GLU D 758 7.25 -11.75 41.57
C GLU D 758 7.24 -12.63 42.82
N LYS D 759 8.42 -13.16 43.16
CA LYS D 759 8.52 -14.09 44.28
C LYS D 759 8.22 -13.40 45.60
N THR D 760 7.66 -14.18 46.53
CA THR D 760 7.08 -13.64 47.76
C THR D 760 8.12 -13.08 48.71
N SER D 761 9.25 -13.75 48.86
CA SER D 761 10.31 -13.38 49.81
C SER D 761 9.87 -13.55 51.27
N ALA D 762 10.83 -13.64 52.17
CA ALA D 762 10.54 -13.87 53.58
C ALA D 762 9.91 -12.63 54.20
N LEU D 763 9.14 -12.87 55.26
CA LEU D 763 8.51 -11.79 56.00
C LEU D 763 9.56 -11.09 56.85
N SER D 764 9.65 -9.78 56.73
CA SER D 764 10.67 -9.00 57.43
C SER D 764 10.27 -8.75 58.87
N LEU D 765 11.28 -8.37 59.67
CA LEU D 765 11.01 -8.07 61.07
C LEU D 765 10.08 -6.86 61.20
N SER D 766 10.16 -5.94 60.26
CA SER D 766 9.32 -4.75 60.30
C SER D 766 7.86 -5.13 60.20
N ASN D 767 7.55 -6.20 59.48
CA ASN D 767 6.17 -6.61 59.29
C ASN D 767 5.54 -7.01 60.63
N VAL D 768 6.34 -7.53 61.55
CA VAL D 768 5.87 -7.98 62.85
C VAL D 768 6.62 -7.29 63.99
N ALA D 769 7.23 -6.14 63.73
CA ALA D 769 8.04 -5.48 64.75
C ALA D 769 7.17 -4.98 65.90
N GLY D 770 5.96 -4.48 65.59
CA GLY D 770 5.11 -3.93 66.62
C GLY D 770 4.67 -4.94 67.66
N VAL D 771 4.48 -6.19 67.24
CA VAL D 771 4.10 -7.25 68.17
C VAL D 771 5.21 -7.47 69.21
N PHE D 772 6.46 -7.36 68.78
CA PHE D 772 7.59 -7.42 69.71
C PHE D 772 7.55 -6.27 70.70
N TYR D 773 7.24 -5.06 70.23
CA TYR D 773 7.13 -3.93 71.13
C TYR D 773 6.05 -4.13 72.17
N ILE D 774 4.90 -4.64 71.75
CA ILE D 774 3.82 -4.88 72.68
C ILE D 774 4.20 -5.95 73.70
N LEU D 775 4.91 -6.99 73.24
CA LEU D 775 5.37 -8.02 74.15
C LEU D 775 6.30 -7.47 75.21
N VAL D 776 7.30 -6.69 74.81
CA VAL D 776 8.26 -6.17 75.76
C VAL D 776 7.59 -5.20 76.72
N GLY D 777 6.72 -4.34 76.21
CA GLY D 777 6.00 -3.42 77.08
C GLY D 777 5.13 -4.13 78.08
N GLY D 778 4.47 -5.21 77.64
CA GLY D 778 3.67 -5.99 78.57
C GLY D 778 4.49 -6.69 79.63
N LEU D 779 5.67 -7.20 79.25
CA LEU D 779 6.56 -7.79 80.24
C LEU D 779 6.99 -6.76 81.28
N GLY D 780 7.34 -5.57 80.83
CA GLY D 780 7.70 -4.51 81.76
C GLY D 780 6.55 -4.13 82.66
N LEU D 781 5.34 -4.06 82.08
CA LEU D 781 4.15 -3.76 82.85
C LEU D 781 3.88 -4.83 83.90
N ALA D 782 4.08 -6.09 83.55
CA ALA D 782 3.89 -7.15 84.52
C ALA D 782 4.88 -7.05 85.66
N MET D 783 6.14 -6.72 85.34
CA MET D 783 7.10 -6.49 86.41
C MET D 783 6.65 -5.35 87.31
N LEU D 784 6.14 -4.27 86.71
CA LEU D 784 5.67 -3.14 87.50
C LEU D 784 4.51 -3.52 88.41
N VAL D 785 3.56 -4.30 87.90
CA VAL D 785 2.43 -4.73 88.70
C VAL D 785 2.89 -5.60 89.85
N ALA D 786 3.83 -6.52 89.56
CA ALA D 786 4.37 -7.39 90.60
C ALA D 786 5.09 -6.61 91.68
N LEU D 787 5.89 -5.62 91.28
CA LEU D 787 6.59 -4.80 92.26
C LEU D 787 5.64 -3.99 93.11
N ILE D 788 4.58 -3.48 92.51
CA ILE D 788 3.59 -2.74 93.27
C ILE D 788 2.93 -3.63 94.29
N GLU D 789 2.59 -4.85 93.89
CA GLU D 789 1.98 -5.79 94.82
C GLU D 789 2.92 -6.16 95.94
N PHE D 790 4.19 -6.40 95.62
CA PHE D 790 5.16 -6.74 96.67
C PHE D 790 5.34 -5.59 97.65
N CYS D 791 5.42 -4.37 97.15
CA CYS D 791 5.54 -3.22 98.04
C CYS D 791 4.31 -3.06 98.91
N TYR D 792 3.12 -3.27 98.34
CA TYR D 792 1.89 -3.12 99.11
C TYR D 792 1.81 -4.15 100.22
N LYS D 793 2.01 -5.42 99.90
CA LYS D 793 1.89 -6.44 100.94
C LYS D 793 3.06 -6.44 101.91
N SER D 794 4.11 -5.67 101.63
CA SER D 794 5.24 -5.60 102.55
C SER D 794 4.97 -4.70 103.73
N ARG D 795 3.87 -3.96 103.72
CA ARG D 795 3.53 -3.08 104.83
C ARG D 795 2.02 -2.92 104.99
N GLU D 797 1.22 22.24 24.84
CA GLU D 797 1.42 23.44 25.63
C GLU D 797 1.20 24.69 24.79
N1 A1AB5 E . -16.89 -12.67 51.33
N3 A1AB5 E . -14.66 -15.24 58.04
C4 A1AB5 E . -16.25 -14.77 54.11
C5 A1AB5 E . -15.57 -13.60 54.76
C6 A1AB5 E . -15.07 -13.75 55.97
C7 A1AB5 E . -15.19 -15.07 56.71
C8 A1AB5 E . -15.77 -16.08 56.14
C10 A1AB5 E . -17.01 -15.69 51.55
C13 A1AB5 E . -18.04 -16.40 49.49
C15 A1AB5 E . -15.84 -19.29 48.94
C17 A1AB5 E . -16.18 -16.79 51.57
C1 A1AB5 E . -18.44 -12.00 49.54
C11 A1AB5 E . -17.93 -15.48 50.53
C12 A1AB5 E . -18.86 -14.28 50.48
C14 A1AB5 E . -17.15 -17.61 49.51
C16 A1AB5 E . -16.28 -17.79 50.47
C2 A1AB5 E . -18.18 -12.94 50.71
C3 A1AB5 E . -16.83 -14.73 52.72
C9 A1AB5 E . -16.33 -15.91 54.74
N2 A1AB5 E . -16.57 -13.34 52.52
O1 A1AB5 E . -17.02 -18.68 48.61
O2 A1AB5 E . -15.57 -18.97 50.24
N1 A1AB5 F . -9.65 -30.89 45.43
N3 A1AB5 F . -10.07 -29.94 52.80
C4 A1AB5 F . -8.67 -30.91 48.83
C5 A1AB5 F . -9.93 -30.07 49.01
C6 A1AB5 F . -10.35 -29.78 50.23
C7 A1AB5 F . -9.59 -30.27 51.46
C8 A1AB5 F . -8.51 -31.00 51.29
C10 A1AB5 F . -6.79 -31.32 46.69
C13 A1AB5 F . -5.41 -31.98 44.81
C15 A1AB5 F . -2.35 -30.28 45.95
C17 A1AB5 F . -5.71 -30.72 47.31
C1 A1AB5 F . -9.51 -31.77 43.09
C11 A1AB5 F . -6.63 -31.96 45.46
C12 A1AB5 F . -7.78 -32.64 44.71
C14 A1AB5 F . -4.23 -31.31 45.48
C16 A1AB5 F . -4.37 -30.73 46.64
C2 A1AB5 F . -8.83 -31.58 44.45
C3 A1AB5 F . -8.11 -31.26 47.45
C9 A1AB5 F . -8.03 -31.32 49.89
N2 A1AB5 F . -9.40 -31.06 46.80
O1 A1AB5 F . -2.90 -31.18 45.08
O2 A1AB5 F . -3.16 -30.19 47.03
N1 A1AB5 G . 9.92 -23.90 49.13
N3 A1AB5 G . 6.75 -26.13 55.61
C4 A1AB5 G . 8.84 -24.07 52.51
C5 A1AB5 G . 8.13 -25.37 52.18
C6 A1AB5 G . 7.49 -26.00 53.13
C7 A1AB5 G . 7.45 -25.44 54.56
C8 A1AB5 G . 8.05 -24.34 54.83
C10 A1AB5 G . 9.89 -21.77 51.25
C13 A1AB5 G . 11.20 -19.99 50.29
C15 A1AB5 G . 8.97 -17.26 51.39
C17 A1AB5 G . 9.00 -20.89 51.84
C1 A1AB5 G . 11.73 -23.28 47.56
C11 A1AB5 G . 10.97 -21.35 50.49
C12 A1AB5 G . 11.95 -22.31 49.85
C14 A1AB5 G . 10.24 -19.00 50.93
C16 A1AB5 G . 9.23 -19.42 51.65
C2 A1AB5 G . 11.28 -23.40 49.02
C3 A1AB5 G . 9.60 -23.24 51.50
C9 A1AB5 G . 8.79 -23.60 53.73
N2 A1AB5 G . 9.43 -24.16 50.41
O1 A1AB5 G . 10.20 -17.60 50.91
O2 A1AB5 G . 8.49 -18.32 52.11
N1 A1AB5 H . 2.64 -5.82 55.43
N3 A1AB5 H . 2.35 -11.31 60.41
C4 A1AB5 H . 1.28 -7.95 57.88
C5 A1AB5 H . 0.40 -8.37 59.04
C6 A1AB5 H . 0.72 -9.37 59.83
C7 A1AB5 H . 1.98 -10.17 59.56
C8 A1AB5 H . 2.74 -9.82 58.54
C10 A1AB5 H . -0.39 -6.21 56.28
C13 A1AB5 H . -1.54 -4.44 55.10
C15 A1AB5 H . -4.69 -6.29 54.50
C17 A1AB5 H . -1.52 -7.00 56.23
C1 A1AB5 H . 2.77 -3.65 54.20
C11 A1AB5 H . -0.40 -4.92 55.73
C12 A1AB5 H . 0.77 -3.97 55.73
C14 A1AB5 H . -2.77 -5.31 55.02
C16 A1AB5 H . -2.77 -6.50 55.55
C2 A1AB5 H . 1.92 -4.64 55.00
C3 A1AB5 H . 0.85 -6.79 56.98
C9 A1AB5 H . 2.37 -8.64 57.64
N2 A1AB5 H . 2.20 -6.51 56.58
O1 A1AB5 H . -4.04 -5.08 54.46
O2 A1AB5 H . -4.01 -7.10 55.35
#